data_5VL3
#
_entry.id   5VL3
#
_cell.length_a   87.110
_cell.length_b   90.220
_cell.length_c   136.632
_cell.angle_alpha   70.83
_cell.angle_beta   80.81
_cell.angle_gamma   80.99
#
_symmetry.space_group_name_H-M   'P 1'
#
loop_
_entity.id
_entity.type
_entity.pdbx_description
1 polymer 'B-cell receptor CD22'
2 polymer 'Epratuzumab Fab Heavy Chain'
3 polymer 'Epratuzumab Fab Light Chain'
4 branched 2-acetamido-2-deoxy-beta-D-glucopyranose-(1-4)-2-acetamido-2-deoxy-beta-D-glucopyranose
5 branched alpha-D-mannopyranose-(1-3)-[alpha-D-mannopyranose-(1-6)]beta-D-mannopyranose-(1-4)-2-acetamido-2-deoxy-beta-D-glucopyranose-(1-4)-2-acetamido-2-deoxy-beta-D-glucopyranose
6 branched alpha-D-mannopyranose-(1-3)-beta-D-mannopyranose-(1-4)-2-acetamido-2-deoxy-beta-D-glucopyranose-(1-4)-2-acetamido-2-deoxy-beta-D-glucopyranose
7 branched beta-D-mannopyranose-(1-4)-2-acetamido-2-deoxy-beta-D-glucopyranose-(1-4)-2-acetamido-2-deoxy-beta-D-glucopyranose
8 non-polymer GLYCEROL
#
loop_
_entity_poly.entity_id
_entity_poly.type
_entity_poly.pdbx_seq_one_letter_code
_entity_poly.pdbx_strand_id
1 'polypeptide(L)'
;TGDSSKWVFEHPETLYAWEGACVWIPCTYRALDGDLESFILFHNPEYNKQTSKFDGTRLYESTKDGKVPSEQKRVQFLGD
KNKNCTLSIHPVHLQDSGQLGLRMESKTEKWMERIHLQVSERPFPPHIQLPPEIQESQEVTLTCLLQFSCYGYPIQLQWL
LEGVPMRQAAVTSTSLTIKSVFTRSELKFSPQWSHHGKIVTCQLQDADGKFLSNDTVQLNVKHTPKLEIKVTPSDAIVRE
GDSVTMTCEVSSSNPEYTTVSWLKDGTSLKKQNTFTLNLREVTKDQSGKYCCQVSNDVGPGRSEEVFLQVQYAGGTKHHH
HHH
;
Q,R,S,T
2 'polypeptide(L)'
;ETGQVQLVQSGAEVKKPGSSVKVSCKASGYTFTSYWLHWVRQAPGQGLEWIGYINPRNDYTEYNQNFKDKATITADESTN
TAYMELSSLRSEDTAFYFCARRDITTFYWGQGTTVTVSSASTKGPSVFPLAPSSKSTSGGTAALGCLVKDYFPEPVTVSW
NSGALTSGVHTFPAVLQSSGLYSLSSVVTVPSSSLGTQTYICNVNHKPSNTKVDKRVEPKSC
;
A,C,E,H
3 'polypeptide(L)'
;ETGDIQLTQSPSSLSASVGDRVTMSCKSSQSVLYSANHKNYLAWYQQKPGKAPKLLIYWASTRESGVPSRFSGSGSGTDF
TLTISSLQPEDIATYYCHQYLSSWTFGGGTKLEIKRTVAAPSVFIFPPSDEQLKSGTASVVCLLNNFYPREAKVQWKVDN
ALQSGNSQESVTEQDSKDSTYSLSSTLTLSKADYEKHKVYACEVTHQGLSSPVTKSFNRGEC
;
B,D,F,L
#
# COMPACT_ATOMS: atom_id res chain seq x y z
N SER A 5 65.61 -39.47 -11.15
CA SER A 5 67.04 -39.31 -11.31
C SER A 5 67.79 -39.67 -10.02
N LYS A 6 68.02 -38.67 -9.17
CA LYS A 6 68.81 -38.84 -7.95
C LYS A 6 67.98 -38.61 -6.69
N TRP A 7 66.68 -38.33 -6.83
CA TRP A 7 65.81 -38.11 -5.69
C TRP A 7 64.52 -38.90 -5.87
N VAL A 8 64.08 -39.56 -4.81
CA VAL A 8 62.73 -40.11 -4.75
C VAL A 8 62.08 -39.65 -3.45
N PHE A 9 60.85 -39.17 -3.57
CA PHE A 9 60.06 -38.68 -2.46
C PHE A 9 58.73 -39.42 -2.42
N GLU A 10 58.19 -39.58 -1.23
CA GLU A 10 56.86 -40.15 -1.04
C GLU A 10 56.15 -39.41 0.10
N HIS A 11 54.94 -38.95 -0.22
CA HIS A 11 54.13 -38.14 0.67
C HIS A 11 52.73 -38.06 0.05
N PRO A 12 51.71 -37.74 0.84
CA PRO A 12 50.40 -37.46 0.25
C PRO A 12 50.48 -36.24 -0.65
N GLU A 13 49.66 -36.25 -1.70
CA GLU A 13 49.74 -35.21 -2.72
C GLU A 13 49.10 -33.92 -2.24
N THR A 14 48.04 -34.02 -1.45
CA THR A 14 47.39 -32.86 -0.84
C THR A 14 47.16 -33.15 0.63
N LEU A 15 47.51 -32.20 1.50
CA LEU A 15 47.23 -32.32 2.92
C LEU A 15 46.24 -31.24 3.32
N TYR A 16 45.28 -31.61 4.16
CA TYR A 16 44.16 -30.75 4.51
C TYR A 16 44.20 -30.39 5.99
N ALA A 17 43.92 -29.13 6.28
CA ALA A 17 43.80 -28.64 7.65
C ALA A 17 42.95 -27.38 7.63
N TRP A 18 42.78 -26.78 8.81
CA TRP A 18 42.08 -25.50 8.92
C TRP A 18 42.81 -24.59 9.89
N GLU A 19 42.49 -23.30 9.80
CA GLU A 19 43.15 -22.29 10.63
C GLU A 19 43.01 -22.62 12.12
N GLY A 20 44.13 -22.59 12.83
CA GLY A 20 44.14 -22.84 14.25
C GLY A 20 44.42 -24.27 14.63
N ALA A 21 44.39 -25.20 13.69
CA ALA A 21 44.71 -26.59 13.94
C ALA A 21 46.19 -26.81 13.61
N CYS A 22 46.58 -28.07 13.44
CA CYS A 22 47.94 -28.39 13.07
C CYS A 22 47.93 -29.34 11.88
N VAL A 23 49.04 -29.38 11.16
CA VAL A 23 49.20 -30.38 10.11
C VAL A 23 50.47 -31.15 10.39
N TRP A 24 50.40 -32.47 10.22
CA TRP A 24 51.53 -33.36 10.36
C TRP A 24 51.67 -34.07 9.03
N ILE A 25 52.81 -33.89 8.39
CA ILE A 25 53.01 -34.22 6.99
C ILE A 25 54.01 -35.37 6.91
N PRO A 26 53.54 -36.61 6.75
CA PRO A 26 54.47 -37.71 6.54
C PRO A 26 55.19 -37.57 5.22
N CYS A 27 56.48 -37.92 5.22
CA CYS A 27 57.35 -37.69 4.09
C CYS A 27 58.56 -38.61 4.23
N THR A 28 58.90 -39.31 3.16
CA THR A 28 60.16 -40.04 3.12
C THR A 28 60.84 -39.75 1.80
N TYR A 29 62.16 -39.86 1.79
CA TYR A 29 62.94 -39.59 0.59
C TYR A 29 64.15 -40.50 0.58
N ARG A 30 64.90 -40.40 -0.51
CA ARG A 30 66.15 -41.11 -0.66
C ARG A 30 66.86 -40.62 -1.92
N LEU A 36 72.59 -34.94 2.76
CA LEU A 36 71.92 -33.68 3.00
C LEU A 36 72.87 -32.72 3.73
N GLU A 37 72.94 -31.47 3.25
CA GLU A 37 73.69 -30.43 3.94
C GLU A 37 72.81 -29.39 4.57
N SER A 38 71.64 -29.12 3.98
CA SER A 38 70.75 -28.14 4.58
C SER A 38 69.35 -28.35 4.02
N PHE A 39 68.36 -28.04 4.86
CA PHE A 39 66.96 -28.11 4.49
C PHE A 39 66.32 -26.75 4.76
N ILE A 40 65.53 -26.27 3.80
CA ILE A 40 64.80 -25.02 3.98
C ILE A 40 63.38 -25.23 3.46
N LEU A 41 62.40 -24.87 4.27
CA LEU A 41 61.00 -24.96 3.90
C LEU A 41 60.51 -23.59 3.48
N PHE A 42 60.12 -23.46 2.21
CA PHE A 42 59.51 -22.31 1.58
C PHE A 42 58.00 -22.46 1.53
N HIS A 43 57.31 -21.33 1.42
CA HIS A 43 55.89 -21.28 1.05
C HIS A 43 55.78 -20.66 -0.33
N ASN A 44 55.16 -21.39 -1.25
CA ASN A 44 55.02 -20.98 -2.64
C ASN A 44 56.36 -20.51 -3.23
N PRO A 45 57.36 -21.39 -3.29
CA PRO A 45 58.66 -20.98 -3.82
C PRO A 45 58.54 -20.55 -5.27
N GLU A 46 59.24 -19.47 -5.61
CA GLU A 46 59.28 -18.98 -6.99
C GLU A 46 60.72 -18.79 -7.39
N TYR A 47 61.15 -19.44 -8.47
CA TYR A 47 62.50 -19.19 -8.94
C TYR A 47 62.51 -17.90 -9.75
N ASN A 48 63.43 -17.00 -9.40
CA ASN A 48 63.72 -15.83 -10.19
C ASN A 48 64.95 -16.18 -11.02
N LYS A 49 64.72 -16.28 -12.34
CA LYS A 49 65.79 -16.45 -13.31
C LYS A 49 66.67 -15.22 -13.33
N GLN A 50 66.08 -14.07 -13.01
CA GLN A 50 66.79 -12.79 -13.07
C GLN A 50 67.87 -12.73 -12.00
N THR A 51 67.56 -13.08 -10.76
CA THR A 51 68.56 -13.10 -9.70
C THR A 51 69.12 -14.50 -9.44
N SER A 52 68.67 -15.52 -10.19
CA SER A 52 69.12 -16.89 -10.02
C SER A 52 68.87 -17.43 -8.61
N LYS A 53 67.71 -17.11 -8.04
CA LYS A 53 67.47 -17.58 -6.68
C LYS A 53 66.01 -17.92 -6.50
N PHE A 54 65.69 -18.73 -5.48
CA PHE A 54 64.29 -18.91 -5.13
C PHE A 54 63.91 -17.76 -4.22
N ASP A 55 62.76 -17.17 -4.48
CA ASP A 55 62.18 -16.10 -3.70
C ASP A 55 60.87 -16.59 -3.10
N GLY A 56 60.48 -15.93 -2.02
CA GLY A 56 59.24 -16.20 -1.32
C GLY A 56 59.49 -16.42 0.15
N THR A 57 58.39 -16.52 0.88
CA THR A 57 58.48 -16.66 2.34
C THR A 57 59.12 -17.98 2.73
N ARG A 58 59.99 -17.93 3.73
CA ARG A 58 60.74 -19.09 4.20
C ARG A 58 60.17 -19.55 5.53
N LEU A 59 59.66 -20.78 5.56
CA LEU A 59 58.98 -21.29 6.74
C LEU A 59 59.93 -21.98 7.72
N TYR A 60 61.08 -22.46 7.26
CA TYR A 60 62.00 -23.12 8.18
C TYR A 60 63.40 -23.12 7.60
N GLU A 61 64.38 -22.82 8.46
CA GLU A 61 65.79 -22.88 8.10
C GLU A 61 66.52 -23.79 9.09
N SER A 62 67.07 -24.90 8.59
CA SER A 62 67.83 -25.81 9.44
C SER A 62 69.17 -25.24 9.85
N THR A 63 69.63 -24.17 9.19
CA THR A 63 70.99 -23.69 9.39
C THR A 63 71.13 -22.78 10.61
N LYS A 64 70.08 -22.02 10.95
CA LYS A 64 70.12 -21.13 12.11
C LYS A 64 70.50 -21.91 13.36
N ASP A 65 71.69 -21.66 13.88
CA ASP A 65 72.20 -22.42 15.02
C ASP A 65 71.43 -22.04 16.29
N GLY A 66 71.49 -22.96 17.27
CA GLY A 66 70.84 -22.75 18.54
C GLY A 66 69.33 -22.83 18.43
N LYS A 67 68.87 -23.33 17.29
CA LYS A 67 67.44 -23.44 17.01
C LYS A 67 66.74 -24.14 18.16
N VAL A 68 65.76 -23.46 18.75
CA VAL A 68 65.10 -23.90 19.98
C VAL A 68 64.46 -25.28 19.77
N PRO A 69 64.21 -26.04 20.85
CA PRO A 69 63.45 -27.30 20.71
C PRO A 69 62.16 -27.13 19.92
N SER A 70 61.65 -28.24 19.38
CA SER A 70 60.65 -28.18 18.32
C SER A 70 59.38 -27.48 18.78
N GLU A 71 58.83 -27.88 19.92
CA GLU A 71 57.51 -27.37 20.32
C GLU A 71 57.55 -25.91 20.76
N GLN A 72 58.69 -25.25 20.70
CA GLN A 72 58.76 -23.80 20.86
C GLN A 72 58.81 -23.09 19.52
N LYS A 73 58.52 -23.79 18.43
CA LYS A 73 58.44 -23.23 17.09
C LYS A 73 57.08 -23.52 16.48
N ARG A 74 56.68 -22.69 15.53
CA ARG A 74 55.45 -22.93 14.79
C ARG A 74 55.65 -23.96 13.68
N VAL A 75 56.77 -23.86 12.96
CA VAL A 75 57.09 -24.75 11.85
C VAL A 75 58.24 -25.64 12.31
N GLN A 76 58.00 -26.95 12.34
CA GLN A 76 58.91 -27.91 12.94
C GLN A 76 59.27 -28.94 11.89
N PHE A 77 60.56 -29.20 11.72
CA PHE A 77 61.05 -30.24 10.83
C PHE A 77 61.43 -31.47 11.67
N LEU A 78 60.68 -32.56 11.50
CA LEU A 78 60.84 -33.76 12.33
C LEU A 78 61.66 -34.84 11.64
N GLY A 79 62.41 -34.51 10.58
CA GLY A 79 63.07 -35.52 9.78
C GLY A 79 64.53 -35.73 10.13
N ASP A 80 65.20 -36.52 9.30
CA ASP A 80 66.59 -36.97 9.47
C ASP A 80 67.44 -36.54 8.28
N LYS A 81 68.71 -36.93 8.30
CA LYS A 81 69.60 -36.77 7.15
C LYS A 81 69.54 -37.92 6.14
N ASN A 82 68.74 -38.96 6.35
CA ASN A 82 68.82 -40.07 5.40
C ASN A 82 67.49 -40.62 4.90
N LYS A 83 66.37 -40.45 5.60
CA LYS A 83 65.13 -41.09 5.15
C LYS A 83 63.86 -40.27 5.34
N ASN A 84 63.86 -39.26 6.21
CA ASN A 84 62.65 -38.73 6.81
C ASN A 84 62.57 -37.23 6.55
N CYS A 85 61.46 -36.78 5.97
CA CYS A 85 61.23 -35.36 5.70
C CYS A 85 59.90 -34.87 6.28
N THR A 86 59.35 -35.57 7.27
CA THR A 86 58.04 -35.22 7.79
C THR A 86 58.06 -33.85 8.47
N LEU A 87 56.94 -33.15 8.36
CA LEU A 87 56.86 -31.76 8.81
C LEU A 87 55.71 -31.59 9.78
N SER A 88 55.76 -30.52 10.56
CA SER A 88 54.71 -30.21 11.53
C SER A 88 54.47 -28.72 11.54
N ILE A 89 53.22 -28.30 11.40
CA ILE A 89 52.86 -26.89 11.48
C ILE A 89 51.83 -26.75 12.58
N HIS A 90 52.22 -26.04 13.65
CA HIS A 90 51.40 -25.90 14.86
C HIS A 90 51.65 -24.52 15.44
N PRO A 91 50.72 -23.58 15.28
CA PRO A 91 49.44 -23.75 14.57
C PRO A 91 49.59 -23.52 13.07
N VAL A 92 48.68 -24.08 12.29
CA VAL A 92 48.66 -23.85 10.86
C VAL A 92 47.72 -22.68 10.57
N HIS A 93 48.04 -21.91 9.54
CA HIS A 93 47.30 -20.70 9.22
C HIS A 93 46.83 -20.68 7.78
N LEU A 94 45.79 -19.88 7.54
CA LEU A 94 45.26 -19.67 6.21
C LEU A 94 46.33 -19.22 5.23
N GLN A 95 47.23 -18.32 5.67
CA GLN A 95 48.30 -17.85 4.80
C GLN A 95 49.32 -18.93 4.48
N ASP A 96 49.34 -20.02 5.24
CA ASP A 96 50.18 -21.16 4.89
C ASP A 96 49.61 -21.95 3.72
N SER A 97 48.37 -21.70 3.33
CA SER A 97 47.76 -22.43 2.24
C SER A 97 48.50 -22.17 0.94
N GLY A 98 48.62 -23.21 0.11
CA GLY A 98 49.41 -23.13 -1.09
C GLY A 98 50.37 -24.29 -1.21
N GLN A 99 51.59 -24.00 -1.66
CA GLN A 99 52.59 -25.01 -1.92
C GLN A 99 53.74 -24.87 -0.94
N LEU A 100 54.09 -25.97 -0.28
CA LEU A 100 55.28 -26.02 0.57
C LEU A 100 56.44 -26.55 -0.26
N GLY A 101 57.48 -25.73 -0.39
CA GLY A 101 58.66 -26.13 -1.13
C GLY A 101 59.78 -26.56 -0.21
N LEU A 102 60.12 -27.85 -0.24
CA LEU A 102 61.20 -28.43 0.53
C LEU A 102 62.45 -28.32 -0.32
N ARG A 103 63.31 -27.36 0.00
CA ARG A 103 64.57 -27.15 -0.69
C ARG A 103 65.63 -27.91 0.08
N MET A 104 66.10 -29.01 -0.50
CA MET A 104 67.10 -29.85 0.12
C MET A 104 68.41 -29.73 -0.64
N GLU A 105 69.50 -29.67 0.13
CA GLU A 105 70.85 -29.65 -0.42
C GLU A 105 71.66 -30.75 0.24
N SER A 106 72.21 -31.62 -0.61
CA SER A 106 73.23 -32.56 -0.22
C SER A 106 74.58 -31.99 -0.68
N LYS A 107 75.57 -32.85 -0.86
CA LYS A 107 76.92 -32.37 -1.10
C LYS A 107 77.14 -31.96 -2.55
N THR A 108 76.40 -32.53 -3.49
CA THR A 108 76.51 -32.15 -4.90
C THR A 108 75.22 -31.58 -5.49
N GLU A 109 74.08 -32.20 -5.20
CA GLU A 109 72.83 -31.87 -5.87
C GLU A 109 71.85 -31.17 -4.95
N LYS A 110 70.95 -30.40 -5.56
CA LYS A 110 69.87 -29.71 -4.88
C LYS A 110 68.52 -30.07 -5.50
N TRP A 111 67.48 -30.06 -4.67
CA TRP A 111 66.14 -30.46 -5.09
C TRP A 111 65.08 -29.60 -4.41
N MET A 112 64.02 -29.27 -5.14
CA MET A 112 62.83 -28.61 -4.59
C MET A 112 61.64 -29.55 -4.74
N GLU A 113 61.21 -30.15 -3.63
CA GLU A 113 60.02 -30.98 -3.61
C GLU A 113 58.81 -30.19 -3.11
N ARG A 114 57.70 -30.24 -3.82
CA ARG A 114 56.52 -29.48 -3.47
C ARG A 114 55.44 -30.39 -2.88
N ILE A 115 54.86 -29.95 -1.77
CA ILE A 115 53.74 -30.62 -1.12
C ILE A 115 52.60 -29.62 -0.99
N HIS A 116 51.39 -30.03 -1.37
CA HIS A 116 50.26 -29.12 -1.32
C HIS A 116 49.65 -29.10 0.08
N LEU A 117 49.44 -27.90 0.61
CA LEU A 117 48.78 -27.72 1.90
C LEU A 117 47.57 -26.82 1.66
N GLN A 118 46.38 -27.40 1.73
CA GLN A 118 45.14 -26.64 1.54
C GLN A 118 44.54 -26.35 2.92
N VAL A 119 44.56 -25.08 3.31
CA VAL A 119 44.06 -24.63 4.60
C VAL A 119 42.72 -23.95 4.38
N SER A 120 41.68 -24.47 5.02
CA SER A 120 40.37 -23.85 5.00
C SER A 120 40.23 -22.87 6.15
N GLU A 121 39.43 -21.82 5.94
CA GLU A 121 39.15 -20.88 7.02
C GLU A 121 38.42 -21.56 8.17
N ARG A 122 37.52 -22.47 7.85
CA ARG A 122 36.71 -23.21 8.80
C ARG A 122 36.97 -24.70 8.70
N PRO A 123 36.74 -25.45 9.78
CA PRO A 123 36.89 -26.91 9.70
C PRO A 123 35.98 -27.48 8.62
N PHE A 124 36.59 -28.24 7.72
CA PHE A 124 35.85 -28.84 6.63
C PHE A 124 35.00 -30.01 7.16
N PRO A 125 33.90 -30.32 6.49
CA PRO A 125 33.00 -31.37 6.98
C PRO A 125 33.55 -32.76 6.67
N PRO A 126 33.09 -33.78 7.40
CA PRO A 126 33.43 -35.15 7.00
C PRO A 126 32.53 -35.59 5.84
N HIS A 127 32.57 -36.88 5.52
CA HIS A 127 31.78 -37.43 4.43
C HIS A 127 31.30 -38.82 4.84
N ILE A 128 29.99 -39.01 4.88
CA ILE A 128 29.43 -40.31 5.24
C ILE A 128 29.37 -41.20 4.02
N GLN A 129 29.84 -42.44 4.17
CA GLN A 129 29.76 -43.49 3.16
C GLN A 129 28.82 -44.55 3.71
N LEU A 130 27.67 -44.72 3.08
CA LEU A 130 26.72 -45.75 3.47
C LEU A 130 26.56 -46.79 2.37
N PRO A 131 26.16 -48.01 2.72
CA PRO A 131 25.81 -49.01 1.71
C PRO A 131 24.71 -48.50 0.80
N PRO A 132 24.79 -48.79 -0.49
CA PRO A 132 23.67 -48.50 -1.40
C PRO A 132 22.40 -49.23 -1.04
N GLU A 133 22.46 -50.27 -0.21
CA GLU A 133 21.29 -51.08 0.14
C GLU A 133 21.31 -51.32 1.64
N ILE A 134 20.43 -50.62 2.36
CA ILE A 134 20.16 -50.88 3.76
C ILE A 134 18.72 -51.37 3.85
N GLN A 135 18.51 -52.47 4.58
CA GLN A 135 17.19 -53.05 4.80
C GLN A 135 17.04 -53.37 6.27
N GLU A 136 15.81 -53.65 6.69
CA GLU A 136 15.55 -53.86 8.10
C GLU A 136 16.21 -55.16 8.57
N SER A 137 16.73 -55.14 9.80
CA SER A 137 17.33 -56.27 10.49
C SER A 137 18.51 -56.89 9.74
N GLN A 138 19.06 -56.21 8.74
CA GLN A 138 20.34 -56.61 8.16
C GLN A 138 21.40 -55.64 8.67
N GLU A 139 22.45 -56.18 9.30
CA GLU A 139 23.51 -55.33 9.84
C GLU A 139 24.36 -54.73 8.73
N VAL A 140 24.55 -53.42 8.81
CA VAL A 140 25.43 -52.69 7.90
C VAL A 140 26.34 -51.81 8.73
N THR A 141 27.52 -51.51 8.17
CA THR A 141 28.46 -50.58 8.75
C THR A 141 28.31 -49.23 8.06
N LEU A 142 27.72 -48.25 8.74
CA LEU A 142 27.79 -46.88 8.25
C LEU A 142 29.16 -46.30 8.56
N THR A 143 29.74 -45.59 7.60
CA THR A 143 31.10 -45.10 7.70
C THR A 143 31.13 -43.57 7.61
N CYS A 144 31.94 -42.94 8.46
CA CYS A 144 32.18 -41.50 8.40
C CYS A 144 33.67 -41.28 8.19
N LEU A 145 34.03 -40.49 7.19
CA LEU A 145 35.42 -40.35 6.77
C LEU A 145 35.81 -38.88 6.82
N LEU A 146 36.93 -38.58 7.49
CA LEU A 146 37.43 -37.21 7.59
C LEU A 146 38.89 -37.24 7.17
N GLN A 147 39.26 -36.40 6.21
CA GLN A 147 40.63 -36.39 5.70
C GLN A 147 41.53 -35.47 6.52
N PHE A 148 41.63 -35.75 7.81
CA PHE A 148 42.50 -34.97 8.68
C PHE A 148 42.87 -35.77 9.92
N SER A 149 44.13 -35.65 10.32
CA SER A 149 44.60 -36.15 11.60
C SER A 149 45.96 -35.51 11.90
N CYS A 150 46.17 -35.14 13.15
CA CYS A 150 47.41 -34.51 13.58
C CYS A 150 47.54 -34.70 15.09
N TYR A 151 48.69 -35.22 15.52
CA TYR A 151 48.85 -35.64 16.91
C TYR A 151 48.62 -34.49 17.88
N GLY A 152 49.08 -33.30 17.53
CA GLY A 152 48.93 -32.16 18.42
C GLY A 152 47.50 -31.68 18.59
N TYR A 153 46.58 -32.13 17.74
CA TYR A 153 45.20 -31.65 17.73
C TYR A 153 44.28 -32.86 17.67
N PRO A 154 44.04 -33.52 18.80
CA PRO A 154 43.17 -34.70 18.79
C PRO A 154 41.73 -34.30 18.52
N ILE A 155 40.98 -35.22 17.91
CA ILE A 155 39.60 -34.98 17.52
C ILE A 155 38.81 -36.26 17.76
N GLN A 156 37.49 -36.14 17.60
CA GLN A 156 36.62 -37.30 17.74
C GLN A 156 35.45 -37.15 16.77
N LEU A 157 34.87 -38.29 16.41
CA LEU A 157 33.69 -38.35 15.54
C LEU A 157 32.53 -38.94 16.31
N GLN A 158 31.39 -38.26 16.29
CA GLN A 158 30.23 -38.67 17.08
C GLN A 158 29.02 -38.81 16.17
N TRP A 159 28.33 -39.94 16.27
CA TRP A 159 27.16 -40.23 15.45
C TRP A 159 25.91 -39.77 16.19
N LEU A 160 25.05 -39.02 15.49
CA LEU A 160 23.78 -38.52 16.02
C LEU A 160 22.62 -39.08 15.23
N LEU A 161 21.53 -39.35 15.95
CA LEU A 161 20.24 -39.73 15.35
C LEU A 161 19.22 -38.67 15.72
N GLU A 162 18.74 -37.95 14.71
CA GLU A 162 17.84 -36.81 14.92
C GLU A 162 18.38 -35.87 15.98
N GLY A 163 19.66 -35.50 15.83
CA GLY A 163 20.29 -34.59 16.76
C GLY A 163 20.60 -35.16 18.11
N VAL A 164 20.44 -36.46 18.31
CA VAL A 164 20.61 -37.10 19.61
C VAL A 164 21.78 -38.08 19.52
N PRO A 165 22.76 -38.00 20.44
CA PRO A 165 23.91 -38.91 20.37
C PRO A 165 23.54 -40.38 20.28
N MET A 166 23.64 -40.92 19.05
CA MET A 166 23.24 -42.29 18.74
C MET A 166 23.82 -43.28 19.74
N ARG A 167 22.98 -44.22 20.18
CA ARG A 167 23.30 -45.03 21.34
C ARG A 167 24.41 -46.05 21.09
N GLN A 168 24.59 -46.48 19.83
CA GLN A 168 25.54 -47.55 19.55
C GLN A 168 26.98 -47.11 19.79
N ALA A 169 27.86 -48.09 19.92
CA ALA A 169 29.30 -47.84 20.00
C ALA A 169 29.88 -47.57 18.61
N ALA A 170 30.70 -46.53 18.50
CA ALA A 170 31.43 -46.22 17.29
C ALA A 170 32.90 -46.61 17.44
N VAL A 171 33.52 -47.00 16.34
CA VAL A 171 34.93 -47.38 16.35
C VAL A 171 35.72 -46.37 15.52
N THR A 172 36.74 -45.76 16.15
CA THR A 172 37.54 -44.72 15.53
C THR A 172 38.94 -45.24 15.27
N SER A 173 39.48 -44.94 14.09
CA SER A 173 40.82 -45.34 13.71
C SER A 173 41.46 -44.19 12.93
N THR A 174 42.79 -44.10 13.04
CA THR A 174 43.53 -42.97 12.49
C THR A 174 44.69 -43.47 11.65
N SER A 175 44.80 -42.97 10.42
CA SER A 175 45.90 -43.30 9.52
C SER A 175 46.67 -42.03 9.20
N LEU A 176 48.00 -42.08 9.34
CA LEU A 176 48.90 -40.96 9.09
C LEU A 176 50.10 -41.48 8.29
N THR A 177 49.84 -41.89 7.05
CA THR A 177 50.88 -42.51 6.23
C THR A 177 51.15 -41.69 4.99
N ILE A 178 52.21 -42.09 4.29
CA ILE A 178 52.58 -41.51 3.01
C ILE A 178 51.50 -41.68 1.96
N LYS A 179 50.65 -42.70 2.10
CA LYS A 179 49.60 -42.92 1.11
C LYS A 179 48.37 -42.07 1.40
N SER A 180 47.95 -41.99 2.66
CA SER A 180 46.74 -41.25 3.00
C SER A 180 46.81 -40.79 4.45
N VAL A 181 46.16 -39.66 4.72
CA VAL A 181 46.03 -39.10 6.05
C VAL A 181 44.54 -38.94 6.31
N PHE A 182 44.01 -39.68 7.27
CA PHE A 182 42.59 -39.54 7.58
C PHE A 182 42.29 -40.03 8.99
N THR A 183 41.10 -39.67 9.46
CA THR A 183 40.45 -40.24 10.62
C THR A 183 39.14 -40.84 10.16
N ARG A 184 38.86 -42.08 10.55
CA ARG A 184 37.66 -42.75 10.10
C ARG A 184 36.93 -43.33 11.30
N SER A 185 35.60 -43.24 11.26
CA SER A 185 34.75 -43.90 12.24
C SER A 185 33.82 -44.84 11.50
N GLU A 186 33.70 -46.05 12.01
CA GLU A 186 32.76 -47.03 11.49
C GLU A 186 31.82 -47.40 12.62
N LEU A 187 30.52 -47.30 12.38
CA LEU A 187 29.55 -47.65 13.40
C LEU A 187 28.68 -48.76 12.83
N LYS A 188 28.63 -49.88 13.54
CA LYS A 188 27.74 -50.98 13.22
C LYS A 188 26.49 -50.89 14.08
N PHE A 189 25.36 -51.20 13.46
CA PHE A 189 24.05 -51.14 14.11
C PHE A 189 23.05 -51.84 13.20
N SER A 190 21.96 -52.30 13.81
CA SER A 190 21.00 -53.13 13.12
C SER A 190 19.79 -52.27 12.80
N PRO A 191 19.70 -51.69 11.61
CA PRO A 191 18.58 -50.80 11.32
C PRO A 191 17.26 -51.54 11.30
N GLN A 192 16.21 -50.81 11.66
CA GLN A 192 14.84 -51.26 11.58
C GLN A 192 14.09 -50.44 10.54
N TRP A 193 12.87 -50.88 10.22
CA TRP A 193 11.95 -50.16 9.36
C TRP A 193 11.87 -48.68 9.71
N SER A 194 11.92 -48.35 10.99
CA SER A 194 11.64 -46.98 11.42
C SER A 194 12.82 -46.04 11.25
N HIS A 195 13.99 -46.54 10.85
CA HIS A 195 15.10 -45.65 10.53
C HIS A 195 14.90 -44.97 9.18
N HIS A 196 14.07 -45.56 8.32
CA HIS A 196 13.80 -45.01 7.00
C HIS A 196 13.14 -43.64 7.12
N GLY A 197 13.80 -42.61 6.61
CA GLY A 197 13.30 -41.27 6.67
C GLY A 197 13.86 -40.45 7.79
N LYS A 198 14.62 -41.07 8.68
CA LYS A 198 15.26 -40.37 9.78
C LYS A 198 16.59 -39.77 9.33
N ILE A 199 17.08 -38.84 10.13
CA ILE A 199 18.27 -38.08 9.81
C ILE A 199 19.43 -38.58 10.68
N VAL A 200 20.44 -39.14 10.04
CA VAL A 200 21.70 -39.54 10.70
C VAL A 200 22.73 -38.46 10.43
N THR A 201 23.42 -38.02 11.48
CA THR A 201 24.47 -37.02 11.35
C THR A 201 25.77 -37.58 11.91
N CYS A 202 26.89 -37.17 11.31
CA CYS A 202 28.22 -37.44 11.83
C CYS A 202 28.85 -36.10 12.15
N GLN A 203 29.08 -35.84 13.43
CA GLN A 203 29.67 -34.59 13.90
C GLN A 203 31.16 -34.79 14.17
N LEU A 204 31.97 -33.92 13.58
CA LEU A 204 33.38 -33.82 13.90
C LEU A 204 33.55 -32.84 15.06
N GLN A 205 34.19 -33.30 16.12
CA GLN A 205 34.42 -32.46 17.27
C GLN A 205 35.90 -32.47 17.62
N ASP A 206 36.29 -31.44 18.34
CA ASP A 206 37.60 -31.39 18.99
C ASP A 206 37.43 -32.14 20.32
N ALA A 207 38.42 -32.09 21.20
CA ALA A 207 38.35 -32.89 22.42
C ALA A 207 37.04 -32.63 23.17
N ASP A 208 36.77 -31.36 23.47
CA ASP A 208 35.51 -31.01 24.12
C ASP A 208 34.34 -31.25 23.17
N GLY A 209 33.17 -31.48 23.75
CA GLY A 209 32.00 -31.69 22.93
C GLY A 209 31.61 -30.42 22.22
N LYS A 210 32.47 -29.95 21.32
CA LYS A 210 32.19 -28.73 20.58
C LYS A 210 32.17 -28.99 19.08
N PHE A 211 31.21 -28.34 18.43
CA PHE A 211 30.97 -28.51 17.01
C PHE A 211 32.03 -27.82 16.16
N LEU A 212 32.54 -28.56 15.16
CA LEU A 212 33.46 -28.05 14.16
C LEU A 212 32.86 -28.13 12.76
N SER A 213 32.28 -29.29 12.42
CA SER A 213 31.65 -29.53 11.13
C SER A 213 30.87 -30.84 11.25
N ASN A 214 30.04 -31.12 10.25
CA ASN A 214 29.32 -32.38 10.24
C ASN A 214 28.88 -32.72 8.82
N ASP A 215 28.53 -33.99 8.64
CA ASP A 215 27.88 -34.48 7.43
C ASP A 215 26.58 -35.15 7.81
N THR A 216 25.62 -35.17 6.88
CA THR A 216 24.27 -35.59 7.21
C THR A 216 23.67 -36.44 6.09
N VAL A 217 22.88 -37.44 6.47
CA VAL A 217 22.12 -38.27 5.53
C VAL A 217 20.71 -38.48 6.08
N GLN A 218 19.76 -38.71 5.17
CA GLN A 218 18.38 -39.03 5.55
C GLN A 218 18.10 -40.49 5.16
N LEU A 219 18.30 -41.40 6.12
CA LEU A 219 18.32 -42.83 5.88
C LEU A 219 17.19 -43.33 4.99
N ASN A 220 17.56 -44.22 4.07
CA ASN A 220 16.67 -44.94 3.16
C ASN A 220 16.72 -46.42 3.54
N VAL A 221 15.73 -46.87 4.31
CA VAL A 221 15.73 -48.24 4.86
C VAL A 221 14.56 -49.02 4.26
N LYS A 222 14.89 -50.01 3.43
CA LYS A 222 13.87 -50.88 2.85
C LYS A 222 13.24 -51.76 3.92
N HIS A 223 11.94 -52.04 3.76
CA HIS A 223 11.25 -52.91 4.71
C HIS A 223 9.94 -53.38 4.11
N THR A 224 9.54 -54.61 4.48
CA THR A 224 8.22 -55.11 4.17
C THR A 224 7.16 -54.23 4.84
N PRO A 225 5.93 -54.21 4.30
CA PRO A 225 4.90 -53.33 4.87
C PRO A 225 4.54 -53.68 6.30
N LYS A 226 4.42 -52.63 7.13
CA LYS A 226 3.94 -52.76 8.50
C LYS A 226 2.49 -52.34 8.53
N LEU A 227 1.64 -53.12 9.21
CA LEU A 227 0.19 -52.96 9.09
C LEU A 227 -0.45 -52.85 10.47
N GLU A 228 -1.48 -52.01 10.54
CA GLU A 228 -2.34 -51.82 11.70
C GLU A 228 -3.77 -52.16 11.31
N ILE A 229 -4.37 -53.15 11.98
CA ILE A 229 -5.73 -53.57 11.66
C ILE A 229 -6.72 -53.02 12.68
N LYS A 230 -7.85 -52.52 12.19
CA LYS A 230 -8.95 -51.99 12.99
C LYS A 230 -10.24 -52.74 12.69
N VAL A 231 -11.15 -52.74 13.67
CA VAL A 231 -12.46 -53.37 13.55
C VAL A 231 -13.48 -52.42 14.18
N THR A 232 -14.66 -52.30 13.53
CA THR A 232 -15.68 -51.39 14.06
C THR A 232 -16.31 -51.88 15.36
N PRO A 233 -16.95 -53.11 15.44
CA PRO A 233 -17.59 -53.53 16.68
C PRO A 233 -16.55 -54.05 17.68
N SER A 234 -15.46 -53.30 17.84
CA SER A 234 -14.39 -53.71 18.73
C SER A 234 -14.86 -53.78 20.17
N ASP A 235 -15.66 -52.80 20.59
CA ASP A 235 -16.20 -52.73 21.95
C ASP A 235 -17.38 -53.65 22.19
N ALA A 236 -18.04 -54.17 21.14
CA ALA A 236 -19.36 -54.74 21.37
C ALA A 236 -19.65 -56.10 20.75
N ILE A 237 -20.94 -56.42 20.69
CA ILE A 237 -21.48 -57.73 20.38
C ILE A 237 -21.86 -57.78 18.90
N VAL A 238 -21.58 -58.91 18.25
CA VAL A 238 -22.05 -59.14 16.89
C VAL A 238 -22.83 -60.44 16.88
N ARG A 239 -24.13 -60.32 16.74
CA ARG A 239 -24.91 -61.50 16.53
C ARG A 239 -25.10 -61.74 15.03
N GLU A 240 -25.95 -62.69 14.69
CA GLU A 240 -26.18 -63.00 13.30
C GLU A 240 -26.89 -61.83 12.61
N GLY A 241 -26.54 -61.60 11.34
CA GLY A 241 -27.13 -60.53 10.58
C GLY A 241 -26.40 -59.22 10.66
N ASP A 242 -25.54 -59.02 11.66
CA ASP A 242 -25.04 -57.69 11.95
C ASP A 242 -24.01 -57.29 10.90
N SER A 243 -23.62 -56.01 10.93
CA SER A 243 -22.52 -55.55 10.09
C SER A 243 -21.25 -55.40 10.92
N VAL A 244 -20.12 -55.61 10.26
CA VAL A 244 -18.79 -55.56 10.84
C VAL A 244 -17.89 -54.93 9.80
N THR A 245 -17.12 -53.91 10.20
CA THR A 245 -16.17 -53.29 9.30
C THR A 245 -14.77 -53.43 9.88
N MET A 246 -13.86 -53.95 9.08
CA MET A 246 -12.45 -54.03 9.40
C MET A 246 -11.69 -53.20 8.38
N THR A 247 -10.71 -52.43 8.86
CA THR A 247 -9.85 -51.67 7.96
C THR A 247 -8.40 -52.08 8.17
N CYS A 248 -7.62 -51.92 7.10
CA CYS A 248 -6.22 -52.28 7.05
C CYS A 248 -5.43 -51.01 6.77
N GLU A 249 -4.60 -50.61 7.71
CA GLU A 249 -3.84 -49.38 7.65
C GLU A 249 -2.38 -49.75 7.47
N VAL A 250 -1.66 -49.00 6.65
CA VAL A 250 -0.22 -49.19 6.52
C VAL A 250 0.46 -48.12 7.36
N SER A 251 1.46 -48.53 8.13
CA SER A 251 2.28 -47.59 8.87
C SER A 251 3.44 -47.09 8.02
N SER A 252 4.11 -48.01 7.32
CA SER A 252 5.15 -47.66 6.36
C SER A 252 5.40 -48.85 5.45
N SER A 253 6.02 -48.54 4.31
CA SER A 253 6.47 -49.57 3.37
C SER A 253 7.51 -48.92 2.45
N ASN A 254 8.64 -49.58 2.30
CA ASN A 254 9.74 -49.10 1.47
C ASN A 254 10.27 -50.27 0.66
N PRO A 255 10.01 -50.34 -0.65
CA PRO A 255 9.30 -49.41 -1.54
C PRO A 255 7.78 -49.37 -1.36
N GLU A 256 7.09 -48.79 -2.35
CA GLU A 256 5.65 -48.66 -2.27
C GLU A 256 4.98 -50.02 -2.41
N TYR A 257 3.77 -50.13 -1.88
CA TYR A 257 3.08 -51.42 -1.91
C TYR A 257 2.35 -51.58 -3.24
N THR A 258 2.06 -52.85 -3.58
CA THR A 258 1.42 -53.17 -4.85
C THR A 258 -0.04 -53.54 -4.68
N THR A 259 -0.34 -54.55 -3.86
CA THR A 259 -1.70 -55.02 -3.65
C THR A 259 -2.01 -55.12 -2.16
N VAL A 260 -3.29 -55.34 -1.87
CA VAL A 260 -3.74 -55.72 -0.54
C VAL A 260 -4.69 -56.90 -0.69
N SER A 261 -4.65 -57.79 0.30
CA SER A 261 -5.44 -59.01 0.34
C SER A 261 -5.95 -59.21 1.76
N TRP A 262 -6.97 -60.05 1.89
CA TRP A 262 -7.52 -60.38 3.19
C TRP A 262 -7.55 -61.90 3.36
N LEU A 263 -7.22 -62.35 4.56
CA LEU A 263 -7.18 -63.76 4.89
C LEU A 263 -8.06 -64.03 6.09
N LYS A 264 -8.68 -65.22 6.09
CA LYS A 264 -9.50 -65.68 7.20
C LYS A 264 -9.08 -67.10 7.53
N ASP A 265 -8.54 -67.29 8.74
CA ASP A 265 -8.03 -68.58 9.19
C ASP A 265 -7.10 -69.22 8.15
N GLY A 266 -6.20 -68.41 7.62
CA GLY A 266 -5.14 -68.88 6.73
C GLY A 266 -5.50 -68.96 5.27
N THR A 267 -6.77 -68.80 4.91
CA THR A 267 -7.21 -68.87 3.52
C THR A 267 -7.54 -67.47 3.05
N SER A 268 -7.13 -67.16 1.82
CA SER A 268 -7.34 -65.83 1.27
C SER A 268 -8.77 -65.67 0.76
N LEU A 269 -9.36 -64.52 1.05
CA LEU A 269 -10.77 -64.31 0.77
C LEU A 269 -10.91 -63.95 -0.70
N LYS A 270 -11.83 -64.62 -1.39
CA LYS A 270 -12.03 -64.38 -2.82
C LYS A 270 -12.64 -63.00 -3.04
N LYS A 271 -12.00 -62.21 -3.91
CA LYS A 271 -12.51 -60.90 -4.31
C LYS A 271 -12.61 -59.95 -3.12
N GLN A 272 -11.57 -59.98 -2.27
CA GLN A 272 -11.46 -59.10 -1.11
C GLN A 272 -10.04 -58.52 -1.09
N ASN A 273 -9.76 -57.67 -2.08
CA ASN A 273 -8.44 -57.09 -2.29
C ASN A 273 -8.43 -55.57 -2.09
N THR A 274 -9.29 -55.06 -1.21
CA THR A 274 -9.28 -53.63 -0.87
C THR A 274 -8.96 -53.47 0.62
N PHE A 275 -8.71 -52.22 1.02
CA PHE A 275 -8.30 -51.90 2.38
C PHE A 275 -9.46 -51.86 3.35
N THR A 276 -10.67 -52.20 2.92
CA THR A 276 -11.81 -52.31 3.81
C THR A 276 -12.48 -53.65 3.61
N LEU A 277 -12.75 -54.35 4.70
CA LEU A 277 -13.52 -55.58 4.72
C LEU A 277 -14.85 -55.29 5.39
N ASN A 278 -15.93 -55.45 4.65
CA ASN A 278 -17.27 -55.23 5.17
C ASN A 278 -18.02 -56.55 5.17
N LEU A 279 -18.40 -57.01 6.36
CA LEU A 279 -19.25 -58.18 6.51
C LEU A 279 -20.61 -57.68 6.96
N ARG A 280 -21.58 -57.68 6.06
CA ARG A 280 -22.94 -57.25 6.35
C ARG A 280 -23.88 -58.41 6.09
N GLU A 281 -24.87 -58.56 6.97
CA GLU A 281 -25.73 -59.74 7.00
C GLU A 281 -24.89 -60.98 7.28
N VAL A 282 -24.16 -60.94 8.39
CA VAL A 282 -23.22 -62.02 8.71
C VAL A 282 -23.96 -63.23 9.25
N THR A 283 -23.32 -64.40 9.08
CA THR A 283 -23.73 -65.65 9.72
C THR A 283 -22.66 -66.09 10.70
N LYS A 284 -23.03 -67.02 11.58
CA LYS A 284 -22.03 -67.57 12.50
C LYS A 284 -20.84 -68.18 11.78
N ASP A 285 -21.01 -68.63 10.55
CA ASP A 285 -19.89 -69.22 9.82
C ASP A 285 -18.82 -68.19 9.53
N GLN A 286 -19.14 -66.90 9.61
CA GLN A 286 -18.15 -65.84 9.38
C GLN A 286 -17.20 -65.66 10.56
N SER A 287 -17.40 -66.38 11.66
CA SER A 287 -16.46 -66.35 12.77
C SER A 287 -15.11 -66.91 12.35
N GLY A 288 -14.05 -66.37 12.95
CA GLY A 288 -12.72 -66.88 12.69
C GLY A 288 -11.68 -65.79 12.87
N LYS A 289 -10.48 -66.06 12.37
CA LYS A 289 -9.32 -65.18 12.54
C LYS A 289 -9.01 -64.50 11.22
N TYR A 290 -9.00 -63.17 11.21
CA TYR A 290 -8.88 -62.35 10.03
C TYR A 290 -7.57 -61.57 10.09
N CYS A 291 -6.93 -61.42 8.94
CA CYS A 291 -5.80 -60.52 8.82
C CYS A 291 -5.78 -59.94 7.41
N CYS A 292 -4.98 -58.90 7.22
CA CYS A 292 -4.73 -58.38 5.89
C CYS A 292 -3.27 -58.59 5.51
N GLN A 293 -3.03 -58.56 4.21
CA GLN A 293 -1.71 -58.78 3.62
C GLN A 293 -1.46 -57.68 2.61
N VAL A 294 -0.40 -56.91 2.79
CA VAL A 294 -0.03 -55.91 1.82
C VAL A 294 1.37 -56.25 1.33
N SER A 295 1.56 -56.17 0.02
CA SER A 295 2.77 -56.72 -0.61
C SER A 295 3.71 -55.63 -1.05
N ASN A 296 5.00 -55.87 -0.83
CA ASN A 296 6.10 -55.00 -1.23
C ASN A 296 6.86 -55.62 -2.39
N ASP A 297 7.75 -54.82 -2.98
CA ASP A 297 8.82 -55.38 -3.78
C ASP A 297 9.83 -56.13 -2.92
N VAL A 298 9.89 -55.81 -1.61
CA VAL A 298 10.69 -56.60 -0.68
C VAL A 298 10.00 -57.93 -0.37
N GLY A 299 8.69 -57.89 -0.14
CA GLY A 299 7.93 -59.05 0.24
C GLY A 299 6.65 -58.64 0.96
N PRO A 300 5.82 -59.60 1.35
CA PRO A 300 4.55 -59.26 1.98
C PRO A 300 4.67 -59.05 3.48
N GLY A 301 3.84 -58.14 3.98
CA GLY A 301 3.64 -58.03 5.40
C GLY A 301 2.19 -58.27 5.75
N ARG A 302 1.92 -58.72 6.98
CA ARG A 302 0.57 -58.98 7.43
C ARG A 302 0.36 -58.30 8.79
N SER A 303 -0.87 -57.87 9.03
CA SER A 303 -1.22 -57.26 10.30
C SER A 303 -1.49 -58.34 11.34
N GLU A 304 -1.85 -57.89 12.53
CA GLU A 304 -2.33 -58.81 13.55
C GLU A 304 -3.66 -59.45 13.13
N GLU A 305 -3.99 -60.54 13.79
CA GLU A 305 -5.26 -61.22 13.59
C GLU A 305 -6.36 -60.62 14.47
N VAL A 306 -7.55 -60.51 13.90
CA VAL A 306 -8.77 -60.18 14.63
C VAL A 306 -9.66 -61.41 14.63
N PHE A 307 -10.02 -61.88 15.82
CA PHE A 307 -10.86 -63.07 15.93
C PHE A 307 -12.29 -62.61 16.12
N LEU A 308 -13.07 -62.66 15.04
CA LEU A 308 -14.46 -62.28 15.11
C LEU A 308 -15.27 -63.47 15.60
N GLN A 309 -15.92 -63.32 16.75
CA GLN A 309 -16.83 -64.32 17.26
C GLN A 309 -18.25 -63.80 17.05
N VAL A 310 -19.03 -64.55 16.27
CA VAL A 310 -20.42 -64.21 16.01
C VAL A 310 -21.28 -64.84 17.10
N GLN A 311 -22.19 -64.05 17.65
CA GLN A 311 -22.95 -64.46 18.81
C GLN A 311 -24.35 -64.92 18.41
N TYR A 312 -24.81 -66.02 18.99
CA TYR A 312 -26.21 -66.45 18.80
C TYR A 312 -26.57 -67.51 19.84
N TRP B 7 -10.19 14.15 29.39
CA TRP B 7 -10.56 12.79 29.76
C TRP B 7 -10.51 12.62 31.27
N VAL B 8 -11.55 12.00 31.84
CA VAL B 8 -11.55 11.57 33.23
C VAL B 8 -12.02 10.12 33.28
N PHE B 9 -11.33 9.30 34.05
CA PHE B 9 -11.68 7.89 34.21
C PHE B 9 -11.89 7.55 35.67
N GLU B 10 -12.76 6.56 35.90
CA GLU B 10 -12.99 6.01 37.23
C GLU B 10 -13.16 4.51 37.11
N HIS B 11 -12.32 3.76 37.82
CA HIS B 11 -12.31 2.31 37.76
C HIS B 11 -11.34 1.80 38.83
N PRO B 12 -11.48 0.54 39.26
CA PRO B 12 -10.47 -0.04 40.13
C PRO B 12 -9.13 -0.15 39.43
N GLU B 13 -8.05 -0.02 40.21
CA GLU B 13 -6.72 0.03 39.63
C GLU B 13 -6.19 -1.35 39.28
N THR B 14 -6.58 -2.37 40.04
CA THR B 14 -6.21 -3.74 39.77
C THR B 14 -7.46 -4.60 39.83
N LEU B 15 -7.67 -5.43 38.82
CA LEU B 15 -8.78 -6.37 38.82
C LEU B 15 -8.21 -7.78 38.83
N TYR B 16 -8.82 -8.64 39.64
CA TYR B 16 -8.31 -9.97 39.89
C TYR B 16 -9.27 -11.02 39.35
N ALA B 17 -8.69 -12.05 38.74
CA ALA B 17 -9.44 -13.20 38.26
C ALA B 17 -8.46 -14.37 38.19
N TRP B 18 -8.96 -15.51 37.72
CA TRP B 18 -8.10 -16.66 37.52
C TRP B 18 -8.44 -17.29 36.18
N GLU B 19 -7.49 -18.09 35.68
CA GLU B 19 -7.66 -18.74 34.38
C GLU B 19 -8.93 -19.57 34.38
N GLY B 20 -9.78 -19.36 33.40
CA GLY B 20 -11.02 -20.09 33.28
C GLY B 20 -12.21 -19.43 33.92
N ALA B 21 -12.00 -18.36 34.68
CA ALA B 21 -13.08 -17.62 35.29
C ALA B 21 -13.46 -16.47 34.36
N CYS B 22 -14.17 -15.49 34.88
CA CYS B 22 -14.54 -14.34 34.08
C CYS B 22 -14.21 -13.07 34.83
N VAL B 23 -14.09 -11.97 34.09
CA VAL B 23 -13.91 -10.68 34.73
C VAL B 23 -14.96 -9.70 34.22
N TRP B 24 -15.51 -8.92 35.15
CA TRP B 24 -16.44 -7.85 34.84
C TRP B 24 -15.81 -6.59 35.43
N ILE B 25 -15.49 -5.63 34.58
CA ILE B 25 -14.66 -4.50 34.93
C ILE B 25 -15.51 -3.24 34.90
N PRO B 26 -15.91 -2.73 36.06
CA PRO B 26 -16.62 -1.45 36.11
C PRO B 26 -15.70 -0.31 35.69
N CYS B 27 -16.27 0.64 34.94
CA CYS B 27 -15.51 1.71 34.32
C CYS B 27 -16.46 2.82 33.94
N THR B 28 -16.11 4.06 34.28
CA THR B 28 -16.83 5.21 33.76
C THR B 28 -15.82 6.26 33.30
N TYR B 29 -16.25 7.07 32.33
CA TYR B 29 -15.39 8.09 31.78
C TYR B 29 -16.22 9.31 31.36
N ASP B 35 -19.08 13.05 21.36
CA ASP B 35 -19.09 11.64 21.71
C ASP B 35 -17.79 10.95 21.32
N LEU B 36 -17.84 9.62 21.25
CA LEU B 36 -16.71 8.78 20.91
C LEU B 36 -16.90 8.17 19.53
N GLU B 37 -15.80 8.04 18.78
CA GLU B 37 -15.88 7.43 17.46
C GLU B 37 -15.34 6.01 17.40
N SER B 38 -14.40 5.63 18.27
CA SER B 38 -13.95 4.24 18.19
C SER B 38 -13.30 3.82 19.51
N PHE B 39 -13.46 2.55 19.83
CA PHE B 39 -12.83 1.91 20.98
C PHE B 39 -12.09 0.67 20.52
N ILE B 40 -10.87 0.50 21.02
CA ILE B 40 -10.09 -0.70 20.75
C ILE B 40 -9.46 -1.15 22.06
N LEU B 41 -9.62 -2.43 22.37
CA LEU B 41 -9.01 -3.03 23.55
C LEU B 41 -7.74 -3.77 23.15
N PHE B 42 -6.61 -3.27 23.63
CA PHE B 42 -5.28 -3.87 23.51
C PHE B 42 -4.93 -4.64 24.78
N HIS B 43 -4.00 -5.59 24.63
CA HIS B 43 -3.34 -6.20 25.77
C HIS B 43 -1.87 -5.76 25.75
N ASN B 44 -1.43 -5.15 26.84
CA ASN B 44 -0.10 -4.58 26.96
C ASN B 44 0.26 -3.71 25.76
N PRO B 45 -0.50 -2.64 25.52
CA PRO B 45 -0.21 -1.79 24.36
C PRO B 45 1.16 -1.14 24.49
N GLU B 46 1.88 -1.09 23.37
CA GLU B 46 3.17 -0.42 23.32
C GLU B 46 3.18 0.49 22.10
N TYR B 47 3.46 1.77 22.30
CA TYR B 47 3.57 2.67 21.16
C TYR B 47 4.95 2.51 20.53
N ASN B 48 4.97 2.28 19.22
CA ASN B 48 6.23 2.26 18.47
C ASN B 48 6.41 3.57 17.71
N LYS B 49 7.45 4.32 18.08
CA LYS B 49 7.73 5.59 17.40
C LYS B 49 8.13 5.40 15.93
N GLN B 50 8.83 4.31 15.60
CA GLN B 50 9.25 4.13 14.22
C GLN B 50 8.05 3.86 13.31
N THR B 51 7.18 2.97 13.74
CA THR B 51 6.02 2.57 12.95
C THR B 51 4.83 3.49 13.20
N SER B 52 4.93 4.38 14.20
CA SER B 52 3.90 5.37 14.47
C SER B 52 2.51 4.76 14.65
N LYS B 53 2.46 3.61 15.31
CA LYS B 53 1.18 3.01 15.66
C LYS B 53 1.31 2.28 16.98
N PHE B 54 0.16 1.90 17.52
CA PHE B 54 0.13 1.08 18.72
C PHE B 54 0.29 -0.37 18.33
N ASP B 55 1.11 -1.09 19.10
CA ASP B 55 1.37 -2.51 18.91
C ASP B 55 0.87 -3.31 20.10
N GLY B 56 0.63 -4.58 19.84
CA GLY B 56 0.22 -5.56 20.82
C GLY B 56 -1.02 -6.29 20.37
N THR B 57 -1.36 -7.32 21.13
CA THR B 57 -2.50 -8.15 20.77
C THR B 57 -3.78 -7.33 20.89
N ARG B 58 -4.70 -7.53 19.96
CA ARG B 58 -5.92 -6.75 19.89
C ARG B 58 -7.04 -7.61 20.47
N LEU B 59 -7.57 -7.19 21.62
CA LEU B 59 -8.58 -7.96 22.31
C LEU B 59 -9.99 -7.59 21.89
N TYR B 60 -10.16 -6.38 21.35
CA TYR B 60 -11.48 -5.95 20.91
C TYR B 60 -11.35 -4.82 19.90
N GLU B 61 -12.11 -4.91 18.82
CA GLU B 61 -12.14 -3.85 17.81
C GLU B 61 -13.55 -3.32 17.59
N VAL B 68 -21.38 -8.03 13.59
CA VAL B 68 -20.68 -8.44 14.81
C VAL B 68 -21.69 -8.77 15.91
N PRO B 69 -21.53 -9.93 16.56
CA PRO B 69 -22.54 -10.38 17.53
C PRO B 69 -22.55 -9.61 18.84
N SER B 70 -23.15 -10.20 19.87
CA SER B 70 -23.33 -9.51 21.15
C SER B 70 -22.78 -10.32 22.32
N GLU B 71 -23.53 -11.31 22.79
CA GLU B 71 -23.14 -12.13 23.93
C GLU B 71 -22.38 -13.39 23.53
N GLN B 72 -21.96 -13.49 22.26
CA GLN B 72 -21.29 -14.68 21.74
C GLN B 72 -19.80 -14.45 21.54
N LYS B 73 -19.24 -13.44 22.18
CA LYS B 73 -17.82 -13.13 22.11
C LYS B 73 -17.15 -13.37 23.45
N ARG B 74 -15.84 -13.61 23.40
CA ARG B 74 -15.07 -13.78 24.62
C ARG B 74 -14.82 -12.44 25.31
N VAL B 75 -14.48 -11.42 24.53
CA VAL B 75 -14.21 -10.07 25.02
C VAL B 75 -15.35 -9.18 24.58
N GLN B 76 -16.06 -8.62 25.55
CA GLN B 76 -17.30 -7.90 25.31
C GLN B 76 -17.18 -6.49 25.87
N PHE B 77 -17.57 -5.50 25.06
CA PHE B 77 -17.64 -4.10 25.47
C PHE B 77 -19.10 -3.78 25.83
N LEU B 78 -19.37 -3.59 27.12
CA LEU B 78 -20.70 -3.40 27.65
C LEU B 78 -21.05 -1.93 27.89
N GLY B 79 -20.33 -1.00 27.25
CA GLY B 79 -20.45 0.40 27.54
C GLY B 79 -21.39 1.15 26.61
N ASP B 80 -21.32 2.47 26.70
CA ASP B 80 -22.16 3.42 25.99
C ASP B 80 -21.29 4.28 25.09
N LYS B 81 -21.90 5.26 24.44
CA LYS B 81 -21.13 6.27 23.71
C LYS B 81 -20.67 7.44 24.58
N ASN B 82 -20.98 7.49 25.87
CA ASN B 82 -20.64 8.70 26.61
C ASN B 82 -19.97 8.48 27.96
N LYS B 83 -20.51 7.62 28.83
CA LYS B 83 -20.06 7.60 30.21
C LYS B 83 -19.68 6.23 30.76
N ASN B 84 -19.79 5.16 29.97
CA ASN B 84 -19.70 3.79 30.48
C ASN B 84 -18.68 3.04 29.64
N CYS B 85 -17.62 2.54 30.30
CA CYS B 85 -16.57 1.78 29.63
C CYS B 85 -16.38 0.40 30.23
N THR B 86 -17.38 -0.14 30.90
CA THR B 86 -17.23 -1.42 31.58
C THR B 86 -17.02 -2.55 30.58
N LEU B 87 -16.25 -3.56 31.00
CA LEU B 87 -15.86 -4.67 30.12
C LEU B 87 -16.27 -6.01 30.73
N SER B 88 -16.34 -7.02 29.86
CA SER B 88 -16.71 -8.37 30.25
C SER B 88 -15.86 -9.38 29.49
N ILE B 89 -15.21 -10.29 30.21
CA ILE B 89 -14.40 -11.31 29.57
C ILE B 89 -14.88 -12.66 30.09
N HIS B 90 -15.42 -13.48 29.17
CA HIS B 90 -16.00 -14.78 29.48
C HIS B 90 -15.58 -15.74 28.37
N PRO B 91 -14.63 -16.64 28.63
CA PRO B 91 -13.87 -16.80 29.87
C PRO B 91 -12.64 -15.93 29.85
N VAL B 92 -12.10 -15.61 31.01
CA VAL B 92 -10.85 -14.87 31.06
C VAL B 92 -9.72 -15.88 31.15
N HIS B 93 -8.58 -15.56 30.56
CA HIS B 93 -7.46 -16.48 30.49
C HIS B 93 -6.20 -15.84 31.05
N LEU B 94 -5.29 -16.72 31.48
CA LEU B 94 -3.99 -16.30 32.01
C LEU B 94 -3.25 -15.42 31.02
N GLN B 95 -3.30 -15.74 29.73
CA GLN B 95 -2.57 -14.99 28.73
C GLN B 95 -3.10 -13.56 28.57
N ASP B 96 -4.31 -13.29 29.07
CA ASP B 96 -4.84 -11.94 29.15
C ASP B 96 -4.22 -11.12 30.29
N SER B 97 -3.45 -11.75 31.17
CA SER B 97 -2.88 -11.04 32.30
C SER B 97 -1.93 -9.94 31.84
N GLY B 98 -1.95 -8.83 32.56
CA GLY B 98 -1.19 -7.66 32.17
C GLY B 98 -2.03 -6.40 32.17
N GLN B 99 -1.84 -5.56 31.16
CA GLN B 99 -2.49 -4.26 31.07
C GLN B 99 -3.50 -4.27 29.94
N LEU B 100 -4.73 -3.88 30.25
CA LEU B 100 -5.78 -3.69 29.26
C LEU B 100 -5.77 -2.23 28.81
N GLY B 101 -5.56 -2.00 27.55
CA GLY B 101 -5.50 -0.66 26.99
C GLY B 101 -6.79 -0.30 26.28
N LEU B 102 -7.49 0.68 26.85
CA LEU B 102 -8.70 1.26 26.28
C LEU B 102 -8.26 2.42 25.40
N ARG B 103 -8.20 2.18 24.08
CA ARG B 103 -7.82 3.19 23.09
C ARG B 103 -9.11 3.78 22.53
N MET B 104 -9.41 5.01 22.91
CA MET B 104 -10.63 5.70 22.54
C MET B 104 -10.33 6.85 21.59
N GLU B 105 -11.19 7.03 20.59
CA GLU B 105 -11.12 8.14 19.66
C GLU B 105 -12.45 8.86 19.63
N SER B 106 -12.42 10.17 19.90
CA SER B 106 -13.55 11.06 19.72
C SER B 106 -13.41 11.89 18.45
N THR B 108 -11.98 14.73 17.81
CA THR B 108 -10.69 15.43 17.88
C THR B 108 -9.65 14.64 18.66
N GLU B 109 -10.06 14.01 19.76
CA GLU B 109 -9.13 13.49 20.75
C GLU B 109 -9.00 11.97 20.67
N LYS B 110 -7.81 11.49 21.05
CA LYS B 110 -7.54 10.08 21.29
C LYS B 110 -6.93 9.94 22.68
N TRP B 111 -7.23 8.81 23.33
CA TRP B 111 -6.73 8.58 24.69
C TRP B 111 -6.49 7.09 24.88
N MET B 112 -5.41 6.76 25.60
CA MET B 112 -5.12 5.40 26.01
C MET B 112 -5.21 5.30 27.54
N GLU B 113 -6.29 4.70 28.03
CA GLU B 113 -6.44 4.42 29.46
C GLU B 113 -6.08 2.98 29.77
N ARG B 114 -5.25 2.76 30.78
CA ARG B 114 -4.82 1.41 31.13
C ARG B 114 -5.50 0.95 32.42
N ILE B 115 -5.99 -0.28 32.40
CA ILE B 115 -6.58 -0.94 33.55
C ILE B 115 -5.83 -2.25 33.76
N HIS B 116 -5.44 -2.52 34.99
CA HIS B 116 -4.64 -3.71 35.27
C HIS B 116 -5.55 -4.91 35.45
N LEU B 117 -5.23 -6.02 34.77
CA LEU B 117 -5.95 -7.28 34.91
C LEU B 117 -4.93 -8.33 35.35
N GLN B 118 -5.00 -8.74 36.61
CA GLN B 118 -4.10 -9.75 37.15
C GLN B 118 -4.83 -11.09 37.21
N VAL B 119 -4.41 -12.01 36.34
CA VAL B 119 -5.00 -13.35 36.25
C VAL B 119 -4.02 -14.33 36.87
N SER B 120 -4.48 -15.08 37.87
CA SER B 120 -3.70 -16.14 38.50
C SER B 120 -3.92 -17.48 37.81
N GLU B 121 -2.90 -18.35 37.90
CA GLU B 121 -3.04 -19.71 37.38
C GLU B 121 -4.16 -20.46 38.07
N ARG B 122 -4.26 -20.31 39.38
CA ARG B 122 -5.21 -20.98 40.26
C ARG B 122 -6.11 -19.97 40.96
N PRO B 123 -7.32 -20.36 41.34
CA PRO B 123 -8.17 -19.46 42.11
C PRO B 123 -7.45 -19.01 43.39
N PHE B 124 -7.37 -17.70 43.56
CA PHE B 124 -6.71 -17.17 44.73
C PHE B 124 -7.59 -17.37 45.97
N PRO B 125 -6.99 -17.51 47.15
CA PRO B 125 -7.76 -17.77 48.35
C PRO B 125 -8.39 -16.49 48.89
N PRO B 126 -9.43 -16.61 49.70
CA PRO B 126 -9.94 -15.41 50.38
C PRO B 126 -9.06 -15.03 51.56
N HIS B 127 -9.53 -14.10 52.38
CA HIS B 127 -8.78 -13.61 53.53
C HIS B 127 -9.76 -13.36 54.65
N ILE B 128 -9.56 -14.02 55.78
CA ILE B 128 -10.44 -13.86 56.93
C ILE B 128 -10.04 -12.63 57.76
N GLN B 129 -11.03 -11.82 58.12
CA GLN B 129 -10.89 -10.68 59.00
C GLN B 129 -11.63 -10.98 60.30
N LEU B 130 -10.88 -11.03 61.40
CA LEU B 130 -11.37 -11.26 62.75
C LEU B 130 -11.23 -10.01 63.61
N PRO B 131 -12.09 -9.83 64.61
CA PRO B 131 -11.83 -8.81 65.64
C PRO B 131 -10.54 -9.09 66.37
N PRO B 132 -9.76 -8.04 66.70
CA PRO B 132 -8.55 -8.24 67.51
C PRO B 132 -8.79 -8.77 68.93
N GLU B 133 -10.01 -8.67 69.45
CA GLU B 133 -10.33 -9.10 70.83
C GLU B 133 -11.68 -9.82 70.77
N ILE B 134 -11.65 -11.14 70.84
CA ILE B 134 -12.87 -11.94 71.00
C ILE B 134 -12.82 -12.67 72.34
N GLN B 135 -13.91 -12.59 73.10
CA GLN B 135 -14.07 -13.32 74.34
C GLN B 135 -15.47 -13.93 74.39
N GLU B 136 -15.68 -14.84 75.34
CA GLU B 136 -16.91 -15.63 75.35
C GLU B 136 -18.14 -14.78 75.63
N SER B 137 -19.25 -15.19 75.01
CA SER B 137 -20.59 -14.61 75.14
C SER B 137 -20.66 -13.15 74.71
N GLN B 138 -19.62 -12.65 74.04
CA GLN B 138 -19.69 -11.37 73.35
C GLN B 138 -19.80 -11.63 71.86
N GLU B 139 -20.84 -11.09 71.23
CA GLU B 139 -21.07 -11.33 69.81
C GLU B 139 -20.05 -10.62 68.93
N VAL B 140 -19.48 -11.37 67.98
CA VAL B 140 -18.54 -10.85 67.00
C VAL B 140 -18.96 -11.30 65.60
N THR B 141 -18.62 -10.48 64.61
CA THR B 141 -18.81 -10.83 63.21
C THR B 141 -17.49 -11.29 62.60
N LEU B 142 -17.40 -12.58 62.29
CA LEU B 142 -16.31 -13.10 61.48
C LEU B 142 -16.52 -12.67 60.03
N THR B 143 -15.47 -12.18 59.36
CA THR B 143 -15.62 -11.69 57.99
C THR B 143 -14.69 -12.46 57.07
N CYS B 144 -15.17 -12.83 55.89
CA CYS B 144 -14.36 -13.47 54.86
C CYS B 144 -14.41 -12.62 53.60
N LEU B 145 -13.25 -12.30 53.04
CA LEU B 145 -13.13 -11.34 51.95
C LEU B 145 -12.49 -11.99 50.74
N LEU B 146 -13.14 -11.87 49.58
CA LEU B 146 -12.59 -12.38 48.32
C LEU B 146 -12.67 -11.24 47.33
N GLN B 147 -11.55 -10.86 46.73
CA GLN B 147 -11.56 -9.75 45.78
C GLN B 147 -11.88 -10.25 44.37
N PHE B 148 -13.06 -10.83 44.24
CA PHE B 148 -13.51 -11.30 42.94
C PHE B 148 -15.02 -11.40 42.94
N SER B 149 -15.62 -10.96 41.84
CA SER B 149 -17.02 -11.19 41.57
C SER B 149 -17.27 -10.90 40.09
N CYS B 150 -18.10 -11.73 39.47
CA CYS B 150 -18.43 -11.60 38.05
C CYS B 150 -19.75 -12.32 37.82
N TYR B 151 -20.70 -11.61 37.20
CA TYR B 151 -22.07 -12.10 37.13
C TYR B 151 -22.17 -13.44 36.42
N GLY B 152 -21.39 -13.63 35.36
CA GLY B 152 -21.46 -14.89 34.62
C GLY B 152 -20.92 -16.09 35.37
N TYR B 153 -20.24 -15.88 36.50
CA TYR B 153 -19.55 -16.93 37.23
C TYR B 153 -19.91 -16.82 38.72
N PRO B 154 -21.09 -17.32 39.10
CA PRO B 154 -21.48 -17.24 40.52
C PRO B 154 -20.65 -18.18 41.38
N ILE B 155 -20.49 -17.79 42.65
CA ILE B 155 -19.69 -18.53 43.61
C ILE B 155 -20.39 -18.45 44.97
N GLN B 156 -19.83 -19.18 45.93
CA GLN B 156 -20.35 -19.17 47.29
C GLN B 156 -19.20 -19.31 48.29
N LEU B 157 -19.43 -18.79 49.50
CA LEU B 157 -18.46 -18.86 50.58
C LEU B 157 -19.04 -19.67 51.74
N GLN B 158 -18.27 -20.62 52.25
CA GLN B 158 -18.74 -21.57 53.26
C GLN B 158 -17.84 -21.56 54.49
N TRP B 159 -18.46 -21.45 55.66
CA TRP B 159 -17.73 -21.46 56.93
C TRP B 159 -17.67 -22.88 57.48
N LEU B 160 -16.46 -23.31 57.85
CA LEU B 160 -16.23 -24.63 58.43
C LEU B 160 -15.66 -24.50 59.84
N LEU B 161 -16.10 -25.39 60.72
CA LEU B 161 -15.59 -25.51 62.08
C LEU B 161 -14.95 -26.88 62.23
N GLU B 162 -13.63 -26.90 62.40
CA GLU B 162 -12.86 -28.15 62.41
C GLU B 162 -13.26 -29.02 61.22
N GLY B 163 -13.27 -28.40 60.04
CA GLY B 163 -13.61 -29.07 58.80
C GLY B 163 -15.07 -29.39 58.60
N VAL B 164 -15.96 -28.89 59.45
CA VAL B 164 -17.38 -29.25 59.42
C VAL B 164 -18.19 -27.99 59.13
N PRO B 165 -19.10 -28.01 58.14
CA PRO B 165 -19.89 -26.80 57.79
C PRO B 165 -20.58 -26.12 58.95
N MET B 166 -20.08 -24.94 59.30
CA MET B 166 -20.56 -24.17 60.44
C MET B 166 -22.08 -24.00 60.37
N ARG B 167 -22.74 -24.27 61.50
CA ARG B 167 -24.20 -24.36 61.50
C ARG B 167 -24.85 -22.99 61.39
N GLN B 168 -24.16 -21.94 61.81
CA GLN B 168 -24.73 -20.61 61.86
C GLN B 168 -25.04 -20.09 60.45
N ALA B 169 -25.90 -19.08 60.39
CA ALA B 169 -26.20 -18.42 59.13
C ALA B 169 -25.08 -17.46 58.73
N ALA B 170 -24.67 -17.52 57.47
CA ALA B 170 -23.75 -16.56 56.89
C ALA B 170 -24.51 -15.66 55.92
N VAL B 171 -24.07 -14.40 55.81
CA VAL B 171 -24.69 -13.45 54.91
C VAL B 171 -23.65 -13.07 53.85
N THR B 172 -24.02 -13.25 52.58
CA THR B 172 -23.11 -13.03 51.47
C THR B 172 -23.55 -11.81 50.69
N SER B 173 -22.59 -10.95 50.33
CA SER B 173 -22.87 -9.75 49.56
C SER B 173 -21.75 -9.53 48.55
N THR B 174 -22.11 -8.98 47.39
CA THR B 174 -21.17 -8.77 46.30
C THR B 174 -21.29 -7.34 45.84
N SER B 175 -20.17 -6.67 45.66
CA SER B 175 -20.15 -5.28 45.22
C SER B 175 -19.17 -5.14 44.05
N LEU B 176 -19.70 -4.83 42.88
CA LEU B 176 -18.93 -4.59 41.66
C LEU B 176 -19.10 -3.12 41.31
N THR B 177 -18.21 -2.29 41.86
CA THR B 177 -18.28 -0.85 41.63
C THR B 177 -16.92 -0.32 41.21
N ILE B 178 -16.94 0.94 40.78
CA ILE B 178 -15.75 1.67 40.39
C ILE B 178 -14.75 1.79 41.53
N LYS B 179 -15.21 1.74 42.78
CA LYS B 179 -14.32 1.88 43.92
C LYS B 179 -13.70 0.54 44.32
N SER B 180 -14.50 -0.54 44.34
CA SER B 180 -13.99 -1.83 44.77
C SER B 180 -14.83 -2.93 44.14
N VAL B 181 -14.19 -4.07 43.91
CA VAL B 181 -14.83 -5.26 43.37
C VAL B 181 -14.54 -6.40 44.34
N PHE B 182 -15.59 -6.92 44.99
CA PHE B 182 -15.37 -8.04 45.90
C PHE B 182 -16.65 -8.82 46.16
N THR B 183 -16.46 -10.00 46.74
CA THR B 183 -17.49 -10.81 47.36
C THR B 183 -17.10 -10.99 48.82
N ARG B 184 -18.04 -10.74 49.73
CA ARG B 184 -17.78 -10.80 51.15
C ARG B 184 -18.84 -11.65 51.84
N SER B 185 -18.41 -12.42 52.83
CA SER B 185 -19.30 -13.17 53.70
C SER B 185 -19.10 -12.72 55.13
N GLU B 186 -20.20 -12.51 55.84
CA GLU B 186 -20.16 -12.15 57.25
C GLU B 186 -20.91 -13.20 58.04
N LEU B 187 -20.27 -13.75 59.07
CA LEU B 187 -20.84 -14.77 59.93
C LEU B 187 -20.94 -14.27 61.37
N LYS B 188 -22.15 -14.25 61.90
CA LYS B 188 -22.42 -13.90 63.29
C LYS B 188 -22.70 -15.15 64.12
N PHE B 189 -22.14 -15.18 65.33
CA PHE B 189 -22.67 -15.97 66.44
C PHE B 189 -21.92 -15.58 67.71
N SER B 190 -22.23 -16.27 68.80
CA SER B 190 -21.70 -15.98 70.13
C SER B 190 -20.70 -17.06 70.52
N PRO B 191 -19.40 -16.84 70.32
CA PRO B 191 -18.43 -17.88 70.66
C PRO B 191 -18.39 -18.13 72.15
N GLN B 192 -18.04 -19.35 72.52
CA GLN B 192 -17.86 -19.73 73.91
C GLN B 192 -16.40 -20.05 74.20
N TRP B 193 -16.11 -20.28 75.48
CA TRP B 193 -14.82 -20.75 75.96
C TRP B 193 -14.23 -21.85 75.09
N SER B 194 -15.09 -22.74 74.58
CA SER B 194 -14.60 -23.91 73.85
C SER B 194 -14.23 -23.58 72.41
N HIS B 195 -14.51 -22.37 71.93
CA HIS B 195 -14.04 -21.98 70.60
C HIS B 195 -12.57 -21.60 70.61
N HIS B 196 -12.02 -21.24 71.77
CA HIS B 196 -10.62 -20.87 71.87
C HIS B 196 -9.76 -22.08 71.50
N GLY B 197 -8.98 -21.96 70.43
CA GLY B 197 -8.12 -23.02 69.99
C GLY B 197 -8.66 -23.86 68.85
N LYS B 198 -9.90 -23.62 68.43
CA LYS B 198 -10.45 -24.36 67.32
C LYS B 198 -10.07 -23.72 65.98
N ILE B 199 -10.23 -24.50 64.92
CA ILE B 199 -9.80 -24.10 63.59
C ILE B 199 -11.04 -23.77 62.77
N VAL B 200 -11.17 -22.50 62.38
CA VAL B 200 -12.22 -22.01 61.48
C VAL B 200 -11.66 -21.85 60.08
N THR B 201 -12.39 -22.33 59.08
CA THR B 201 -11.99 -22.18 57.70
C THR B 201 -13.09 -21.48 56.91
N CYS B 202 -12.69 -20.68 55.93
CA CYS B 202 -13.59 -20.09 54.95
C CYS B 202 -13.23 -20.67 53.59
N GLN B 203 -14.12 -21.47 53.04
CA GLN B 203 -13.93 -22.16 51.76
C GLN B 203 -14.66 -21.40 50.65
N LEU B 204 -13.93 -21.12 49.58
CA LEU B 204 -14.49 -20.59 48.35
C LEU B 204 -14.92 -21.74 47.45
N GLN B 205 -16.18 -21.73 47.04
CA GLN B 205 -16.72 -22.78 46.19
C GLN B 205 -17.35 -22.14 44.96
N ASP B 206 -17.48 -22.94 43.91
CA ASP B 206 -18.29 -22.56 42.77
C ASP B 206 -19.74 -22.94 43.05
N ALA B 207 -20.58 -22.75 42.03
CA ALA B 207 -22.02 -22.97 42.17
C ALA B 207 -22.31 -24.39 42.66
N ASP B 208 -21.74 -25.38 41.99
CA ASP B 208 -21.97 -26.79 42.33
C ASP B 208 -21.46 -27.15 43.72
N GLY B 209 -20.64 -26.30 44.33
CA GLY B 209 -20.06 -26.56 45.63
C GLY B 209 -18.66 -27.10 45.59
N LYS B 210 -18.08 -27.21 44.39
CA LYS B 210 -16.73 -27.72 44.22
C LYS B 210 -15.71 -26.77 44.85
N PHE B 211 -14.66 -27.36 45.42
CA PHE B 211 -13.62 -26.61 46.11
C PHE B 211 -12.73 -25.84 45.13
N LEU B 212 -12.49 -24.56 45.45
CA LEU B 212 -11.56 -23.73 44.69
C LEU B 212 -10.37 -23.26 45.50
N SER B 213 -10.59 -22.73 46.70
CA SER B 213 -9.53 -22.21 47.56
C SER B 213 -10.12 -21.96 48.95
N ASN B 214 -9.26 -21.67 49.92
CA ASN B 214 -9.76 -21.36 51.26
C ASN B 214 -8.73 -20.59 52.07
N ASP B 215 -9.22 -19.99 53.17
CA ASP B 215 -8.38 -19.40 54.21
C ASP B 215 -8.74 -20.00 55.56
N THR B 216 -7.78 -19.99 56.50
CA THR B 216 -7.94 -20.68 57.77
C THR B 216 -7.38 -19.85 58.92
N VAL B 217 -8.05 -19.91 60.08
CA VAL B 217 -7.60 -19.27 61.32
C VAL B 217 -7.83 -20.23 62.48
N GLN B 218 -7.04 -20.08 63.54
CA GLN B 218 -7.21 -20.85 64.78
C GLN B 218 -7.67 -19.88 65.89
N LEU B 219 -8.99 -19.81 66.09
CA LEU B 219 -9.63 -18.81 66.93
C LEU B 219 -8.95 -18.62 68.29
N ASN B 220 -8.82 -17.36 68.68
CA ASN B 220 -8.30 -16.92 69.98
C ASN B 220 -9.43 -16.27 70.77
N VAL B 221 -10.04 -17.04 71.68
CA VAL B 221 -11.22 -16.60 72.43
C VAL B 221 -10.87 -16.48 73.90
N LYS B 222 -10.85 -15.25 74.41
CA LYS B 222 -10.64 -15.02 75.84
C LYS B 222 -11.84 -15.54 76.63
N HIS B 223 -11.58 -16.01 77.84
CA HIS B 223 -12.65 -16.48 78.70
C HIS B 223 -12.17 -16.54 80.15
N THR B 224 -13.10 -16.28 81.06
CA THR B 224 -12.85 -16.48 82.48
C THR B 224 -12.51 -17.94 82.76
N PRO B 225 -11.79 -18.21 83.85
CA PRO B 225 -11.39 -19.61 84.13
C PRO B 225 -12.63 -20.49 84.32
N LYS B 226 -12.60 -21.65 83.69
CA LYS B 226 -13.63 -22.67 83.87
C LYS B 226 -13.09 -23.72 84.82
N LEU B 227 -13.89 -24.11 85.81
CA LEU B 227 -13.39 -24.83 86.96
C LEU B 227 -14.18 -26.11 87.20
N GLU B 228 -13.45 -27.15 87.62
CA GLU B 228 -14.00 -28.43 88.05
C GLU B 228 -13.58 -28.65 89.50
N ILE B 229 -14.57 -28.79 90.39
CA ILE B 229 -14.32 -29.03 91.81
C ILE B 229 -14.56 -30.51 92.12
N LYS B 230 -13.64 -31.10 92.87
CA LYS B 230 -13.74 -32.48 93.30
C LYS B 230 -13.74 -32.56 94.83
N VAL B 231 -14.37 -33.62 95.36
CA VAL B 231 -14.45 -33.82 96.80
C VAL B 231 -14.22 -35.30 97.10
N THR B 232 -13.39 -35.56 98.10
CA THR B 232 -13.14 -36.90 98.64
C THR B 232 -13.42 -36.82 100.14
N PRO B 233 -14.36 -37.62 100.69
CA PRO B 233 -15.24 -38.70 100.22
C PRO B 233 -16.53 -38.24 99.53
N SER B 234 -16.50 -38.11 98.21
CA SER B 234 -17.70 -37.70 97.47
C SER B 234 -18.84 -38.68 97.68
N ASP B 235 -18.53 -39.96 97.74
CA ASP B 235 -19.52 -41.02 97.82
C ASP B 235 -20.15 -41.22 99.20
N ALA B 236 -19.59 -40.72 100.29
CA ALA B 236 -20.00 -41.22 101.61
C ALA B 236 -20.19 -40.07 102.60
N ILE B 237 -20.31 -40.45 103.87
CA ILE B 237 -20.70 -39.59 104.99
C ILE B 237 -19.45 -39.17 105.76
N VAL B 238 -19.44 -37.94 106.26
CA VAL B 238 -18.35 -37.43 107.08
C VAL B 238 -18.90 -36.96 108.43
N ARG B 239 -18.58 -37.71 109.49
CA ARG B 239 -18.91 -37.36 110.87
C ARG B 239 -17.80 -36.49 111.45
N GLU B 240 -17.92 -36.19 112.74
CA GLU B 240 -16.96 -35.30 113.40
C GLU B 240 -15.59 -35.94 113.47
N GLY B 241 -14.55 -35.10 113.34
CA GLY B 241 -13.18 -35.56 113.41
C GLY B 241 -12.57 -35.92 112.08
N ASP B 242 -13.38 -36.15 111.06
CA ASP B 242 -12.91 -36.80 109.84
C ASP B 242 -12.12 -35.80 109.00
N SER B 243 -11.49 -36.33 107.96
CA SER B 243 -10.85 -35.50 106.95
C SER B 243 -11.70 -35.41 105.69
N VAL B 244 -11.55 -34.28 105.01
CA VAL B 244 -12.27 -33.93 103.78
C VAL B 244 -11.27 -33.24 102.87
N THR B 245 -11.19 -33.68 101.61
CA THR B 245 -10.30 -33.06 100.65
C THR B 245 -11.13 -32.52 99.49
N MET B 246 -10.93 -31.25 99.16
CA MET B 246 -11.49 -30.65 97.96
C MET B 246 -10.36 -30.19 97.07
N THR B 247 -10.49 -30.46 95.77
CA THR B 247 -9.52 -29.97 94.81
C THR B 247 -10.20 -29.12 93.75
N CYS B 248 -9.45 -28.17 93.22
CA CYS B 248 -9.91 -27.20 92.24
C CYS B 248 -9.03 -27.33 91.00
N GLU B 249 -9.61 -27.79 89.90
CA GLU B 249 -8.88 -27.95 88.65
C GLU B 249 -9.45 -26.98 87.62
N VAL B 250 -8.59 -26.43 86.77
CA VAL B 250 -9.03 -25.55 85.70
C VAL B 250 -9.06 -26.36 84.42
N SER B 251 -10.11 -26.16 83.62
CA SER B 251 -10.21 -26.82 82.32
C SER B 251 -9.47 -26.02 81.26
N SER B 252 -9.68 -24.70 81.24
CA SER B 252 -8.93 -23.81 80.37
C SER B 252 -9.12 -22.39 80.86
N SER B 253 -8.21 -21.51 80.46
CA SER B 253 -8.30 -20.09 80.81
C SER B 253 -7.43 -19.29 79.85
N ASN B 254 -7.98 -18.20 79.34
CA ASN B 254 -7.29 -17.33 78.40
C ASN B 254 -7.48 -15.88 78.83
N PRO B 255 -6.44 -15.21 79.36
CA PRO B 255 -5.07 -15.69 79.52
C PRO B 255 -4.93 -16.67 80.68
N GLU B 256 -3.70 -16.98 81.07
CA GLU B 256 -3.54 -17.89 82.18
C GLU B 256 -3.92 -17.21 83.49
N TYR B 257 -4.21 -18.03 84.48
CA TYR B 257 -4.72 -17.59 85.77
C TYR B 257 -3.61 -17.04 86.66
N THR B 258 -4.01 -16.20 87.62
CA THR B 258 -3.07 -15.51 88.49
C THR B 258 -3.00 -16.14 89.88
N THR B 259 -4.14 -16.19 90.58
CA THR B 259 -4.22 -16.76 91.92
C THR B 259 -5.40 -17.71 91.97
N VAL B 260 -5.51 -18.43 93.10
CA VAL B 260 -6.69 -19.20 93.42
C VAL B 260 -7.09 -18.89 94.86
N SER B 261 -8.39 -18.89 95.11
CA SER B 261 -8.96 -18.58 96.40
C SER B 261 -10.11 -19.54 96.68
N TRP B 262 -10.51 -19.65 97.93
CA TRP B 262 -11.61 -20.51 98.33
C TRP B 262 -12.67 -19.71 99.10
N LEU B 263 -13.94 -20.02 98.85
CA LEU B 263 -15.06 -19.35 99.48
C LEU B 263 -15.96 -20.36 100.18
N LYS B 264 -16.57 -19.91 101.28
CA LYS B 264 -17.54 -20.70 102.04
C LYS B 264 -18.76 -19.83 102.31
N ASP B 265 -19.90 -20.22 101.75
CA ASP B 265 -21.15 -19.45 101.86
C ASP B 265 -20.91 -17.97 101.57
N GLY B 266 -20.17 -17.71 100.49
CA GLY B 266 -19.97 -16.37 99.99
C GLY B 266 -18.79 -15.61 100.58
N THR B 267 -18.15 -16.13 101.62
CA THR B 267 -17.01 -15.44 102.24
C THR B 267 -15.73 -16.17 101.87
N SER B 268 -14.70 -15.39 101.55
CA SER B 268 -13.42 -15.96 101.15
C SER B 268 -12.61 -16.39 102.36
N LEU B 269 -11.98 -17.55 102.25
CA LEU B 269 -11.33 -18.18 103.40
C LEU B 269 -9.96 -17.54 103.60
N LYS B 270 -9.67 -17.12 104.83
CA LYS B 270 -8.37 -16.53 105.13
C LYS B 270 -7.27 -17.60 105.07
N LYS B 271 -6.21 -17.29 104.34
CA LYS B 271 -5.03 -18.15 104.21
C LYS B 271 -5.39 -19.48 103.54
N GLN B 272 -6.22 -19.40 102.50
CA GLN B 272 -6.63 -20.55 101.68
C GLN B 272 -6.51 -20.13 100.21
N ASN B 273 -5.27 -19.93 99.75
CA ASN B 273 -5.01 -19.42 98.42
C ASN B 273 -4.28 -20.41 97.52
N THR B 274 -4.45 -21.72 97.73
CA THR B 274 -3.88 -22.73 96.86
C THR B 274 -4.99 -23.59 96.25
N PHE B 275 -4.61 -24.46 95.31
CA PHE B 275 -5.56 -25.29 94.57
C PHE B 275 -6.04 -26.50 95.36
N THR B 276 -5.69 -26.64 96.63
CA THR B 276 -6.19 -27.74 97.44
C THR B 276 -6.77 -27.17 98.73
N LEU B 277 -7.97 -27.61 99.08
CA LEU B 277 -8.59 -27.30 100.37
C LEU B 277 -8.60 -28.58 101.19
N ASN B 278 -7.92 -28.55 102.33
CA ASN B 278 -7.84 -29.70 103.22
C ASN B 278 -8.50 -29.33 104.54
N LEU B 279 -9.59 -30.03 104.87
CA LEU B 279 -10.24 -29.91 106.17
C LEU B 279 -10.01 -31.21 106.94
N ARG B 280 -9.19 -31.19 107.98
CA ARG B 280 -9.00 -32.38 108.79
C ARG B 280 -9.47 -32.07 110.21
N GLU B 281 -10.15 -33.06 110.80
CA GLU B 281 -10.82 -32.90 112.09
C GLU B 281 -11.94 -31.87 111.97
N VAL B 282 -12.97 -32.21 111.19
CA VAL B 282 -14.03 -31.27 110.86
C VAL B 282 -14.85 -30.92 112.09
N THR B 283 -15.44 -29.73 112.07
CA THR B 283 -16.40 -29.28 113.07
C THR B 283 -17.80 -29.28 112.47
N LYS B 284 -18.81 -29.38 113.33
CA LYS B 284 -20.19 -29.30 112.85
C LYS B 284 -20.48 -27.96 112.19
N ASP B 285 -19.82 -26.89 112.64
CA ASP B 285 -20.02 -25.57 112.07
C ASP B 285 -19.39 -25.41 110.69
N GLN B 286 -18.39 -26.22 110.34
CA GLN B 286 -17.76 -26.10 109.04
C GLN B 286 -18.58 -26.66 107.90
N SER B 287 -19.75 -27.26 108.19
CA SER B 287 -20.64 -27.65 107.11
C SER B 287 -21.12 -26.39 106.39
N GLY B 288 -21.36 -26.51 105.10
CA GLY B 288 -21.84 -25.38 104.32
C GLY B 288 -21.43 -25.55 102.87
N LYS B 289 -21.50 -24.44 102.15
CA LYS B 289 -21.30 -24.44 100.70
C LYS B 289 -19.93 -23.86 100.38
N TYR B 290 -19.11 -24.65 99.69
CA TYR B 290 -17.72 -24.34 99.40
C TYR B 290 -17.54 -24.23 97.90
N CYS B 291 -16.73 -23.28 97.47
CA CYS B 291 -16.35 -23.20 96.07
C CYS B 291 -14.93 -22.67 95.98
N CYS B 292 -14.34 -22.80 94.80
CA CYS B 292 -13.07 -22.16 94.52
C CYS B 292 -13.25 -21.08 93.48
N GLN B 293 -12.33 -20.13 93.47
CA GLN B 293 -12.35 -19.00 92.55
C GLN B 293 -10.95 -18.84 91.98
N VAL B 294 -10.87 -18.89 90.65
CA VAL B 294 -9.63 -18.65 89.96
C VAL B 294 -9.85 -17.45 89.06
N SER B 295 -8.91 -16.51 89.08
CA SER B 295 -9.11 -15.22 88.47
C SER B 295 -8.28 -15.08 87.21
N ASN B 296 -8.88 -14.46 86.21
CA ASN B 296 -8.21 -14.15 84.95
C ASN B 296 -7.90 -12.67 84.87
N ASP B 297 -7.11 -12.31 83.87
CA ASP B 297 -7.05 -10.92 83.44
C ASP B 297 -8.36 -10.47 82.82
N VAL B 298 -9.19 -11.43 82.38
CA VAL B 298 -10.55 -11.13 81.97
C VAL B 298 -11.42 -10.85 83.20
N GLY B 299 -11.25 -11.66 84.23
CA GLY B 299 -12.06 -11.57 85.43
C GLY B 299 -12.07 -12.88 86.18
N PRO B 300 -12.76 -12.93 87.31
CA PRO B 300 -12.78 -14.17 88.10
C PRO B 300 -13.85 -15.14 87.64
N GLY B 301 -13.52 -16.42 87.74
CA GLY B 301 -14.52 -17.46 87.61
C GLY B 301 -14.58 -18.28 88.88
N ARG B 302 -15.72 -18.91 89.16
CA ARG B 302 -15.87 -19.74 90.33
C ARG B 302 -16.45 -21.08 89.92
N SER B 303 -16.07 -22.13 90.65
CA SER B 303 -16.57 -23.46 90.37
C SER B 303 -17.97 -23.64 90.96
N GLU B 304 -18.53 -24.83 90.77
CA GLU B 304 -19.78 -25.16 91.44
C GLU B 304 -19.57 -25.22 92.95
N GLU B 305 -20.67 -25.12 93.67
CA GLU B 305 -20.64 -25.23 95.12
C GLU B 305 -20.76 -26.69 95.54
N VAL B 306 -20.01 -27.07 96.58
CA VAL B 306 -20.14 -28.36 97.24
C VAL B 306 -20.70 -28.12 98.63
N PHE B 307 -21.82 -28.76 98.94
CA PHE B 307 -22.47 -28.59 100.24
C PHE B 307 -22.02 -29.72 101.14
N LEU B 308 -21.03 -29.43 101.98
CA LEU B 308 -20.46 -30.38 102.93
C LEU B 308 -21.34 -30.41 104.17
N SER C 5 -49.93 0.23 -41.61
CA SER C 5 -51.05 0.05 -42.52
C SER C 5 -51.78 1.38 -42.74
N LYS C 6 -52.09 2.07 -41.65
CA LYS C 6 -52.66 3.40 -41.73
C LYS C 6 -51.59 4.49 -41.76
N TRP C 7 -50.44 4.25 -41.16
CA TRP C 7 -49.31 5.17 -41.20
C TRP C 7 -48.19 4.58 -42.05
N VAL C 8 -47.64 5.38 -42.95
CA VAL C 8 -46.39 5.07 -43.62
C VAL C 8 -45.49 6.29 -43.52
N PHE C 9 -44.23 6.04 -43.16
CA PHE C 9 -43.24 7.08 -42.97
C PHE C 9 -42.02 6.84 -43.86
N GLU C 10 -41.37 7.93 -44.23
CA GLU C 10 -40.14 7.88 -44.98
C GLU C 10 -39.20 8.96 -44.44
N HIS C 11 -38.02 8.54 -44.02
CA HIS C 11 -37.01 9.39 -43.41
C HIS C 11 -35.74 8.58 -43.25
N PRO C 12 -34.58 9.22 -43.12
CA PRO C 12 -33.37 8.48 -42.77
C PRO C 12 -33.49 7.87 -41.37
N GLU C 13 -32.86 6.71 -41.20
CA GLU C 13 -33.03 5.98 -39.94
C GLU C 13 -32.16 6.55 -38.83
N THR C 14 -30.98 7.07 -39.17
CA THR C 14 -30.08 7.69 -38.20
C THR C 14 -29.64 9.03 -38.76
N LEU C 15 -29.72 10.07 -37.93
CA LEU C 15 -29.25 11.40 -38.32
C LEU C 15 -28.06 11.80 -37.45
N TYR C 16 -27.08 12.43 -38.09
CA TYR C 16 -25.83 12.78 -37.45
C TYR C 16 -25.66 14.29 -37.38
N ALA C 17 -25.17 14.75 -36.24
CA ALA C 17 -24.83 16.15 -36.02
C ALA C 17 -23.82 16.18 -34.88
N TRP C 18 -23.44 17.39 -34.46
CA TRP C 18 -22.56 17.52 -33.30
C TRP C 18 -23.12 18.60 -32.39
N GLU C 19 -22.67 18.56 -31.14
CA GLU C 19 -23.15 19.48 -30.12
C GLU C 19 -22.94 20.94 -30.52
N GLY C 20 -24.01 21.72 -30.45
CA GLY C 20 -23.94 23.13 -30.77
C GLY C 20 -24.28 23.48 -32.20
N ALA C 21 -24.40 22.49 -33.08
CA ALA C 21 -24.78 22.73 -34.46
C ALA C 21 -26.30 22.57 -34.55
N CYS C 22 -26.84 22.35 -35.75
CA CYS C 22 -28.27 22.15 -35.90
C CYS C 22 -28.55 20.89 -36.69
N VAL C 23 -29.77 20.39 -36.52
CA VAL C 23 -30.23 19.26 -37.33
C VAL C 23 -31.53 19.67 -38.00
N TRP C 24 -31.64 19.32 -39.27
CA TRP C 24 -32.85 19.50 -40.08
C TRP C 24 -33.21 18.11 -40.56
N ILE C 25 -34.38 17.63 -40.16
CA ILE C 25 -34.73 16.24 -40.34
C ILE C 25 -35.85 16.17 -41.38
N PRO C 26 -35.50 15.80 -42.60
CA PRO C 26 -36.51 15.58 -43.63
C PRO C 26 -37.36 14.37 -43.27
N CYS C 27 -38.65 14.47 -43.54
CA CYS C 27 -39.59 13.47 -43.10
C CYS C 27 -40.86 13.62 -43.92
N THR C 28 -41.37 12.52 -44.45
CA THR C 28 -42.71 12.54 -45.03
C THR C 28 -43.50 11.38 -44.50
N TYR C 29 -44.81 11.56 -44.47
CA TYR C 29 -45.74 10.60 -43.93
C TYR C 29 -47.01 10.69 -44.75
N ARG C 30 -47.67 9.55 -44.95
CA ARG C 30 -49.02 9.56 -45.49
C ARG C 30 -49.96 9.36 -44.31
N ALA C 31 -50.48 10.48 -43.80
CA ALA C 31 -51.47 10.40 -42.74
C ALA C 31 -52.70 9.64 -43.19
N LEU C 32 -53.17 9.94 -44.40
CA LEU C 32 -54.31 9.24 -45.00
C LEU C 32 -55.58 9.34 -44.18
N ASP C 33 -56.02 8.20 -43.64
CA ASP C 33 -57.33 8.12 -43.03
C ASP C 33 -57.39 9.03 -41.82
N GLY C 34 -58.13 10.13 -41.95
CA GLY C 34 -58.23 11.13 -40.90
C GLY C 34 -57.13 12.15 -41.00
N ASP C 35 -57.42 13.42 -40.67
CA ASP C 35 -56.39 14.45 -40.61
C ASP C 35 -55.86 14.56 -39.19
N LEU C 36 -54.58 14.91 -39.08
CA LEU C 36 -53.93 14.98 -37.77
C LEU C 36 -54.68 15.90 -36.82
N GLU C 37 -54.78 15.47 -35.57
CA GLU C 37 -55.32 16.30 -34.50
C GLU C 37 -54.25 16.79 -33.53
N SER C 38 -53.15 16.04 -33.37
CA SER C 38 -52.11 16.51 -32.46
C SER C 38 -50.77 15.86 -32.80
N PHE C 39 -49.71 16.63 -32.59
CA PHE C 39 -48.33 16.23 -32.79
C PHE C 39 -47.53 16.56 -31.52
N ILE C 40 -46.73 15.61 -31.05
CA ILE C 40 -45.85 15.82 -29.91
C ILE C 40 -44.50 15.17 -30.18
N LEU C 41 -43.42 15.91 -29.96
CA LEU C 41 -42.07 15.39 -30.08
C LEU C 41 -41.52 15.08 -28.69
N PHE C 42 -41.27 13.79 -28.45
CA PHE C 42 -40.62 13.21 -27.28
C PHE C 42 -39.14 12.96 -27.53
N HIS C 43 -38.38 12.91 -26.44
CA HIS C 43 -37.01 12.39 -26.46
C HIS C 43 -36.96 11.08 -25.68
N ASN C 44 -36.48 10.03 -26.34
CA ASN C 44 -36.42 8.69 -25.78
C ASN C 44 -37.76 8.27 -25.16
N PRO C 45 -38.83 8.24 -25.95
CA PRO C 45 -40.13 7.87 -25.38
C PRO C 45 -40.12 6.43 -24.90
N GLU C 46 -40.67 6.22 -23.70
CA GLU C 46 -40.84 4.87 -23.18
C GLU C 46 -42.25 4.70 -22.62
N TYR C 47 -42.98 3.70 -23.08
CA TYR C 47 -44.31 3.47 -22.55
C TYR C 47 -44.25 2.77 -21.20
N ASN C 48 -44.92 3.36 -20.22
CA ASN C 48 -45.18 2.77 -18.92
C ASN C 48 -46.61 2.24 -18.94
N LYS C 49 -46.73 0.91 -18.86
CA LYS C 49 -48.03 0.24 -18.73
C LYS C 49 -48.69 0.55 -17.40
N GLN C 50 -47.90 0.81 -16.36
CA GLN C 50 -48.46 1.03 -15.03
C GLN C 50 -49.28 2.30 -14.99
N THR C 51 -48.77 3.40 -15.54
CA THR C 51 -49.51 4.66 -15.57
C THR C 51 -50.20 4.91 -16.90
N SER C 52 -50.11 3.97 -17.84
CA SER C 52 -50.73 4.11 -19.17
C SER C 52 -50.27 5.38 -19.88
N LYS C 53 -48.96 5.57 -19.94
CA LYS C 53 -48.45 6.75 -20.66
C LYS C 53 -47.11 6.49 -21.31
N PHE C 54 -46.72 7.43 -22.16
CA PHE C 54 -45.34 7.54 -22.59
C PHE C 54 -44.61 8.43 -21.59
N ASP C 55 -43.39 8.05 -21.25
CA ASP C 55 -42.55 8.82 -20.35
C ASP C 55 -41.34 9.33 -21.12
N GLY C 56 -40.80 10.43 -20.59
CA GLY C 56 -39.59 11.04 -21.10
C GLY C 56 -39.80 12.53 -21.36
N THR C 57 -38.69 13.19 -21.67
CA THR C 57 -38.71 14.64 -21.87
C THR C 57 -39.48 14.98 -23.14
N ARG C 58 -40.26 16.05 -23.09
CA ARG C 58 -41.09 16.47 -24.21
C ARG C 58 -40.45 17.69 -24.86
N LEU C 59 -40.02 17.52 -26.12
CA LEU C 59 -39.31 18.58 -26.83
C LEU C 59 -40.24 19.50 -27.61
N TYR C 60 -41.44 19.05 -27.94
CA TYR C 60 -42.34 19.92 -28.69
C TYR C 60 -43.78 19.47 -28.49
N GLU C 61 -44.67 20.43 -28.25
CA GLU C 61 -46.09 20.17 -28.13
C GLU C 61 -46.85 21.03 -29.12
N SER C 62 -47.88 20.45 -29.74
CA SER C 62 -48.60 21.13 -30.81
C SER C 62 -49.22 22.44 -30.34
N THR C 63 -49.64 22.51 -29.09
CA THR C 63 -50.27 23.71 -28.54
C THR C 63 -49.32 24.91 -28.60
N GLN C 72 -39.83 31.34 -32.44
CA GLN C 72 -38.49 31.60 -31.94
C GLN C 72 -38.18 30.76 -30.70
N LYS C 73 -38.23 29.44 -30.84
CA LYS C 73 -37.89 28.53 -29.76
C LYS C 73 -37.17 27.32 -30.33
N ARG C 74 -36.38 26.67 -29.47
CA ARG C 74 -35.26 25.85 -29.94
C ARG C 74 -35.73 24.72 -30.85
N VAL C 75 -36.85 24.09 -30.53
CA VAL C 75 -37.34 22.93 -31.29
C VAL C 75 -38.56 23.35 -32.10
N GLN C 76 -38.45 23.25 -33.43
CA GLN C 76 -39.46 23.71 -34.35
C GLN C 76 -39.95 22.59 -35.24
N PHE C 77 -41.27 22.45 -35.35
CA PHE C 77 -41.90 21.52 -36.28
C PHE C 77 -42.27 22.31 -37.54
N LEU C 78 -41.60 22.02 -38.64
CA LEU C 78 -41.76 22.78 -39.88
C LEU C 78 -42.71 22.11 -40.85
N GLY C 79 -43.51 21.16 -40.37
CA GLY C 79 -44.32 20.33 -41.22
C GLY C 79 -45.76 20.78 -41.33
N ASP C 80 -46.55 19.91 -41.94
CA ASP C 80 -47.96 20.16 -42.23
C ASP C 80 -48.80 19.10 -41.53
N LYS C 81 -50.10 19.18 -41.76
CA LYS C 81 -51.05 18.24 -41.20
C LYS C 81 -51.31 17.00 -42.06
N ASN C 82 -50.70 16.86 -43.26
CA ASN C 82 -50.98 15.65 -44.04
C ASN C 82 -49.77 15.01 -44.75
N LYS C 83 -48.71 15.74 -45.10
CA LYS C 83 -47.59 15.10 -45.80
C LYS C 83 -46.25 15.26 -45.08
N ASN C 84 -45.99 16.45 -44.55
CA ASN C 84 -44.65 16.89 -44.18
C ASN C 84 -44.47 16.78 -42.67
N CYS C 85 -43.53 15.93 -42.24
CA CYS C 85 -43.19 15.74 -40.83
C CYS C 85 -41.77 16.20 -40.49
N THR C 86 -41.23 17.13 -41.26
CA THR C 86 -39.86 17.56 -41.03
C THR C 86 -39.74 18.37 -39.73
N LEU C 87 -38.60 18.20 -39.04
CA LEU C 87 -38.34 18.87 -37.77
C LEU C 87 -37.00 19.60 -37.80
N SER C 88 -36.83 20.56 -36.88
CA SER C 88 -35.60 21.34 -36.83
C SER C 88 -35.18 21.60 -35.38
N ILE C 89 -33.92 21.31 -35.07
CA ILE C 89 -33.35 21.54 -33.74
C ILE C 89 -32.13 22.45 -33.88
N HIS C 90 -32.23 23.66 -33.32
CA HIS C 90 -31.21 24.70 -33.38
C HIS C 90 -31.21 25.54 -32.11
N PRO C 91 -30.22 25.37 -31.22
CA PRO C 91 -29.10 24.44 -31.37
C PRO C 91 -29.44 23.04 -30.87
N VAL C 92 -28.73 22.05 -31.37
CA VAL C 92 -28.87 20.68 -30.89
C VAL C 92 -27.84 20.46 -29.80
N HIS C 93 -28.19 19.62 -28.84
CA HIS C 93 -27.34 19.40 -27.67
C HIS C 93 -27.05 17.92 -27.49
N LEU C 94 -25.95 17.65 -26.78
CA LEU C 94 -25.57 16.27 -26.45
C LEU C 94 -26.71 15.52 -25.78
N GLN C 95 -27.45 16.19 -24.88
CA GLN C 95 -28.55 15.52 -24.21
C GLN C 95 -29.69 15.18 -25.15
N ASP C 96 -29.74 15.77 -26.34
CA ASP C 96 -30.73 15.38 -27.34
C ASP C 96 -30.40 14.05 -28.01
N SER C 97 -29.18 13.53 -27.83
CA SER C 97 -28.80 12.28 -28.46
C SER C 97 -29.67 11.14 -27.94
N GLY C 98 -30.01 10.21 -28.84
CA GLY C 98 -30.93 9.13 -28.53
C GLY C 98 -32.03 8.99 -29.58
N GLN C 99 -33.25 8.75 -29.12
CA GLN C 99 -34.38 8.49 -30.00
C GLN C 99 -35.38 9.64 -29.92
N LEU C 100 -35.76 10.18 -31.08
CA LEU C 100 -36.82 11.18 -31.18
C LEU C 100 -38.13 10.46 -31.49
N GLY C 101 -39.11 10.62 -30.61
CA GLY C 101 -40.42 10.02 -30.79
C GLY C 101 -41.46 10.98 -31.31
N LEU C 102 -41.92 10.74 -32.52
CA LEU C 102 -42.97 11.54 -33.15
C LEU C 102 -44.29 10.88 -32.77
N ARG C 103 -45.00 11.49 -31.83
CA ARG C 103 -46.29 11.01 -31.37
C ARG C 103 -47.36 11.75 -32.15
N MET C 104 -47.99 11.06 -33.09
CA MET C 104 -49.03 11.64 -33.93
C MET C 104 -50.37 11.04 -33.57
N GLU C 105 -51.39 11.87 -33.52
CA GLU C 105 -52.76 11.44 -33.30
C GLU C 105 -53.67 12.08 -34.34
N SER C 106 -54.43 11.26 -35.05
CA SER C 106 -55.50 11.71 -35.91
C SER C 106 -56.84 11.56 -35.18
N LYS C 107 -57.94 11.57 -35.93
CA LYS C 107 -59.25 11.36 -35.33
C LYS C 107 -59.31 10.02 -34.58
N THR C 108 -58.96 8.94 -35.27
CA THR C 108 -59.06 7.58 -34.76
C THR C 108 -57.72 7.00 -34.33
N GLU C 109 -56.64 7.29 -35.04
CA GLU C 109 -55.38 6.58 -34.88
C GLU C 109 -54.34 7.40 -34.13
N LYS C 110 -53.47 6.68 -33.43
CA LYS C 110 -52.25 7.23 -32.85
C LYS C 110 -51.07 6.39 -33.31
N TRP C 111 -49.93 7.04 -33.47
CA TRP C 111 -48.72 6.37 -33.94
C TRP C 111 -47.51 7.01 -33.29
N MET C 112 -46.53 6.17 -32.95
CA MET C 112 -45.23 6.64 -32.47
C MET C 112 -44.18 6.21 -33.50
N GLU C 113 -43.69 7.18 -34.26
CA GLU C 113 -42.60 6.94 -35.20
C GLU C 113 -41.28 7.38 -34.56
N ARG C 114 -40.26 6.51 -34.61
CA ARG C 114 -38.99 6.79 -33.99
C ARG C 114 -37.94 7.12 -35.04
N ILE C 115 -37.19 8.20 -34.80
CA ILE C 115 -36.08 8.60 -35.64
C ILE C 115 -34.85 8.73 -34.75
N HIS C 116 -33.73 8.15 -35.19
CA HIS C 116 -32.52 8.15 -34.39
C HIS C 116 -31.74 9.44 -34.60
N LEU C 117 -31.33 10.07 -33.50
CA LEU C 117 -30.50 11.27 -33.52
C LEU C 117 -29.23 10.98 -32.72
N GLN C 118 -28.10 10.83 -33.40
CA GLN C 118 -26.83 10.62 -32.72
C GLN C 118 -26.05 11.93 -32.75
N VAL C 119 -25.91 12.54 -31.57
CA VAL C 119 -25.20 13.80 -31.42
C VAL C 119 -23.85 13.49 -30.78
N SER C 120 -22.77 13.84 -31.47
CA SER C 120 -21.44 13.67 -30.92
C SER C 120 -21.05 14.90 -30.11
N GLU C 121 -20.26 14.67 -29.06
CA GLU C 121 -19.73 15.80 -28.29
C GLU C 121 -18.87 16.70 -29.15
N ARG C 122 -18.05 16.11 -30.02
CA ARG C 122 -17.23 16.89 -30.90
C ARG C 122 -17.52 16.52 -32.35
N PRO C 123 -17.31 17.44 -33.29
CA PRO C 123 -17.56 17.15 -34.70
C PRO C 123 -16.79 15.90 -35.15
N PHE C 124 -17.54 14.92 -35.65
CA PHE C 124 -16.95 13.68 -36.12
C PHE C 124 -16.24 13.93 -37.47
N PRO C 125 -15.27 13.09 -37.80
CA PRO C 125 -14.50 13.32 -39.03
C PRO C 125 -15.30 12.92 -40.25
N PRO C 126 -14.96 13.47 -41.43
CA PRO C 126 -15.57 13.02 -42.69
C PRO C 126 -14.95 11.73 -43.19
N HIS C 127 -15.22 11.33 -44.43
CA HIS C 127 -14.68 10.08 -44.96
C HIS C 127 -14.28 10.26 -46.41
N ILE C 128 -13.00 10.03 -46.69
CA ILE C 128 -12.49 10.14 -48.06
C ILE C 128 -12.71 8.82 -48.81
N GLN C 129 -13.21 8.92 -50.04
CA GLN C 129 -13.38 7.82 -50.97
C GLN C 129 -12.41 8.02 -52.13
N LEU C 130 -11.45 7.09 -52.27
CA LEU C 130 -10.43 7.02 -53.30
C LEU C 130 -10.65 5.84 -54.23
N PRO C 131 -10.24 5.94 -55.48
CA PRO C 131 -10.17 4.77 -56.36
C PRO C 131 -9.21 3.74 -55.83
N PRO C 132 -9.53 2.45 -55.95
CA PRO C 132 -8.52 1.41 -55.67
C PRO C 132 -7.32 1.45 -56.60
N GLU C 133 -7.42 2.13 -57.75
CA GLU C 133 -6.33 2.16 -58.73
C GLU C 133 -6.18 3.58 -59.25
N ILE C 134 -5.17 4.28 -58.75
CA ILE C 134 -4.74 5.56 -59.30
C ILE C 134 -3.33 5.42 -59.82
N GLN C 135 -3.09 5.94 -61.02
CA GLN C 135 -1.76 5.98 -61.62
C GLN C 135 -1.52 7.39 -62.13
N GLU C 136 -0.27 7.66 -62.50
CA GLU C 136 0.09 9.03 -62.87
C GLU C 136 -0.62 9.47 -64.14
N SER C 137 -1.02 10.75 -64.14
CA SER C 137 -1.63 11.43 -65.28
C SER C 137 -2.94 10.79 -65.75
N GLN C 138 -3.57 9.92 -64.97
CA GLN C 138 -4.95 9.52 -65.25
C GLN C 138 -5.84 10.30 -64.28
N GLU C 139 -6.79 11.04 -64.83
CA GLU C 139 -7.68 11.87 -64.02
C GLU C 139 -8.64 11.01 -63.21
N VAL C 140 -8.73 11.30 -61.91
CA VAL C 140 -9.69 10.66 -61.03
C VAL C 140 -10.40 11.71 -60.19
N THR C 141 -11.61 11.39 -59.77
CA THR C 141 -12.37 12.22 -58.84
C THR C 141 -12.22 11.64 -57.43
N LEU C 142 -11.44 12.31 -56.59
CA LEU C 142 -11.42 12.03 -55.17
C LEU C 142 -12.67 12.60 -54.52
N THR C 143 -13.31 11.84 -53.64
CA THR C 143 -14.57 12.26 -53.04
C THR C 143 -14.41 12.32 -51.53
N CYS C 144 -14.97 13.34 -50.90
CA CYS C 144 -15.02 13.48 -49.45
C CYS C 144 -16.49 13.54 -49.05
N LEU C 145 -16.89 12.68 -48.13
CA LEU C 145 -18.29 12.47 -47.79
C LEU C 145 -18.50 12.74 -46.31
N LEU C 146 -19.47 13.59 -45.98
CA LEU C 146 -19.79 13.91 -44.60
C LEU C 146 -21.28 13.77 -44.36
N GLN C 147 -21.66 13.01 -43.32
CA GLN C 147 -23.06 12.76 -43.00
C GLN C 147 -23.63 13.88 -42.14
N PHE C 148 -23.62 15.09 -42.71
CA PHE C 148 -24.18 16.26 -42.03
C PHE C 148 -24.55 17.32 -43.05
N SER C 149 -25.72 17.91 -42.85
CA SER C 149 -26.14 19.11 -43.57
C SER C 149 -27.34 19.69 -42.83
N CYS C 150 -27.36 21.01 -42.68
CA CYS C 150 -28.45 21.70 -42.00
C CYS C 150 -28.41 23.15 -42.45
N TYR C 151 -29.56 23.66 -42.92
CA TYR C 151 -29.58 24.97 -43.56
C TYR C 151 -29.08 26.07 -42.62
N GLY C 152 -29.42 25.99 -41.34
CA GLY C 152 -29.04 27.01 -40.37
C GLY C 152 -27.57 27.05 -39.98
N TYR C 153 -26.79 26.01 -40.30
CA TYR C 153 -25.40 25.89 -39.86
C TYR C 153 -24.55 25.53 -41.07
N PRO C 154 -24.18 26.50 -41.89
CA PRO C 154 -23.39 26.20 -43.09
C PRO C 154 -21.96 25.80 -42.79
N ILE C 155 -21.39 25.00 -43.69
CA ILE C 155 -20.03 24.48 -43.58
C ILE C 155 -19.42 24.44 -44.98
N GLN C 156 -18.12 24.13 -45.02
CA GLN C 156 -17.43 23.91 -46.28
C GLN C 156 -16.36 22.84 -46.06
N LEU C 157 -15.99 22.20 -47.15
CA LEU C 157 -14.98 21.15 -47.19
C LEU C 157 -13.80 21.67 -47.98
N GLN C 158 -12.61 21.53 -47.42
CA GLN C 158 -11.43 22.14 -48.03
C GLN C 158 -10.37 21.06 -48.17
N TRP C 159 -9.79 20.95 -49.36
CA TRP C 159 -8.77 19.94 -49.65
C TRP C 159 -7.38 20.50 -49.35
N LEU C 160 -6.59 19.75 -48.59
CA LEU C 160 -5.22 20.12 -48.25
C LEU C 160 -4.25 19.09 -48.81
N LEU C 161 -3.11 19.58 -49.29
CA LEU C 161 -1.99 18.74 -49.72
C LEU C 161 -0.79 19.05 -48.84
N GLU C 162 -0.40 18.08 -48.02
CA GLU C 162 0.65 18.27 -47.01
C GLU C 162 0.39 19.53 -46.17
N GLY C 163 -0.84 19.63 -45.68
CA GLY C 163 -1.21 20.75 -44.84
C GLY C 163 -1.39 22.07 -45.55
N VAL C 164 -1.34 22.08 -46.88
CA VAL C 164 -1.39 23.31 -47.67
C VAL C 164 -2.66 23.26 -48.52
N PRO C 165 -3.49 24.31 -48.51
CA PRO C 165 -4.73 24.29 -49.31
C PRO C 165 -4.53 23.89 -50.76
N MET C 166 -4.88 22.63 -51.08
CA MET C 166 -4.67 22.08 -52.41
C MET C 166 -5.22 23.02 -53.47
N ARG C 167 -4.42 23.27 -54.52
CA ARG C 167 -4.72 24.36 -55.43
C ARG C 167 -5.92 24.13 -56.34
N GLN C 168 -6.26 22.87 -56.64
CA GLN C 168 -7.33 22.65 -57.60
C GLN C 168 -8.68 23.12 -57.06
N ALA C 169 -9.61 23.33 -57.97
CA ALA C 169 -10.98 23.66 -57.62
C ALA C 169 -11.73 22.42 -57.16
N ALA C 170 -12.45 22.55 -56.06
CA ALA C 170 -13.33 21.50 -55.56
C ALA C 170 -14.78 21.88 -55.83
N VAL C 171 -15.62 20.87 -56.04
CA VAL C 171 -17.03 21.08 -56.32
C VAL C 171 -17.82 20.53 -55.13
N THR C 172 -18.65 21.37 -54.54
CA THR C 172 -19.38 21.01 -53.32
C THR C 172 -20.86 20.84 -53.65
N SER C 173 -21.46 19.80 -53.09
CA SER C 173 -22.88 19.51 -53.27
C SER C 173 -23.45 19.03 -51.95
N THR C 174 -24.74 19.32 -51.73
CA THR C 174 -25.40 19.00 -50.48
C THR C 174 -26.72 18.30 -50.80
N SER C 175 -26.89 17.09 -50.28
CA SER C 175 -28.15 16.36 -50.41
C SER C 175 -28.86 16.36 -49.07
N LEU C 176 -30.13 16.73 -49.08
CA LEU C 176 -30.92 16.86 -47.86
C LEU C 176 -32.29 16.25 -48.16
N THR C 177 -32.32 14.93 -48.26
CA THR C 177 -33.51 14.21 -48.70
C THR C 177 -33.95 13.20 -47.66
N ILE C 178 -35.15 12.66 -47.91
CA ILE C 178 -35.72 11.58 -47.12
C ILE C 178 -34.86 10.33 -47.16
N LYS C 179 -34.07 10.16 -48.23
CA LYS C 179 -33.21 9.00 -48.40
C LYS C 179 -31.87 9.15 -47.71
N SER C 180 -31.26 10.33 -47.80
CA SER C 180 -29.92 10.52 -47.25
C SER C 180 -29.72 11.99 -46.91
N VAL C 181 -28.89 12.22 -45.90
CA VAL C 181 -28.50 13.55 -45.44
C VAL C 181 -26.99 13.61 -45.49
N PHE C 182 -26.44 14.43 -46.39
CA PHE C 182 -24.99 14.58 -46.40
C PHE C 182 -24.58 15.87 -47.10
N THR C 183 -23.32 16.21 -46.88
CA THR C 183 -22.60 17.20 -47.66
C THR C 183 -21.38 16.50 -48.24
N ARG C 184 -21.16 16.68 -49.53
CA ARG C 184 -20.09 16.00 -50.24
C ARG C 184 -19.26 17.01 -51.01
N SER C 185 -17.96 16.78 -51.05
CA SER C 185 -17.05 17.54 -51.90
C SER C 185 -16.37 16.56 -52.84
N GLU C 186 -16.28 16.94 -54.11
CA GLU C 186 -15.59 16.15 -55.11
C GLU C 186 -14.47 16.98 -55.70
N LEU C 187 -13.28 16.42 -55.74
CA LEU C 187 -12.13 17.08 -56.34
C LEU C 187 -11.64 16.23 -57.49
N LYS C 188 -11.59 16.82 -58.67
CA LYS C 188 -11.05 16.13 -59.82
C LYS C 188 -9.58 16.49 -59.89
N PHE C 189 -8.76 15.50 -60.25
CA PHE C 189 -7.33 15.68 -60.00
C PHE C 189 -6.53 14.69 -60.85
N SER C 190 -5.41 15.19 -61.36
CA SER C 190 -4.52 14.48 -62.28
C SER C 190 -3.23 14.22 -61.54
N PRO C 191 -3.08 13.07 -60.89
CA PRO C 191 -1.86 12.81 -60.12
C PRO C 191 -0.65 12.64 -61.03
N GLN C 192 0.51 12.96 -60.48
CA GLN C 192 1.79 12.70 -61.11
C GLN C 192 2.51 11.64 -60.27
N TRP C 193 3.64 11.16 -60.80
CA TRP C 193 4.53 10.24 -60.08
C TRP C 193 4.75 10.63 -58.62
N SER C 194 4.83 11.92 -58.33
CA SER C 194 5.26 12.42 -57.03
C SER C 194 4.16 12.44 -55.97
N HIS C 195 2.90 12.17 -56.31
CA HIS C 195 1.87 12.18 -55.28
C HIS C 195 1.89 10.91 -54.44
N HIS C 196 2.44 9.83 -54.99
CA HIS C 196 2.53 8.56 -54.28
C HIS C 196 3.36 8.75 -53.03
N GLY C 197 2.74 8.59 -51.86
CA GLY C 197 3.40 8.77 -50.59
C GLY C 197 3.14 10.12 -49.92
N LYS C 198 2.45 11.03 -50.60
CA LYS C 198 2.09 12.30 -49.99
C LYS C 198 0.79 12.16 -49.22
N ILE C 199 0.54 13.13 -48.35
CA ILE C 199 -0.62 13.13 -47.48
C ILE C 199 -1.65 14.12 -47.99
N VAL C 200 -2.82 13.58 -48.37
CA VAL C 200 -3.98 14.38 -48.73
C VAL C 200 -4.91 14.43 -47.54
N THR C 201 -5.40 15.62 -47.21
CA THR C 201 -6.35 15.77 -46.12
C THR C 201 -7.62 16.43 -46.65
N CYS C 202 -8.75 16.02 -46.09
CA CYS C 202 -10.03 16.68 -46.32
C CYS C 202 -10.43 17.26 -44.97
N GLN C 203 -10.41 18.59 -44.87
CA GLN C 203 -10.69 19.28 -43.62
C GLN C 203 -12.13 19.81 -43.68
N LEU C 204 -12.89 19.49 -42.64
CA LEU C 204 -14.22 20.04 -42.45
C LEU C 204 -14.11 21.32 -41.63
N GLN C 205 -14.56 22.44 -42.23
CA GLN C 205 -14.57 23.77 -41.63
C GLN C 205 -15.96 24.36 -41.75
N ASP C 206 -16.23 25.39 -40.95
CA ASP C 206 -17.41 26.23 -41.11
C ASP C 206 -17.09 27.38 -42.07
N ALA C 207 -18.03 28.32 -42.19
CA ALA C 207 -17.84 29.46 -43.08
C ALA C 207 -16.60 30.25 -42.67
N ASP C 208 -16.57 30.74 -41.44
CA ASP C 208 -15.39 31.45 -40.96
C ASP C 208 -14.26 30.44 -40.82
N GLY C 209 -13.46 30.28 -41.87
CA GLY C 209 -12.35 29.33 -41.94
C GLY C 209 -11.76 28.81 -40.64
N LYS C 210 -12.54 28.03 -39.89
CA LYS C 210 -12.12 27.50 -38.61
C LYS C 210 -12.15 25.98 -38.62
N PHE C 211 -11.18 25.41 -37.90
CA PHE C 211 -11.02 23.97 -37.83
C PHE C 211 -12.12 23.31 -37.02
N LEU C 212 -12.77 22.29 -37.60
CA LEU C 212 -13.75 21.47 -36.90
C LEU C 212 -13.31 20.01 -36.84
N SER C 213 -12.94 19.42 -37.97
CA SER C 213 -12.52 18.02 -37.98
C SER C 213 -11.89 17.72 -39.33
N ASN C 214 -11.28 16.55 -39.47
CA ASN C 214 -10.74 16.20 -40.78
C ASN C 214 -10.53 14.69 -40.93
N ASP C 215 -10.36 14.29 -42.18
CA ASP C 215 -9.94 12.94 -42.56
C ASP C 215 -8.69 13.02 -43.41
N THR C 216 -7.91 11.94 -43.43
CA THR C 216 -6.58 11.96 -44.03
C THR C 216 -6.32 10.66 -44.80
N VAL C 217 -5.60 10.75 -45.92
CA VAL C 217 -5.17 9.61 -46.70
C VAL C 217 -3.71 9.82 -47.12
N GLN C 218 -2.99 8.72 -47.32
CA GLN C 218 -1.61 8.75 -47.81
C GLN C 218 -1.60 8.19 -49.23
N LEU C 219 -1.71 9.08 -50.22
CA LEU C 219 -1.96 8.73 -51.61
C LEU C 219 -1.07 7.59 -52.11
N ASN C 220 -1.68 6.67 -52.83
CA ASN C 220 -1.01 5.56 -53.51
C ASN C 220 -1.15 5.79 -55.03
N VAL C 221 -0.13 6.35 -55.64
CA VAL C 221 -0.16 6.70 -57.06
C VAL C 221 0.85 5.84 -57.80
N LYS C 222 0.36 4.87 -58.58
CA LYS C 222 1.23 4.05 -59.40
C LYS C 222 1.86 4.88 -60.52
N HIS C 223 3.08 4.52 -60.88
CA HIS C 223 3.78 5.24 -61.94
C HIS C 223 4.89 4.35 -62.49
N THR C 224 5.16 4.52 -63.79
CA THR C 224 6.32 3.91 -64.40
C THR C 224 7.59 4.40 -63.71
N PRO C 225 8.67 3.63 -63.77
CA PRO C 225 9.89 4.04 -63.07
C PRO C 225 10.43 5.36 -63.60
N LYS C 226 10.78 6.24 -62.69
CA LYS C 226 11.42 7.51 -63.03
C LYS C 226 12.92 7.40 -62.78
N LEU C 227 13.71 7.86 -63.75
CA LEU C 227 15.12 7.53 -63.79
C LEU C 227 15.95 8.80 -63.92
N GLU C 228 17.09 8.79 -63.24
CA GLU C 228 18.12 9.81 -63.38
C GLU C 228 19.37 9.10 -63.89
N ILE C 229 19.84 9.51 -65.06
CA ILE C 229 21.05 8.94 -65.64
C ILE C 229 22.19 9.91 -65.40
N LYS C 230 23.30 9.38 -64.93
CA LYS C 230 24.51 10.18 -64.74
C LYS C 230 25.63 9.55 -65.55
N VAL C 231 26.59 10.36 -65.93
CA VAL C 231 27.73 9.86 -66.68
C VAL C 231 28.98 10.56 -66.16
N THR C 232 30.03 9.76 -65.97
CA THR C 232 31.37 10.20 -65.63
C THR C 232 32.31 9.80 -66.76
N PRO C 233 33.09 10.71 -67.32
CA PRO C 233 33.14 12.17 -67.19
C PRO C 233 32.16 12.98 -68.06
N SER C 234 31.03 13.45 -67.53
CA SER C 234 30.14 14.27 -68.34
C SER C 234 30.82 15.56 -68.77
N ASP C 235 31.63 16.14 -67.89
CA ASP C 235 32.33 17.41 -68.01
C ASP C 235 33.54 17.41 -68.94
N ALA C 236 34.03 16.28 -69.45
CA ALA C 236 35.35 16.27 -70.05
C ALA C 236 35.33 15.53 -71.39
N ILE C 237 36.53 15.20 -71.88
CA ILE C 237 36.80 14.70 -73.23
C ILE C 237 36.89 13.18 -73.21
N VAL C 238 36.40 12.53 -74.25
CA VAL C 238 36.59 11.10 -74.42
C VAL C 238 37.22 10.89 -75.78
N ARG C 239 38.52 10.60 -75.80
CA ARG C 239 39.23 10.23 -77.01
C ARG C 239 39.18 8.73 -77.17
N GLU C 240 39.83 8.21 -78.20
CA GLU C 240 39.85 6.78 -78.45
C GLU C 240 40.64 6.06 -77.36
N GLY C 241 40.17 4.89 -76.95
CA GLY C 241 40.82 4.12 -75.91
C GLY C 241 40.27 4.38 -74.52
N ASP C 242 39.57 5.49 -74.32
CA ASP C 242 39.27 5.95 -72.96
C ASP C 242 38.16 5.11 -72.35
N SER C 243 37.95 5.30 -71.06
CA SER C 243 36.82 4.71 -70.36
C SER C 243 35.72 5.74 -70.12
N VAL C 244 34.48 5.24 -70.06
CA VAL C 244 33.27 6.02 -69.87
C VAL C 244 32.37 5.19 -68.96
N THR C 245 31.84 5.82 -67.91
CA THR C 245 30.93 5.13 -67.01
C THR C 245 29.61 5.87 -66.99
N MET C 246 28.51 5.16 -67.19
CA MET C 246 27.17 5.68 -67.04
C MET C 246 26.48 4.91 -65.93
N THR C 247 25.76 5.61 -65.07
CA THR C 247 24.96 4.97 -64.04
C THR C 247 23.51 5.35 -64.22
N CYS C 248 22.63 4.43 -63.82
CA CYS C 248 21.19 4.58 -63.93
C CYS C 248 20.63 4.44 -62.51
N GLU C 249 20.10 5.53 -61.98
CA GLU C 249 19.53 5.52 -60.63
C GLU C 249 18.03 5.78 -60.73
N VAL C 250 17.26 5.13 -59.87
CA VAL C 250 15.81 5.30 -59.84
C VAL C 250 15.43 6.28 -58.75
N SER C 251 14.51 7.20 -59.07
CA SER C 251 13.97 8.15 -58.11
C SER C 251 12.81 7.57 -57.32
N SER C 252 11.87 6.92 -58.01
CA SER C 252 10.80 6.20 -57.36
C SER C 252 10.16 5.28 -58.38
N SER C 253 9.41 4.30 -57.88
CA SER C 253 8.68 3.38 -58.74
C SER C 253 7.58 2.73 -57.92
N ASN C 254 6.36 2.69 -58.47
CA ASN C 254 5.21 2.09 -57.81
C ASN C 254 4.48 1.18 -58.79
N PRO C 255 4.62 -0.14 -58.66
CA PRO C 255 5.41 -0.85 -57.63
C PRO C 255 6.91 -0.78 -57.91
N GLU C 256 7.70 -1.59 -57.20
CA GLU C 256 9.14 -1.58 -57.42
C GLU C 256 9.51 -2.18 -58.77
N TYR C 257 10.72 -1.86 -59.20
CA TYR C 257 11.19 -2.20 -60.53
C TYR C 257 11.65 -3.65 -60.62
N THR C 258 11.62 -4.17 -61.85
CA THR C 258 11.91 -5.57 -62.13
C THR C 258 13.27 -5.78 -62.76
N THR C 259 13.54 -5.17 -63.90
CA THR C 259 14.80 -5.32 -64.63
C THR C 259 15.36 -3.97 -64.99
N VAL C 260 16.61 -3.96 -65.47
CA VAL C 260 17.20 -2.79 -66.10
C VAL C 260 17.88 -3.22 -67.39
N SER C 261 17.83 -2.34 -68.39
CA SER C 261 18.40 -2.57 -69.71
C SER C 261 19.03 -1.26 -70.18
N TRP C 262 19.92 -1.36 -71.17
CA TRP C 262 20.57 -0.19 -71.75
C TRP C 262 20.38 -0.18 -73.26
N LEU C 263 20.15 1.01 -73.81
CA LEU C 263 19.97 1.18 -75.24
C LEU C 263 20.95 2.21 -75.79
N LYS C 264 21.34 1.99 -77.05
CA LYS C 264 22.20 2.90 -77.79
C LYS C 264 21.56 3.15 -79.15
N ASP C 265 21.17 4.40 -79.40
CA ASP C 265 20.47 4.80 -80.63
C ASP C 265 19.29 3.86 -80.92
N GLY C 266 18.51 3.57 -79.89
CA GLY C 266 17.28 2.81 -80.05
C GLY C 266 17.41 1.31 -79.98
N THR C 267 18.61 0.75 -79.97
CA THR C 267 18.80 -0.70 -79.93
C THR C 267 19.25 -1.11 -78.53
N SER C 268 18.69 -2.21 -78.05
CA SER C 268 19.02 -2.69 -76.71
C SER C 268 20.33 -3.44 -76.71
N LEU C 269 21.15 -3.18 -75.70
CA LEU C 269 22.51 -3.68 -75.68
C LEU C 269 22.52 -5.12 -75.17
N LYS C 270 23.19 -6.01 -75.88
CA LYS C 270 23.27 -7.40 -75.46
C LYS C 270 24.13 -7.52 -74.21
N LYS C 271 23.58 -8.19 -73.19
CA LYS C 271 24.30 -8.46 -71.94
C LYS C 271 24.65 -7.17 -71.20
N GLN C 272 23.69 -6.25 -71.13
CA GLN C 272 23.82 -5.00 -70.40
C GLN C 272 22.57 -4.81 -69.54
N ASN C 273 22.41 -5.67 -68.54
CA ASN C 273 21.22 -5.67 -67.70
C ASN C 273 21.51 -5.32 -66.24
N THR C 274 22.54 -4.52 -65.97
CA THR C 274 22.79 -4.03 -64.63
C THR C 274 22.72 -2.50 -64.62
N PHE C 275 22.77 -1.94 -63.41
CA PHE C 275 22.61 -0.49 -63.22
C PHE C 275 23.88 0.30 -63.51
N THR C 276 24.94 -0.34 -64.00
CA THR C 276 26.14 0.38 -64.39
C THR C 276 26.53 -0.03 -65.81
N LEU C 277 26.80 0.96 -66.65
CA LEU C 277 27.32 0.75 -68.00
C LEU C 277 28.76 1.22 -68.03
N ASN C 278 29.67 0.31 -68.32
CA ASN C 278 31.09 0.65 -68.44
C ASN C 278 31.50 0.40 -69.87
N LEU C 279 31.90 1.47 -70.56
CA LEU C 279 32.50 1.39 -71.88
C LEU C 279 33.97 1.71 -71.69
N ARG C 280 34.82 0.70 -71.78
CA ARG C 280 36.25 0.88 -71.62
C ARG C 280 36.94 0.49 -72.92
N GLU C 281 37.95 1.28 -73.27
CA GLU C 281 38.64 1.12 -74.56
C GLU C 281 37.67 1.40 -75.71
N VAL C 282 37.08 2.61 -75.67
CA VAL C 282 36.05 2.96 -76.63
C VAL C 282 36.65 3.24 -78.00
N THR C 283 35.84 3.02 -79.03
CA THR C 283 36.13 3.48 -80.39
C THR C 283 35.11 4.54 -80.78
N LYS C 284 35.43 5.25 -81.87
CA LYS C 284 34.47 6.22 -82.40
C LYS C 284 33.15 5.57 -82.75
N ASP C 285 33.16 4.27 -83.06
CA ASP C 285 31.93 3.55 -83.34
C ASP C 285 31.03 3.42 -82.12
N GLN C 286 31.58 3.55 -80.91
CA GLN C 286 30.75 3.49 -79.72
C GLN C 286 30.01 4.80 -79.47
N SER C 287 30.25 5.81 -80.28
CA SER C 287 29.49 7.05 -80.20
C SER C 287 28.04 6.82 -80.58
N GLY C 288 27.16 7.58 -79.97
CA GLY C 288 25.75 7.53 -80.25
C GLY C 288 24.98 7.95 -79.01
N LYS C 289 23.67 7.70 -79.02
CA LYS C 289 22.80 8.17 -77.96
C LYS C 289 22.41 6.99 -77.08
N TYR C 290 22.69 7.10 -75.78
CA TYR C 290 22.54 6.03 -74.80
C TYR C 290 21.49 6.40 -73.78
N CYS C 291 20.69 5.41 -73.36
CA CYS C 291 19.76 5.59 -72.26
C CYS C 291 19.61 4.27 -71.52
N CYS C 292 18.99 4.34 -70.34
CA CYS C 292 18.62 3.14 -69.61
C CYS C 292 17.11 2.99 -69.52
N GLN C 293 16.68 1.76 -69.26
CA GLN C 293 15.27 1.39 -69.16
C GLN C 293 15.10 0.51 -67.94
N VAL C 294 14.25 0.93 -67.03
CA VAL C 294 13.94 0.10 -65.86
C VAL C 294 12.43 -0.16 -65.88
N SER C 295 12.05 -1.41 -65.67
CA SER C 295 10.69 -1.87 -65.94
C SER C 295 9.92 -2.14 -64.65
N ASN C 296 8.64 -1.77 -64.68
CA ASN C 296 7.68 -2.02 -63.63
C ASN C 296 6.71 -3.11 -64.04
N ASP C 297 5.91 -3.55 -63.06
CA ASP C 297 4.68 -4.27 -63.39
C ASP C 297 3.67 -3.37 -64.06
N VAL C 298 3.82 -2.04 -63.92
CA VAL C 298 3.05 -1.10 -64.70
C VAL C 298 3.58 -1.06 -66.13
N GLY C 299 4.91 -1.05 -66.29
CA GLY C 299 5.54 -0.95 -67.57
C GLY C 299 6.94 -0.39 -67.45
N PRO C 300 7.64 -0.25 -68.58
CA PRO C 300 9.01 0.27 -68.53
C PRO C 300 9.05 1.78 -68.53
N GLY C 301 10.05 2.32 -67.84
CA GLY C 301 10.39 3.72 -67.94
C GLY C 301 11.79 3.88 -68.48
N ARG C 302 12.06 5.04 -69.08
CA ARG C 302 13.35 5.33 -69.66
C ARG C 302 13.86 6.68 -69.16
N SER C 303 15.17 6.77 -69.02
CA SER C 303 15.81 8.02 -68.61
C SER C 303 15.99 8.93 -69.81
N GLU C 304 16.56 10.11 -69.58
CA GLU C 304 16.97 10.96 -70.70
C GLU C 304 18.12 10.29 -71.46
N GLU C 305 18.32 10.76 -72.69
CA GLU C 305 19.41 10.26 -73.50
C GLU C 305 20.69 11.05 -73.24
N VAL C 306 21.82 10.35 -73.22
CA VAL C 306 23.15 10.95 -73.20
C VAL C 306 23.79 10.67 -74.54
N PHE C 307 24.20 11.72 -75.25
CA PHE C 307 24.78 11.56 -76.59
C PHE C 307 26.29 11.50 -76.39
N LEU C 308 26.83 10.29 -76.40
CA LEU C 308 28.27 10.08 -76.21
C LEU C 308 28.96 10.30 -77.54
N GLN C 309 29.78 11.34 -77.61
CA GLN C 309 30.61 11.63 -78.78
C GLN C 309 32.05 11.30 -78.44
N VAL C 310 32.65 10.42 -79.23
CA VAL C 310 34.03 9.98 -79.00
C VAL C 310 34.95 10.77 -79.90
N GLN C 311 36.02 11.30 -79.32
CA GLN C 311 37.04 12.02 -80.07
C GLN C 311 38.24 11.12 -80.32
N SER D 5 -5.40 25.68 18.99
CA SER D 5 -4.32 25.93 19.93
C SER D 5 -3.17 24.94 19.70
N LYS D 6 -3.50 23.66 19.63
CA LYS D 6 -2.52 22.64 19.30
C LYS D 6 -2.29 22.52 17.80
N TRP D 7 -3.10 23.18 16.98
CA TRP D 7 -2.94 23.21 15.54
C TRP D 7 -2.83 24.64 15.05
N VAL D 8 -1.85 24.91 14.20
CA VAL D 8 -1.78 26.14 13.44
C VAL D 8 -1.53 25.77 11.99
N PHE D 9 -2.32 26.37 11.08
CA PHE D 9 -2.22 26.16 9.65
C PHE D 9 -2.02 27.49 8.94
N GLU D 10 -1.34 27.43 7.80
CA GLU D 10 -1.16 28.60 6.96
C GLU D 10 -1.30 28.18 5.51
N HIS D 11 -2.21 28.85 4.79
CA HIS D 11 -2.55 28.55 3.41
C HIS D 11 -3.49 29.64 2.91
N PRO D 12 -3.59 29.83 1.59
CA PRO D 12 -4.60 30.75 1.06
C PRO D 12 -6.00 30.25 1.37
N GLU D 13 -6.93 31.20 1.56
CA GLU D 13 -8.27 30.84 2.01
C GLU D 13 -9.15 30.35 0.87
N THR D 14 -8.97 30.88 -0.33
CA THR D 14 -9.72 30.43 -1.51
C THR D 14 -8.75 30.22 -2.65
N LEU D 15 -8.86 29.07 -3.32
CA LEU D 15 -8.05 28.76 -4.48
C LEU D 15 -8.93 28.63 -5.71
N TYR D 16 -8.47 29.18 -6.82
CA TYR D 16 -9.26 29.28 -8.04
C TYR D 16 -8.64 28.44 -9.15
N ALA D 17 -9.48 27.75 -9.90
CA ALA D 17 -9.06 26.98 -11.06
C ALA D 17 -10.25 26.81 -11.98
N TRP D 18 -10.05 26.09 -13.08
CA TRP D 18 -11.12 25.75 -14.01
C TRP D 18 -10.98 24.30 -14.43
N GLU D 19 -12.07 23.77 -14.99
CA GLU D 19 -12.10 22.38 -15.42
C GLU D 19 -10.97 22.07 -16.40
N GLY D 20 -10.21 21.02 -16.12
CA GLY D 20 -9.14 20.58 -16.98
C GLY D 20 -7.77 21.14 -16.65
N ALA D 21 -7.68 22.09 -15.74
CA ALA D 21 -6.40 22.65 -15.33
C ALA D 21 -5.93 21.91 -14.07
N CYS D 22 -4.97 22.48 -13.35
CA CYS D 22 -4.48 21.90 -12.11
C CYS D 22 -4.45 22.96 -11.03
N VAL D 23 -4.43 22.50 -9.77
CA VAL D 23 -4.23 23.40 -8.64
C VAL D 23 -3.08 22.85 -7.81
N TRP D 24 -2.21 23.76 -7.36
CA TRP D 24 -1.10 23.44 -6.49
C TRP D 24 -1.29 24.29 -5.25
N ILE D 25 -1.46 23.64 -4.09
CA ILE D 25 -1.92 24.31 -2.88
C ILE D 25 -0.82 24.35 -1.84
N PRO D 26 -0.14 25.49 -1.67
CA PRO D 26 0.83 25.63 -0.60
C PRO D 26 0.14 25.63 0.77
N CYS D 27 0.77 24.98 1.73
CA CYS D 27 0.19 24.78 3.05
C CYS D 27 1.29 24.38 4.01
N THR D 28 1.28 25.00 5.19
CA THR D 28 2.15 24.58 6.29
C THR D 28 1.33 24.42 7.56
N TYR D 29 1.83 23.56 8.43
CA TYR D 29 1.14 23.21 9.67
C TYR D 29 2.17 22.96 10.77
N ARG D 30 1.74 23.16 12.01
CA ARG D 30 2.59 22.83 13.15
C ARG D 30 1.85 22.08 14.25
N GLY D 34 3.27 16.72 18.76
CA GLY D 34 3.93 15.46 18.44
C GLY D 34 3.81 15.04 16.99
N ASP D 35 4.61 14.05 16.62
CA ASP D 35 4.64 13.55 15.25
C ASP D 35 3.29 12.94 14.85
N LEU D 36 3.02 12.95 13.55
CA LEU D 36 1.71 12.69 12.97
C LEU D 36 1.53 11.23 12.57
N GLU D 37 0.29 10.73 12.68
CA GLU D 37 -0.03 9.36 12.31
C GLU D 37 -0.79 9.18 10.99
N SER D 38 -1.62 10.13 10.56
CA SER D 38 -2.39 9.87 9.34
C SER D 38 -2.91 11.15 8.72
N PHE D 39 -3.04 11.12 7.39
CA PHE D 39 -3.61 12.22 6.60
C PHE D 39 -4.69 11.69 5.68
N ILE D 40 -5.84 12.37 5.62
CA ILE D 40 -6.94 12.03 4.71
C ILE D 40 -7.52 13.32 4.12
N LEU D 41 -7.71 13.34 2.80
CA LEU D 41 -8.34 14.48 2.12
C LEU D 41 -9.80 14.17 1.78
N PHE D 42 -10.71 14.94 2.35
CA PHE D 42 -12.14 14.91 2.07
C PHE D 42 -12.53 16.04 1.12
N HIS D 43 -13.62 15.84 0.39
CA HIS D 43 -14.30 16.89 -0.34
C HIS D 43 -15.69 17.14 0.26
N ASN D 44 -15.95 18.39 0.63
CA ASN D 44 -17.20 18.78 1.28
C ASN D 44 -17.50 17.87 2.47
N PRO D 45 -16.65 17.84 3.48
CA PRO D 45 -16.89 16.95 4.63
C PRO D 45 -18.18 17.29 5.36
N GLU D 46 -18.89 16.25 5.80
CA GLU D 46 -20.11 16.40 6.58
C GLU D 46 -19.96 15.52 7.81
N TYR D 47 -20.03 16.12 9.00
CA TYR D 47 -20.05 15.30 10.21
C TYR D 47 -21.48 14.89 10.52
N ASN D 48 -21.69 13.59 10.72
CA ASN D 48 -22.95 13.06 11.24
C ASN D 48 -22.78 12.72 12.71
N LYS D 49 -23.46 13.45 13.59
CA LYS D 49 -23.51 13.03 14.99
C LYS D 49 -24.26 11.71 15.13
N GLN D 50 -25.22 11.46 14.23
CA GLN D 50 -26.01 10.25 14.30
C GLN D 50 -25.17 9.01 14.02
N THR D 51 -24.35 9.03 12.98
CA THR D 51 -23.45 7.91 12.73
C THR D 51 -22.10 8.27 13.37
N SER D 52 -21.04 7.54 13.01
CA SER D 52 -19.79 7.65 13.76
C SER D 52 -18.69 8.48 13.10
N LYS D 53 -18.77 8.81 11.81
CA LYS D 53 -17.66 9.57 11.22
C LYS D 53 -18.16 10.51 10.14
N PHE D 54 -17.25 11.40 9.72
CA PHE D 54 -17.46 12.30 8.59
C PHE D 54 -17.90 11.53 7.35
N ASP D 55 -18.81 12.13 6.59
CA ASP D 55 -19.28 11.58 5.32
C ASP D 55 -18.79 12.45 4.16
N GLY D 56 -18.70 11.84 2.99
CA GLY D 56 -18.33 12.54 1.77
C GLY D 56 -17.20 11.84 1.05
N THR D 57 -16.93 12.33 -0.15
CA THR D 57 -15.92 11.73 -1.02
C THR D 57 -14.53 11.89 -0.45
N ARG D 58 -13.72 10.84 -0.59
CA ARG D 58 -12.36 10.80 -0.06
C ARG D 58 -11.39 10.90 -1.23
N LEU D 59 -10.62 11.99 -1.27
CA LEU D 59 -9.73 12.24 -2.39
C LEU D 59 -8.32 11.67 -2.21
N TYR D 60 -7.89 11.44 -0.97
CA TYR D 60 -6.56 10.88 -0.74
C TYR D 60 -6.53 10.23 0.63
N GLU D 61 -5.94 9.03 0.68
CA GLU D 61 -5.74 8.29 1.92
C GLU D 61 -4.26 7.96 2.07
N SER D 62 -3.67 8.39 3.19
CA SER D 62 -2.27 8.13 3.45
C SER D 62 -2.01 6.66 3.73
N ARG D 74 -3.81 11.17 -9.39
CA ARG D 74 -4.48 12.43 -9.70
C ARG D 74 -4.37 13.41 -8.54
N VAL D 75 -4.58 12.92 -7.32
CA VAL D 75 -4.54 13.73 -6.10
C VAL D 75 -3.30 13.33 -5.33
N GLN D 76 -2.37 14.27 -5.17
CA GLN D 76 -1.09 13.99 -4.54
C GLN D 76 -0.84 14.90 -3.35
N PHE D 77 -0.41 14.30 -2.24
CA PHE D 77 0.01 15.01 -1.03
C PHE D 77 1.53 15.11 -1.09
N LEU D 78 2.04 16.33 -1.24
CA LEU D 78 3.46 16.55 -1.46
C LEU D 78 4.20 16.90 -0.17
N GLY D 79 3.58 16.68 0.99
CA GLY D 79 4.10 17.14 2.26
C GLY D 79 4.85 16.07 3.04
N ASP D 80 5.16 16.41 4.29
CA ASP D 80 5.94 15.57 5.17
C ASP D 80 5.15 15.23 6.43
N LYS D 81 5.75 14.43 7.30
CA LYS D 81 5.20 14.15 8.62
C LYS D 81 5.66 15.17 9.66
N ASN D 84 4.90 21.10 6.19
CA ASN D 84 4.51 20.89 4.81
C ASN D 84 3.16 20.16 4.67
N CYS D 85 2.13 20.89 4.21
CA CYS D 85 0.77 20.37 4.06
C CYS D 85 0.23 20.57 2.65
N THR D 86 1.13 20.80 1.68
CA THR D 86 0.75 21.15 0.32
C THR D 86 0.06 20.01 -0.43
N LEU D 87 -0.83 20.38 -1.34
CA LEU D 87 -1.64 19.43 -2.08
C LEU D 87 -1.51 19.73 -3.58
N SER D 88 -1.81 18.73 -4.41
CA SER D 88 -1.79 18.92 -5.86
C SER D 88 -2.92 18.13 -6.49
N ILE D 89 -3.73 18.80 -7.31
CA ILE D 89 -4.82 18.14 -8.03
C ILE D 89 -4.64 18.41 -9.52
N HIS D 90 -4.38 17.33 -10.27
CA HIS D 90 -4.06 17.32 -11.70
C HIS D 90 -4.59 16.05 -12.36
N PRO D 91 -5.67 16.13 -13.15
CA PRO D 91 -6.40 17.35 -13.48
C PRO D 91 -7.48 17.67 -12.43
N VAL D 92 -7.85 18.93 -12.36
CA VAL D 92 -8.93 19.37 -11.49
C VAL D 92 -10.23 19.40 -12.29
N HIS D 93 -11.33 19.11 -11.60
CA HIS D 93 -12.64 19.00 -12.24
C HIS D 93 -13.64 19.91 -11.54
N LEU D 94 -14.70 20.24 -12.28
CA LEU D 94 -15.79 21.04 -11.73
C LEU D 94 -16.33 20.44 -10.43
N GLN D 95 -16.44 19.10 -10.37
CA GLN D 95 -16.96 18.46 -9.18
C GLN D 95 -16.02 18.59 -7.99
N ASP D 96 -14.74 18.93 -8.21
CA ASP D 96 -13.85 19.20 -7.09
C ASP D 96 -14.11 20.56 -6.43
N SER D 97 -14.89 21.42 -7.06
CA SER D 97 -15.16 22.73 -6.48
C SER D 97 -15.93 22.58 -5.18
N GLY D 98 -15.61 23.43 -4.21
CA GLY D 98 -16.15 23.34 -2.87
C GLY D 98 -15.07 23.43 -1.82
N GLN D 99 -15.18 22.62 -0.77
CA GLN D 99 -14.26 22.66 0.37
C GLN D 99 -13.45 21.37 0.45
N LEU D 100 -12.13 21.52 0.56
CA LEU D 100 -11.24 20.40 0.83
C LEU D 100 -11.00 20.32 2.33
N GLY D 101 -11.40 19.21 2.94
CA GLY D 101 -11.17 19.02 4.36
C GLY D 101 -10.01 18.08 4.61
N LEU D 102 -8.93 18.61 5.17
CA LEU D 102 -7.75 17.83 5.48
C LEU D 102 -7.88 17.33 6.92
N ARG D 103 -8.18 16.04 7.06
CA ARG D 103 -8.31 15.39 8.36
C ARG D 103 -6.98 14.73 8.71
N MET D 104 -6.30 15.29 9.70
CA MET D 104 -5.02 14.80 10.16
C MET D 104 -5.18 14.18 11.55
N GLU D 105 -4.45 13.11 11.78
CA GLU D 105 -4.39 12.43 13.06
C GLU D 105 -2.94 12.37 13.51
N SER D 106 -2.68 12.83 14.71
CA SER D 106 -1.40 12.55 15.35
C SER D 106 -1.59 11.40 16.34
N LYS D 107 -0.61 11.21 17.19
CA LYS D 107 -0.70 10.14 18.19
C LYS D 107 -1.83 10.40 19.18
N THR D 108 -2.09 11.66 19.48
CA THR D 108 -3.17 12.07 20.37
C THR D 108 -4.26 12.88 19.68
N GLU D 109 -3.89 13.81 18.80
CA GLU D 109 -4.82 14.81 18.29
C GLU D 109 -5.29 14.49 16.88
N LYS D 110 -6.53 14.89 16.58
CA LYS D 110 -7.04 14.91 15.21
C LYS D 110 -7.65 16.27 14.92
N TRP D 111 -7.55 16.69 13.66
CA TRP D 111 -8.00 18.01 13.22
C TRP D 111 -8.52 17.96 11.80
N MET D 112 -9.58 18.72 11.52
CA MET D 112 -10.10 18.91 10.17
C MET D 112 -9.89 20.37 9.77
N GLU D 113 -8.91 20.63 8.90
CA GLU D 113 -8.68 21.95 8.36
C GLU D 113 -9.32 22.08 6.98
N ARG D 114 -10.09 23.15 6.76
CA ARG D 114 -10.80 23.33 5.50
C ARG D 114 -10.11 24.40 4.65
N ILE D 115 -9.92 24.09 3.37
CA ILE D 115 -9.37 25.01 2.39
C ILE D 115 -10.35 25.08 1.22
N HIS D 116 -10.68 26.28 0.78
CA HIS D 116 -11.67 26.45 -0.29
C HIS D 116 -11.01 26.35 -1.66
N LEU D 117 -11.61 25.54 -2.53
CA LEU D 117 -11.19 25.39 -3.92
C LEU D 117 -12.39 25.75 -4.79
N GLN D 118 -12.35 26.91 -5.44
CA GLN D 118 -13.45 27.35 -6.31
C GLN D 118 -13.06 27.12 -7.76
N VAL D 119 -13.72 26.17 -8.40
CA VAL D 119 -13.44 25.79 -9.77
C VAL D 119 -14.55 26.34 -10.67
N SER D 120 -14.18 27.16 -11.64
CA SER D 120 -15.11 27.66 -12.63
C SER D 120 -15.16 26.70 -13.82
N GLU D 121 -16.32 26.65 -14.47
CA GLU D 121 -16.43 25.82 -15.68
C GLU D 121 -15.50 26.30 -16.79
N ARG D 122 -15.35 27.61 -16.95
CA ARG D 122 -14.49 28.15 -17.98
C ARG D 122 -13.37 28.97 -17.36
N PRO D 123 -12.24 29.10 -18.05
CA PRO D 123 -11.15 29.96 -17.54
C PRO D 123 -11.66 31.37 -17.29
N PHE D 124 -11.53 31.82 -16.06
CA PHE D 124 -11.96 33.16 -15.69
C PHE D 124 -10.96 34.19 -16.21
N PRO D 125 -11.40 35.44 -16.41
CA PRO D 125 -10.52 36.44 -16.98
C PRO D 125 -9.52 36.96 -15.96
N PRO D 126 -8.41 37.53 -16.41
CA PRO D 126 -7.50 38.24 -15.49
C PRO D 126 -8.05 39.63 -15.18
N HIS D 127 -7.25 40.48 -14.55
CA HIS D 127 -7.69 41.81 -14.18
C HIS D 127 -6.58 42.82 -14.37
N ILE D 128 -6.82 43.83 -15.19
CA ILE D 128 -5.83 44.87 -15.43
C ILE D 128 -5.92 45.93 -14.34
N GLN D 129 -4.77 46.31 -13.81
CA GLN D 129 -4.59 47.38 -12.83
C GLN D 129 -3.86 48.50 -13.53
N LEU D 130 -4.53 49.67 -13.62
CA LEU D 130 -4.14 50.93 -14.21
C LEU D 130 -3.94 52.00 -13.15
N PRO D 131 -3.02 52.93 -13.37
CA PRO D 131 -2.95 54.15 -12.54
C PRO D 131 -4.24 54.96 -12.68
N PRO D 132 -4.71 55.58 -11.60
CA PRO D 132 -5.82 56.53 -11.75
C PRO D 132 -5.48 57.75 -12.60
N GLU D 133 -4.20 58.03 -12.83
CA GLU D 133 -3.78 59.21 -13.59
C GLU D 133 -2.62 58.83 -14.51
N ILE D 134 -2.90 58.68 -15.80
CA ILE D 134 -1.87 58.55 -16.83
C ILE D 134 -1.96 59.74 -17.78
N GLN D 135 -0.80 60.31 -18.07
CA GLN D 135 -0.67 61.36 -19.07
C GLN D 135 0.51 61.03 -19.97
N GLU D 136 0.64 61.77 -21.07
CA GLU D 136 1.58 61.41 -22.12
C GLU D 136 3.04 61.50 -21.69
N SER D 137 3.84 60.57 -22.20
CA SER D 137 5.30 60.49 -22.02
C SER D 137 5.75 60.28 -20.57
N GLN D 138 4.89 59.86 -19.66
CA GLN D 138 5.34 59.34 -18.37
C GLN D 138 5.31 57.83 -18.43
N GLU D 139 6.46 57.21 -18.12
CA GLU D 139 6.50 55.76 -18.10
C GLU D 139 5.65 55.25 -16.97
N VAL D 140 4.76 54.33 -17.28
CA VAL D 140 4.01 53.66 -16.23
C VAL D 140 4.07 52.16 -16.52
N THR D 141 3.91 51.39 -15.45
CA THR D 141 3.78 49.95 -15.50
C THR D 141 2.30 49.61 -15.37
N LEU D 142 1.67 49.22 -16.49
CA LEU D 142 0.36 48.59 -16.40
C LEU D 142 0.52 47.15 -15.99
N THR D 143 -0.33 46.70 -15.07
CA THR D 143 -0.18 45.37 -14.48
C THR D 143 -1.42 44.54 -14.78
N CYS D 144 -1.22 43.27 -15.10
CA CYS D 144 -2.29 42.33 -15.31
C CYS D 144 -2.13 41.23 -14.27
N LEU D 145 -3.19 40.97 -13.51
CA LEU D 145 -3.13 40.11 -12.35
C LEU D 145 -4.12 38.96 -12.50
N LEU D 146 -3.65 37.73 -12.34
CA LEU D 146 -4.50 36.55 -12.41
C LEU D 146 -4.23 35.71 -11.18
N GLN D 147 -5.28 35.37 -10.43
CA GLN D 147 -5.13 34.61 -9.19
C GLN D 147 -5.10 33.10 -9.48
N PHE D 148 -4.09 32.69 -10.25
CA PHE D 148 -3.90 31.29 -10.57
C PHE D 148 -2.44 31.04 -10.96
N SER D 149 -1.90 29.93 -10.48
CA SER D 149 -0.62 29.41 -10.93
C SER D 149 -0.49 27.96 -10.48
N CYS D 150 0.05 27.11 -11.34
CA CYS D 150 0.22 25.69 -11.04
C CYS D 150 1.28 25.12 -11.97
N TYR D 151 2.27 24.42 -11.39
CA TYR D 151 3.42 23.96 -12.17
C TYR D 151 3.00 23.02 -13.29
N GLY D 152 2.02 22.16 -13.04
CA GLY D 152 1.57 21.19 -14.03
C GLY D 152 0.87 21.78 -15.24
N TYR D 153 0.50 23.06 -15.16
CA TYR D 153 -0.29 23.72 -16.21
C TYR D 153 0.40 25.04 -16.53
N PRO D 154 1.44 25.02 -17.37
CA PRO D 154 2.15 26.26 -17.69
C PRO D 154 1.30 27.20 -18.52
N ILE D 155 1.52 28.50 -18.32
CA ILE D 155 0.76 29.55 -18.98
C ILE D 155 1.68 30.73 -19.30
N GLN D 156 1.12 31.69 -20.04
CA GLN D 156 1.76 32.96 -20.35
C GLN D 156 0.68 34.02 -20.46
N LEU D 157 1.09 35.28 -20.23
CA LEU D 157 0.21 36.43 -20.36
C LEU D 157 0.72 37.32 -21.48
N GLN D 158 -0.19 37.74 -22.37
CA GLN D 158 0.23 38.46 -23.57
C GLN D 158 -0.54 39.77 -23.65
N TRP D 159 0.18 40.87 -23.88
CA TRP D 159 -0.40 42.20 -23.99
C TRP D 159 -0.72 42.50 -25.45
N LEU D 160 -1.94 42.96 -25.70
CA LEU D 160 -2.38 43.36 -27.03
C LEU D 160 -2.76 44.85 -27.06
N LEU D 161 -2.43 45.50 -28.17
CA LEU D 161 -2.81 46.89 -28.45
C LEU D 161 -3.69 46.88 -29.69
N GLU D 162 -4.96 47.24 -29.51
CA GLU D 162 -5.96 47.14 -30.58
C GLU D 162 -5.88 45.76 -31.23
N GLY D 163 -5.88 44.73 -30.38
CA GLY D 163 -5.85 43.34 -30.82
C GLY D 163 -4.53 42.85 -31.38
N VAL D 164 -3.46 43.65 -31.25
CA VAL D 164 -2.17 43.36 -31.85
C VAL D 164 -1.15 43.23 -30.72
N PRO D 165 -0.33 42.17 -30.71
CA PRO D 165 0.64 42.00 -29.62
C PRO D 165 1.52 43.22 -29.36
N MET D 166 1.28 43.87 -28.22
CA MET D 166 2.00 45.09 -27.84
C MET D 166 3.51 44.87 -27.96
N ARG D 167 4.19 45.82 -28.60
CA ARG D 167 5.57 45.57 -29.00
C ARG D 167 6.56 45.61 -27.84
N GLN D 168 6.24 46.32 -26.76
CA GLN D 168 7.18 46.43 -25.66
C GLN D 168 7.37 45.09 -24.96
N ALA D 169 8.47 44.97 -24.23
CA ALA D 169 8.75 43.80 -23.42
C ALA D 169 7.94 43.81 -22.13
N ALA D 170 7.32 42.67 -21.81
CA ALA D 170 6.61 42.47 -20.56
C ALA D 170 7.43 41.57 -19.63
N VAL D 171 7.26 41.78 -18.33
CA VAL D 171 7.96 41.02 -17.30
C VAL D 171 6.93 40.18 -16.54
N THR D 172 7.17 38.88 -16.46
CA THR D 172 6.23 37.95 -15.87
C THR D 172 6.79 37.45 -14.53
N SER D 173 5.92 37.36 -13.53
CA SER D 173 6.33 36.92 -12.21
C SER D 173 5.27 36.00 -11.61
N THR D 174 5.74 35.07 -10.79
CA THR D 174 4.89 34.02 -10.22
C THR D 174 5.06 33.95 -8.71
N THR D 177 2.59 30.92 -2.88
CA THR D 177 2.99 30.99 -1.48
C THR D 177 1.84 30.68 -0.54
N ILE D 178 2.20 30.55 0.74
CA ILE D 178 1.22 30.34 1.80
C ILE D 178 0.22 31.49 1.90
N LYS D 179 0.66 32.71 1.54
CA LYS D 179 -0.22 33.86 1.65
C LYS D 179 -1.06 34.08 0.39
N SER D 180 -0.46 33.93 -0.79
CA SER D 180 -1.20 34.17 -2.02
C SER D 180 -0.55 33.36 -3.14
N VAL D 181 -1.38 32.94 -4.09
CA VAL D 181 -0.97 32.22 -5.29
C VAL D 181 -1.51 32.99 -6.48
N PHE D 182 -0.61 33.53 -7.30
CA PHE D 182 -1.04 34.25 -8.50
C PHE D 182 0.07 34.25 -9.53
N THR D 183 -0.32 34.62 -10.74
CA THR D 183 0.61 34.98 -11.81
C THR D 183 0.32 36.41 -12.22
N ARG D 184 1.38 37.21 -12.32
CA ARG D 184 1.24 38.62 -12.61
C ARG D 184 2.15 38.98 -13.78
N SER D 185 1.68 39.85 -14.65
CA SER D 185 2.48 40.41 -15.71
C SER D 185 2.52 41.93 -15.56
N GLU D 186 3.70 42.50 -15.69
CA GLU D 186 3.88 43.94 -15.64
C GLU D 186 4.52 44.38 -16.95
N LEU D 187 3.91 45.36 -17.60
CA LEU D 187 4.46 45.89 -18.83
C LEU D 187 4.78 47.34 -18.58
N LYS D 188 6.03 47.72 -18.85
CA LYS D 188 6.42 49.10 -18.71
C LYS D 188 6.28 49.77 -20.06
N PHE D 189 5.73 50.96 -20.08
CA PHE D 189 5.62 51.62 -21.36
C PHE D 189 5.28 53.08 -21.16
N SER D 190 5.65 53.87 -22.16
CA SER D 190 5.54 55.32 -22.13
C SER D 190 4.50 55.76 -23.17
N PRO D 191 3.24 55.93 -22.78
CA PRO D 191 2.21 56.32 -23.75
C PRO D 191 2.40 57.74 -24.28
N GLN D 192 1.88 57.95 -25.49
CA GLN D 192 1.82 59.26 -26.14
C GLN D 192 0.35 59.67 -26.25
N TRP D 193 0.12 60.91 -26.71
CA TRP D 193 -1.21 61.47 -26.96
C TRP D 193 -2.18 60.51 -27.65
N SER D 194 -1.69 59.68 -28.57
CA SER D 194 -2.55 58.92 -29.47
C SER D 194 -3.13 57.66 -28.85
N HIS D 195 -2.68 57.28 -27.65
CA HIS D 195 -3.22 56.09 -27.02
C HIS D 195 -4.55 56.34 -26.33
N HIS D 196 -4.85 57.59 -25.99
CA HIS D 196 -6.10 57.93 -25.32
C HIS D 196 -7.29 57.53 -26.19
N GLY D 197 -8.09 56.59 -25.70
CA GLY D 197 -9.22 56.09 -26.44
C GLY D 197 -8.97 54.78 -27.15
N LYS D 198 -7.74 54.28 -27.13
CA LYS D 198 -7.42 53.01 -27.75
C LYS D 198 -7.71 51.86 -26.77
N ILE D 199 -7.75 50.65 -27.31
CA ILE D 199 -8.15 49.45 -26.58
C ILE D 199 -6.91 48.63 -26.23
N VAL D 200 -6.65 48.48 -24.93
CA VAL D 200 -5.61 47.58 -24.41
C VAL D 200 -6.28 46.30 -23.92
N THR D 201 -5.74 45.15 -24.31
CA THR D 201 -6.24 43.87 -23.84
C THR D 201 -5.11 43.06 -23.21
N CYS D 202 -5.45 42.29 -22.17
CA CYS D 202 -4.56 41.32 -21.54
C CYS D 202 -5.16 39.92 -21.74
N GLN D 203 -4.45 39.09 -22.51
CA GLN D 203 -4.87 37.72 -22.86
C GLN D 203 -4.15 36.69 -22.01
N LEU D 204 -4.92 35.74 -21.47
CA LEU D 204 -4.39 34.53 -20.84
C LEU D 204 -4.24 33.44 -21.90
N GLN D 205 -3.02 32.98 -22.16
CA GLN D 205 -2.84 31.90 -23.12
C GLN D 205 -1.86 30.86 -22.58
N ASP D 206 -1.82 29.69 -23.22
CA ASP D 206 -0.79 28.69 -22.94
C ASP D 206 0.46 28.96 -23.79
N ALA D 207 1.44 28.04 -23.70
CA ALA D 207 2.78 28.28 -24.25
C ALA D 207 2.76 28.59 -25.75
N ASP D 208 2.33 27.63 -26.58
CA ASP D 208 2.30 27.90 -28.02
C ASP D 208 1.25 28.92 -28.38
N GLY D 209 0.23 29.08 -27.54
CA GLY D 209 -0.80 30.04 -27.79
C GLY D 209 -2.17 29.47 -28.04
N LYS D 210 -3.14 29.92 -27.24
CA LYS D 210 -4.54 29.59 -27.37
C LYS D 210 -5.30 30.57 -26.51
N PHE D 211 -6.41 31.08 -27.02
CA PHE D 211 -7.16 32.04 -26.25
C PHE D 211 -7.87 31.31 -25.12
N LEU D 212 -7.76 31.85 -23.91
CA LEU D 212 -8.47 31.29 -22.76
C LEU D 212 -9.48 32.27 -22.20
N SER D 213 -9.06 33.50 -21.94
CA SER D 213 -9.89 34.58 -21.44
C SER D 213 -9.06 35.85 -21.51
N ASN D 214 -9.70 37.00 -21.30
CA ASN D 214 -8.96 38.25 -21.32
C ASN D 214 -9.71 39.31 -20.53
N ASP D 215 -8.99 40.38 -20.22
CA ASP D 215 -9.59 41.60 -19.69
C ASP D 215 -9.20 42.76 -20.59
N THR D 216 -10.04 43.79 -20.62
CA THR D 216 -9.88 44.85 -21.60
C THR D 216 -10.15 46.21 -20.96
N VAL D 217 -9.38 47.21 -21.37
CA VAL D 217 -9.55 48.60 -20.93
C VAL D 217 -9.46 49.52 -22.14
N GLN D 218 -10.12 50.67 -22.04
CA GLN D 218 -10.09 51.69 -23.09
C GLN D 218 -9.30 52.88 -22.53
N LEU D 219 -7.99 52.88 -22.81
CA LEU D 219 -7.04 53.80 -22.17
C LEU D 219 -7.51 55.25 -22.16
N ASN D 220 -7.34 55.89 -21.00
CA ASN D 220 -7.60 57.31 -20.80
C ASN D 220 -6.28 58.01 -20.53
N VAL D 221 -5.71 58.65 -21.55
CA VAL D 221 -4.39 59.27 -21.46
C VAL D 221 -4.56 60.78 -21.59
N LYS D 222 -4.36 61.50 -20.48
CA LYS D 222 -4.40 62.95 -20.49
C LYS D 222 -3.21 63.54 -21.25
N HIS D 223 -3.43 64.69 -21.87
CA HIS D 223 -2.36 65.36 -22.59
C HIS D 223 -2.74 66.83 -22.80
N THR D 224 -1.72 67.69 -22.81
CA THR D 224 -1.93 69.06 -23.24
C THR D 224 -2.44 69.05 -24.67
N PRO D 225 -3.14 70.10 -25.10
CA PRO D 225 -3.72 70.09 -26.45
C PRO D 225 -2.66 69.97 -27.52
N LYS D 226 -2.91 69.08 -28.48
CA LYS D 226 -2.07 68.91 -29.65
C LYS D 226 -2.73 69.61 -30.83
N LEU D 227 -1.94 70.38 -31.57
CA LEU D 227 -2.48 71.35 -32.50
C LEU D 227 -1.87 71.17 -33.89
N GLU D 228 -2.68 71.39 -34.90
CA GLU D 228 -2.26 71.48 -36.28
C GLU D 228 -2.60 72.88 -36.77
N ILE D 229 -1.59 73.61 -37.20
CA ILE D 229 -1.77 74.97 -37.71
C ILE D 229 -1.72 74.95 -39.23
N LYS D 230 -2.65 75.66 -39.85
CA LYS D 230 -2.69 75.82 -41.29
C LYS D 230 -2.56 77.29 -41.62
N VAL D 231 -2.03 77.59 -42.80
CA VAL D 231 -1.86 78.96 -43.25
C VAL D 231 -2.22 79.00 -44.73
N THR D 232 -2.85 80.10 -45.15
CA THR D 232 -3.19 80.35 -46.53
C THR D 232 -3.00 81.83 -46.79
N PRO D 233 -2.20 82.24 -47.79
CA PRO D 233 -1.54 81.48 -48.86
C PRO D 233 -0.31 80.66 -48.51
N SER D 234 -0.56 79.40 -48.17
CA SER D 234 0.51 78.42 -47.96
C SER D 234 1.31 78.22 -49.23
N ASP D 235 0.66 78.37 -50.37
CA ASP D 235 1.24 78.06 -51.67
C ASP D 235 2.34 79.04 -52.09
N ALA D 236 2.06 80.35 -51.99
CA ALA D 236 2.88 81.33 -52.69
C ALA D 236 3.20 82.60 -51.89
N ILE D 237 3.47 83.67 -52.62
CA ILE D 237 4.02 84.92 -52.10
C ILE D 237 2.97 85.71 -51.37
N VAL D 238 3.42 86.45 -50.36
CA VAL D 238 2.64 87.45 -49.67
C VAL D 238 3.41 88.75 -49.82
N ARG D 239 2.92 89.63 -50.68
CA ARG D 239 3.52 90.96 -50.82
C ARG D 239 2.88 91.89 -49.81
N GLU D 240 3.32 93.16 -49.83
CA GLU D 240 2.79 94.14 -48.89
C GLU D 240 1.34 94.44 -49.28
N GLY D 241 0.47 94.61 -48.28
CA GLY D 241 -0.92 94.88 -48.56
C GLY D 241 -1.79 93.65 -48.60
N ASP D 242 -1.20 92.45 -48.73
CA ASP D 242 -1.96 91.27 -49.04
C ASP D 242 -2.72 90.78 -47.81
N SER D 243 -3.58 89.80 -48.03
CA SER D 243 -4.25 89.11 -46.93
C SER D 243 -3.60 87.76 -46.66
N VAL D 244 -3.67 87.35 -45.39
CA VAL D 244 -3.10 86.12 -44.87
C VAL D 244 -4.10 85.58 -43.85
N THR D 245 -4.41 84.29 -43.95
CA THR D 245 -5.31 83.63 -43.03
C THR D 245 -4.58 82.46 -42.39
N MET D 246 -4.60 82.40 -41.06
CA MET D 246 -4.08 81.25 -40.33
C MET D 246 -5.21 80.64 -39.51
N THR D 247 -5.26 79.31 -39.51
CA THR D 247 -6.21 78.58 -38.70
C THR D 247 -5.49 77.66 -37.74
N CYS D 248 -6.12 77.43 -36.59
CA CYS D 248 -5.59 76.62 -35.50
C CYS D 248 -6.60 75.53 -35.23
N GLU D 249 -6.21 74.27 -35.49
CA GLU D 249 -7.09 73.12 -35.30
C GLU D 249 -6.54 72.25 -34.19
N VAL D 250 -7.42 71.68 -33.39
CA VAL D 250 -7.02 70.76 -32.33
C VAL D 250 -7.23 69.33 -32.82
N SER D 251 -6.27 68.45 -32.52
CA SER D 251 -6.41 67.05 -32.86
C SER D 251 -7.16 66.29 -31.76
N SER D 252 -6.76 66.51 -30.52
CA SER D 252 -7.47 65.97 -29.37
C SER D 252 -6.97 66.70 -28.13
N SER D 253 -7.75 66.61 -27.07
CA SER D 253 -7.37 67.22 -25.80
C SER D 253 -8.16 66.53 -24.70
N ASN D 254 -7.47 66.15 -23.63
CA ASN D 254 -8.09 65.46 -22.51
C ASN D 254 -7.63 66.12 -21.21
N PRO D 255 -8.48 66.94 -20.57
CA PRO D 255 -9.86 67.25 -20.97
C PRO D 255 -9.95 68.22 -22.16
N GLU D 256 -11.14 68.71 -22.45
CA GLU D 256 -11.33 69.67 -23.54
C GLU D 256 -10.81 71.05 -23.17
N TYR D 257 -10.58 71.87 -24.20
CA TYR D 257 -9.95 73.17 -24.05
C TYR D 257 -10.94 74.26 -23.63
N THR D 258 -10.39 75.33 -23.05
CA THR D 258 -11.14 76.48 -22.53
C THR D 258 -11.01 77.72 -23.42
N THR D 259 -9.78 78.16 -23.71
CA THR D 259 -9.55 79.35 -24.51
C THR D 259 -8.58 79.04 -25.64
N VAL D 260 -8.44 80.01 -26.55
CA VAL D 260 -7.40 80.00 -27.58
C VAL D 260 -6.75 81.37 -27.64
N SER D 261 -5.45 81.39 -27.92
CA SER D 261 -4.65 82.59 -27.99
C SER D 261 -3.68 82.48 -29.17
N TRP D 262 -3.14 83.62 -29.61
CA TRP D 262 -2.17 83.65 -30.69
C TRP D 262 -0.92 84.38 -30.26
N LEU D 263 0.24 83.88 -30.68
CA LEU D 263 1.53 84.47 -30.35
C LEU D 263 2.32 84.77 -31.63
N LYS D 264 3.11 85.84 -31.59
CA LYS D 264 3.99 86.23 -32.67
C LYS D 264 5.37 86.56 -32.09
N ASP D 265 6.38 85.77 -32.48
CA ASP D 265 7.74 85.92 -31.96
C ASP D 265 7.75 86.04 -30.43
N GLY D 266 6.98 85.17 -29.78
CA GLY D 266 6.99 85.07 -28.34
C GLY D 266 6.03 85.98 -27.60
N THR D 267 5.39 86.93 -28.28
CA THR D 267 4.46 87.84 -27.63
C THR D 267 3.03 87.46 -28.00
N SER D 268 2.14 87.51 -27.02
CA SER D 268 0.75 87.14 -27.24
C SER D 268 0.00 88.31 -27.88
N LEU D 269 -0.82 87.99 -28.87
CA LEU D 269 -1.44 89.01 -29.70
C LEU D 269 -2.66 89.59 -29.02
N LYS D 270 -2.74 90.92 -28.98
CA LYS D 270 -3.90 91.58 -28.37
C LYS D 270 -5.14 91.39 -29.22
N LYS D 271 -6.23 90.96 -28.57
CA LYS D 271 -7.54 90.82 -29.21
C LYS D 271 -7.50 89.79 -30.35
N GLN D 272 -6.82 88.68 -30.10
CA GLN D 272 -6.76 87.56 -31.04
C GLN D 272 -6.96 86.27 -30.24
N ASN D 273 -8.17 86.09 -29.72
CA ASN D 273 -8.49 84.95 -28.86
C ASN D 273 -9.52 84.00 -29.49
N THR D 274 -9.56 83.94 -30.82
CA THR D 274 -10.40 82.98 -31.53
C THR D 274 -9.53 82.07 -32.39
N PHE D 275 -10.16 81.04 -32.96
CA PHE D 275 -9.45 80.03 -33.74
C PHE D 275 -9.12 80.47 -35.16
N THR D 276 -9.35 81.72 -35.50
CA THR D 276 -8.96 82.24 -36.81
C THR D 276 -8.12 83.48 -36.62
N LEU D 277 -6.98 83.54 -37.29
CA LEU D 277 -6.14 84.71 -37.34
C LEU D 277 -6.22 85.27 -38.76
N ASN D 278 -6.74 86.49 -38.88
CA ASN D 278 -6.83 87.14 -40.18
C ASN D 278 -5.95 88.37 -40.15
N LEU D 279 -4.90 88.36 -40.96
CA LEU D 279 -4.06 89.53 -41.20
C LEU D 279 -4.33 89.98 -42.61
N ARG D 280 -5.08 91.07 -42.77
CA ARG D 280 -5.33 91.59 -44.10
C ARG D 280 -4.75 92.98 -44.20
N GLU D 281 -4.13 93.23 -45.36
CA GLU D 281 -3.33 94.43 -45.60
C GLU D 281 -2.12 94.45 -44.66
N VAL D 282 -1.27 93.43 -44.87
CA VAL D 282 -0.13 93.21 -43.98
C VAL D 282 0.89 94.34 -44.13
N THR D 283 1.71 94.49 -43.11
CA THR D 283 2.85 95.39 -43.12
C THR D 283 4.13 94.57 -43.24
N LYS D 284 5.20 95.21 -43.72
CA LYS D 284 6.50 94.53 -43.70
C LYS D 284 6.88 94.18 -42.28
N ASP D 285 6.39 94.97 -41.33
CA ASP D 285 6.56 94.74 -39.90
C ASP D 285 5.80 93.52 -39.42
N GLN D 286 4.80 93.06 -40.18
CA GLN D 286 4.01 91.89 -39.79
C GLN D 286 4.73 90.58 -40.03
N SER D 287 5.90 90.60 -40.65
CA SER D 287 6.67 89.37 -40.81
C SER D 287 7.14 88.85 -39.45
N GLY D 288 7.25 87.55 -39.33
CA GLY D 288 7.75 86.95 -38.11
C GLY D 288 7.19 85.55 -37.92
N LYS D 289 7.30 85.06 -36.70
CA LYS D 289 6.94 83.68 -36.37
C LYS D 289 5.64 83.68 -35.60
N TYR D 290 4.63 82.99 -36.14
CA TYR D 290 3.29 82.98 -35.56
C TYR D 290 2.96 81.56 -35.12
N CYS D 291 2.31 81.45 -33.97
CA CYS D 291 1.77 80.17 -33.53
C CYS D 291 0.50 80.43 -32.75
N CYS D 292 -0.25 79.36 -32.50
CA CYS D 292 -1.41 79.44 -31.63
C CYS D 292 -1.18 78.62 -30.37
N GLN D 293 -1.95 78.96 -29.34
CA GLN D 293 -1.87 78.31 -28.03
C GLN D 293 -3.28 78.02 -27.55
N VAL D 294 -3.58 76.76 -27.32
CA VAL D 294 -4.89 76.36 -26.81
C VAL D 294 -4.67 75.67 -25.47
N SER D 295 -5.48 76.04 -24.48
CA SER D 295 -5.23 75.68 -23.09
C SER D 295 -6.20 74.62 -22.59
N ASN D 296 -5.66 73.70 -21.81
CA ASN D 296 -6.40 72.65 -21.13
C ASN D 296 -6.50 72.92 -19.63
N ASP D 297 -7.31 72.09 -18.96
CA ASP D 297 -7.19 71.95 -17.52
C ASP D 297 -5.87 71.29 -17.13
N VAL D 298 -5.24 70.57 -18.06
CA VAL D 298 -3.88 70.09 -17.84
C VAL D 298 -2.90 71.25 -17.99
N GLY D 299 -3.09 72.08 -19.00
CA GLY D 299 -2.21 73.18 -19.29
C GLY D 299 -2.31 73.56 -20.76
N PRO D 300 -1.55 74.56 -21.17
CA PRO D 300 -1.62 74.99 -22.57
C PRO D 300 -0.68 74.18 -23.46
N GLY D 301 -1.13 73.97 -24.69
CA GLY D 301 -0.27 73.47 -25.73
C GLY D 301 -0.19 74.48 -26.84
N ARG D 302 0.87 74.46 -27.63
CA ARG D 302 1.03 75.39 -28.72
C ARG D 302 1.39 74.63 -30.00
N SER D 303 0.94 75.17 -31.12
CA SER D 303 1.26 74.56 -32.40
C SER D 303 2.68 74.95 -32.82
N GLU D 304 3.09 74.46 -33.97
CA GLU D 304 4.35 74.88 -34.55
C GLU D 304 4.29 76.36 -34.97
N GLU D 305 5.47 76.93 -35.15
CA GLU D 305 5.55 78.29 -35.67
C GLU D 305 5.52 78.24 -37.19
N VAL D 306 4.81 79.19 -37.78
CA VAL D 306 4.91 79.45 -39.21
C VAL D 306 5.56 80.81 -39.36
N PHE D 307 6.64 80.87 -40.13
CA PHE D 307 7.37 82.11 -40.30
C PHE D 307 6.85 82.77 -41.57
N LEU D 308 6.38 84.00 -41.43
CA LEU D 308 5.66 84.67 -42.51
C LEU D 308 6.53 85.15 -43.65
N GLN D 309 7.24 86.27 -43.44
CA GLN D 309 7.93 87.01 -44.48
C GLN D 309 6.96 87.61 -45.49
N VAL D 310 7.27 88.83 -45.91
CA VAL D 310 6.43 89.60 -46.81
C VAL D 310 7.25 89.94 -48.05
N GLN D 311 6.55 90.09 -49.17
CA GLN D 311 7.16 90.49 -50.44
C GLN D 311 8.33 89.60 -50.84
N GLN E 4 5.98 -31.36 51.77
CA GLN E 4 6.22 -29.96 51.40
C GLN E 4 5.91 -29.03 52.57
N VAL E 5 4.87 -29.38 53.34
CA VAL E 5 4.50 -28.64 54.54
C VAL E 5 5.48 -29.06 55.64
N GLN E 6 6.45 -28.20 55.95
CA GLN E 6 7.50 -28.60 56.88
C GLN E 6 7.97 -27.41 57.73
N LEU E 7 8.35 -27.71 58.97
CA LEU E 7 8.95 -26.73 59.87
C LEU E 7 10.45 -26.98 59.98
N VAL E 8 11.25 -25.95 59.71
CA VAL E 8 12.71 -26.05 59.74
C VAL E 8 13.24 -25.16 60.88
N GLN E 9 13.91 -25.79 61.84
CA GLN E 9 14.44 -25.10 63.01
C GLN E 9 15.92 -24.80 62.84
N SER E 10 16.41 -23.86 63.64
CA SER E 10 17.80 -23.44 63.56
C SER E 10 18.73 -24.54 64.09
N GLY E 11 20.03 -24.28 64.04
CA GLY E 11 21.02 -25.28 64.35
C GLY E 11 21.28 -25.39 65.84
N ALA E 12 22.19 -26.30 66.19
CA ALA E 12 22.52 -26.53 67.58
C ALA E 12 23.11 -25.27 68.20
N GLU E 13 22.86 -25.10 69.49
CA GLU E 13 23.29 -23.91 70.21
C GLU E 13 23.99 -24.32 71.50
N VAL E 14 25.13 -23.71 71.75
CA VAL E 14 25.88 -23.90 72.99
C VAL E 14 26.07 -22.53 73.63
N LYS E 15 25.45 -22.35 74.80
CA LYS E 15 25.43 -21.06 75.46
C LYS E 15 25.96 -21.21 76.88
N LYS E 16 26.59 -20.15 77.36
CA LYS E 16 27.10 -20.10 78.71
C LYS E 16 25.98 -19.79 79.71
N PRO E 17 26.12 -20.19 80.97
CA PRO E 17 25.09 -19.90 81.97
C PRO E 17 24.90 -18.41 82.20
N GLY E 18 23.65 -18.02 82.46
CA GLY E 18 23.27 -16.64 82.57
C GLY E 18 22.95 -15.99 81.25
N SER E 19 23.43 -16.55 80.14
CA SER E 19 23.15 -16.05 78.81
C SER E 19 21.71 -16.35 78.42
N SER E 20 21.35 -15.92 77.21
CA SER E 20 20.08 -16.21 76.58
C SER E 20 20.32 -16.87 75.24
N VAL E 21 19.27 -17.50 74.71
CA VAL E 21 19.33 -18.16 73.40
C VAL E 21 17.98 -17.97 72.71
N LYS E 22 18.02 -17.80 71.39
CA LYS E 22 16.83 -17.54 70.58
C LYS E 22 16.81 -18.51 69.41
N VAL E 23 15.87 -19.46 69.43
CA VAL E 23 15.75 -20.50 68.40
C VAL E 23 14.70 -20.06 67.39
N SER E 24 14.99 -20.30 66.11
CA SER E 24 14.08 -19.95 65.03
C SER E 24 13.32 -21.17 64.52
N CYS E 25 12.15 -20.92 63.92
CA CYS E 25 11.31 -21.98 63.37
C CYS E 25 10.68 -21.48 62.08
N LYS E 26 11.18 -21.99 60.95
CA LYS E 26 10.70 -21.55 59.64
C LYS E 26 9.57 -22.43 59.13
N ALA E 27 8.53 -21.78 58.61
CA ALA E 27 7.36 -22.44 58.07
C ALA E 27 7.40 -22.38 56.55
N SER E 28 7.06 -23.50 55.91
CA SER E 28 7.01 -23.60 54.46
C SER E 28 5.77 -24.35 54.02
N GLY E 29 5.24 -23.95 52.86
CA GLY E 29 4.17 -24.68 52.21
C GLY E 29 2.81 -24.52 52.84
N TYR E 30 2.58 -23.45 53.59
CA TYR E 30 1.25 -23.14 54.09
C TYR E 30 1.23 -21.69 54.53
N THR E 31 0.02 -21.20 54.85
CA THR E 31 -0.15 -19.82 55.29
C THR E 31 0.24 -19.71 56.75
N PHE E 32 1.32 -18.98 57.01
CA PHE E 32 1.93 -18.95 58.35
C PHE E 32 0.99 -18.40 59.41
N THR E 33 0.10 -17.49 59.04
CA THR E 33 -0.78 -16.84 60.01
C THR E 33 -2.05 -17.63 60.30
N SER E 34 -2.21 -18.80 59.67
CA SER E 34 -3.46 -19.55 59.78
C SER E 34 -3.52 -20.46 60.99
N TYR E 35 -2.39 -20.85 61.55
CA TYR E 35 -2.37 -21.79 62.65
C TYR E 35 -1.46 -21.31 63.75
N TRP E 36 -1.79 -21.68 64.98
CA TRP E 36 -0.91 -21.40 66.10
C TRP E 36 0.41 -22.13 65.92
N LEU E 37 1.49 -21.53 66.41
CA LEU E 37 2.79 -22.17 66.37
C LEU E 37 3.22 -22.43 67.80
N HIS E 38 3.36 -23.71 68.15
CA HIS E 38 3.67 -24.11 69.51
C HIS E 38 5.16 -24.44 69.64
N TRP E 39 5.63 -24.46 70.87
CA TRP E 39 6.98 -24.90 71.18
C TRP E 39 6.93 -25.97 72.25
N VAL E 40 7.73 -27.01 72.07
CA VAL E 40 7.72 -28.18 72.94
C VAL E 40 9.14 -28.46 73.37
N ARG E 41 9.31 -28.74 74.66
CA ARG E 41 10.61 -29.08 75.22
C ARG E 41 10.69 -30.55 75.58
N GLN E 42 11.89 -31.12 75.45
CA GLN E 42 12.14 -32.50 75.85
C GLN E 42 13.52 -32.52 76.50
N ALA E 43 13.53 -32.50 77.83
CA ALA E 43 14.78 -32.58 78.58
C ALA E 43 15.41 -33.95 78.40
N PRO E 44 16.74 -34.05 78.51
CA PRO E 44 17.41 -35.34 78.29
C PRO E 44 16.93 -36.39 79.28
N GLY E 45 16.45 -37.50 78.74
CA GLY E 45 15.93 -38.59 79.54
C GLY E 45 14.48 -38.43 79.94
N GLN E 46 13.87 -37.29 79.66
CA GLN E 46 12.51 -36.97 80.09
C GLN E 46 11.55 -37.06 78.90
N GLY E 47 10.32 -36.62 79.12
CA GLY E 47 9.30 -36.62 78.10
C GLY E 47 9.10 -35.26 77.47
N LEU E 48 8.00 -35.13 76.74
CA LEU E 48 7.66 -33.91 76.03
C LEU E 48 6.91 -32.97 76.95
N GLU E 49 7.38 -31.73 77.06
CA GLU E 49 6.74 -30.72 77.90
C GLU E 49 6.45 -29.48 77.08
N TRP E 50 5.19 -29.05 77.10
CA TRP E 50 4.75 -27.91 76.31
C TRP E 50 5.26 -26.61 76.90
N ILE E 51 5.82 -25.75 76.05
CA ILE E 51 6.32 -24.45 76.50
C ILE E 51 5.28 -23.36 76.31
N GLY E 52 4.74 -23.23 75.10
CA GLY E 52 3.76 -22.20 74.81
C GLY E 52 3.43 -22.18 73.33
N TYR E 53 2.67 -21.17 72.95
CA TYR E 53 2.33 -20.99 71.54
C TYR E 53 2.20 -19.51 71.24
N ILE E 54 2.31 -19.17 69.95
CA ILE E 54 2.00 -17.83 69.47
C ILE E 54 1.00 -17.96 68.32
N ASN E 55 0.02 -17.06 68.29
CA ASN E 55 -0.84 -16.92 67.13
C ASN E 55 -0.15 -15.95 66.18
N PRO E 56 0.44 -16.42 65.07
CA PRO E 56 1.19 -15.53 64.19
C PRO E 56 0.34 -14.46 63.52
N ARG E 57 -0.98 -14.54 63.63
CA ARG E 57 -1.85 -13.55 63.00
C ARG E 57 -2.02 -12.30 63.86
N ASN E 58 -1.97 -12.44 65.18
CA ASN E 58 -2.10 -11.29 66.06
C ASN E 58 -1.01 -11.27 67.12
N ASP E 59 -0.01 -12.16 67.02
CA ASP E 59 1.13 -12.22 67.93
C ASP E 59 0.71 -12.46 69.37
N TYR E 60 -0.50 -12.94 69.59
CA TYR E 60 -0.93 -13.28 70.94
C TYR E 60 -0.28 -14.59 71.35
N THR E 61 0.22 -14.62 72.59
CA THR E 61 0.99 -15.74 73.10
C THR E 61 0.39 -16.22 74.42
N GLU E 62 0.42 -17.53 74.62
CA GLU E 62 0.12 -18.15 75.90
C GLU E 62 1.26 -19.10 76.23
N TYR E 63 1.47 -19.31 77.53
CA TYR E 63 2.59 -20.11 78.00
C TYR E 63 2.14 -21.09 79.07
N ASN E 64 2.90 -22.17 79.19
CA ASN E 64 2.86 -22.99 80.38
C ASN E 64 3.19 -22.14 81.60
N GLN E 65 2.57 -22.49 82.73
CA GLN E 65 2.82 -21.74 83.97
C GLN E 65 4.29 -21.76 84.35
N ASN E 66 4.97 -22.90 84.13
CA ASN E 66 6.34 -23.07 84.58
C ASN E 66 7.36 -22.36 83.70
N PHE E 67 6.96 -21.79 82.57
CA PHE E 67 7.88 -21.16 81.64
C PHE E 67 7.68 -19.65 81.51
N LYS E 68 6.83 -19.05 82.34
CA LYS E 68 6.57 -17.62 82.21
C LYS E 68 7.81 -16.78 82.48
N ASP E 69 8.69 -17.23 83.38
CA ASP E 69 9.93 -16.53 83.67
C ASP E 69 11.06 -16.89 82.71
N LYS E 70 10.83 -17.79 81.75
CA LYS E 70 11.90 -18.38 80.95
C LYS E 70 11.74 -18.12 79.46
N ALA E 71 10.61 -18.53 78.87
CA ALA E 71 10.49 -18.51 77.42
C ALA E 71 9.66 -17.32 76.96
N THR E 72 10.06 -16.77 75.82
CA THR E 72 9.33 -15.69 75.15
C THR E 72 9.23 -16.04 73.67
N ILE E 73 8.00 -16.23 73.20
CA ILE E 73 7.74 -16.66 71.83
C ILE E 73 7.31 -15.43 71.03
N THR E 74 7.98 -15.22 69.90
CA THR E 74 7.68 -14.11 68.99
C THR E 74 7.55 -14.66 67.58
N ALA E 75 7.11 -13.80 66.65
CA ALA E 75 6.93 -14.22 65.28
C ALA E 75 7.16 -13.05 64.34
N ASP E 76 7.49 -13.39 63.09
CA ASP E 76 7.76 -12.42 62.04
C ASP E 76 7.06 -12.93 60.78
N GLU E 77 5.94 -12.30 60.43
CA GLU E 77 5.21 -12.74 59.25
C GLU E 77 5.95 -12.43 57.97
N SER E 78 6.79 -11.38 57.97
CA SER E 78 7.54 -11.03 56.78
C SER E 78 8.55 -12.10 56.40
N THR E 79 9.00 -12.89 57.37
CA THR E 79 9.96 -13.97 57.12
C THR E 79 9.35 -15.35 57.35
N ASN E 80 8.05 -15.42 57.63
CA ASN E 80 7.37 -16.66 58.03
C ASN E 80 8.22 -17.48 58.99
N THR E 81 8.67 -16.83 60.06
CA THR E 81 9.53 -17.45 61.04
C THR E 81 9.06 -17.10 62.44
N ALA E 82 8.93 -18.11 63.29
CA ALA E 82 8.64 -17.93 64.70
C ALA E 82 9.90 -18.18 65.52
N TYR E 83 9.96 -17.56 66.70
CA TYR E 83 11.13 -17.64 67.56
C TYR E 83 10.72 -18.00 68.98
N MET E 84 11.67 -18.56 69.72
CA MET E 84 11.49 -18.90 71.13
C MET E 84 12.79 -18.57 71.84
N GLU E 85 12.75 -17.62 72.78
CA GLU E 85 13.94 -17.16 73.47
C GLU E 85 13.92 -17.65 74.91
N LEU E 86 15.03 -18.20 75.39
CA LEU E 86 15.13 -18.65 76.77
C LEU E 86 16.03 -17.70 77.56
N SER E 87 15.55 -17.26 78.72
CA SER E 87 16.30 -16.28 79.50
C SER E 87 17.08 -17.01 80.59
N SER E 88 18.08 -16.32 81.13
CA SER E 88 18.96 -16.88 82.17
C SER E 88 19.12 -18.40 82.08
N LEU E 89 20.01 -18.87 81.21
CA LEU E 89 20.09 -20.30 80.97
C LEU E 89 20.68 -20.98 82.19
N ARG E 90 20.12 -22.13 82.55
CA ARG E 90 20.66 -22.96 83.62
C ARG E 90 20.80 -24.38 83.11
N SER E 91 21.33 -25.26 83.96
CA SER E 91 21.66 -26.61 83.52
C SER E 91 20.43 -27.35 83.01
N GLU E 92 19.26 -27.10 83.61
CA GLU E 92 18.05 -27.80 83.20
C GLU E 92 17.49 -27.29 81.88
N ASP E 93 18.10 -26.28 81.28
CA ASP E 93 17.71 -25.81 79.96
C ASP E 93 18.34 -26.60 78.83
N THR E 94 19.35 -27.41 79.12
CA THR E 94 19.93 -28.30 78.12
C THR E 94 18.88 -29.31 77.68
N ALA E 95 18.39 -29.21 76.45
CA ALA E 95 17.30 -30.07 76.00
C ALA E 95 17.12 -29.94 74.50
N PHE E 96 16.30 -30.85 73.95
CA PHE E 96 15.76 -30.68 72.62
C PHE E 96 14.55 -29.75 72.67
N TYR E 97 14.44 -28.88 71.66
CA TYR E 97 13.30 -27.98 71.56
C TYR E 97 12.70 -28.14 70.19
N PHE E 98 11.40 -28.40 70.16
CA PHE E 98 10.66 -28.58 68.92
C PHE E 98 9.66 -27.45 68.78
N CYS E 99 9.44 -27.03 67.54
CA CYS E 99 8.28 -26.23 67.20
C CYS E 99 7.31 -27.13 66.46
N ALA E 100 6.03 -26.96 66.76
CA ALA E 100 5.01 -27.82 66.20
C ALA E 100 3.74 -27.00 66.01
N ARG E 101 2.86 -27.53 65.17
CA ARG E 101 1.59 -26.90 64.90
C ARG E 101 0.60 -28.01 64.56
N ARG E 102 -0.68 -27.72 64.72
CA ARG E 102 -1.69 -28.71 64.38
C ARG E 102 -2.49 -28.23 63.19
N ASP E 103 -2.82 -29.16 62.32
CA ASP E 103 -3.78 -28.95 61.26
C ASP E 103 -5.04 -29.62 61.80
N ILE E 104 -6.08 -29.76 60.99
CA ILE E 104 -7.30 -30.35 61.55
C ILE E 104 -7.15 -31.85 61.76
N THR E 105 -6.53 -32.55 60.83
CA THR E 105 -6.44 -34.00 60.88
C THR E 105 -5.05 -34.52 61.18
N THR E 106 -4.05 -33.64 61.32
CA THR E 106 -2.68 -34.07 61.50
C THR E 106 -1.88 -32.98 62.20
N PHE E 107 -0.70 -33.36 62.66
CA PHE E 107 0.28 -32.49 63.27
C PHE E 107 1.50 -32.34 62.38
N TYR E 108 2.22 -31.24 62.57
CA TYR E 108 3.51 -31.02 61.92
C TYR E 108 4.51 -30.57 62.98
N TRP E 109 5.66 -31.23 63.01
CA TRP E 109 6.70 -30.96 63.98
C TRP E 109 8.01 -30.60 63.28
N GLY E 110 8.74 -29.65 63.85
CA GLY E 110 10.09 -29.37 63.39
C GLY E 110 11.04 -30.49 63.75
N GLN E 111 12.20 -30.49 63.07
CA GLN E 111 13.20 -31.52 63.32
C GLN E 111 13.84 -31.41 64.69
N GLY E 112 13.63 -30.32 65.40
CA GLY E 112 14.22 -30.13 66.73
C GLY E 112 15.55 -29.42 66.69
N THR E 113 15.85 -28.72 67.78
CA THR E 113 17.12 -28.04 68.00
C THR E 113 17.60 -28.31 69.41
N THR E 114 18.90 -28.62 69.53
CA THR E 114 19.55 -28.82 70.83
C THR E 114 20.07 -27.50 71.38
N VAL E 115 19.75 -27.23 72.64
CA VAL E 115 20.34 -26.14 73.41
C VAL E 115 21.22 -26.75 74.49
N THR E 116 22.52 -26.49 74.41
CA THR E 116 23.48 -27.05 75.36
C THR E 116 24.07 -25.93 76.23
N VAL E 117 23.97 -26.07 77.55
CA VAL E 117 24.45 -25.05 78.47
C VAL E 117 25.73 -25.54 79.15
N SER E 118 26.83 -24.82 78.90
CA SER E 118 28.13 -25.10 79.50
C SER E 118 29.04 -23.91 79.21
N SER E 119 29.78 -23.46 80.23
CA SER E 119 30.70 -22.33 80.08
C SER E 119 32.04 -22.83 79.55
N ALA E 120 32.02 -23.33 78.31
CA ALA E 120 33.17 -24.05 77.78
C ALA E 120 33.35 -23.79 76.29
N SER E 121 34.57 -24.11 75.84
CA SER E 121 35.02 -24.00 74.46
C SER E 121 35.61 -25.35 74.03
N THR E 122 35.53 -25.61 72.72
CA THR E 122 36.11 -26.80 72.09
C THR E 122 37.36 -27.33 72.80
N LYS E 123 37.24 -28.51 73.37
CA LYS E 123 38.33 -29.18 74.09
C LYS E 123 38.42 -30.63 73.66
N GLY E 124 39.65 -31.10 73.46
CA GLY E 124 39.91 -32.49 73.16
C GLY E 124 39.93 -33.31 74.43
N PRO E 125 39.65 -34.60 74.33
CA PRO E 125 39.53 -35.42 75.55
C PRO E 125 40.85 -35.99 76.03
N SER E 126 40.87 -36.33 77.32
CA SER E 126 41.90 -37.18 77.89
C SER E 126 41.40 -38.62 77.90
N VAL E 127 42.27 -39.54 77.50
CA VAL E 127 41.92 -40.96 77.41
C VAL E 127 42.68 -41.70 78.49
N PHE E 128 41.94 -42.18 79.50
CA PHE E 128 42.54 -42.88 80.63
C PHE E 128 42.16 -44.35 80.61
N PRO E 129 43.10 -45.24 80.93
CA PRO E 129 42.80 -46.68 80.87
C PRO E 129 41.90 -47.14 82.00
N LEU E 130 41.02 -48.08 81.68
CA LEU E 130 40.23 -48.82 82.66
C LEU E 130 40.89 -50.18 82.82
N ALA E 131 41.83 -50.28 83.75
CA ALA E 131 42.73 -51.43 83.79
C ALA E 131 42.02 -52.66 84.35
N PRO E 132 42.06 -53.80 83.66
CA PRO E 132 41.48 -55.03 84.21
C PRO E 132 42.40 -55.64 85.25
N SER E 133 41.79 -56.26 86.27
CA SER E 133 42.54 -56.90 87.33
C SER E 133 41.83 -58.17 87.78
N SER E 134 42.46 -58.88 88.71
CA SER E 134 41.83 -60.01 89.38
C SER E 134 40.59 -59.59 90.16
N LYS E 135 40.47 -58.30 90.49
CA LYS E 135 39.32 -57.79 91.19
C LYS E 135 38.24 -57.34 90.21
N GLY E 139 34.30 -65.69 86.37
CA GLY E 139 35.63 -66.16 86.68
C GLY E 139 36.47 -66.39 85.44
N GLY E 140 35.82 -66.39 84.28
CA GLY E 140 36.50 -66.59 83.02
C GLY E 140 36.28 -65.40 82.10
N THR E 141 35.64 -64.36 82.65
CA THR E 141 35.35 -63.13 81.94
C THR E 141 35.94 -61.97 82.71
N ALA E 142 36.61 -61.07 82.00
CA ALA E 142 37.13 -59.85 82.60
C ALA E 142 36.66 -58.65 81.79
N ALA E 143 36.70 -57.48 82.43
CA ALA E 143 36.23 -56.24 81.82
C ALA E 143 37.35 -55.22 81.82
N LEU E 144 37.51 -54.55 80.67
CA LEU E 144 38.45 -53.46 80.49
C LEU E 144 37.79 -52.40 79.63
N GLY E 145 38.37 -51.22 79.60
CA GLY E 145 37.81 -50.15 78.79
C GLY E 145 38.68 -48.92 78.78
N CYS E 146 38.11 -47.84 78.25
CA CYS E 146 38.76 -46.54 78.15
C CYS E 146 37.82 -45.46 78.69
N LEU E 147 38.38 -44.54 79.47
CA LEU E 147 37.63 -43.42 80.01
C LEU E 147 37.96 -42.17 79.19
N VAL E 148 36.97 -41.64 78.48
CA VAL E 148 37.16 -40.49 77.60
C VAL E 148 36.60 -39.27 78.33
N LYS E 149 37.49 -38.47 78.93
CA LYS E 149 37.07 -37.45 79.88
C LYS E 149 37.44 -36.04 79.40
N ASP E 150 36.56 -35.09 79.74
CA ASP E 150 36.77 -33.66 79.55
C ASP E 150 37.01 -33.32 78.08
N TYR E 151 35.92 -33.40 77.32
CA TYR E 151 35.92 -32.98 75.93
C TYR E 151 34.64 -32.21 75.68
N PHE E 152 34.66 -31.38 74.63
CA PHE E 152 33.46 -30.64 74.32
C PHE E 152 33.57 -30.12 72.90
N PRO E 153 32.51 -30.18 72.09
CA PRO E 153 31.22 -30.78 72.42
C PRO E 153 31.10 -32.22 71.92
N GLU E 154 29.86 -32.71 71.84
CA GLU E 154 29.62 -34.04 71.31
C GLU E 154 29.84 -34.01 69.81
N PRO E 155 30.14 -35.17 69.20
CA PRO E 155 30.36 -36.49 69.79
C PRO E 155 31.82 -36.96 69.76
N VAL E 156 32.08 -38.08 70.41
CA VAL E 156 33.31 -38.84 70.23
C VAL E 156 32.94 -40.21 69.70
N THR E 157 33.83 -40.81 68.93
CA THR E 157 33.65 -42.16 68.41
C THR E 157 34.76 -43.05 68.95
N VAL E 158 34.38 -44.21 69.48
CA VAL E 158 35.32 -45.16 70.04
C VAL E 158 35.15 -46.49 69.32
N SER E 159 36.26 -47.01 68.79
CA SER E 159 36.34 -48.36 68.26
C SER E 159 37.53 -49.04 68.93
N TRP E 160 37.53 -50.38 68.89
CA TRP E 160 38.54 -51.19 69.54
C TRP E 160 39.28 -52.02 68.51
N ASN E 161 40.61 -52.02 68.59
CA ASN E 161 41.48 -52.75 67.67
C ASN E 161 41.16 -52.42 66.22
N SER E 162 40.93 -51.13 65.95
CA SER E 162 40.63 -50.61 64.61
C SER E 162 39.34 -51.19 64.04
N GLY E 163 38.43 -51.64 64.90
CA GLY E 163 37.19 -52.24 64.46
C GLY E 163 37.21 -53.76 64.37
N ALA E 164 38.38 -54.39 64.49
CA ALA E 164 38.47 -55.83 64.44
C ALA E 164 37.96 -56.50 65.71
N LEU E 165 37.61 -55.73 66.73
CA LEU E 165 37.00 -56.26 67.95
C LEU E 165 35.74 -55.46 68.24
N THR E 166 34.58 -56.11 68.11
CA THR E 166 33.30 -55.49 68.41
C THR E 166 32.47 -56.25 69.43
N SER E 167 32.87 -57.46 69.82
CA SER E 167 32.08 -58.28 70.74
C SER E 167 32.29 -57.81 72.18
N GLY E 168 31.25 -57.96 72.99
CA GLY E 168 31.29 -57.46 74.35
C GLY E 168 31.49 -55.98 74.48
N VAL E 169 31.49 -55.24 73.38
CA VAL E 169 31.76 -53.80 73.41
C VAL E 169 30.47 -53.04 73.71
N HIS E 170 30.57 -52.03 74.55
CA HIS E 170 29.48 -51.08 74.77
C HIS E 170 30.09 -49.72 75.02
N THR E 171 29.83 -48.77 74.13
CA THR E 171 30.17 -47.38 74.38
C THR E 171 28.95 -46.72 74.99
N PHE E 172 29.12 -46.12 76.14
CA PHE E 172 27.98 -45.57 76.84
C PHE E 172 27.66 -44.16 76.36
N PRO E 173 26.41 -43.74 76.51
CA PRO E 173 26.07 -42.33 76.24
C PRO E 173 26.90 -41.41 77.11
N ALA E 174 27.36 -40.31 76.52
CA ALA E 174 28.17 -39.37 77.25
C ALA E 174 27.36 -38.68 78.33
N VAL E 175 28.05 -38.27 79.39
CA VAL E 175 27.45 -37.51 80.48
C VAL E 175 28.04 -36.11 80.47
N LEU E 176 27.23 -35.14 80.89
CA LEU E 176 27.64 -33.75 80.93
C LEU E 176 28.00 -33.42 82.37
N GLN E 177 29.30 -33.28 82.64
CA GLN E 177 29.77 -33.03 83.99
C GLN E 177 29.48 -31.58 84.39
N SER E 178 29.61 -31.32 85.70
CA SER E 178 29.35 -29.98 86.21
C SER E 178 30.32 -28.95 85.65
N SER E 179 31.50 -29.37 85.21
CA SER E 179 32.43 -28.45 84.56
C SER E 179 31.98 -28.05 83.16
N GLY E 180 30.88 -28.63 82.66
CA GLY E 180 30.43 -28.39 81.32
C GLY E 180 31.10 -29.23 80.25
N LEU E 181 32.09 -30.05 80.62
CA LEU E 181 32.76 -30.93 79.69
C LEU E 181 32.14 -32.32 79.72
N TYR E 182 32.12 -32.98 78.57
CA TYR E 182 31.54 -34.30 78.49
C TYR E 182 32.56 -35.37 78.90
N SER E 183 32.04 -36.55 79.25
CA SER E 183 32.86 -37.69 79.61
C SER E 183 32.11 -38.95 79.24
N LEU E 184 32.83 -39.94 78.72
CA LEU E 184 32.25 -41.13 78.15
C LEU E 184 33.15 -42.32 78.45
N SER E 185 32.54 -43.47 78.67
CA SER E 185 33.25 -44.73 78.89
C SER E 185 32.83 -45.75 77.85
N SER E 186 33.82 -46.48 77.34
CA SER E 186 33.64 -47.55 76.37
C SER E 186 34.37 -48.79 76.86
N VAL E 187 33.65 -49.87 77.12
CA VAL E 187 34.21 -51.05 77.76
C VAL E 187 34.00 -52.27 76.86
N VAL E 188 34.83 -53.28 77.10
CA VAL E 188 34.78 -54.55 76.37
C VAL E 188 34.82 -55.68 77.39
N THR E 189 33.97 -56.69 77.19
CA THR E 189 34.01 -57.91 77.99
C THR E 189 34.78 -58.98 77.22
N VAL E 190 35.85 -59.50 77.82
CA VAL E 190 36.74 -60.43 77.13
C VAL E 190 36.93 -61.67 77.98
N PRO E 191 37.36 -62.77 77.38
CA PRO E 191 37.75 -63.95 78.18
C PRO E 191 38.95 -63.63 79.05
N SER E 192 38.87 -64.03 80.32
CA SER E 192 39.92 -63.69 81.28
C SER E 192 41.26 -64.31 80.94
N SER E 193 41.27 -65.41 80.19
CA SER E 193 42.54 -66.02 79.81
C SER E 193 43.26 -65.22 78.73
N SER E 194 42.53 -64.39 77.99
CA SER E 194 43.15 -63.51 77.02
C SER E 194 43.79 -62.29 77.67
N LEU E 195 43.52 -62.05 78.95
CA LEU E 195 44.13 -60.94 79.66
C LEU E 195 45.64 -61.09 79.73
N GLY E 196 46.35 -60.06 79.26
CA GLY E 196 47.79 -60.13 79.16
C GLY E 196 48.28 -60.38 77.75
N THR E 197 47.54 -61.19 77.01
CA THR E 197 47.86 -61.47 75.61
C THR E 197 46.89 -60.71 74.71
N GLN E 198 47.28 -60.56 73.44
CA GLN E 198 46.58 -59.78 72.43
C GLN E 198 46.04 -58.51 73.08
N THR E 199 46.95 -57.63 73.48
CA THR E 199 46.66 -56.33 74.07
C THR E 199 45.56 -55.59 73.31
N TYR E 200 44.75 -54.88 74.07
CA TYR E 200 43.54 -54.19 73.59
C TYR E 200 43.82 -52.69 73.47
N ILE E 201 43.43 -52.12 72.33
CA ILE E 201 43.68 -50.72 72.01
C ILE E 201 42.36 -50.08 71.60
N CYS E 202 41.98 -48.99 72.28
CA CYS E 202 40.80 -48.21 71.93
C CYS E 202 41.18 -47.03 71.04
N ASN E 203 40.37 -46.78 70.02
CA ASN E 203 40.64 -45.71 69.06
C ASN E 203 39.57 -44.63 69.25
N VAL E 204 39.97 -43.45 69.71
CA VAL E 204 39.04 -42.39 70.04
C VAL E 204 39.20 -41.25 69.03
N ASN E 205 38.09 -40.81 68.44
CA ASN E 205 38.10 -39.72 67.47
C ASN E 205 37.14 -38.63 67.93
N HIS E 206 37.64 -37.40 68.02
CA HIS E 206 36.83 -36.21 68.31
C HIS E 206 37.11 -35.18 67.22
N LYS E 207 36.23 -35.11 66.23
CA LYS E 207 36.46 -34.22 65.10
C LYS E 207 36.48 -32.73 65.45
N PRO E 208 35.64 -32.20 66.35
CA PRO E 208 35.70 -30.76 66.63
C PRO E 208 37.05 -30.26 67.10
N SER E 209 37.83 -31.09 67.80
CA SER E 209 39.18 -30.73 68.20
C SER E 209 40.24 -31.43 67.37
N ASN E 210 39.84 -32.28 66.42
CA ASN E 210 40.76 -33.04 65.58
C ASN E 210 41.71 -33.89 66.43
N THR E 211 41.16 -34.54 67.45
CA THR E 211 41.91 -35.36 68.39
C THR E 211 41.67 -36.82 68.07
N LYS E 212 42.74 -37.56 67.78
CA LYS E 212 42.71 -39.00 67.64
C LYS E 212 43.74 -39.60 68.59
N VAL E 213 43.28 -40.47 69.49
CA VAL E 213 44.12 -41.05 70.53
C VAL E 213 43.86 -42.55 70.56
N ASP E 214 44.92 -43.33 70.36
CA ASP E 214 44.90 -44.77 70.59
C ASP E 214 45.55 -45.08 71.93
N LYS E 215 44.93 -45.97 72.71
CA LYS E 215 45.40 -46.27 74.06
C LYS E 215 45.36 -47.76 74.31
N ARG E 216 46.52 -48.37 74.56
CA ARG E 216 46.56 -49.76 75.00
C ARG E 216 46.18 -49.86 76.46
N VAL E 217 45.24 -50.75 76.77
CA VAL E 217 44.81 -50.97 78.15
C VAL E 217 45.56 -52.21 78.64
N GLU E 218 46.57 -51.98 79.46
CA GLU E 218 47.37 -53.11 79.94
C GLU E 218 46.90 -53.56 81.32
N PRO E 219 46.87 -54.87 81.55
CA PRO E 219 46.48 -55.38 82.87
C PRO E 219 47.55 -55.12 83.91
N LYS E 220 47.63 -53.87 84.38
CA LYS E 220 48.49 -53.53 85.51
C LYS E 220 48.05 -54.30 86.74
N GLN F 4 -0.37 9.26 -26.14
CA GLN F 4 -1.70 8.75 -26.45
C GLN F 4 -1.73 8.07 -27.82
N VAL F 5 -0.90 8.56 -28.74
CA VAL F 5 -0.81 8.03 -30.09
C VAL F 5 0.42 7.13 -30.11
N GLN F 6 0.21 5.80 -30.10
CA GLN F 6 1.34 4.88 -30.01
C GLN F 6 1.05 3.64 -30.82
N LEU F 7 2.11 3.06 -31.39
CA LEU F 7 2.04 1.76 -32.04
C LEU F 7 2.65 0.75 -31.07
N VAL F 8 1.89 -0.28 -30.72
CA VAL F 8 2.33 -1.26 -29.73
C VAL F 8 2.52 -2.60 -30.42
N GLN F 9 3.75 -3.11 -30.36
CA GLN F 9 4.16 -4.33 -31.04
C GLN F 9 4.17 -5.52 -30.07
N SER F 10 4.14 -6.72 -30.66
CA SER F 10 4.12 -7.95 -29.89
C SER F 10 5.47 -8.19 -29.22
N GLY F 11 5.56 -9.29 -28.47
CA GLY F 11 6.71 -9.56 -27.65
C GLY F 11 7.86 -10.20 -28.40
N ALA F 12 8.93 -10.46 -27.65
CA ALA F 12 10.12 -11.07 -28.23
C ALA F 12 9.83 -12.45 -28.79
N GLU F 13 10.59 -12.81 -29.83
CA GLU F 13 10.39 -14.06 -30.56
C GLU F 13 11.72 -14.79 -30.70
N VAL F 14 11.69 -16.09 -30.41
CA VAL F 14 12.81 -16.99 -30.60
C VAL F 14 12.34 -18.12 -31.51
N LYS F 15 12.91 -18.21 -32.71
CA LYS F 15 12.43 -19.11 -33.74
C LYS F 15 13.57 -20.01 -34.21
N LYS F 16 13.21 -21.20 -34.66
CA LYS F 16 14.18 -22.12 -35.26
C LYS F 16 14.49 -21.69 -36.70
N PRO F 17 15.66 -22.04 -37.21
CA PRO F 17 15.97 -21.72 -38.62
C PRO F 17 15.06 -22.48 -39.56
N GLY F 18 14.70 -21.83 -40.67
CA GLY F 18 13.74 -22.35 -41.60
C GLY F 18 12.30 -22.08 -41.24
N SER F 19 12.03 -21.76 -39.98
CA SER F 19 10.68 -21.43 -39.53
C SER F 19 10.27 -20.05 -40.04
N SER F 20 9.05 -19.66 -39.69
CA SER F 20 8.51 -18.35 -40.00
C SER F 20 8.08 -17.67 -38.69
N VAL F 21 7.93 -16.35 -38.77
CA VAL F 21 7.49 -15.54 -37.64
C VAL F 21 6.63 -14.41 -38.17
N LYS F 22 5.61 -14.04 -37.40
CA LYS F 22 4.66 -13.00 -37.79
C LYS F 22 4.54 -12.03 -36.62
N VAL F 23 5.09 -10.82 -36.79
CA VAL F 23 5.10 -9.80 -35.76
C VAL F 23 3.92 -8.87 -35.96
N SER F 24 3.26 -8.52 -34.86
CA SER F 24 2.08 -7.65 -34.91
C SER F 24 2.44 -6.23 -34.49
N CYS F 25 1.62 -5.29 -34.97
CA CYS F 25 1.79 -3.87 -34.66
C CYS F 25 0.40 -3.28 -34.47
N LYS F 26 0.03 -3.04 -33.22
CA LYS F 26 -1.30 -2.55 -32.86
C LYS F 26 -1.28 -1.02 -32.82
N ALA F 27 -2.28 -0.41 -33.44
CA ALA F 27 -2.41 1.03 -33.54
C ALA F 27 -3.49 1.56 -32.61
N SER F 28 -3.19 2.68 -31.94
CA SER F 28 -4.11 3.33 -31.02
C SER F 28 -4.11 4.84 -31.24
N GLY F 29 -5.29 5.44 -31.05
CA GLY F 29 -5.43 6.88 -31.03
C GLY F 29 -5.36 7.58 -32.37
N TYR F 30 -5.62 6.88 -33.47
CA TYR F 30 -5.70 7.53 -34.77
C TYR F 30 -6.43 6.62 -35.74
N THR F 31 -6.71 7.14 -36.93
CA THR F 31 -7.42 6.39 -37.95
C THR F 31 -6.43 5.45 -38.64
N PHE F 32 -6.62 4.14 -38.44
CA PHE F 32 -5.64 3.15 -38.88
C PHE F 32 -5.47 3.16 -40.39
N THR F 33 -6.53 3.47 -41.14
CA THR F 33 -6.49 3.42 -42.60
C THR F 33 -6.01 4.71 -43.25
N SER F 34 -5.69 5.73 -42.46
CA SER F 34 -5.34 7.04 -43.01
C SER F 34 -3.87 7.18 -43.36
N TYR F 35 -3.00 6.37 -42.78
CA TYR F 35 -1.57 6.51 -42.98
C TYR F 35 -0.94 5.16 -43.25
N TRP F 36 0.15 5.19 -44.03
CA TRP F 36 0.94 4.00 -44.27
C TRP F 36 1.59 3.52 -42.98
N LEU F 37 1.77 2.21 -42.87
CA LEU F 37 2.46 1.59 -41.74
C LEU F 37 3.72 0.91 -42.26
N HIS F 38 4.88 1.37 -41.82
CA HIS F 38 6.16 0.87 -42.28
C HIS F 38 6.76 -0.11 -41.27
N TRP F 39 7.73 -0.89 -41.76
CA TRP F 39 8.52 -1.79 -40.92
C TRP F 39 9.99 -1.54 -41.17
N VAL F 40 10.77 -1.53 -40.10
CA VAL F 40 12.19 -1.20 -40.18
C VAL F 40 12.98 -2.29 -39.45
N ARG F 41 14.07 -2.73 -40.07
CA ARG F 41 14.95 -3.74 -39.50
C ARG F 41 16.25 -3.10 -39.04
N GLN F 42 16.80 -3.63 -37.94
CA GLN F 42 18.07 -3.14 -37.40
C GLN F 42 18.87 -4.33 -36.85
N ALA F 43 19.83 -4.81 -37.62
CA ALA F 43 20.69 -5.87 -37.14
C ALA F 43 21.57 -5.35 -36.00
N PRO F 44 21.98 -6.22 -35.08
CA PRO F 44 22.78 -5.76 -33.93
C PRO F 44 24.08 -5.10 -34.37
N GLY F 45 24.29 -3.87 -33.91
CA GLY F 45 25.46 -3.11 -34.28
C GLY F 45 25.34 -2.33 -35.57
N GLN F 46 24.25 -2.50 -36.32
CA GLN F 46 24.09 -1.89 -37.63
C GLN F 46 23.10 -0.74 -37.54
N GLY F 47 22.71 -0.20 -38.70
CA GLY F 47 21.80 0.92 -38.77
C GLY F 47 20.37 0.52 -39.10
N LEU F 48 19.57 1.53 -39.45
CA LEU F 48 18.17 1.32 -39.78
C LEU F 48 18.04 0.95 -41.24
N GLU F 49 17.34 -0.15 -41.51
CA GLU F 49 17.12 -0.63 -42.86
C GLU F 49 15.62 -0.82 -43.08
N TRP F 50 15.08 -0.17 -44.10
CA TRP F 50 13.65 -0.21 -44.37
C TRP F 50 13.26 -1.55 -44.97
N ILE F 51 12.19 -2.14 -44.45
CA ILE F 51 11.70 -3.40 -44.98
C ILE F 51 10.60 -3.17 -46.01
N GLY F 52 9.56 -2.43 -45.62
CA GLY F 52 8.45 -2.18 -46.52
C GLY F 52 7.35 -1.42 -45.80
N TYR F 53 6.22 -1.28 -46.49
CA TYR F 53 5.04 -0.64 -45.92
C TYR F 53 3.78 -1.27 -46.48
N ILE F 54 2.67 -1.07 -45.76
CA ILE F 54 1.35 -1.40 -46.25
C ILE F 54 0.46 -0.17 -46.11
N ASN F 55 -0.38 0.08 -47.11
CA ASN F 55 -1.44 1.06 -46.98
C ASN F 55 -2.65 0.35 -46.38
N PRO F 56 -2.97 0.58 -45.10
CA PRO F 56 -4.07 -0.19 -44.48
C PRO F 56 -5.44 0.08 -45.05
N ARG F 57 -5.61 1.08 -45.92
CA ARG F 57 -6.93 1.36 -46.47
C ARG F 57 -7.26 0.48 -47.67
N ASN F 58 -6.26 0.06 -48.45
CA ASN F 58 -6.50 -0.79 -49.61
C ASN F 58 -5.56 -1.99 -49.65
N ASP F 59 -4.78 -2.23 -48.59
CA ASP F 59 -3.88 -3.37 -48.46
C ASP F 59 -2.83 -3.41 -49.57
N TYR F 60 -2.57 -2.30 -50.23
CA TYR F 60 -1.48 -2.25 -51.19
C TYR F 60 -0.15 -2.20 -50.46
N THR F 61 0.81 -2.99 -50.93
CA THR F 61 2.08 -3.17 -50.25
C THR F 61 3.24 -2.95 -51.21
N GLU F 62 4.30 -2.32 -50.69
CA GLU F 62 5.59 -2.24 -51.36
C GLU F 62 6.68 -2.68 -50.39
N TYR F 63 7.77 -3.18 -50.94
CA TYR F 63 8.86 -3.73 -50.15
C TYR F 63 10.19 -3.22 -50.67
N ASN F 64 11.19 -3.19 -49.78
CA ASN F 64 12.56 -3.08 -50.21
C ASN F 64 12.91 -4.25 -51.13
N GLN F 65 13.79 -3.98 -52.10
CA GLN F 65 14.18 -5.03 -53.04
C GLN F 65 14.79 -6.23 -52.32
N ASN F 66 15.55 -5.97 -51.26
CA ASN F 66 16.29 -7.02 -50.58
C ASN F 66 15.41 -7.85 -49.64
N PHE F 67 14.15 -7.46 -49.43
CA PHE F 67 13.27 -8.18 -48.51
C PHE F 67 12.06 -8.81 -49.18
N LYS F 68 12.00 -8.80 -50.51
CA LYS F 68 10.82 -9.35 -51.19
C LYS F 68 10.68 -10.86 -50.97
N ASP F 69 11.81 -11.56 -50.86
CA ASP F 69 11.81 -12.99 -50.58
C ASP F 69 11.66 -13.30 -49.09
N LYS F 70 11.52 -12.28 -48.25
CA LYS F 70 11.66 -12.43 -46.81
C LYS F 70 10.39 -11.99 -46.08
N ALA F 71 9.98 -10.75 -46.26
CA ALA F 71 8.91 -10.15 -45.46
C ALA F 71 7.61 -10.04 -46.24
N THR F 72 6.49 -10.22 -45.53
CA THR F 72 5.15 -10.04 -46.07
C THR F 72 4.36 -9.22 -45.07
N ILE F 73 3.95 -8.02 -45.47
CA ILE F 73 3.24 -7.10 -44.58
C ILE F 73 1.75 -7.16 -44.89
N THR F 74 0.94 -7.38 -43.86
CA THR F 74 -0.51 -7.42 -43.96
C THR F 74 -1.10 -6.55 -42.85
N ALA F 75 -2.41 -6.35 -42.91
CA ALA F 75 -3.10 -5.53 -41.93
C ALA F 75 -4.53 -6.01 -41.76
N ASP F 76 -5.09 -5.71 -40.58
CA ASP F 76 -6.45 -6.10 -40.22
C ASP F 76 -7.12 -4.90 -39.56
N GLU F 77 -8.05 -4.26 -40.26
CA GLU F 77 -8.72 -3.09 -39.69
C GLU F 77 -9.65 -3.46 -38.54
N SER F 78 -10.21 -4.67 -38.55
CA SER F 78 -11.12 -5.07 -37.48
C SER F 78 -10.42 -5.14 -36.14
N THR F 79 -9.10 -5.36 -36.14
CA THR F 79 -8.31 -5.42 -34.93
C THR F 79 -7.30 -4.27 -34.85
N ASN F 80 -7.34 -3.33 -35.79
CA ASN F 80 -6.34 -2.28 -35.93
C ASN F 80 -4.93 -2.79 -35.66
N THR F 81 -4.57 -3.85 -36.37
CA THR F 81 -3.26 -4.47 -36.21
C THR F 81 -2.66 -4.73 -37.57
N ALA F 82 -1.41 -4.32 -37.74
CA ALA F 82 -0.64 -4.63 -38.94
C ALA F 82 0.35 -5.72 -38.60
N TYR F 83 0.74 -6.48 -39.61
CA TYR F 83 1.61 -7.62 -39.38
C TYR F 83 2.77 -7.57 -40.35
N MET F 84 3.85 -8.25 -39.95
CA MET F 84 5.04 -8.41 -40.78
C MET F 84 5.50 -9.84 -40.58
N GLU F 85 5.46 -10.63 -41.65
CA GLU F 85 5.79 -12.05 -41.60
C GLU F 85 7.11 -12.28 -42.31
N LEU F 86 8.00 -12.99 -41.63
CA LEU F 86 9.28 -13.41 -42.20
C LEU F 86 9.19 -14.89 -42.52
N SER F 87 9.69 -15.29 -43.67
CA SER F 87 9.39 -16.62 -44.22
C SER F 87 10.33 -17.73 -43.76
N SER F 88 11.59 -17.63 -44.14
CA SER F 88 12.57 -18.67 -43.83
C SER F 88 13.72 -17.98 -43.08
N LEU F 89 13.66 -18.09 -41.76
CA LEU F 89 14.57 -17.31 -40.93
C LEU F 89 15.93 -17.94 -40.95
N ARG F 90 16.95 -17.11 -41.04
CA ARG F 90 18.35 -17.52 -40.93
C ARG F 90 19.04 -16.59 -39.96
N SER F 91 20.32 -16.87 -39.70
CA SER F 91 21.06 -16.17 -38.66
C SER F 91 21.09 -14.66 -38.88
N GLU F 92 21.17 -14.22 -40.13
CA GLU F 92 21.24 -12.78 -40.40
C GLU F 92 19.92 -12.07 -40.17
N ASP F 93 18.87 -12.79 -39.81
CA ASP F 93 17.57 -12.22 -39.48
C ASP F 93 17.44 -11.78 -38.03
N THR F 94 18.39 -12.16 -37.16
CA THR F 94 18.41 -11.71 -35.77
C THR F 94 18.56 -10.20 -35.72
N ALA F 95 17.51 -9.49 -35.29
CA ALA F 95 17.53 -8.03 -35.33
C ALA F 95 16.38 -7.46 -34.53
N PHE F 96 16.45 -6.15 -34.31
CA PHE F 96 15.31 -5.37 -33.83
C PHE F 96 14.39 -5.03 -35.00
N TYR F 97 13.08 -5.08 -34.76
CA TYR F 97 12.10 -4.75 -35.77
C TYR F 97 11.14 -3.70 -35.25
N PHE F 98 11.01 -2.61 -35.99
CA PHE F 98 10.14 -1.50 -35.62
C PHE F 98 9.03 -1.34 -36.66
N CYS F 99 7.85 -0.97 -36.19
CA CYS F 99 6.82 -0.41 -37.05
C CYS F 99 6.74 1.08 -36.77
N ALA F 100 6.57 1.86 -37.82
CA ALA F 100 6.61 3.31 -37.66
C ALA F 100 5.65 3.93 -38.67
N ARG F 101 5.29 5.18 -38.38
CA ARG F 101 4.40 5.90 -39.26
C ARG F 101 4.75 7.39 -39.17
N ARG F 102 4.44 8.11 -40.24
CA ARG F 102 4.65 9.53 -40.33
C ARG F 102 3.32 10.26 -40.47
N ASP F 103 3.24 11.42 -39.84
CA ASP F 103 2.15 12.36 -39.97
C ASP F 103 2.67 13.43 -40.93
N ILE F 104 1.95 14.54 -41.06
CA ILE F 104 2.49 15.57 -41.93
C ILE F 104 3.72 16.20 -41.27
N THR F 105 3.71 16.29 -39.94
CA THR F 105 4.77 16.98 -39.20
C THR F 105 5.71 16.08 -38.40
N THR F 106 5.38 14.81 -38.18
CA THR F 106 6.22 14.05 -37.24
C THR F 106 6.08 12.55 -37.49
N PHE F 107 6.95 11.80 -36.80
CA PHE F 107 6.93 10.34 -36.82
C PHE F 107 6.47 9.77 -35.49
N TYR F 108 5.95 8.55 -35.56
CA TYR F 108 5.59 7.76 -34.39
C TYR F 108 6.14 6.36 -34.61
N TRP F 109 6.87 5.83 -33.63
CA TRP F 109 7.53 4.54 -33.76
C TRP F 109 7.06 3.57 -32.68
N GLY F 110 6.95 2.30 -33.06
CA GLY F 110 6.69 1.26 -32.09
C GLY F 110 7.87 1.01 -31.18
N GLN F 111 7.60 0.32 -30.06
CA GLN F 111 8.64 0.04 -29.09
C GLN F 111 9.68 -0.95 -29.60
N GLY F 112 9.42 -1.63 -30.71
CA GLY F 112 10.39 -2.58 -31.23
C GLY F 112 10.17 -3.99 -30.69
N THR F 113 10.55 -4.96 -31.51
CA THR F 113 10.53 -6.37 -31.13
C THR F 113 11.84 -7.01 -31.57
N THR F 114 12.46 -7.78 -30.67
CA THR F 114 13.65 -8.54 -31.00
C THR F 114 13.23 -9.88 -31.58
N VAL F 115 13.78 -10.23 -32.73
CA VAL F 115 13.62 -11.56 -33.30
C VAL F 115 14.98 -12.23 -33.22
N THR F 116 15.06 -13.28 -32.42
CA THR F 116 16.30 -14.03 -32.25
C THR F 116 16.08 -15.42 -32.84
N VAL F 117 16.92 -15.79 -33.81
CA VAL F 117 16.83 -17.08 -34.46
C VAL F 117 17.97 -17.93 -33.92
N SER F 118 17.63 -19.11 -33.38
CA SER F 118 18.64 -19.92 -32.72
C SER F 118 18.18 -21.37 -32.67
N SER F 119 19.17 -22.26 -32.72
CA SER F 119 18.96 -23.70 -32.69
C SER F 119 19.20 -24.26 -31.30
N ALA F 120 18.67 -23.59 -30.27
CA ALA F 120 18.85 -23.99 -28.89
C ALA F 120 17.50 -24.05 -28.20
N SER F 121 17.46 -24.79 -27.09
CA SER F 121 16.24 -24.95 -26.29
C SER F 121 16.52 -24.64 -24.81
N THR F 122 16.70 -23.36 -24.51
CA THR F 122 16.91 -22.88 -23.14
C THR F 122 17.91 -23.74 -22.37
N LYS F 123 19.18 -23.37 -22.39
CA LYS F 123 20.24 -24.17 -21.80
C LYS F 123 21.08 -23.31 -20.86
N GLY F 124 21.47 -23.89 -19.74
CA GLY F 124 22.31 -23.23 -18.78
C GLY F 124 23.76 -23.23 -19.21
N PRO F 125 24.53 -22.26 -18.71
CA PRO F 125 25.92 -22.09 -19.15
C PRO F 125 26.94 -22.95 -18.41
N SER F 126 28.06 -23.14 -19.09
CA SER F 126 29.29 -23.64 -18.49
C SER F 126 30.20 -22.45 -18.14
N VAL F 127 30.79 -22.50 -16.94
CA VAL F 127 31.65 -21.44 -16.45
C VAL F 127 33.07 -21.98 -16.38
N PHE F 128 33.95 -21.48 -17.26
CA PHE F 128 35.34 -21.90 -17.35
C PHE F 128 36.27 -20.79 -16.89
N PRO F 129 37.32 -21.11 -16.14
CA PRO F 129 38.20 -20.06 -15.61
C PRO F 129 39.07 -19.44 -16.69
N LEU F 130 39.30 -18.13 -16.54
CA LEU F 130 40.31 -17.43 -17.31
C LEU F 130 41.50 -17.23 -16.38
N ALA F 131 42.39 -18.20 -16.36
CA ALA F 131 43.43 -18.28 -15.33
C ALA F 131 44.53 -17.25 -15.60
N PRO F 132 44.90 -16.45 -14.61
CA PRO F 132 46.00 -15.49 -14.82
C PRO F 132 47.36 -16.17 -14.82
N SER F 133 48.27 -15.58 -15.57
CA SER F 133 49.63 -16.12 -15.70
C SER F 133 50.65 -15.21 -15.05
N GLY F 139 53.82 -4.53 -15.56
CA GLY F 139 54.62 -5.36 -14.68
C GLY F 139 54.01 -5.54 -13.31
N GLY F 140 52.98 -4.75 -13.01
CA GLY F 140 52.32 -4.84 -11.72
C GLY F 140 50.82 -5.09 -11.79
N THR F 141 50.31 -5.33 -13.00
CA THR F 141 48.89 -5.57 -13.22
C THR F 141 48.69 -6.91 -13.90
N ALA F 142 47.73 -7.68 -13.41
CA ALA F 142 47.34 -8.95 -14.01
C ALA F 142 45.83 -8.98 -14.25
N ALA F 143 45.43 -9.86 -15.15
CA ALA F 143 44.04 -10.01 -15.57
C ALA F 143 43.58 -11.44 -15.37
N LEU F 144 42.36 -11.57 -14.82
CA LEU F 144 41.70 -12.86 -14.66
C LEU F 144 40.23 -12.67 -14.99
N GLY F 145 39.53 -13.78 -15.20
CA GLY F 145 38.12 -13.68 -15.51
C GLY F 145 37.46 -15.04 -15.57
N CYS F 146 36.23 -15.04 -16.09
CA CYS F 146 35.42 -16.23 -16.28
C CYS F 146 34.86 -16.26 -17.69
N LEU F 147 34.92 -17.42 -18.31
CA LEU F 147 34.36 -17.64 -19.64
C LEU F 147 33.05 -18.39 -19.50
N VAL F 148 31.94 -17.71 -19.83
CA VAL F 148 30.60 -18.26 -19.66
C VAL F 148 30.11 -18.69 -21.03
N LYS F 149 30.17 -19.99 -21.32
CA LYS F 149 30.00 -20.47 -22.70
C LYS F 149 28.78 -21.38 -22.81
N ASP F 150 28.11 -21.30 -23.96
CA ASP F 150 27.04 -22.21 -24.36
C ASP F 150 25.87 -22.17 -23.39
N TYR F 151 25.14 -21.05 -23.45
CA TYR F 151 23.89 -20.89 -22.73
C TYR F 151 22.89 -20.19 -23.64
N PHE F 152 21.61 -20.33 -23.29
CA PHE F 152 20.54 -19.68 -24.04
C PHE F 152 19.30 -19.68 -23.17
N PRO F 153 18.52 -18.59 -23.17
CA PRO F 153 18.79 -17.34 -23.87
C PRO F 153 19.43 -16.28 -23.00
N GLU F 154 19.38 -15.05 -23.47
CA GLU F 154 19.85 -13.92 -22.69
C GLU F 154 18.85 -13.62 -21.58
N PRO F 155 19.28 -13.00 -20.49
CA PRO F 155 20.68 -12.65 -20.21
C PRO F 155 21.28 -13.50 -19.10
N VAL F 156 22.58 -13.35 -18.90
CA VAL F 156 23.23 -13.82 -17.69
C VAL F 156 23.80 -12.60 -16.98
N THR F 157 23.86 -12.69 -15.66
CA THR F 157 24.45 -11.66 -14.82
C THR F 157 25.64 -12.25 -14.11
N VAL F 158 26.76 -11.54 -14.17
CA VAL F 158 28.01 -11.96 -13.55
C VAL F 158 28.44 -10.87 -12.58
N SER F 159 28.68 -11.27 -11.34
CA SER F 159 29.29 -10.41 -10.34
C SER F 159 30.49 -11.14 -9.78
N TRP F 160 31.39 -10.37 -9.16
CA TRP F 160 32.65 -10.89 -8.66
C TRP F 160 32.71 -10.70 -7.15
N ASN F 161 33.11 -11.76 -6.45
CA ASN F 161 33.20 -11.75 -4.99
C ASN F 161 31.89 -11.28 -4.36
N SER F 162 30.78 -11.78 -4.91
CA SER F 162 29.42 -11.48 -4.43
C SER F 162 29.09 -10.00 -4.53
N GLY F 163 29.74 -9.28 -5.44
CA GLY F 163 29.54 -7.85 -5.58
C GLY F 163 30.54 -6.99 -4.82
N ALA F 164 31.45 -7.59 -4.06
CA ALA F 164 32.47 -6.85 -3.34
C ALA F 164 33.65 -6.46 -4.22
N LEU F 165 33.63 -6.82 -5.51
CA LEU F 165 34.70 -6.49 -6.44
C LEU F 165 34.05 -5.91 -7.70
N THR F 166 34.00 -4.58 -7.76
CA THR F 166 33.42 -3.87 -8.90
C THR F 166 34.47 -3.11 -9.71
N SER F 167 35.72 -3.10 -9.28
CA SER F 167 36.77 -2.35 -9.94
C SER F 167 37.53 -3.25 -10.93
N GLY F 168 37.94 -2.64 -12.04
CA GLY F 168 38.69 -3.35 -13.06
C GLY F 168 37.83 -4.37 -13.79
N VAL F 169 36.56 -4.39 -13.45
CA VAL F 169 35.63 -5.40 -13.95
C VAL F 169 35.01 -4.92 -15.25
N HIS F 170 34.91 -5.83 -16.22
CA HIS F 170 34.12 -5.60 -17.43
C HIS F 170 33.51 -6.93 -17.85
N THR F 171 32.18 -6.99 -17.85
CA THR F 171 31.49 -8.11 -18.46
C THR F 171 31.18 -7.73 -19.90
N PHE F 172 31.60 -8.56 -20.82
CA PHE F 172 31.46 -8.19 -22.22
C PHE F 172 30.10 -8.57 -22.76
N PRO F 173 29.64 -7.88 -23.81
CA PRO F 173 28.42 -8.30 -24.49
C PRO F 173 28.53 -9.73 -25.00
N ALA F 174 27.44 -10.47 -24.87
CA ALA F 174 27.42 -11.85 -25.30
C ALA F 174 27.51 -11.94 -26.82
N VAL F 175 28.07 -13.05 -27.30
CA VAL F 175 28.13 -13.34 -28.72
C VAL F 175 27.25 -14.55 -28.98
N LEU F 176 26.65 -14.60 -30.17
CA LEU F 176 25.79 -15.71 -30.56
C LEU F 176 26.62 -16.63 -31.45
N GLN F 177 27.01 -17.78 -30.90
CA GLN F 177 27.84 -18.73 -31.61
C GLN F 177 27.05 -19.45 -32.70
N SER F 178 27.77 -20.18 -33.55
CA SER F 178 27.13 -20.89 -34.65
C SER F 178 26.17 -21.98 -34.16
N SER F 179 26.37 -22.48 -32.94
CA SER F 179 25.44 -23.44 -32.36
C SER F 179 24.13 -22.81 -31.94
N GLY F 180 23.98 -21.49 -32.05
CA GLY F 180 22.82 -20.80 -31.54
C GLY F 180 22.89 -20.48 -30.06
N LEU F 181 23.94 -20.91 -29.38
CA LEU F 181 24.15 -20.64 -27.96
C LEU F 181 25.00 -19.40 -27.77
N TYR F 182 24.73 -18.69 -26.69
CA TYR F 182 25.51 -17.50 -26.38
C TYR F 182 26.79 -17.85 -25.64
N SER F 183 27.71 -16.90 -25.67
CA SER F 183 28.99 -17.01 -24.97
C SER F 183 29.40 -15.61 -24.56
N LEU F 184 29.90 -15.50 -23.33
CA LEU F 184 30.17 -14.21 -22.71
C LEU F 184 31.42 -14.36 -21.84
N SER F 185 32.23 -13.31 -21.81
CA SER F 185 33.41 -13.26 -20.98
C SER F 185 33.32 -12.06 -20.06
N SER F 186 33.70 -12.26 -18.80
CA SER F 186 33.76 -11.21 -17.79
C SER F 186 35.12 -11.28 -17.12
N VAL F 187 35.90 -10.21 -17.25
CA VAL F 187 37.27 -10.18 -16.78
C VAL F 187 37.45 -9.06 -15.77
N VAL F 188 38.47 -9.20 -14.93
CA VAL F 188 38.79 -8.23 -13.90
C VAL F 188 40.28 -7.92 -13.98
N THR F 189 40.62 -6.64 -13.89
CA THR F 189 42.01 -6.21 -13.80
C THR F 189 42.35 -5.99 -12.32
N VAL F 190 43.35 -6.71 -11.83
CA VAL F 190 43.67 -6.68 -10.41
C VAL F 190 45.16 -6.38 -10.25
N PRO F 191 45.56 -5.90 -9.07
CA PRO F 191 47.00 -5.78 -8.79
C PRO F 191 47.65 -7.16 -8.75
N SER F 192 48.80 -7.27 -9.41
CA SER F 192 49.47 -8.56 -9.55
C SER F 192 49.93 -9.13 -8.22
N SER F 193 50.11 -8.28 -7.20
CA SER F 193 50.59 -8.76 -5.90
C SER F 193 49.54 -9.49 -5.09
N SER F 194 48.25 -9.28 -5.37
CA SER F 194 47.23 -10.02 -4.61
C SER F 194 47.09 -11.45 -5.09
N LEU F 195 47.60 -11.79 -6.26
CA LEU F 195 47.55 -13.16 -6.73
C LEU F 195 48.37 -14.08 -5.83
N GLY F 196 47.73 -15.18 -5.41
CA GLY F 196 48.26 -16.06 -4.39
C GLY F 196 47.46 -15.91 -3.12
N THR F 197 47.08 -14.68 -2.80
CA THR F 197 46.15 -14.33 -1.74
C THR F 197 44.85 -13.82 -2.36
N GLN F 198 43.90 -13.40 -1.53
CA GLN F 198 42.61 -12.87 -1.96
C GLN F 198 41.95 -13.66 -3.09
N THR F 199 41.43 -14.84 -2.76
CA THR F 199 40.67 -15.66 -3.70
C THR F 199 39.63 -14.85 -4.47
N TYR F 200 39.55 -15.09 -5.78
CA TYR F 200 38.60 -14.43 -6.65
C TYR F 200 37.59 -15.47 -7.17
N ILE F 201 36.30 -15.16 -7.02
CA ILE F 201 35.23 -16.07 -7.41
C ILE F 201 34.19 -15.28 -8.22
N CYS F 202 33.86 -15.78 -9.41
CA CYS F 202 32.81 -15.19 -10.23
C CYS F 202 31.47 -15.88 -9.98
N ASN F 203 30.41 -15.10 -9.86
CA ASN F 203 29.07 -15.59 -9.59
C ASN F 203 28.22 -15.38 -10.83
N VAL F 204 27.81 -16.47 -11.48
CA VAL F 204 27.09 -16.42 -12.74
C VAL F 204 25.66 -16.88 -12.50
N ASN F 205 24.69 -16.07 -12.93
CA ASN F 205 23.28 -16.39 -12.78
C ASN F 205 22.58 -16.38 -14.13
N HIS F 206 21.88 -17.46 -14.44
CA HIS F 206 21.02 -17.54 -15.62
C HIS F 206 19.64 -17.96 -15.14
N LYS F 207 18.77 -16.98 -14.97
CA LYS F 207 17.44 -17.25 -14.41
C LYS F 207 16.58 -18.17 -15.26
N PRO F 208 16.55 -18.08 -16.59
CA PRO F 208 15.68 -18.98 -17.36
C PRO F 208 15.93 -20.46 -17.12
N SER F 209 17.17 -20.84 -16.80
CA SER F 209 17.51 -22.22 -16.48
C SER F 209 17.74 -22.47 -15.00
N ASN F 210 17.66 -21.45 -14.15
CA ASN F 210 17.96 -21.58 -12.72
C ASN F 210 19.36 -22.10 -12.48
N THR F 211 20.32 -21.52 -13.22
CA THR F 211 21.72 -21.90 -13.10
C THR F 211 22.46 -20.81 -12.33
N LYS F 212 23.03 -21.19 -11.20
CA LYS F 212 23.95 -20.32 -10.45
C LYS F 212 25.24 -21.08 -10.22
N VAL F 213 26.35 -20.50 -10.68
CA VAL F 213 27.65 -21.15 -10.63
C VAL F 213 28.66 -20.15 -10.06
N ASP F 214 29.29 -20.53 -8.96
CA ASP F 214 30.44 -19.80 -8.43
C ASP F 214 31.70 -20.55 -8.86
N LYS F 215 32.69 -19.81 -9.32
CA LYS F 215 33.91 -20.43 -9.87
C LYS F 215 35.12 -19.69 -9.33
N ARG F 216 35.95 -20.39 -8.57
CA ARG F 216 37.21 -19.84 -8.12
C ARG F 216 38.23 -19.86 -9.25
N VAL F 217 38.84 -18.71 -9.52
CA VAL F 217 39.87 -18.59 -10.56
C VAL F 217 41.21 -18.63 -9.85
N GLU F 218 41.87 -19.78 -9.91
CA GLU F 218 43.16 -19.91 -9.25
C GLU F 218 44.31 -19.77 -10.25
N PRO F 219 45.38 -19.08 -9.85
CA PRO F 219 46.56 -18.97 -10.73
C PRO F 219 47.33 -20.29 -10.79
N LYS F 220 47.65 -20.71 -12.00
CA LYS F 220 48.61 -21.79 -12.18
C LYS F 220 50.04 -21.29 -12.07
N VAL G 5 -24.35 40.95 -26.79
CA VAL G 5 -24.02 42.32 -26.43
C VAL G 5 -25.01 43.34 -26.99
N GLN G 6 -25.86 43.88 -26.11
CA GLN G 6 -26.90 44.81 -26.53
C GLN G 6 -27.11 45.86 -25.44
N LEU G 7 -27.37 47.08 -25.87
CA LEU G 7 -27.71 48.18 -24.99
C LEU G 7 -29.20 48.50 -25.11
N VAL G 8 -29.89 48.49 -23.98
CA VAL G 8 -31.33 48.76 -23.90
C VAL G 8 -31.53 50.07 -23.16
N GLN G 9 -32.16 51.02 -23.85
CA GLN G 9 -32.38 52.36 -23.31
C GLN G 9 -33.79 52.46 -22.73
N SER G 10 -33.98 53.47 -21.88
CA SER G 10 -35.26 53.68 -21.24
C SER G 10 -36.29 54.17 -22.26
N GLY G 11 -37.52 54.36 -21.80
CA GLY G 11 -38.61 54.67 -22.69
C GLY G 11 -38.66 56.14 -23.06
N ALA G 12 -39.66 56.46 -23.90
CA ALA G 12 -39.83 57.83 -24.37
C ALA G 12 -40.09 58.78 -23.20
N GLU G 13 -39.69 60.03 -23.39
CA GLU G 13 -39.79 61.04 -22.34
C GLU G 13 -40.49 62.26 -22.92
N VAL G 14 -41.47 62.78 -22.19
CA VAL G 14 -42.18 64.00 -22.55
C VAL G 14 -42.04 64.97 -21.39
N LYS G 15 -41.36 66.09 -21.63
CA LYS G 15 -41.01 67.02 -20.58
C LYS G 15 -41.50 68.42 -20.94
N LYS G 16 -41.78 69.20 -19.91
CA LYS G 16 -42.13 70.60 -20.08
C LYS G 16 -40.86 71.43 -20.30
N PRO G 17 -40.98 72.61 -20.91
CA PRO G 17 -39.82 73.50 -21.02
C PRO G 17 -39.38 73.95 -19.63
N GLY G 18 -38.07 74.11 -19.45
CA GLY G 18 -37.51 74.37 -18.14
C GLY G 18 -37.24 73.13 -17.33
N SER G 19 -37.83 72.00 -17.72
CA SER G 19 -37.69 70.74 -17.03
C SER G 19 -36.29 70.15 -17.19
N SER G 20 -36.10 69.00 -16.55
CA SER G 20 -34.91 68.17 -16.68
C SER G 20 -35.35 66.75 -17.07
N VAL G 21 -34.43 65.97 -17.62
CA VAL G 21 -34.71 64.58 -17.98
C VAL G 21 -33.43 63.76 -17.87
N LYS G 22 -33.54 62.53 -17.36
CA LYS G 22 -32.40 61.64 -17.16
C LYS G 22 -32.71 60.31 -17.83
N VAL G 23 -32.02 60.03 -18.93
CA VAL G 23 -32.23 58.83 -19.73
C VAL G 23 -31.23 57.76 -19.33
N SER G 24 -31.69 56.52 -19.22
CA SER G 24 -30.84 55.40 -18.83
C SER G 24 -30.43 54.57 -20.04
N CYS G 25 -29.30 53.86 -19.89
CA CYS G 25 -28.77 52.99 -20.94
C CYS G 25 -28.19 51.76 -20.23
N LYS G 26 -28.90 50.64 -20.31
CA LYS G 26 -28.48 49.42 -19.64
C LYS G 26 -27.66 48.55 -20.58
N ALA G 27 -26.54 48.03 -20.08
CA ALA G 27 -25.63 47.21 -20.86
C ALA G 27 -25.77 45.75 -20.49
N SER G 28 -25.77 44.87 -21.50
CA SER G 28 -25.90 43.44 -21.27
C SER G 28 -24.90 42.66 -22.13
N GLY G 29 -24.41 41.55 -21.59
CA GLY G 29 -23.58 40.64 -22.34
C GLY G 29 -22.15 41.06 -22.57
N TYR G 30 -21.60 41.96 -21.74
CA TYR G 30 -20.19 42.30 -21.82
C TYR G 30 -19.79 42.96 -20.51
N THR G 31 -18.49 43.21 -20.37
CA THR G 31 -17.95 43.85 -19.18
C THR G 31 -18.20 45.36 -19.26
N PHE G 32 -19.07 45.86 -18.38
CA PHE G 32 -19.54 47.24 -18.48
C PHE G 32 -18.41 48.25 -18.33
N THR G 33 -17.37 47.93 -17.55
CA THR G 33 -16.29 48.86 -17.26
C THR G 33 -15.16 48.82 -18.27
N SER G 34 -15.23 47.96 -19.29
CA SER G 34 -14.11 47.78 -20.20
C SER G 34 -14.09 48.77 -21.35
N TYR G 35 -15.22 49.39 -21.68
CA TYR G 35 -15.32 50.25 -22.84
C TYR G 35 -16.06 51.54 -22.46
N TRP G 36 -15.71 52.63 -23.14
CA TRP G 36 -16.46 53.87 -22.95
C TRP G 36 -17.91 53.69 -23.41
N LEU G 37 -18.81 54.43 -22.76
CA LEU G 37 -20.21 54.49 -23.14
C LEU G 37 -20.51 55.91 -23.60
N HIS G 38 -20.85 56.07 -24.87
CA HIS G 38 -21.05 57.37 -25.49
C HIS G 38 -22.53 57.71 -25.62
N TRP G 39 -22.81 59.00 -25.84
CA TRP G 39 -24.17 59.45 -26.12
C TRP G 39 -24.21 60.29 -27.39
N VAL G 40 -25.22 60.07 -28.22
CA VAL G 40 -25.32 60.71 -29.52
C VAL G 40 -26.71 61.32 -29.68
N ARG G 41 -26.77 62.53 -30.24
CA ARG G 41 -28.03 63.22 -30.47
C ARG G 41 -28.39 63.19 -31.95
N GLN G 42 -29.69 63.16 -32.22
CA GLN G 42 -30.23 63.23 -33.58
C GLN G 42 -31.50 64.09 -33.56
N ALA G 43 -31.37 65.36 -33.92
CA ALA G 43 -32.54 66.21 -34.03
C ALA G 43 -33.40 65.76 -35.20
N PRO G 44 -34.72 65.98 -35.14
CA PRO G 44 -35.60 65.50 -36.22
C PRO G 44 -35.24 66.11 -37.55
N GLY G 45 -34.96 65.24 -38.53
CA GLY G 45 -34.55 65.68 -39.84
C GLY G 45 -33.08 65.96 -39.99
N GLN G 46 -32.31 65.90 -38.91
CA GLN G 46 -30.90 66.25 -38.90
C GLN G 46 -30.03 64.99 -38.84
N GLY G 47 -28.73 65.19 -38.64
CA GLY G 47 -27.78 64.11 -38.58
C GLY G 47 -27.39 63.75 -37.15
N LEU G 48 -26.36 62.93 -37.05
CA LEU G 48 -25.87 62.45 -35.76
C LEU G 48 -24.88 63.44 -35.18
N GLU G 49 -25.11 63.84 -33.92
CA GLU G 49 -24.22 64.76 -33.23
C GLU G 49 -23.81 64.14 -31.90
N TRP G 50 -22.50 64.07 -31.67
CA TRP G 50 -21.96 63.45 -30.48
C TRP G 50 -22.16 64.35 -29.26
N ILE G 51 -22.66 63.78 -28.17
CA ILE G 51 -22.87 64.54 -26.94
C ILE G 51 -21.70 64.41 -25.99
N GLY G 52 -21.33 63.18 -25.66
CA GLY G 52 -20.26 62.92 -24.72
C GLY G 52 -20.15 61.43 -24.45
N TYR G 53 -19.33 61.12 -23.44
CA TYR G 53 -19.11 59.75 -22.99
C TYR G 53 -18.82 59.77 -21.49
N ILE G 54 -18.95 58.59 -20.89
CA ILE G 54 -18.41 58.32 -19.56
C ILE G 54 -17.56 57.06 -19.66
N ASN G 55 -16.39 57.07 -19.02
CA ASN G 55 -15.62 55.86 -18.83
C ASN G 55 -16.15 55.19 -17.57
N PRO G 56 -16.92 54.10 -17.67
CA PRO G 56 -17.54 53.53 -16.46
C PRO G 56 -16.56 52.94 -15.46
N ARG G 57 -15.27 52.81 -15.80
CA ARG G 57 -14.34 52.22 -14.85
C ARG G 57 -13.80 53.24 -13.86
N ASN G 58 -13.68 54.51 -14.27
CA ASN G 58 -13.20 55.56 -13.39
C ASN G 58 -14.11 56.79 -13.40
N ASP G 59 -15.26 56.71 -14.06
CA ASP G 59 -16.25 57.78 -14.11
C ASP G 59 -15.72 59.08 -14.71
N TYR G 60 -14.62 59.02 -15.46
CA TYR G 60 -14.11 60.20 -16.15
C TYR G 60 -14.93 60.50 -17.41
N THR G 61 -15.26 61.78 -17.61
CA THR G 61 -16.15 62.20 -18.69
C THR G 61 -15.56 63.34 -19.52
N GLU G 62 -15.81 63.32 -20.82
CA GLU G 62 -15.57 64.44 -21.73
C GLU G 62 -16.82 64.68 -22.55
N TYR G 63 -17.00 65.91 -23.01
CA TYR G 63 -18.21 66.29 -23.74
C TYR G 63 -17.84 67.09 -24.99
N ASN G 64 -18.74 67.08 -25.97
CA ASN G 64 -18.69 68.06 -27.04
C ASN G 64 -18.78 69.47 -26.46
N GLN G 65 -18.12 70.41 -27.14
CA GLN G 65 -18.09 71.79 -26.67
C GLN G 65 -19.49 72.39 -26.54
N ASN G 66 -20.36 72.11 -27.51
CA ASN G 66 -21.68 72.76 -27.51
C ASN G 66 -22.66 72.13 -26.54
N PHE G 67 -22.31 71.01 -25.89
CA PHE G 67 -23.19 70.34 -24.94
C PHE G 67 -22.66 70.29 -23.51
N LYS G 68 -21.55 70.95 -23.20
CA LYS G 68 -21.04 70.86 -21.83
C LYS G 68 -21.96 71.55 -20.84
N ASP G 69 -22.64 72.61 -21.26
CA ASP G 69 -23.61 73.31 -20.43
C ASP G 69 -24.99 72.66 -20.46
N LYS G 70 -25.13 71.52 -21.15
CA LYS G 70 -26.43 70.93 -21.44
C LYS G 70 -26.58 69.56 -20.81
N ALA G 71 -25.71 68.61 -21.16
CA ALA G 71 -25.84 67.22 -20.79
C ALA G 71 -24.87 66.83 -19.67
N THR G 72 -25.31 65.91 -18.82
CA THR G 72 -24.47 65.37 -17.76
C THR G 72 -24.59 63.86 -17.77
N ILE G 73 -23.47 63.17 -18.03
CA ILE G 73 -23.44 61.72 -18.16
C ILE G 73 -22.86 61.09 -16.90
N THR G 74 -23.57 60.10 -16.36
CA THR G 74 -23.14 59.33 -15.19
C THR G 74 -23.27 57.85 -15.48
N ALA G 75 -22.77 57.02 -14.57
CA ALA G 75 -22.81 55.57 -14.74
C ALA G 75 -22.89 54.88 -13.39
N ASP G 76 -23.43 53.66 -13.42
CA ASP G 76 -23.61 52.84 -12.22
C ASP G 76 -23.21 51.41 -12.59
N GLU G 77 -22.04 50.96 -12.10
CA GLU G 77 -21.60 49.61 -12.42
C GLU G 77 -22.46 48.55 -11.73
N SER G 78 -23.03 48.87 -10.56
CA SER G 78 -23.85 47.90 -9.85
C SER G 78 -25.10 47.52 -10.63
N THR G 79 -25.56 48.41 -11.51
CA THR G 79 -26.73 48.15 -12.35
C THR G 79 -26.36 48.07 -13.82
N ASN G 80 -25.08 48.14 -14.15
CA ASN G 80 -24.60 48.23 -15.53
C ASN G 80 -25.46 49.19 -16.35
N THR G 81 -25.63 50.40 -15.82
CA THR G 81 -26.47 51.40 -16.44
C THR G 81 -25.76 52.75 -16.45
N ALA G 82 -25.73 53.38 -17.62
CA ALA G 82 -25.25 54.73 -17.78
C ALA G 82 -26.43 55.66 -17.97
N TYR G 83 -26.26 56.91 -17.59
CA TYR G 83 -27.35 57.88 -17.66
C TYR G 83 -26.86 59.13 -18.37
N MET G 84 -27.81 59.87 -18.92
CA MET G 84 -27.54 61.14 -19.58
C MET G 84 -28.66 62.08 -19.22
N GLU G 85 -28.35 63.14 -18.46
CA GLU G 85 -29.37 64.09 -18.05
C GLU G 85 -29.17 65.41 -18.77
N LEU G 86 -30.28 65.97 -19.22
CA LEU G 86 -30.29 67.29 -19.85
C LEU G 86 -30.77 68.27 -18.79
N SER G 87 -30.04 69.37 -18.63
CA SER G 87 -30.23 70.19 -17.44
C SER G 87 -31.28 71.26 -17.63
N SER G 88 -31.52 71.66 -18.87
CA SER G 88 -32.47 72.69 -19.22
C SER G 88 -32.99 72.36 -20.60
N LEU G 89 -34.24 72.70 -20.86
CA LEU G 89 -34.84 72.34 -22.13
C LEU G 89 -35.45 73.54 -22.82
N ARG G 90 -35.24 73.57 -24.13
CA ARG G 90 -35.83 74.52 -25.05
C ARG G 90 -36.41 73.66 -26.16
N SER G 91 -37.04 74.30 -27.14
CA SER G 91 -37.70 73.53 -28.19
C SER G 91 -36.70 72.64 -28.92
N GLU G 92 -35.47 73.11 -29.10
CA GLU G 92 -34.43 72.44 -29.88
C GLU G 92 -33.79 71.23 -29.20
N ASP G 93 -34.16 70.86 -27.98
CA ASP G 93 -33.63 69.62 -27.41
C ASP G 93 -34.46 68.39 -27.80
N THR G 94 -35.61 68.59 -28.43
CA THR G 94 -36.42 67.48 -28.92
C THR G 94 -35.65 66.68 -29.95
N ALA G 95 -35.30 65.44 -29.64
CA ALA G 95 -34.45 64.65 -30.53
C ALA G 95 -34.43 63.20 -30.09
N PHE G 96 -33.88 62.36 -30.95
CA PHE G 96 -33.48 61.01 -30.59
C PHE G 96 -32.13 61.05 -29.88
N TYR G 97 -31.98 60.23 -28.85
CA TYR G 97 -30.73 60.13 -28.13
C TYR G 97 -30.31 58.68 -28.08
N PHE G 98 -29.08 58.39 -28.52
CA PHE G 98 -28.56 57.04 -28.58
C PHE G 98 -27.37 56.92 -27.64
N CYS G 99 -27.23 55.74 -27.04
CA CYS G 99 -26.00 55.35 -26.37
C CYS G 99 -25.29 54.30 -27.22
N ALA G 100 -23.95 54.38 -27.25
CA ALA G 100 -23.16 53.54 -28.13
C ALA G 100 -21.83 53.19 -27.47
N ARG G 101 -21.19 52.17 -28.02
CA ARG G 101 -19.90 51.68 -27.54
C ARG G 101 -19.09 51.22 -28.74
N ARG G 102 -17.77 51.29 -28.63
CA ARG G 102 -16.88 50.86 -29.68
C ARG G 102 -16.01 49.70 -29.19
N ASP G 103 -15.90 48.65 -29.99
CA ASP G 103 -14.97 47.56 -29.75
C ASP G 103 -13.85 47.68 -30.78
N ILE G 104 -12.97 46.67 -30.84
CA ILE G 104 -11.89 46.76 -31.81
C ILE G 104 -12.39 46.52 -33.22
N THR G 105 -13.37 45.64 -33.38
CA THR G 105 -13.83 45.25 -34.71
C THR G 105 -15.19 45.80 -35.08
N THR G 106 -15.95 46.35 -34.15
CA THR G 106 -17.33 46.76 -34.46
C THR G 106 -17.84 47.73 -33.40
N PHE G 107 -19.00 48.30 -33.69
CA PHE G 107 -19.72 49.18 -32.77
C PHE G 107 -21.00 48.50 -32.28
N TYR G 108 -21.50 49.00 -31.14
CA TYR G 108 -22.76 48.56 -30.57
C TYR G 108 -23.60 49.78 -30.21
N TRP G 109 -24.85 49.80 -30.67
CA TRP G 109 -25.75 50.94 -30.43
C TRP G 109 -27.03 50.51 -29.72
N GLY G 110 -27.51 51.39 -28.83
CA GLY G 110 -28.83 51.22 -28.26
C GLY G 110 -29.94 51.51 -29.25
N GLN G 111 -31.16 51.09 -28.89
CA GLN G 111 -32.31 51.29 -29.77
C GLN G 111 -32.72 52.76 -29.88
N GLY G 112 -32.22 53.64 -29.02
CA GLY G 112 -32.59 55.04 -29.07
C GLY G 112 -33.79 55.36 -28.20
N THR G 113 -33.82 56.59 -27.71
CA THR G 113 -34.95 57.13 -26.95
C THR G 113 -35.27 58.52 -27.44
N THR G 114 -36.56 58.80 -27.64
CA THR G 114 -37.04 60.11 -28.03
C THR G 114 -37.27 60.97 -26.79
N VAL G 115 -36.74 62.18 -26.81
CA VAL G 115 -37.10 63.19 -25.82
C VAL G 115 -37.89 64.25 -26.57
N THR G 116 -39.19 64.34 -26.29
CA THR G 116 -40.06 65.30 -26.94
C THR G 116 -40.59 66.28 -25.91
N VAL G 117 -40.31 67.56 -26.12
CA VAL G 117 -40.80 68.57 -25.18
C VAL G 117 -41.90 69.43 -25.81
N SER G 119 -45.32 70.38 -24.21
CA SER G 119 -45.65 70.46 -22.79
C SER G 119 -47.10 70.07 -22.54
N ALA G 120 -48.00 70.68 -23.31
CA ALA G 120 -49.44 70.49 -23.20
C ALA G 120 -49.80 69.00 -23.24
N SER G 121 -51.06 68.73 -22.90
CA SER G 121 -51.59 67.37 -22.86
C SER G 121 -52.76 67.23 -23.82
N THR G 122 -52.99 65.97 -24.17
CA THR G 122 -54.06 65.47 -25.04
C THR G 122 -55.26 66.38 -25.29
N LYS G 123 -55.36 66.87 -26.52
CA LYS G 123 -56.45 67.69 -27.01
C LYS G 123 -56.82 67.17 -28.40
N GLY G 124 -58.12 67.10 -28.69
CA GLY G 124 -58.58 66.69 -29.99
C GLY G 124 -58.53 67.84 -30.99
N PRO G 125 -58.42 67.52 -32.26
CA PRO G 125 -58.26 68.57 -33.28
C PRO G 125 -59.58 69.14 -33.76
N SER G 126 -59.47 70.35 -34.33
CA SER G 126 -60.54 70.91 -35.13
C SER G 126 -60.28 70.59 -36.60
N VAL G 127 -61.32 70.17 -37.29
CA VAL G 127 -61.22 69.75 -38.69
C VAL G 127 -61.93 70.80 -39.53
N PHE G 128 -61.14 71.57 -40.27
CA PHE G 128 -61.65 72.64 -41.10
C PHE G 128 -61.48 72.30 -42.58
N PRO G 129 -62.49 72.59 -43.39
CA PRO G 129 -62.42 72.22 -44.82
C PRO G 129 -61.45 73.06 -45.61
N LEU G 130 -60.79 72.42 -46.57
CA LEU G 130 -60.03 73.12 -47.61
C LEU G 130 -60.92 73.09 -48.85
N ALA G 131 -61.75 74.10 -49.00
CA ALA G 131 -62.82 74.04 -49.98
C ALA G 131 -62.27 74.26 -51.39
N PRO G 132 -62.58 73.39 -52.34
CA PRO G 132 -62.12 73.62 -53.72
C PRO G 132 -62.94 74.68 -54.42
N SER G 133 -62.27 75.47 -55.26
CA SER G 133 -62.95 76.53 -56.01
C SER G 133 -62.31 76.65 -57.38
N SER G 134 -62.73 77.68 -58.13
CA SER G 134 -62.11 77.99 -59.41
C SER G 134 -60.65 78.37 -59.25
N LYS G 135 -60.28 78.95 -58.12
CA LYS G 135 -58.90 79.35 -57.87
C LYS G 135 -58.06 78.15 -57.43
N GLY G 139 -56.75 72.65 -66.23
CA GLY G 139 -58.12 73.00 -66.52
C GLY G 139 -59.11 71.91 -66.17
N GLY G 140 -58.60 70.71 -65.89
CA GLY G 140 -59.45 69.60 -65.55
C GLY G 140 -59.17 68.94 -64.21
N THR G 141 -58.26 69.51 -63.42
CA THR G 141 -57.90 68.96 -62.12
C THR G 141 -58.12 70.01 -61.03
N ALA G 142 -58.75 69.59 -59.93
CA ALA G 142 -58.94 70.45 -58.77
C ALA G 142 -58.46 69.72 -57.52
N ALA G 143 -58.19 70.51 -56.48
CA ALA G 143 -57.67 70.01 -55.21
C ALA G 143 -58.57 70.45 -54.06
N LEU G 144 -58.84 69.51 -53.17
CA LEU G 144 -59.60 69.75 -51.94
C LEU G 144 -58.95 68.95 -50.81
N GLY G 145 -59.29 69.29 -49.58
CA GLY G 145 -58.73 68.56 -48.46
C GLY G 145 -59.34 68.97 -47.14
N CYS G 146 -58.69 68.51 -46.07
CA CYS G 146 -59.09 68.78 -44.69
C CYS G 146 -57.89 69.27 -43.89
N LEU G 147 -58.13 70.29 -43.07
CA LEU G 147 -57.10 70.85 -42.19
C LEU G 147 -57.33 70.35 -40.77
N VAL G 148 -56.40 69.55 -40.26
CA VAL G 148 -56.52 68.95 -38.93
C VAL G 148 -55.60 69.75 -38.00
N LYS G 149 -56.18 70.66 -37.22
CA LYS G 149 -55.41 71.66 -36.50
C LYS G 149 -55.61 71.54 -34.99
N ASP G 150 -54.54 71.83 -34.26
CA ASP G 150 -54.53 71.94 -32.79
C ASP G 150 -54.96 70.62 -32.15
N TYR G 151 -54.05 69.66 -32.22
CA TYR G 151 -54.23 68.38 -31.54
C TYR G 151 -52.91 67.96 -30.92
N PHE G 152 -53.01 67.10 -29.91
CA PHE G 152 -51.85 66.58 -29.20
C PHE G 152 -52.28 65.33 -28.46
N PRO G 153 -51.45 64.27 -28.45
CA PRO G 153 -50.22 64.21 -29.21
C PRO G 153 -50.42 63.51 -30.54
N GLU G 154 -49.32 63.10 -31.16
CA GLU G 154 -49.41 62.35 -32.39
C GLU G 154 -49.92 60.94 -32.09
N PRO G 155 -50.49 60.25 -33.08
CA PRO G 155 -50.81 60.69 -34.44
C PRO G 155 -52.30 60.85 -34.69
N VAL G 156 -52.65 61.37 -35.86
CA VAL G 156 -53.99 61.30 -36.41
C VAL G 156 -53.92 60.51 -37.70
N THR G 157 -55.01 59.83 -38.03
CA THR G 157 -55.13 59.09 -39.28
C THR G 157 -56.27 59.69 -40.08
N VAL G 158 -56.01 59.97 -41.35
CA VAL G 158 -57.00 60.56 -42.24
C VAL G 158 -57.20 59.60 -43.40
N SER G 159 -58.45 59.23 -43.63
CA SER G 159 -58.87 58.49 -44.81
C SER G 159 -60.02 59.27 -45.44
N TRP G 160 -60.27 59.00 -46.72
CA TRP G 160 -61.28 59.73 -47.47
C TRP G 160 -62.34 58.75 -47.94
N ASN G 161 -63.61 59.11 -47.73
CA ASN G 161 -64.75 58.27 -48.09
C ASN G 161 -64.59 56.87 -47.52
N SER G 162 -64.16 56.81 -46.26
CA SER G 162 -63.97 55.55 -45.52
C SER G 162 -62.91 54.66 -46.16
N GLY G 163 -61.98 55.23 -46.92
CA GLY G 163 -60.96 54.45 -47.60
C GLY G 163 -61.31 54.11 -49.03
N VAL G 169 -54.03 61.84 -53.41
CA VAL G 169 -54.14 61.97 -51.95
C VAL G 169 -52.74 62.08 -51.34
N HIS G 170 -52.60 62.99 -50.37
CA HIS G 170 -51.40 63.06 -49.55
C HIS G 170 -51.76 63.53 -48.16
N THR G 171 -51.52 62.69 -47.15
CA THR G 171 -51.60 63.15 -45.78
C THR G 171 -50.19 63.59 -45.37
N PHE G 172 -50.06 64.79 -44.94
CA PHE G 172 -48.72 65.27 -44.69
C PHE G 172 -48.25 64.92 -43.28
N PRO G 173 -46.94 64.82 -43.06
CA PRO G 173 -46.45 64.72 -41.69
C PRO G 173 -46.89 65.93 -40.89
N ALA G 174 -47.30 65.68 -39.64
CA ALA G 174 -47.75 66.79 -38.80
C ALA G 174 -46.60 67.71 -38.46
N VAL G 175 -46.93 68.97 -38.21
CA VAL G 175 -45.97 69.97 -37.77
C VAL G 175 -46.28 70.34 -36.34
N LEU G 176 -45.24 70.71 -35.60
CA LEU G 176 -45.36 71.08 -34.20
C LEU G 176 -45.38 72.61 -34.09
N GLN G 177 -46.55 73.16 -33.78
CA GLN G 177 -46.69 74.60 -33.67
C GLN G 177 -46.02 75.11 -32.39
N SER G 178 -45.88 76.43 -32.31
CA SER G 178 -45.25 77.03 -31.13
C SER G 178 -46.07 76.81 -29.87
N SER G 179 -47.38 76.58 -30.02
CA SER G 179 -48.23 76.25 -28.87
C SER G 179 -47.99 74.84 -28.35
N GLY G 180 -47.14 74.06 -29.02
CA GLY G 180 -46.95 72.67 -28.68
C GLY G 180 -47.97 71.73 -29.27
N LEU G 181 -48.97 72.26 -29.98
CA LEU G 181 -49.99 71.43 -30.61
C LEU G 181 -49.61 71.13 -32.05
N TYR G 182 -49.99 69.94 -32.51
CA TYR G 182 -49.70 69.51 -33.87
C TYR G 182 -50.77 69.99 -34.85
N SER G 183 -50.39 70.00 -36.12
CA SER G 183 -51.30 70.39 -37.19
C SER G 183 -50.89 69.64 -38.46
N LEU G 184 -51.89 69.16 -39.19
CA LEU G 184 -51.71 68.27 -40.31
C LEU G 184 -52.75 68.58 -41.38
N SER G 185 -52.36 68.46 -42.64
CA SER G 185 -53.28 68.62 -43.76
C SER G 185 -53.27 67.37 -44.62
N SER G 186 -54.46 66.96 -45.07
CA SER G 186 -54.64 65.81 -45.95
C SER G 186 -55.51 66.24 -47.11
N VAL G 187 -54.97 66.16 -48.32
CA VAL G 187 -55.64 66.67 -49.51
C VAL G 187 -55.79 65.54 -50.54
N VAL G 188 -56.74 65.74 -51.46
CA VAL G 188 -57.00 64.81 -52.56
C VAL G 188 -57.08 65.61 -53.86
N THR G 189 -56.44 65.09 -54.90
CA THR G 189 -56.56 65.66 -56.24
C THR G 189 -57.63 64.91 -57.02
N VAL G 190 -58.65 65.62 -57.49
CA VAL G 190 -59.79 64.97 -58.14
C VAL G 190 -60.04 65.65 -59.49
N PRO G 191 -60.74 64.96 -60.40
CA PRO G 191 -61.18 65.61 -61.63
C PRO G 191 -62.17 66.73 -61.34
N SER G 192 -61.98 67.87 -62.01
CA SER G 192 -62.81 69.04 -61.76
C SER G 192 -64.27 68.83 -62.11
N SER G 193 -64.58 67.86 -62.97
CA SER G 193 -65.97 67.61 -63.33
C SER G 193 -66.73 66.90 -62.21
N SER G 194 -66.02 66.23 -61.30
CA SER G 194 -66.67 65.62 -60.15
C SER G 194 -67.01 66.64 -59.09
N LEU G 195 -66.50 67.87 -59.21
CA LEU G 195 -66.81 68.94 -58.28
C LEU G 195 -68.30 69.29 -58.32
N GLY G 196 -68.93 69.27 -57.16
CA GLY G 196 -70.36 69.49 -57.06
C GLY G 196 -71.14 68.21 -56.84
N THR G 197 -70.69 67.14 -57.48
CA THR G 197 -71.24 65.81 -57.28
C THR G 197 -70.25 65.02 -56.44
N GLN G 198 -70.63 63.80 -56.09
CA GLN G 198 -69.80 62.95 -55.24
C GLN G 198 -69.19 63.73 -54.09
N THR G 199 -70.03 64.16 -53.14
CA THR G 199 -69.55 64.84 -51.94
C THR G 199 -68.37 64.10 -51.33
N TYR G 200 -67.37 64.86 -50.90
CA TYR G 200 -66.13 64.30 -50.38
C TYR G 200 -66.08 64.53 -48.88
N ILE G 201 -65.82 63.45 -48.13
CA ILE G 201 -65.80 63.46 -46.67
C ILE G 201 -64.52 62.81 -46.19
N CYS G 202 -63.77 63.54 -45.35
CA CYS G 202 -62.56 63.03 -44.72
C CYS G 202 -62.87 62.45 -43.35
N ASN G 203 -62.26 61.32 -43.04
CA ASN G 203 -62.50 60.61 -41.78
C ASN G 203 -61.23 60.72 -40.94
N VAL G 204 -61.32 61.45 -39.83
CA VAL G 204 -60.17 61.75 -38.99
C VAL G 204 -60.31 61.00 -37.66
N ASN G 205 -59.25 60.29 -37.27
CA ASN G 205 -59.22 59.56 -36.01
C ASN G 205 -58.05 60.03 -35.17
N HIS G 206 -58.33 60.47 -33.95
CA HIS G 206 -57.30 60.83 -32.98
C HIS G 206 -57.62 60.05 -31.70
N LYS G 207 -56.97 58.89 -31.55
CA LYS G 207 -57.23 58.00 -30.42
C LYS G 207 -56.83 58.57 -29.07
N PRO G 208 -55.71 59.28 -28.93
CA PRO G 208 -55.37 59.81 -27.60
C PRO G 208 -56.45 60.69 -27.00
N SER G 209 -57.21 61.42 -27.82
CA SER G 209 -58.33 62.21 -27.33
C SER G 209 -59.67 61.54 -27.63
N ASN G 210 -59.64 60.38 -28.28
CA ASN G 210 -60.83 59.65 -28.67
C ASN G 210 -61.73 60.49 -29.56
N THR G 211 -61.12 61.15 -30.54
CA THR G 211 -61.82 62.03 -31.47
C THR G 211 -61.95 61.36 -32.83
N LYS G 212 -63.19 61.20 -33.30
CA LYS G 212 -63.45 60.75 -34.66
C LYS G 212 -64.39 61.76 -35.32
N VAL G 213 -63.94 62.35 -36.43
CA VAL G 213 -64.65 63.44 -37.10
C VAL G 213 -64.71 63.16 -38.58
N ASP G 214 -65.93 63.10 -39.12
CA ASP G 214 -66.18 63.10 -40.56
C ASP G 214 -66.57 64.50 -40.99
N LYS G 215 -66.03 64.95 -42.14
CA LYS G 215 -66.22 66.33 -42.59
C LYS G 215 -66.55 66.35 -44.08
N ARG G 216 -67.76 66.82 -44.40
CA ARG G 216 -68.12 67.06 -45.78
C ARG G 216 -67.40 68.32 -46.26
N VAL G 217 -66.70 68.23 -47.38
CA VAL G 217 -66.03 69.40 -47.94
C VAL G 217 -66.94 69.95 -49.02
N GLU G 218 -67.68 71.00 -48.69
CA GLU G 218 -68.53 71.46 -49.78
C GLU G 218 -67.92 72.69 -50.44
N PRO G 219 -67.95 72.78 -51.76
CA PRO G 219 -67.41 73.98 -52.42
C PRO G 219 -68.35 75.17 -52.26
N LYS G 220 -67.92 76.17 -51.52
CA LYS G 220 -68.58 77.46 -51.54
C LYS G 220 -68.07 78.32 -52.69
N GLN H 4 19.61 -17.84 4.42
CA GLN H 4 20.61 -18.15 3.39
C GLN H 4 20.34 -19.51 2.77
N VAL H 5 19.87 -20.45 3.58
CA VAL H 5 19.47 -21.78 3.13
C VAL H 5 18.10 -21.65 2.48
N GLN H 6 18.04 -21.71 1.15
CA GLN H 6 16.82 -21.44 0.42
C GLN H 6 16.67 -22.32 -0.82
N LEU H 7 15.42 -22.65 -1.14
CA LEU H 7 15.06 -23.40 -2.34
C LEU H 7 14.47 -22.44 -3.36
N VAL H 8 15.04 -22.43 -4.58
CA VAL H 8 14.62 -21.55 -5.66
C VAL H 8 14.06 -22.39 -6.79
N GLN H 9 12.79 -22.16 -7.12
CA GLN H 9 12.07 -22.90 -8.14
C GLN H 9 11.99 -22.09 -9.44
N SER H 10 11.72 -22.80 -10.55
CA SER H 10 11.66 -22.18 -11.85
C SER H 10 10.40 -21.30 -11.96
N GLY H 11 10.26 -20.66 -13.12
CA GLY H 11 9.21 -19.69 -13.32
C GLY H 11 7.88 -20.33 -13.71
N ALA H 12 6.89 -19.47 -13.92
CA ALA H 12 5.57 -19.95 -14.30
C ALA H 12 5.62 -20.68 -15.63
N GLU H 13 4.73 -21.66 -15.79
CA GLU H 13 4.73 -22.53 -16.95
C GLU H 13 3.32 -22.61 -17.53
N VAL H 14 3.22 -22.47 -18.84
CA VAL H 14 1.98 -22.63 -19.57
C VAL H 14 2.19 -23.71 -20.63
N LYS H 15 1.46 -24.81 -20.49
CA LYS H 15 1.65 -25.98 -21.33
C LYS H 15 0.33 -26.36 -21.98
N LYS H 16 0.42 -26.90 -23.19
CA LYS H 16 -0.77 -27.41 -23.83
C LYS H 16 -1.12 -28.80 -23.28
N PRO H 17 -2.39 -29.19 -23.34
CA PRO H 17 -2.77 -30.52 -22.86
C PRO H 17 -2.11 -31.62 -23.67
N GLY H 18 -1.77 -32.71 -22.98
CA GLY H 18 -1.01 -33.79 -23.55
C GLY H 18 0.49 -33.59 -23.51
N SER H 19 0.95 -32.35 -23.37
CA SER H 19 2.37 -32.06 -23.26
C SER H 19 2.89 -32.49 -21.89
N SER H 20 4.20 -32.30 -21.70
CA SER H 20 4.86 -32.55 -20.44
C SER H 20 5.55 -31.27 -19.97
N VAL H 21 5.88 -31.22 -18.68
CA VAL H 21 6.56 -30.08 -18.08
C VAL H 21 7.52 -30.56 -17.01
N LYS H 22 8.65 -29.88 -16.90
CA LYS H 22 9.72 -30.23 -15.97
C LYS H 22 10.09 -28.98 -15.16
N VAL H 23 9.74 -29.00 -13.88
CA VAL H 23 9.98 -27.87 -12.97
C VAL H 23 11.29 -28.10 -12.23
N SER H 24 12.08 -27.06 -12.07
CA SER H 24 13.36 -27.15 -11.39
C SER H 24 13.28 -26.60 -9.97
N CYS H 25 14.17 -27.07 -9.11
CA CYS H 25 14.27 -26.65 -7.71
C CYS H 25 15.75 -26.60 -7.35
N LYS H 26 16.31 -25.40 -7.26
CA LYS H 26 17.72 -25.24 -6.97
C LYS H 26 17.93 -25.05 -5.46
N ALA H 27 18.91 -25.76 -4.91
CA ALA H 27 19.20 -25.71 -3.49
C ALA H 27 20.43 -24.87 -3.21
N SER H 28 20.37 -24.05 -2.16
CA SER H 28 21.48 -23.18 -1.79
C SER H 28 21.72 -23.23 -0.29
N GLY H 29 22.99 -23.08 0.09
CA GLY H 29 23.37 -22.94 1.49
C GLY H 29 23.34 -24.21 2.33
N TYR H 30 23.41 -25.38 1.70
CA TYR H 30 23.54 -26.63 2.44
C TYR H 30 24.03 -27.71 1.48
N THR H 31 24.34 -28.88 2.04
CA THR H 31 24.81 -30.01 1.25
C THR H 31 23.60 -30.68 0.62
N PHE H 32 23.51 -30.61 -0.71
CA PHE H 32 22.30 -31.01 -1.43
C PHE H 32 21.98 -32.49 -1.23
N THR H 33 23.00 -33.32 -1.05
CA THR H 33 22.80 -34.77 -0.94
C THR H 33 22.45 -35.22 0.47
N SER H 34 22.38 -34.31 1.42
CA SER H 34 22.21 -34.67 2.83
C SER H 34 20.75 -34.86 3.23
N TYR H 35 19.80 -34.29 2.49
CA TYR H 35 18.40 -34.35 2.87
C TYR H 35 17.55 -34.71 1.66
N TRP H 36 16.44 -35.40 1.93
CA TRP H 36 15.48 -35.71 0.89
C TRP H 36 14.88 -34.43 0.34
N LEU H 37 14.55 -34.44 -0.95
CA LEU H 37 13.89 -33.31 -1.58
C LEU H 37 12.50 -33.75 -2.02
N HIS H 38 11.48 -33.14 -1.46
CA HIS H 38 10.09 -33.49 -1.69
C HIS H 38 9.46 -32.53 -2.69
N TRP H 39 8.34 -32.96 -3.27
CA TRP H 39 7.53 -32.10 -4.10
C TRP H 39 6.10 -32.17 -3.61
N VAL H 40 5.45 -31.01 -3.52
CA VAL H 40 4.13 -30.90 -2.94
C VAL H 40 3.23 -30.15 -3.93
N ARG H 41 2.03 -30.65 -4.11
CA ARG H 41 1.04 -30.07 -5.01
C ARG H 41 -0.06 -29.38 -4.23
N GLN H 42 -0.58 -28.29 -4.80
CA GLN H 42 -1.71 -27.56 -4.22
C GLN H 42 -2.58 -27.09 -5.37
N ALA H 43 -3.65 -27.83 -5.65
CA ALA H 43 -4.61 -27.45 -6.67
C ALA H 43 -5.36 -26.21 -6.24
N PRO H 44 -5.85 -25.40 -7.18
CA PRO H 44 -6.56 -24.16 -6.82
C PRO H 44 -7.78 -24.46 -5.97
N GLY H 45 -7.84 -23.84 -4.80
CA GLY H 45 -8.92 -24.04 -3.88
C GLY H 45 -8.76 -25.23 -2.96
N GLN H 46 -7.74 -26.06 -3.17
CA GLN H 46 -7.55 -27.29 -2.41
C GLN H 46 -6.40 -27.10 -1.42
N GLY H 47 -6.01 -28.20 -0.78
CA GLY H 47 -4.94 -28.18 0.20
C GLY H 47 -3.64 -28.70 -0.36
N LEU H 48 -2.70 -28.95 0.54
CA LEU H 48 -1.38 -29.43 0.17
C LEU H 48 -1.42 -30.95 0.03
N GLU H 49 -0.97 -31.44 -1.12
CA GLU H 49 -0.96 -32.86 -1.40
C GLU H 49 0.45 -33.29 -1.79
N TRP H 50 0.97 -34.29 -1.08
CA TRP H 50 2.33 -34.75 -1.31
C TRP H 50 2.44 -35.52 -2.60
N ILE H 51 3.44 -35.19 -3.40
CA ILE H 51 3.69 -35.88 -4.66
C ILE H 51 4.69 -37.01 -4.48
N GLY H 52 5.85 -36.70 -3.95
CA GLY H 52 6.90 -37.69 -3.77
C GLY H 52 8.16 -37.02 -3.26
N TYR H 53 9.24 -37.80 -3.23
CA TYR H 53 10.54 -37.27 -2.83
C TYR H 53 11.64 -38.00 -3.58
N ILE H 54 12.82 -37.38 -3.64
CA ILE H 54 14.03 -38.02 -4.12
C ILE H 54 15.11 -37.88 -3.05
N ASN H 55 15.87 -38.95 -2.85
CA ASN H 55 17.10 -38.86 -2.08
C ASN H 55 18.22 -38.45 -3.01
N PRO H 56 18.70 -37.20 -2.95
CA PRO H 56 19.71 -36.76 -3.93
C PRO H 56 21.05 -37.48 -3.81
N ARG H 57 21.25 -38.30 -2.77
CA ARG H 57 22.51 -39.00 -2.60
C ARG H 57 22.58 -40.30 -3.39
N ASN H 58 21.45 -40.99 -3.57
CA ASN H 58 21.43 -42.24 -4.32
C ASN H 58 20.32 -42.26 -5.37
N ASP H 59 19.65 -41.12 -5.58
CA ASP H 59 18.60 -40.96 -6.59
C ASP H 59 17.41 -41.89 -6.35
N TYR H 60 17.27 -42.42 -5.14
CA TYR H 60 16.11 -43.23 -4.80
C TYR H 60 14.90 -42.35 -4.59
N THR H 61 13.77 -42.76 -5.16
CA THR H 61 12.54 -41.97 -5.18
C THR H 61 11.37 -42.81 -4.68
N GLU H 62 10.47 -42.16 -3.95
CA GLU H 62 9.17 -42.72 -3.59
C GLU H 62 8.11 -41.68 -3.95
N TYR H 63 6.90 -42.18 -4.22
CA TYR H 63 5.81 -41.33 -4.70
C TYR H 63 4.53 -41.64 -3.93
N ASN H 64 3.66 -40.63 -3.90
CA ASN H 64 2.25 -40.86 -3.60
C ASN H 64 1.69 -41.87 -4.60
N GLN H 65 0.74 -42.69 -4.13
CA GLN H 65 0.15 -43.69 -5.00
C GLN H 65 -0.49 -43.04 -6.22
N ASN H 66 -1.11 -41.88 -6.03
CA ASN H 66 -1.88 -41.24 -7.09
C ASN H 66 -1.01 -40.53 -8.12
N PHE H 67 0.31 -40.44 -7.89
CA PHE H 67 1.20 -39.73 -8.80
C PHE H 67 2.22 -40.62 -9.48
N LYS H 68 2.12 -41.95 -9.34
CA LYS H 68 3.10 -42.82 -9.96
C LYS H 68 3.00 -42.75 -11.49
N ASP H 69 1.80 -42.56 -12.02
CA ASP H 69 1.60 -42.43 -13.46
C ASP H 69 1.83 -41.00 -13.95
N LYS H 70 2.18 -40.08 -13.06
CA LYS H 70 2.19 -38.65 -13.38
C LYS H 70 3.55 -38.01 -13.19
N ALA H 71 4.13 -38.10 -12.00
CA ALA H 71 5.32 -37.34 -11.68
C ALA H 71 6.57 -38.23 -11.72
N THR H 72 7.67 -37.62 -12.16
CA THR H 72 8.98 -38.25 -12.16
C THR H 72 9.98 -37.27 -11.56
N ILE H 73 10.54 -37.62 -10.41
CA ILE H 73 11.45 -36.75 -9.69
C ILE H 73 12.87 -37.24 -9.94
N THR H 74 13.73 -36.33 -10.39
CA THR H 74 15.14 -36.61 -10.63
C THR H 74 15.98 -35.52 -9.97
N ALA H 75 17.29 -35.70 -9.97
CA ALA H 75 18.18 -34.76 -9.33
C ALA H 75 19.52 -34.74 -10.05
N ASP H 76 20.22 -33.62 -9.91
CA ASP H 76 21.52 -33.41 -10.54
C ASP H 76 22.42 -32.78 -9.49
N GLU H 77 23.36 -33.57 -8.94
CA GLU H 77 24.23 -33.05 -7.89
C GLU H 77 25.22 -32.02 -8.44
N SER H 78 25.60 -32.13 -9.71
CA SER H 78 26.53 -31.19 -10.30
C SER H 78 25.97 -29.78 -10.37
N THR H 79 24.65 -29.64 -10.42
CA THR H 79 23.99 -28.34 -10.46
C THR H 79 23.19 -28.04 -9.20
N ASN H 80 23.25 -28.91 -8.19
CA ASN H 80 22.41 -28.83 -6.99
C ASN H 80 20.97 -28.45 -7.35
N THR H 81 20.41 -29.21 -8.28
CA THR H 81 19.06 -28.95 -8.77
C THR H 81 18.28 -30.24 -8.82
N ALA H 82 17.09 -30.23 -8.24
CA ALA H 82 16.15 -31.33 -8.33
C ALA H 82 15.04 -30.95 -9.31
N TYR H 83 14.44 -31.97 -9.91
CA TYR H 83 13.43 -31.74 -10.94
C TYR H 83 12.22 -32.60 -10.67
N MET H 84 11.09 -32.16 -11.21
CA MET H 84 9.82 -32.88 -11.12
C MET H 84 9.13 -32.74 -12.47
N GLU H 85 8.92 -33.85 -13.16
CA GLU H 85 8.35 -33.84 -14.49
C GLU H 85 6.94 -34.40 -14.45
N LEU H 86 5.99 -33.71 -15.08
CA LEU H 86 4.61 -34.15 -15.19
C LEU H 86 4.37 -34.63 -16.62
N SER H 87 3.70 -35.76 -16.77
CA SER H 87 3.70 -36.45 -18.07
C SER H 87 2.59 -36.06 -19.04
N SER H 88 1.34 -36.41 -18.77
CA SER H 88 0.26 -36.16 -19.71
C SER H 88 -0.63 -35.17 -19.00
N LEU H 89 -0.60 -33.95 -19.49
CA LEU H 89 -1.25 -32.86 -18.78
C LEU H 89 -2.74 -32.79 -19.08
N ARG H 90 -3.51 -32.59 -18.04
CA ARG H 90 -4.92 -32.32 -18.14
C ARG H 90 -5.25 -31.14 -17.23
N SER H 91 -6.52 -30.74 -17.26
CA SER H 91 -6.93 -29.52 -16.57
C SER H 91 -6.62 -29.58 -15.07
N GLU H 92 -6.73 -30.77 -14.47
CA GLU H 92 -6.54 -30.93 -13.03
C GLU H 92 -5.07 -30.82 -12.61
N ASP H 93 -4.16 -30.65 -13.56
CA ASP H 93 -2.76 -30.41 -13.27
C ASP H 93 -2.42 -28.94 -13.03
N THR H 94 -3.34 -28.03 -13.37
CA THR H 94 -3.15 -26.61 -13.09
C THR H 94 -3.09 -26.41 -11.58
N ALA H 95 -1.94 -26.04 -11.04
CA ALA H 95 -1.78 -25.95 -9.59
C ALA H 95 -0.47 -25.26 -9.25
N PHE H 96 -0.33 -24.92 -7.97
CA PHE H 96 0.96 -24.54 -7.41
C PHE H 96 1.76 -25.79 -7.07
N TYR H 97 3.05 -25.75 -7.35
CA TYR H 97 3.94 -26.85 -7.03
C TYR H 97 5.11 -26.34 -6.21
N PHE H 98 5.32 -26.96 -5.06
CA PHE H 98 6.38 -26.57 -4.13
C PHE H 98 7.38 -27.70 -4.03
N CYS H 99 8.66 -27.35 -3.89
CA CYS H 99 9.67 -28.28 -3.43
C CYS H 99 10.03 -27.91 -2.00
N ALA H 100 10.23 -28.92 -1.18
CA ALA H 100 10.47 -28.70 0.24
C ALA H 100 11.40 -29.78 0.75
N ARG H 101 12.02 -29.50 1.90
CA ARG H 101 12.89 -30.44 2.58
C ARG H 101 12.76 -30.18 4.06
N ARG H 102 13.12 -31.19 4.84
CA ARG H 102 13.07 -31.07 6.29
C ARG H 102 14.48 -31.13 6.85
N ASP H 103 14.71 -30.32 7.86
CA ASP H 103 15.91 -30.39 8.68
C ASP H 103 15.49 -31.17 9.92
N ILE H 104 16.33 -31.24 10.94
CA ILE H 104 15.90 -31.95 12.13
C ILE H 104 14.86 -31.12 12.88
N THR H 105 15.06 -29.80 12.90
CA THR H 105 14.25 -28.88 13.71
C THR H 105 13.29 -28.01 12.91
N THR H 106 13.38 -28.01 11.58
CA THR H 106 12.58 -27.07 10.80
C THR H 106 12.46 -27.57 9.37
N PHE H 107 11.60 -26.89 8.62
CA PHE H 107 11.39 -27.11 7.20
C PHE H 107 11.91 -25.95 6.37
N TYR H 108 12.19 -26.24 5.10
CA TYR H 108 12.54 -25.23 4.12
C TYR H 108 11.69 -25.49 2.87
N TRP H 109 11.03 -24.45 2.39
CA TRP H 109 10.14 -24.56 1.24
C TRP H 109 10.58 -23.61 0.13
N GLY H 110 10.45 -24.07 -1.11
CA GLY H 110 10.62 -23.20 -2.25
C GLY H 110 9.48 -22.21 -2.40
N GLN H 111 9.73 -21.17 -3.19
CA GLN H 111 8.72 -20.14 -3.42
C GLN H 111 7.53 -20.64 -4.22
N GLY H 112 7.63 -21.81 -4.83
CA GLY H 112 6.53 -22.37 -5.63
C GLY H 112 6.62 -22.00 -7.09
N THR H 113 6.08 -22.88 -7.93
CA THR H 113 5.95 -22.66 -9.36
C THR H 113 4.54 -23.05 -9.79
N THR H 114 3.91 -22.19 -10.58
CA THR H 114 2.59 -22.46 -11.14
C THR H 114 2.72 -23.18 -12.47
N VAL H 115 1.97 -24.28 -12.61
CA VAL H 115 1.82 -24.99 -13.88
C VAL H 115 0.39 -24.78 -14.34
N THR H 116 0.22 -24.09 -15.47
CA THR H 116 -1.09 -23.79 -16.05
C THR H 116 -1.22 -24.54 -17.36
N VAL H 117 -2.29 -25.33 -17.50
CA VAL H 117 -2.50 -26.15 -18.69
C VAL H 117 -3.61 -25.53 -19.53
N SER H 118 -3.26 -25.09 -20.72
CA SER H 118 -4.19 -24.49 -21.65
C SER H 118 -3.51 -24.43 -23.01
N SER H 119 -4.29 -24.53 -24.06
CA SER H 119 -3.81 -24.37 -25.43
C SER H 119 -3.68 -22.92 -25.88
N ALA H 120 -3.78 -21.97 -24.97
CA ALA H 120 -3.92 -20.57 -25.37
C ALA H 120 -2.58 -19.88 -25.63
N SER H 121 -2.66 -18.73 -26.28
CA SER H 121 -1.52 -17.86 -26.54
C SER H 121 -1.91 -16.49 -26.04
N THR H 122 -0.91 -15.64 -25.79
CA THR H 122 -1.18 -14.27 -25.34
C THR H 122 -2.32 -13.61 -26.12
N LYS H 123 -3.44 -13.38 -25.45
CA LYS H 123 -4.61 -12.79 -26.08
C LYS H 123 -5.19 -11.71 -25.17
N GLY H 124 -5.62 -10.60 -25.77
CA GLY H 124 -6.27 -9.53 -25.06
C GLY H 124 -7.75 -9.80 -24.83
N PRO H 125 -8.33 -9.21 -23.80
CA PRO H 125 -9.72 -9.53 -23.45
C PRO H 125 -10.75 -8.69 -24.20
N SER H 126 -11.96 -9.23 -24.25
CA SER H 126 -13.13 -8.46 -24.61
C SER H 126 -13.81 -7.97 -23.35
N VAL H 127 -14.18 -6.69 -23.33
CA VAL H 127 -14.81 -6.07 -22.15
C VAL H 127 -16.24 -5.75 -22.51
N PHE H 128 -17.18 -6.51 -21.92
CA PHE H 128 -18.60 -6.35 -22.17
C PHE H 128 -19.31 -5.81 -20.93
N PRO H 129 -20.26 -4.90 -21.11
CA PRO H 129 -20.93 -4.29 -19.96
C PRO H 129 -21.89 -5.26 -19.26
N LEU H 130 -21.94 -5.14 -17.94
CA LEU H 130 -22.96 -5.79 -17.13
C LEU H 130 -23.97 -4.69 -16.78
N ALA H 131 -24.98 -4.54 -17.63
CA ALA H 131 -25.85 -3.36 -17.61
C ALA H 131 -26.82 -3.40 -16.44
N PRO H 132 -26.90 -2.33 -15.64
CA PRO H 132 -27.88 -2.30 -14.55
C PRO H 132 -29.28 -2.00 -15.05
N SER H 133 -30.26 -2.59 -14.39
CA SER H 133 -31.66 -2.37 -14.75
C SER H 133 -32.52 -2.36 -13.48
N SER H 134 -33.83 -2.24 -13.68
CA SER H 134 -34.76 -2.31 -12.56
C SER H 134 -34.76 -3.70 -11.93
N LYS H 135 -34.41 -4.73 -12.70
CA LYS H 135 -34.34 -6.09 -12.20
C LYS H 135 -33.06 -6.32 -11.42
N GLY H 139 -33.65 -1.66 -2.55
CA GLY H 139 -34.58 -0.87 -3.34
C GLY H 139 -34.00 0.47 -3.75
N GLY H 140 -32.87 0.83 -3.16
CA GLY H 140 -32.21 2.08 -3.48
C GLY H 140 -30.78 1.85 -3.95
N THR H 141 -30.43 0.58 -4.12
CA THR H 141 -29.10 0.17 -4.56
C THR H 141 -29.24 -0.67 -5.82
N ALA H 142 -28.39 -0.39 -6.81
CA ALA H 142 -28.31 -1.17 -8.03
C ALA H 142 -26.86 -1.59 -8.26
N ALA H 143 -26.70 -2.63 -9.06
CA ALA H 143 -25.39 -3.21 -9.33
C ALA H 143 -25.12 -3.18 -10.83
N LEU H 144 -23.91 -2.76 -11.18
CA LEU H 144 -23.41 -2.75 -12.55
C LEU H 144 -21.96 -3.20 -12.53
N GLY H 145 -21.44 -3.55 -13.70
CA GLY H 145 -20.06 -3.97 -13.77
C GLY H 145 -19.60 -4.21 -15.18
N CYS H 146 -18.44 -4.84 -15.29
CA CYS H 146 -17.82 -5.19 -16.57
C CYS H 146 -17.42 -6.65 -16.55
N LEU H 147 -17.68 -7.33 -17.67
CA LEU H 147 -17.28 -8.72 -17.84
C LEU H 147 -16.03 -8.74 -18.72
N VAL H 148 -14.91 -9.16 -18.15
CA VAL H 148 -13.63 -9.17 -18.85
C VAL H 148 -13.39 -10.61 -19.28
N LYS H 149 -13.66 -10.88 -20.56
CA LYS H 149 -13.80 -12.23 -21.05
C LYS H 149 -12.77 -12.55 -22.13
N ASP H 150 -12.32 -13.81 -22.13
CA ASP H 150 -11.47 -14.40 -23.15
C ASP H 150 -10.14 -13.64 -23.26
N TYR H 151 -9.31 -13.85 -22.24
CA TYR H 151 -7.96 -13.31 -22.22
C TYR H 151 -6.99 -14.35 -21.67
N PHE H 152 -5.72 -14.16 -21.99
CA PHE H 152 -4.68 -15.06 -21.51
C PHE H 152 -3.34 -14.36 -21.65
N PRO H 153 -2.46 -14.42 -20.65
CA PRO H 153 -2.73 -15.10 -19.38
C PRO H 153 -3.37 -14.18 -18.34
N GLU H 154 -3.34 -14.59 -17.06
CA GLU H 154 -4.31 -14.07 -16.10
C GLU H 154 -4.18 -12.60 -15.66
N PRO H 155 -2.97 -12.07 -15.37
CA PRO H 155 -2.91 -10.73 -14.77
C PRO H 155 -3.64 -9.65 -15.56
N VAL H 156 -4.89 -9.36 -15.15
CA VAL H 156 -5.62 -8.17 -15.59
C VAL H 156 -5.92 -7.32 -14.36
N THR H 157 -5.99 -6.01 -14.58
CA THR H 157 -6.34 -5.05 -13.54
C THR H 157 -7.57 -4.27 -13.98
N VAL H 158 -8.54 -4.15 -13.08
CA VAL H 158 -9.78 -3.41 -13.34
C VAL H 158 -9.89 -2.32 -12.27
N SER H 159 -10.03 -1.08 -12.71
CA SER H 159 -10.34 0.04 -11.83
C SER H 159 -11.54 0.78 -12.40
N TRP H 160 -12.19 1.57 -11.55
CA TRP H 160 -13.40 2.29 -11.91
C TRP H 160 -13.19 3.80 -11.77
N ASN H 161 -13.62 4.54 -12.79
CA ASN H 161 -13.48 5.99 -12.83
C ASN H 161 -12.03 6.42 -12.61
N SER H 162 -11.11 5.71 -13.25
CA SER H 162 -9.68 5.98 -13.18
C SER H 162 -9.14 5.86 -11.76
N GLY H 163 -9.81 5.08 -10.92
CA GLY H 163 -9.45 4.92 -9.52
C GLY H 163 -10.18 5.82 -8.56
N ALA H 164 -11.10 6.65 -9.04
CA ALA H 164 -11.85 7.57 -8.19
C ALA H 164 -13.09 6.94 -7.57
N LEU H 165 -13.40 5.69 -7.91
CA LEU H 165 -14.58 5.00 -7.39
C LEU H 165 -14.11 3.69 -6.76
N THR H 166 -14.24 3.58 -5.43
CA THR H 166 -13.78 2.41 -4.71
C THR H 166 -14.80 1.84 -3.74
N SER H 167 -15.95 2.47 -3.57
CA SER H 167 -16.99 1.99 -2.66
C SER H 167 -17.99 1.14 -3.44
N GLY H 168 -18.23 -0.08 -2.95
CA GLY H 168 -19.09 -1.02 -3.63
C GLY H 168 -18.41 -1.89 -4.66
N VAL H 169 -17.11 -1.70 -4.88
CA VAL H 169 -16.38 -2.37 -5.94
C VAL H 169 -15.89 -3.73 -5.43
N HIS H 170 -16.01 -4.74 -6.28
CA HIS H 170 -15.37 -6.04 -6.08
C HIS H 170 -14.98 -6.58 -7.43
N THR H 171 -13.67 -6.76 -7.65
CA THR H 171 -13.19 -7.50 -8.80
C THR H 171 -13.03 -8.95 -8.38
N PHE H 172 -13.66 -9.85 -9.10
CA PHE H 172 -13.66 -11.24 -8.69
C PHE H 172 -12.42 -11.95 -9.19
N PRO H 173 -12.00 -13.02 -8.51
CA PRO H 173 -10.92 -13.85 -9.04
C PRO H 173 -11.28 -14.41 -10.41
N ALA H 174 -10.30 -14.41 -11.31
CA ALA H 174 -10.54 -14.91 -12.64
C ALA H 174 -10.79 -16.41 -12.63
N VAL H 175 -11.55 -16.88 -13.61
CA VAL H 175 -11.79 -18.30 -13.80
C VAL H 175 -11.14 -18.72 -15.11
N LEU H 176 -10.67 -19.95 -15.16
CA LEU H 176 -10.04 -20.51 -16.34
C LEU H 176 -11.07 -21.38 -17.05
N GLN H 177 -11.58 -20.90 -18.18
CA GLN H 177 -12.61 -21.62 -18.91
C GLN H 177 -12.02 -22.84 -19.62
N SER H 178 -12.92 -23.70 -20.10
CA SER H 178 -12.49 -24.91 -20.81
C SER H 178 -11.75 -24.59 -22.10
N SER H 179 -11.97 -23.40 -22.68
CA SER H 179 -11.22 -22.97 -23.85
C SER H 179 -9.78 -22.60 -23.53
N GLY H 180 -9.40 -22.62 -22.26
CA GLY H 180 -8.08 -22.17 -21.84
C GLY H 180 -7.94 -20.68 -21.66
N LEU H 181 -8.98 -19.90 -21.95
CA LEU H 181 -8.97 -18.46 -21.78
C LEU H 181 -9.60 -18.09 -20.44
N TYR H 182 -9.09 -17.03 -19.84
CA TYR H 182 -9.62 -16.58 -18.57
C TYR H 182 -10.82 -15.67 -18.77
N SER H 183 -11.61 -15.54 -17.70
CA SER H 183 -12.76 -14.65 -17.71
C SER H 183 -12.97 -14.16 -16.29
N LEU H 184 -13.30 -12.87 -16.16
CA LEU H 184 -13.33 -12.21 -14.87
C LEU H 184 -14.46 -11.19 -14.87
N SER H 185 -15.08 -11.02 -13.71
CA SER H 185 -16.14 -10.04 -13.51
C SER H 185 -15.74 -9.08 -12.40
N SER H 186 -16.01 -7.80 -12.64
CA SER H 186 -15.75 -6.72 -11.68
C SER H 186 -17.00 -5.86 -11.61
N VAL H 187 -17.59 -5.78 -10.42
CA VAL H 187 -18.88 -5.12 -10.24
C VAL H 187 -18.75 -3.99 -9.23
N VAL H 188 -19.69 -3.05 -9.31
CA VAL H 188 -19.77 -1.92 -8.39
C VAL H 188 -21.21 -1.81 -7.90
N THR H 189 -21.38 -1.61 -6.60
CA THR H 189 -22.68 -1.34 -6.01
C THR H 189 -22.84 0.17 -5.86
N VAL H 190 -23.87 0.74 -6.48
CA VAL H 190 -24.05 2.18 -6.51
C VAL H 190 -25.46 2.52 -6.05
N PRO H 191 -25.67 3.77 -5.60
CA PRO H 191 -27.04 4.22 -5.33
C PRO H 191 -27.87 4.26 -6.61
N SER H 192 -29.11 3.77 -6.51
CA SER H 192 -29.97 3.65 -7.68
C SER H 192 -30.32 5.01 -8.30
N SER H 193 -30.24 6.09 -7.52
CA SER H 193 -30.52 7.41 -8.09
C SER H 193 -29.39 7.89 -8.97
N SER H 194 -28.20 7.34 -8.80
CA SER H 194 -27.07 7.66 -9.66
C SER H 194 -27.18 6.97 -11.02
N LEU H 195 -28.12 6.04 -11.18
CA LEU H 195 -28.32 5.37 -12.45
C LEU H 195 -28.71 6.38 -13.53
N GLY H 196 -27.92 6.42 -14.60
CA GLY H 196 -28.13 7.39 -15.65
C GLY H 196 -27.18 8.59 -15.59
N THR H 197 -26.89 9.04 -14.38
CA THR H 197 -25.97 10.14 -14.11
C THR H 197 -24.65 9.58 -13.54
N GLN H 198 -23.67 10.47 -13.34
CA GLN H 198 -22.33 10.13 -12.87
C GLN H 198 -21.83 8.90 -13.60
N THR H 199 -21.50 9.08 -14.88
CA THR H 199 -21.00 8.04 -15.77
C THR H 199 -19.99 7.11 -15.10
N TYR H 200 -20.17 5.81 -15.33
CA TYR H 200 -19.32 4.78 -14.79
C TYR H 200 -18.53 4.17 -15.94
N ILE H 201 -17.22 4.14 -15.81
CA ILE H 201 -16.33 3.60 -16.84
C ILE H 201 -15.34 2.66 -16.16
N CYS H 202 -15.27 1.42 -16.63
CA CYS H 202 -14.29 0.48 -16.12
C CYS H 202 -13.04 0.54 -16.98
N ASN H 203 -11.88 0.54 -16.34
CA ASN H 203 -10.60 0.65 -17.02
C ASN H 203 -9.91 -0.70 -16.91
N VAL H 204 -9.75 -1.36 -18.05
CA VAL H 204 -9.22 -2.73 -18.09
C VAL H 204 -7.83 -2.69 -18.71
N ASN H 205 -6.86 -3.27 -18.01
CA ASN H 205 -5.48 -3.33 -18.48
C ASN H 205 -5.01 -4.77 -18.47
N HIS H 206 -4.53 -5.24 -19.63
CA HIS H 206 -3.88 -6.54 -19.72
C HIS H 206 -2.53 -6.31 -20.37
N LYS H 207 -1.49 -6.20 -19.54
CA LYS H 207 -0.17 -5.89 -20.05
C LYS H 207 0.43 -6.94 -20.99
N PRO H 208 0.26 -8.25 -20.77
CA PRO H 208 0.88 -9.21 -21.70
C PRO H 208 0.47 -9.02 -23.15
N SER H 209 -0.74 -8.53 -23.41
CA SER H 209 -1.18 -8.21 -24.76
C SER H 209 -1.18 -6.72 -25.05
N ASN H 210 -0.83 -5.88 -24.07
CA ASN H 210 -0.87 -4.42 -24.20
C ASN H 210 -2.26 -3.95 -24.57
N THR H 211 -3.27 -4.50 -23.90
CA THR H 211 -4.67 -4.16 -24.14
C THR H 211 -5.17 -3.25 -23.02
N LYS H 212 -5.64 -2.06 -23.39
CA LYS H 212 -6.32 -1.15 -22.48
C LYS H 212 -7.67 -0.81 -23.07
N VAL H 213 -8.73 -1.08 -22.31
CA VAL H 213 -10.10 -0.89 -22.76
C VAL H 213 -10.85 -0.14 -21.67
N ASP H 214 -11.38 1.03 -22.01
CA ASP H 214 -12.31 1.75 -21.17
C ASP H 214 -13.72 1.50 -21.71
N LYS H 215 -14.65 1.20 -20.81
CA LYS H 215 -16.00 0.81 -21.21
C LYS H 215 -17.03 1.52 -20.34
N ARG H 216 -17.84 2.35 -20.97
CA ARG H 216 -18.96 2.96 -20.27
C ARG H 216 -20.09 1.95 -20.12
N VAL H 217 -20.59 1.79 -18.90
CA VAL H 217 -21.68 0.86 -18.61
C VAL H 217 -22.96 1.69 -18.56
N GLU H 218 -23.76 1.60 -19.63
CA GLU H 218 -24.96 2.42 -19.59
C GLU H 218 -26.18 1.58 -19.18
N PRO H 219 -27.05 2.14 -18.35
CA PRO H 219 -28.27 1.42 -17.96
C PRO H 219 -29.29 1.39 -19.09
N LYS H 220 -29.81 0.19 -19.36
CA LYS H 220 -30.99 0.07 -20.21
C LYS H 220 -32.29 0.35 -19.44
N ASP I 4 -4.13 -26.62 83.08
CA ASP I 4 -3.70 -27.38 84.25
C ASP I 4 -4.21 -28.82 84.12
N ILE I 5 -4.57 -29.18 82.88
CA ILE I 5 -5.04 -30.52 82.54
C ILE I 5 -3.84 -31.45 82.42
N GLN I 6 -3.62 -32.27 83.44
CA GLN I 6 -2.55 -33.26 83.40
C GLN I 6 -3.05 -34.58 82.80
N LEU I 7 -2.14 -35.31 82.15
CA LEU I 7 -2.41 -36.63 81.61
C LEU I 7 -1.52 -37.65 82.31
N THR I 8 -2.14 -38.70 82.85
CA THR I 8 -1.42 -39.75 83.55
C THR I 8 -1.41 -41.00 82.68
N GLN I 9 -0.22 -41.42 82.27
CA GLN I 9 -0.02 -42.55 81.39
C GLN I 9 0.49 -43.73 82.20
N SER I 10 0.00 -44.94 81.88
CA SER I 10 0.43 -46.10 82.64
C SER I 10 0.36 -47.37 81.81
N PRO I 11 1.32 -48.30 81.95
CA PRO I 11 2.43 -48.12 82.89
C PRO I 11 3.54 -47.25 82.34
N SER I 12 4.51 -46.89 83.18
CA SER I 12 5.65 -46.12 82.71
C SER I 12 6.50 -46.92 81.73
N SER I 13 6.50 -48.24 81.86
CA SER I 13 7.28 -49.10 80.99
C SER I 13 6.56 -50.42 80.81
N LEU I 14 6.52 -50.90 79.56
CA LEU I 14 5.99 -52.22 79.25
C LEU I 14 7.10 -53.10 78.67
N SER I 15 7.12 -54.35 79.11
CA SER I 15 7.96 -55.38 78.52
C SER I 15 7.05 -56.49 77.99
N ALA I 16 7.22 -56.84 76.72
CA ALA I 16 6.34 -57.81 76.08
C ALA I 16 7.09 -58.50 74.96
N SER I 17 6.57 -59.66 74.56
CA SER I 17 7.20 -60.48 73.54
C SER I 17 6.94 -59.93 72.15
N VAL I 18 7.81 -60.29 71.21
CA VAL I 18 7.52 -60.06 69.80
C VAL I 18 6.31 -60.88 69.39
N GLY I 19 5.35 -60.22 68.75
CA GLY I 19 4.09 -60.83 68.39
C GLY I 19 2.99 -60.68 69.40
N ASP I 20 3.31 -60.22 70.61
CA ASP I 20 2.32 -60.00 71.66
C ASP I 20 1.40 -58.83 71.33
N ARG I 21 0.25 -58.81 71.99
CA ARG I 21 -0.65 -57.67 71.95
C ARG I 21 -0.35 -56.78 73.14
N VAL I 22 -0.08 -55.50 72.88
CA VAL I 22 0.36 -54.55 73.89
C VAL I 22 -0.68 -53.45 73.99
N THR I 23 -1.02 -53.07 75.22
CA THR I 23 -1.89 -51.93 75.48
C THR I 23 -1.22 -50.99 76.48
N MET I 24 -1.54 -49.71 76.36
CA MET I 24 -1.07 -48.69 77.29
C MET I 24 -2.16 -47.62 77.39
N SER I 25 -2.34 -47.11 78.60
CA SER I 25 -3.49 -46.26 78.91
C SER I 25 -3.05 -44.82 79.10
N CYS I 26 -3.97 -43.90 78.80
CA CYS I 26 -3.76 -42.49 79.03
C CYS I 26 -5.06 -41.94 79.62
N LYS I 27 -4.98 -41.42 80.84
CA LYS I 27 -6.13 -40.87 81.53
C LYS I 27 -5.87 -39.38 81.74
N SER I 28 -6.83 -38.55 81.36
CA SER I 28 -6.73 -37.11 81.56
C SER I 28 -7.55 -36.75 82.78
N SER I 29 -7.05 -35.78 83.56
CA SER I 29 -7.76 -35.36 84.76
C SER I 29 -9.07 -34.65 84.43
N GLN I 30 -9.22 -34.15 83.20
CA GLN I 30 -10.46 -33.55 82.75
C GLN I 30 -10.77 -34.04 81.34
N SER I 31 -12.03 -33.90 80.95
CA SER I 31 -12.47 -34.37 79.64
C SER I 31 -11.80 -33.57 78.52
N VAL I 32 -11.46 -34.28 77.44
CA VAL I 32 -10.97 -33.67 76.22
C VAL I 32 -11.96 -33.83 75.07
N LEU I 33 -13.17 -34.30 75.37
CA LEU I 33 -14.22 -34.42 74.37
C LEU I 33 -14.82 -33.05 74.06
N TYR I 34 -14.75 -32.65 72.79
CA TYR I 34 -15.25 -31.36 72.36
C TYR I 34 -16.75 -31.42 72.11
N SER I 35 -17.47 -30.39 72.59
CA SER I 35 -18.92 -30.42 72.55
C SER I 35 -19.49 -30.28 71.13
N ALA I 36 -18.74 -29.70 70.20
CA ALA I 36 -19.29 -29.42 68.88
C ALA I 36 -19.23 -30.64 67.97
N ASN I 37 -18.02 -31.16 67.72
CA ASN I 37 -17.85 -32.28 66.80
C ASN I 37 -17.73 -33.61 67.51
N HIS I 38 -18.11 -33.67 68.79
CA HIS I 38 -17.98 -34.85 69.64
C HIS I 38 -16.73 -35.67 69.33
N LYS I 39 -15.60 -34.99 69.18
CA LYS I 39 -14.32 -35.62 68.91
C LYS I 39 -13.47 -35.49 70.16
N ASN I 40 -12.68 -36.51 70.46
CA ASN I 40 -11.77 -36.46 71.59
C ASN I 40 -10.43 -35.91 71.11
N TYR I 41 -10.02 -34.78 71.66
CA TYR I 41 -8.78 -34.13 71.22
C TYR I 41 -7.60 -34.74 71.96
N LEU I 42 -7.37 -36.01 71.67
CA LEU I 42 -6.24 -36.77 72.19
C LEU I 42 -5.53 -37.43 71.01
N ALA I 43 -4.21 -37.49 71.07
CA ALA I 43 -3.40 -38.06 70.00
C ALA I 43 -2.34 -38.97 70.59
N TRP I 44 -1.86 -39.92 69.79
CA TRP I 44 -0.81 -40.84 70.20
C TRP I 44 0.40 -40.69 69.32
N TYR I 45 1.59 -40.63 69.93
CA TYR I 45 2.82 -40.47 69.18
C TYR I 45 3.76 -41.63 69.47
N GLN I 46 4.59 -41.95 68.49
CA GLN I 46 5.69 -42.88 68.68
C GLN I 46 7.00 -42.12 68.50
N GLN I 47 7.87 -42.17 69.50
CA GLN I 47 9.15 -41.47 69.45
C GLN I 47 10.29 -42.45 69.67
N LYS I 48 11.21 -42.49 68.73
CA LYS I 48 12.50 -43.13 68.69
C LYS I 48 13.58 -42.16 69.15
N PRO I 49 14.67 -42.65 69.73
CA PRO I 49 15.69 -41.75 70.30
C PRO I 49 16.28 -40.83 69.24
N GLY I 50 16.54 -39.58 69.65
CA GLY I 50 17.09 -38.56 68.78
C GLY I 50 16.19 -38.06 67.68
N LYS I 51 14.95 -38.55 67.57
CA LYS I 51 14.04 -38.15 66.51
C LYS I 51 12.81 -37.47 67.09
N ALA I 52 12.13 -36.73 66.22
CA ALA I 52 10.88 -36.08 66.58
C ALA I 52 9.77 -37.13 66.75
N PRO I 53 8.79 -36.87 67.62
CA PRO I 53 7.68 -37.82 67.77
C PRO I 53 6.88 -37.93 66.47
N LYS I 54 6.44 -39.15 66.18
CA LYS I 54 5.72 -39.48 64.96
C LYS I 54 4.27 -39.77 65.30
N LEU I 55 3.35 -39.07 64.64
CA LEU I 55 1.94 -39.17 64.98
C LEU I 55 1.37 -40.51 64.54
N LEU I 56 0.62 -41.15 65.42
CA LEU I 56 -0.04 -42.42 65.14
C LEU I 56 -1.55 -42.29 65.05
N ILE I 57 -2.17 -41.66 66.04
CA ILE I 57 -3.62 -41.56 66.15
C ILE I 57 -3.98 -40.11 66.43
N TYR I 58 -5.02 -39.62 65.78
CA TYR I 58 -5.60 -38.33 66.11
C TYR I 58 -7.09 -38.52 66.35
N TRP I 59 -7.65 -37.61 67.15
CA TRP I 59 -9.05 -37.73 67.61
C TRP I 59 -9.30 -39.08 68.28
N ALA I 60 -8.26 -39.65 68.89
CA ALA I 60 -8.33 -40.79 69.79
C ALA I 60 -8.63 -42.12 69.10
N SER I 61 -9.06 -42.10 67.85
CA SER I 61 -9.42 -43.36 67.21
C SER I 61 -9.12 -43.40 65.71
N THR I 62 -8.71 -42.29 65.13
CA THR I 62 -8.44 -42.23 63.69
C THR I 62 -6.94 -42.40 63.48
N ARG I 63 -6.56 -43.50 62.83
CA ARG I 63 -5.16 -43.76 62.52
C ARG I 63 -4.70 -42.90 61.36
N GLU I 64 -3.52 -42.30 61.51
CA GLU I 64 -3.03 -41.39 60.48
C GLU I 64 -2.52 -42.17 59.27
N SER I 65 -2.30 -41.43 58.19
CA SER I 65 -1.93 -42.01 56.90
C SER I 65 -0.74 -42.94 57.02
N GLY I 66 -0.75 -43.98 56.20
CA GLY I 66 0.32 -44.97 56.13
C GLY I 66 0.77 -45.66 57.41
N VAL I 67 0.09 -45.43 58.52
CA VAL I 67 0.47 -46.05 59.78
C VAL I 67 -0.03 -47.50 59.78
N PRO I 68 0.80 -48.46 60.18
CA PRO I 68 0.37 -49.87 60.14
C PRO I 68 -0.90 -50.12 60.95
N SER I 69 -1.66 -51.11 60.50
CA SER I 69 -2.94 -51.45 61.13
C SER I 69 -2.78 -52.06 62.52
N ARG I 70 -1.58 -52.48 62.91
CA ARG I 70 -1.41 -53.03 64.25
C ARG I 70 -1.67 -51.98 65.32
N PHE I 71 -1.50 -50.70 65.00
CA PHE I 71 -1.76 -49.62 65.94
C PHE I 71 -3.22 -49.23 65.89
N SER I 72 -3.83 -49.07 67.06
CA SER I 72 -5.21 -48.65 67.17
C SER I 72 -5.39 -47.85 68.45
N GLY I 73 -6.22 -46.82 68.36
CA GLY I 73 -6.54 -45.99 69.51
C GLY I 73 -8.01 -46.12 69.83
N SER I 74 -8.32 -46.15 71.13
CA SER I 74 -9.71 -46.28 71.58
C SER I 74 -9.90 -45.45 72.83
N GLY I 75 -11.16 -45.36 73.26
CA GLY I 75 -11.55 -44.59 74.41
C GLY I 75 -12.27 -43.31 74.01
N SER I 76 -12.91 -42.70 75.02
CA SER I 76 -13.69 -41.49 74.84
C SER I 76 -13.94 -40.88 76.22
N GLY I 77 -13.85 -39.54 76.30
CA GLY I 77 -14.07 -38.83 77.53
C GLY I 77 -12.80 -38.56 78.31
N THR I 78 -12.50 -39.41 79.29
CA THR I 78 -11.31 -39.25 80.11
C THR I 78 -10.38 -40.46 80.10
N ASP I 79 -10.76 -41.56 79.44
CA ASP I 79 -9.97 -42.78 79.45
C ASP I 79 -9.68 -43.21 78.01
N PHE I 80 -8.41 -43.42 77.71
CA PHE I 80 -7.99 -43.77 76.35
C PHE I 80 -6.93 -44.86 76.41
N THR I 81 -6.87 -45.66 75.35
CA THR I 81 -5.94 -46.77 75.27
C THR I 81 -5.37 -46.89 73.86
N LEU I 82 -4.05 -47.07 73.77
CA LEU I 82 -3.37 -47.40 72.53
C LEU I 82 -3.03 -48.88 72.54
N THR I 83 -3.42 -49.59 71.49
CA THR I 83 -3.21 -51.03 71.40
C THR I 83 -2.35 -51.39 70.20
N ILE I 84 -1.36 -52.23 70.42
CA ILE I 84 -0.52 -52.78 69.37
C ILE I 84 -0.81 -54.29 69.32
N SER I 85 -1.54 -54.72 68.29
CA SER I 85 -2.10 -56.07 68.29
C SER I 85 -1.00 -57.14 68.22
N SER I 86 0.06 -56.89 67.47
CA SER I 86 1.15 -57.86 67.32
C SER I 86 2.47 -57.10 67.38
N LEU I 87 3.13 -57.18 68.53
CA LEU I 87 4.35 -56.42 68.76
C LEU I 87 5.44 -56.86 67.78
N GLN I 88 6.03 -55.88 67.11
CA GLN I 88 7.11 -56.08 66.17
C GLN I 88 8.40 -55.49 66.72
N PRO I 89 9.57 -56.02 66.30
CA PRO I 89 10.83 -55.48 66.83
C PRO I 89 11.02 -54.00 66.51
N GLU I 90 10.43 -53.50 65.43
CA GLU I 90 10.53 -52.10 65.05
C GLU I 90 9.64 -51.19 65.88
N ASP I 91 8.88 -51.73 66.83
CA ASP I 91 7.98 -50.93 67.65
C ASP I 91 8.58 -50.56 69.00
N ILE I 92 9.84 -50.94 69.24
CA ILE I 92 10.56 -50.50 70.44
C ILE I 92 10.74 -48.99 70.38
N ALA I 93 10.02 -48.28 71.24
CA ALA I 93 10.03 -46.82 71.28
C ALA I 93 9.33 -46.38 72.56
N THR I 94 9.26 -45.06 72.76
CA THR I 94 8.48 -44.46 73.82
C THR I 94 7.27 -43.79 73.19
N TYR I 95 6.09 -44.05 73.77
CA TYR I 95 4.83 -43.57 73.24
C TYR I 95 4.25 -42.52 74.17
N TYR I 96 3.72 -41.45 73.58
CA TYR I 96 3.16 -40.32 74.30
C TYR I 96 1.72 -40.09 73.87
N CYS I 97 0.90 -39.70 74.83
CA CYS I 97 -0.42 -39.16 74.54
C CYS I 97 -0.38 -37.65 74.70
N HIS I 98 -1.30 -36.98 74.00
CA HIS I 98 -1.23 -35.54 73.80
C HIS I 98 -2.65 -35.02 73.62
N GLN I 99 -3.06 -34.09 74.49
CA GLN I 99 -4.34 -33.41 74.34
C GLN I 99 -4.08 -32.04 73.74
N TYR I 100 -4.89 -31.64 72.76
CA TYR I 100 -4.67 -30.40 72.04
C TYR I 100 -5.98 -29.63 71.85
N LEU I 101 -6.78 -29.48 72.91
CA LEU I 101 -8.01 -28.72 72.79
C LEU I 101 -7.69 -27.25 72.53
N SER I 102 -7.16 -26.57 73.54
CA SER I 102 -6.67 -25.21 73.39
C SER I 102 -5.15 -25.21 73.48
N SER I 103 -4.61 -25.38 74.68
CA SER I 103 -3.18 -25.52 74.89
C SER I 103 -2.79 -26.99 74.69
N TRP I 104 -1.55 -27.33 75.03
CA TRP I 104 -1.00 -28.65 74.81
C TRP I 104 -0.45 -29.18 76.12
N THR I 105 -0.85 -30.39 76.49
CA THR I 105 -0.21 -31.14 77.56
C THR I 105 0.05 -32.56 77.07
N PHE I 106 1.03 -33.22 77.67
CA PHE I 106 1.47 -34.54 77.24
C PHE I 106 1.45 -35.49 78.42
N GLY I 107 1.28 -36.77 78.11
CA GLY I 107 1.47 -37.79 79.12
C GLY I 107 2.93 -38.02 79.42
N GLY I 108 3.20 -38.65 80.56
CA GLY I 108 4.56 -38.92 80.97
C GLY I 108 5.31 -39.86 80.05
N GLY I 109 4.60 -40.57 79.19
CA GLY I 109 5.21 -41.48 78.24
C GLY I 109 5.17 -42.91 78.73
N THR I 110 5.16 -43.84 77.78
CA THR I 110 5.19 -45.27 78.07
C THR I 110 6.30 -45.89 77.23
N LYS I 111 7.41 -46.22 77.88
CA LYS I 111 8.56 -46.78 77.18
C LYS I 111 8.35 -48.28 76.98
N LEU I 112 8.41 -48.72 75.71
CA LEU I 112 8.15 -50.10 75.35
C LEU I 112 9.46 -50.81 75.05
N GLU I 113 9.69 -51.95 75.69
CA GLU I 113 10.88 -52.76 75.51
C GLU I 113 10.48 -54.22 75.31
N ILE I 114 11.44 -55.03 74.88
CA ILE I 114 11.23 -56.47 74.70
C ILE I 114 11.52 -57.17 76.02
N LYS I 115 10.63 -58.09 76.40
CA LYS I 115 10.77 -58.85 77.63
C LYS I 115 11.60 -60.11 77.41
N ARG I 116 12.42 -60.44 78.42
CA ARG I 116 13.25 -61.64 78.41
C ARG I 116 13.45 -62.13 79.84
N THR I 117 14.13 -63.26 79.96
CA THR I 117 14.47 -63.83 81.26
C THR I 117 15.37 -62.88 82.05
N VAL I 118 15.08 -62.75 83.35
CA VAL I 118 15.88 -61.92 84.22
C VAL I 118 17.32 -62.40 84.25
N ALA I 119 18.25 -61.45 84.04
CA ALA I 119 19.68 -61.74 84.07
C ALA I 119 20.34 -60.74 85.00
N ALA I 120 21.03 -61.24 86.02
CA ALA I 120 21.73 -60.37 86.95
C ALA I 120 22.92 -59.68 86.26
N PRO I 121 23.29 -58.48 86.71
CA PRO I 121 24.42 -57.79 86.10
C PRO I 121 25.75 -58.32 86.63
N SER I 122 26.73 -58.36 85.74
CA SER I 122 28.12 -58.55 86.15
C SER I 122 28.69 -57.22 86.62
N VAL I 123 29.14 -57.17 87.86
CA VAL I 123 29.60 -55.93 88.49
C VAL I 123 31.12 -55.88 88.45
N PHE I 124 31.67 -54.81 87.89
CA PHE I 124 33.10 -54.56 87.84
C PHE I 124 33.38 -53.16 88.37
N ILE I 125 34.54 -52.99 89.00
CA ILE I 125 34.97 -51.69 89.49
C ILE I 125 36.37 -51.39 88.96
N PHE I 126 36.60 -50.13 88.59
CA PHE I 126 37.90 -49.70 88.09
C PHE I 126 38.44 -48.59 88.97
N PRO I 127 39.62 -48.75 89.56
CA PRO I 127 40.23 -47.64 90.31
C PRO I 127 40.80 -46.61 89.36
N PRO I 128 41.05 -45.39 89.84
CA PRO I 128 41.64 -44.38 88.95
C PRO I 128 43.03 -44.80 88.50
N SER I 129 43.42 -44.31 87.32
CA SER I 129 44.72 -44.65 86.77
C SER I 129 45.77 -43.69 87.32
N ASP I 130 47.03 -44.12 87.25
CA ASP I 130 48.12 -43.25 87.67
C ASP I 130 48.23 -42.03 86.76
N GLU I 131 47.91 -42.21 85.48
CA GLU I 131 47.94 -41.10 84.53
C GLU I 131 46.97 -40.01 84.94
N GLN I 132 45.77 -40.39 85.37
CA GLN I 132 44.78 -39.40 85.78
C GLN I 132 45.12 -38.76 87.11
N LEU I 133 45.73 -39.51 88.03
CA LEU I 133 46.11 -38.93 89.31
C LEU I 133 47.16 -37.85 89.14
N LYS I 134 48.11 -38.05 88.22
CA LYS I 134 49.06 -36.97 87.95
C LYS I 134 48.37 -35.72 87.42
N SER I 135 47.19 -35.84 86.82
CA SER I 135 46.47 -34.67 86.30
C SER I 135 45.76 -33.87 87.40
N GLY I 136 45.46 -34.48 88.53
CA GLY I 136 44.80 -33.78 89.62
C GLY I 136 43.35 -34.14 89.88
N THR I 137 42.83 -35.19 89.25
CA THR I 137 41.45 -35.61 89.42
C THR I 137 41.41 -37.13 89.54
N ALA I 138 40.38 -37.64 90.21
CA ALA I 138 40.20 -39.07 90.41
C ALA I 138 38.78 -39.46 90.04
N SER I 139 38.65 -40.34 89.05
CA SER I 139 37.37 -40.90 88.64
C SER I 139 37.38 -42.41 88.88
N VAL I 140 36.38 -42.89 89.61
CA VAL I 140 36.18 -44.32 89.84
C VAL I 140 34.97 -44.74 89.03
N VAL I 141 35.08 -45.88 88.34
CA VAL I 141 34.08 -46.33 87.38
C VAL I 141 33.53 -47.68 87.84
N CYS I 142 32.21 -47.74 88.01
CA CYS I 142 31.51 -48.98 88.29
C CYS I 142 30.78 -49.43 87.03
N LEU I 143 30.91 -50.71 86.69
CA LEU I 143 30.38 -51.26 85.45
C LEU I 143 29.36 -52.34 85.78
N LEU I 144 28.16 -52.22 85.20
CA LEU I 144 27.08 -53.19 85.37
C LEU I 144 26.76 -53.76 84.00
N ASN I 145 27.04 -55.05 83.81
CA ASN I 145 27.10 -55.62 82.47
C ASN I 145 25.94 -56.60 82.24
N ASN I 146 25.22 -56.37 81.14
CA ASN I 146 24.22 -57.30 80.61
C ASN I 146 23.22 -57.75 81.67
N PHE I 147 22.26 -56.89 82.01
CA PHE I 147 21.25 -57.22 82.99
C PHE I 147 19.86 -56.85 82.47
N TYR I 148 18.86 -57.58 82.98
CA TYR I 148 17.48 -57.29 82.68
C TYR I 148 16.65 -57.66 83.90
N PRO I 149 15.67 -56.83 84.30
CA PRO I 149 15.25 -55.58 83.63
C PRO I 149 16.23 -54.41 83.83
N ARG I 150 15.86 -53.25 83.28
CA ARG I 150 16.79 -52.12 83.27
C ARG I 150 16.95 -51.51 84.65
N GLU I 151 15.96 -51.63 85.52
CA GLU I 151 15.98 -50.95 86.80
C GLU I 151 17.09 -51.52 87.69
N ALA I 152 18.05 -50.67 88.05
CA ALA I 152 19.11 -51.03 88.97
C ALA I 152 19.53 -49.79 89.73
N LYS I 153 20.18 -50.00 90.87
CA LYS I 153 20.64 -48.90 91.70
C LYS I 153 22.11 -49.08 92.04
N VAL I 154 22.90 -48.04 91.83
CA VAL I 154 24.33 -48.03 92.10
C VAL I 154 24.58 -47.00 93.18
N GLN I 155 25.13 -47.44 94.32
CA GLN I 155 25.47 -46.53 95.41
C GLN I 155 26.97 -46.62 95.66
N TRP I 156 27.63 -45.46 95.60
CA TRP I 156 29.05 -45.36 95.93
C TRP I 156 29.22 -45.18 97.42
N LYS I 157 30.27 -45.80 97.96
CA LYS I 157 30.59 -45.70 99.38
C LYS I 157 32.07 -45.42 99.53
N VAL I 158 32.40 -44.39 100.31
CA VAL I 158 33.78 -43.97 100.54
C VAL I 158 34.01 -44.04 102.05
N ASP I 159 34.83 -45.01 102.47
CA ASP I 159 34.97 -45.35 103.89
C ASP I 159 33.59 -45.67 104.47
N ASN I 160 32.85 -46.47 103.71
CA ASN I 160 31.50 -46.93 103.99
C ASN I 160 30.49 -45.79 104.06
N ALA I 161 30.88 -44.57 103.70
CA ALA I 161 29.98 -43.41 103.70
C ALA I 161 29.45 -43.18 102.30
N LEU I 162 28.14 -43.26 102.14
CA LEU I 162 27.51 -43.14 100.82
C LEU I 162 27.74 -41.77 100.21
N GLN I 163 28.05 -41.74 98.91
CA GLN I 163 28.25 -40.50 98.16
C GLN I 163 26.99 -40.27 97.34
N SER I 164 26.69 -39.01 97.02
CA SER I 164 25.39 -38.81 96.37
C SER I 164 25.26 -37.68 95.34
N GLY I 165 26.00 -36.59 95.49
CA GLY I 165 25.95 -35.52 94.51
C GLY I 165 27.15 -35.36 93.60
N ASN I 166 28.06 -36.34 93.56
CA ASN I 166 29.31 -36.23 92.81
C ASN I 166 29.53 -37.36 91.82
N SER I 167 28.48 -38.03 91.36
CA SER I 167 28.63 -39.16 90.44
C SER I 167 27.58 -39.08 89.35
N GLN I 168 27.87 -39.73 88.22
CA GLN I 168 26.97 -39.82 87.09
C GLN I 168 26.97 -41.22 86.51
N GLU I 169 25.81 -41.66 86.02
CA GLU I 169 25.67 -42.95 85.36
C GLU I 169 25.03 -42.77 83.99
N SER I 170 25.25 -43.77 83.13
CA SER I 170 24.72 -43.76 81.77
C SER I 170 24.36 -45.18 81.37
N VAL I 171 23.24 -45.33 80.65
CA VAL I 171 22.70 -46.64 80.30
C VAL I 171 22.59 -46.73 78.78
N THR I 172 22.97 -47.89 78.24
CA THR I 172 22.89 -48.13 76.82
C THR I 172 21.45 -48.48 76.43
N GLU I 173 21.17 -48.42 75.12
CA GLU I 173 19.93 -48.96 74.61
C GLU I 173 19.86 -50.48 74.84
N GLN I 174 18.65 -51.01 74.84
CA GLN I 174 18.46 -52.44 74.98
C GLN I 174 19.14 -53.16 73.81
N ASP I 175 20.06 -54.06 74.12
CA ASP I 175 20.83 -54.75 73.10
C ASP I 175 19.91 -55.54 72.18
N SER I 176 20.21 -55.51 70.88
CA SER I 176 19.35 -56.11 69.88
C SER I 176 19.54 -57.63 69.78
N LYS I 177 20.49 -58.20 70.51
CA LYS I 177 20.77 -59.63 70.44
C LYS I 177 20.47 -60.38 71.73
N ASP I 178 20.73 -59.79 72.89
CA ASP I 178 20.41 -60.42 74.15
C ASP I 178 19.42 -59.61 74.99
N SER I 179 18.91 -58.49 74.47
CA SER I 179 17.84 -57.73 75.11
C SER I 179 18.22 -57.29 76.53
N THR I 180 19.50 -56.97 76.73
CA THR I 180 19.99 -56.53 78.03
C THR I 180 20.36 -55.05 77.99
N TYR I 181 20.65 -54.52 79.18
CA TYR I 181 21.14 -53.17 79.36
C TYR I 181 22.48 -53.21 80.05
N SER I 182 23.26 -52.14 79.87
CA SER I 182 24.52 -51.96 80.56
C SER I 182 24.57 -50.56 81.16
N LEU I 183 25.21 -50.45 82.31
CA LEU I 183 25.30 -49.20 83.06
C LEU I 183 26.75 -48.95 83.45
N SER I 184 27.20 -47.71 83.25
CA SER I 184 28.50 -47.23 83.71
C SER I 184 28.27 -46.03 84.61
N SER I 185 28.89 -46.03 85.79
CA SER I 185 28.76 -44.95 86.74
C SER I 185 30.14 -44.43 87.10
N THR I 186 30.30 -43.11 87.04
CA THR I 186 31.58 -42.46 87.31
C THR I 186 31.46 -41.55 88.51
N LEU I 187 32.24 -41.83 89.55
CA LEU I 187 32.34 -40.97 90.72
C LEU I 187 33.65 -40.19 90.65
N THR I 188 33.56 -38.87 90.82
CA THR I 188 34.70 -37.99 90.63
C THR I 188 34.96 -37.21 91.92
N LEU I 189 36.20 -37.32 92.42
CA LEU I 189 36.66 -36.57 93.58
C LEU I 189 37.99 -35.91 93.24
N SER I 190 38.31 -34.85 93.97
CA SER I 190 39.64 -34.28 93.91
C SER I 190 40.68 -35.27 94.45
N LYS I 191 41.93 -35.06 94.05
CA LYS I 191 42.99 -36.00 94.41
C LYS I 191 43.18 -36.08 95.92
N ALA I 192 43.09 -34.94 96.60
CA ALA I 192 43.27 -34.93 98.05
C ALA I 192 42.15 -35.71 98.74
N ASP I 193 40.90 -35.47 98.32
CA ASP I 193 39.78 -36.23 98.88
C ASP I 193 39.92 -37.71 98.62
N TYR I 194 40.49 -38.08 97.48
CA TYR I 194 40.71 -39.50 97.18
C TYR I 194 41.74 -40.09 98.11
N GLU I 195 42.83 -39.37 98.36
CA GLU I 195 43.85 -39.85 99.27
C GLU I 195 43.46 -39.69 100.74
N LYS I 196 42.30 -39.10 101.02
CA LYS I 196 41.82 -38.97 102.39
C LYS I 196 41.05 -40.18 102.88
N HIS I 197 40.78 -41.16 102.02
CA HIS I 197 39.98 -42.32 102.38
C HIS I 197 40.62 -43.58 101.81
N LYS I 198 40.09 -44.74 102.19
CA LYS I 198 40.73 -46.01 101.84
C LYS I 198 39.86 -46.93 100.99
N VAL I 199 38.64 -47.24 101.44
CA VAL I 199 37.82 -48.21 100.72
C VAL I 199 36.89 -47.47 99.77
N TYR I 200 36.90 -47.88 98.50
CA TYR I 200 36.06 -47.31 97.45
C TYR I 200 35.30 -48.46 96.82
N ALA I 201 33.97 -48.36 96.84
CA ALA I 201 33.11 -49.47 96.44
C ALA I 201 31.82 -48.93 95.84
N CYS I 202 31.23 -49.73 94.95
CA CYS I 202 29.88 -49.52 94.45
C CYS I 202 29.02 -50.70 94.83
N GLU I 203 27.89 -50.43 95.47
CA GLU I 203 26.95 -51.45 95.86
C GLU I 203 25.81 -51.46 94.84
N VAL I 204 25.53 -52.62 94.26
CA VAL I 204 24.58 -52.74 93.16
C VAL I 204 23.38 -53.55 93.63
N THR I 205 22.18 -52.96 93.53
CA THR I 205 20.93 -53.66 93.82
C THR I 205 20.15 -53.86 92.54
N HIS I 206 19.73 -55.10 92.29
CA HIS I 206 19.04 -55.45 91.05
C HIS I 206 18.17 -56.67 91.31
N GLN I 207 17.08 -56.79 90.54
CA GLN I 207 16.14 -57.88 90.75
C GLN I 207 16.81 -59.24 90.62
N GLY I 208 17.79 -59.37 89.74
CA GLY I 208 18.46 -60.63 89.54
C GLY I 208 19.47 -61.00 90.60
N LEU I 209 19.71 -60.13 91.57
CA LEU I 209 20.63 -60.39 92.66
C LEU I 209 19.85 -60.68 93.92
N SER I 210 20.12 -61.83 94.54
CA SER I 210 19.45 -62.16 95.80
C SER I 210 19.78 -61.14 96.88
N SER I 211 21.01 -60.67 96.90
CA SER I 211 21.48 -59.64 97.82
C SER I 211 22.28 -58.61 97.06
N PRO I 212 22.36 -57.39 97.57
CA PRO I 212 23.19 -56.37 96.91
C PRO I 212 24.64 -56.82 96.84
N VAL I 213 25.24 -56.65 95.66
CA VAL I 213 26.64 -56.98 95.44
C VAL I 213 27.46 -55.70 95.60
N THR I 214 28.64 -55.83 96.22
CA THR I 214 29.56 -54.74 96.43
C THR I 214 30.92 -55.16 95.89
N LYS I 215 31.47 -54.39 94.97
CA LYS I 215 32.84 -54.57 94.52
C LYS I 215 33.71 -53.46 95.07
N SER I 216 34.77 -53.83 95.76
CA SER I 216 35.56 -52.86 96.48
C SER I 216 37.02 -53.07 96.15
N ASP J 4 18.65 3.41 -56.43
CA ASP J 4 18.31 3.44 -55.01
C ASP J 4 18.60 4.83 -54.46
N ILE J 5 17.65 5.43 -53.74
CA ILE J 5 17.91 6.73 -53.14
C ILE J 5 18.81 6.42 -51.95
N GLN J 6 20.11 6.54 -52.14
CA GLN J 6 21.05 6.24 -51.08
C GLN J 6 21.32 7.46 -50.23
N LEU J 7 21.58 7.22 -48.95
CA LEU J 7 21.98 8.24 -48.01
C LEU J 7 23.36 7.90 -47.49
N THR J 8 24.31 8.80 -47.69
CA THR J 8 25.67 8.61 -47.23
C THR J 8 25.91 9.58 -46.08
N GLN J 9 26.11 9.05 -44.88
CA GLN J 9 26.32 9.86 -43.69
C GLN J 9 27.80 9.80 -43.33
N SER J 10 28.36 10.93 -42.91
CA SER J 10 29.77 10.98 -42.61
C SER J 10 30.06 12.07 -41.57
N PRO J 11 31.00 11.83 -40.64
CA PRO J 11 31.76 10.58 -40.59
C PRO J 11 30.98 9.45 -39.90
N SER J 12 31.54 8.24 -39.96
CA SER J 12 30.91 7.11 -39.28
C SER J 12 30.93 7.30 -37.77
N SER J 13 31.91 8.02 -37.24
CA SER J 13 32.02 8.24 -35.82
C SER J 13 32.66 9.59 -35.54
N LEU J 14 32.12 10.31 -34.57
CA LEU J 14 32.71 11.56 -34.09
C LEU J 14 33.10 11.39 -32.63
N SER J 15 34.29 11.90 -32.30
CA SER J 15 34.73 12.00 -30.92
C SER J 15 34.98 13.47 -30.60
N ALA J 16 34.36 13.96 -29.52
CA ALA J 16 34.44 15.38 -29.19
C ALA J 16 34.25 15.56 -27.70
N SER J 17 34.70 16.71 -27.21
CA SER J 17 34.64 17.04 -25.79
C SER J 17 33.23 17.47 -25.40
N VAL J 18 32.95 17.36 -24.10
CA VAL J 18 31.75 18.01 -23.57
C VAL J 18 31.91 19.52 -23.74
N GLY J 19 30.89 20.16 -24.30
CA GLY J 19 30.94 21.56 -24.63
C GLY J 19 31.38 21.88 -26.04
N ASP J 20 31.89 20.92 -26.80
CA ASP J 20 32.27 21.15 -28.18
C ASP J 20 31.04 21.39 -29.05
N ARG J 21 31.27 22.02 -30.20
CA ARG J 21 30.26 22.15 -31.25
C ARG J 21 30.50 21.04 -32.27
N VAL J 22 29.47 20.24 -32.53
CA VAL J 22 29.57 19.04 -33.36
C VAL J 22 28.64 19.19 -34.56
N THR J 23 29.14 18.81 -35.74
CA THR J 23 28.36 18.72 -36.97
C THR J 23 28.57 17.37 -37.61
N MET J 24 27.54 16.91 -38.34
CA MET J 24 27.59 15.67 -39.11
C MET J 24 26.73 15.83 -40.35
N SER J 25 27.19 15.26 -41.47
CA SER J 25 26.60 15.48 -42.77
C SER J 25 25.88 14.23 -43.29
N CYS J 26 24.87 14.48 -44.11
CA CYS J 26 24.11 13.44 -44.80
C CYS J 26 23.90 13.90 -46.22
N LYS J 27 24.42 13.16 -47.19
CA LYS J 27 24.27 13.48 -48.60
C LYS J 27 23.46 12.40 -49.29
N SER J 28 22.45 12.82 -50.04
CA SER J 28 21.59 11.91 -50.79
C SER J 28 22.06 11.86 -52.24
N SER J 29 21.99 10.66 -52.83
CA SER J 29 22.36 10.51 -54.23
C SER J 29 21.36 11.21 -55.15
N GLN J 30 20.15 11.47 -54.67
CA GLN J 30 19.14 12.16 -55.44
C GLN J 30 18.41 13.17 -54.56
N SER J 31 17.76 14.13 -55.20
CA SER J 31 17.06 15.19 -54.49
C SER J 31 15.89 14.65 -53.68
N VAL J 32 15.67 15.23 -52.50
CA VAL J 32 14.51 14.95 -51.68
C VAL J 32 13.59 16.16 -51.56
N LEU J 33 13.84 17.20 -52.35
CA LEU J 33 13.00 18.39 -52.38
C LEU J 33 11.72 18.10 -53.16
N TYR J 34 10.57 18.29 -52.50
CA TYR J 34 9.29 18.04 -53.13
C TYR J 34 8.84 19.25 -53.93
N SER J 35 8.31 18.99 -55.14
CA SER J 35 8.01 20.06 -56.08
C SER J 35 6.81 20.90 -55.66
N ALA J 36 5.91 20.36 -54.84
CA ALA J 36 4.68 21.07 -54.51
C ALA J 36 4.90 22.08 -53.39
N ASN J 37 5.36 21.60 -52.22
CA ASN J 37 5.52 22.45 -51.05
C ASN J 37 6.95 22.95 -50.86
N HIS J 38 7.78 22.84 -51.90
CA HIS J 38 9.21 23.17 -51.84
C HIS J 38 9.84 22.81 -50.50
N LYS J 39 9.53 21.62 -49.99
CA LYS J 39 10.04 21.12 -48.72
C LYS J 39 11.00 19.96 -48.99
N ASN J 40 12.05 19.87 -48.19
CA ASN J 40 13.01 18.78 -48.28
C ASN J 40 12.58 17.64 -47.36
N TYR J 41 12.33 16.47 -47.93
CA TYR J 41 11.84 15.32 -47.15
C TYR J 41 13.01 14.52 -46.56
N LEU J 42 13.70 15.17 -45.61
CA LEU J 42 14.77 14.54 -44.85
C LEU J 42 14.55 14.77 -43.37
N ALA J 43 14.88 13.78 -42.54
CA ALA J 43 14.65 13.86 -41.10
C ALA J 43 15.89 13.38 -40.34
N TRP J 44 16.03 13.83 -39.10
CA TRP J 44 17.15 13.44 -38.25
C TRP J 44 16.65 12.75 -36.99
N TYR J 45 17.30 11.66 -36.62
CA TYR J 45 16.90 10.90 -35.44
C TYR J 45 18.04 10.80 -34.45
N GLN J 46 17.70 10.70 -33.17
CA GLN J 46 18.65 10.36 -32.12
C GLN J 46 18.26 9.00 -31.56
N GLN J 47 19.18 8.05 -31.57
CA GLN J 47 18.91 6.72 -31.06
C GLN J 47 19.94 6.36 -29.98
N LYS J 48 19.43 5.98 -28.78
CA LYS J 48 20.08 5.40 -27.62
C LYS J 48 20.00 3.88 -27.68
N PRO J 49 20.98 3.17 -27.10
CA PRO J 49 20.99 1.71 -27.25
C PRO J 49 19.73 1.06 -26.69
N GLY J 50 19.26 0.03 -27.39
CA GLY J 50 18.06 -0.69 -27.01
C GLY J 50 16.75 0.08 -27.14
N LYS J 51 16.78 1.32 -27.60
CA LYS J 51 15.59 2.15 -27.69
C LYS J 51 15.31 2.54 -29.14
N ALA J 52 14.06 2.94 -29.37
CA ALA J 52 13.67 3.42 -30.68
C ALA J 52 14.29 4.79 -30.96
N PRO J 53 14.57 5.11 -32.22
CA PRO J 53 15.11 6.44 -32.55
C PRO J 53 14.09 7.52 -32.22
N LYS J 54 14.60 8.65 -31.73
CA LYS J 54 13.77 9.78 -31.32
C LYS J 54 13.97 10.90 -32.31
N LEU J 55 12.87 11.41 -32.88
CA LEU J 55 12.93 12.36 -33.97
C LEU J 55 13.44 13.72 -33.50
N LEU J 56 14.39 14.29 -34.23
CA LEU J 56 14.94 15.61 -33.93
C LEU J 56 14.54 16.68 -34.94
N ILE J 57 14.71 16.40 -36.23
CA ILE J 57 14.48 17.37 -37.30
C ILE J 57 13.59 16.73 -38.35
N TYR J 58 12.61 17.47 -38.83
CA TYR J 58 11.82 17.08 -39.98
C TYR J 58 11.83 18.20 -41.01
N TRP J 59 11.66 17.81 -42.27
CA TRP J 59 11.78 18.73 -43.40
C TRP J 59 13.12 19.48 -43.39
N ALA J 60 14.13 18.80 -42.85
CA ALA J 60 15.56 19.14 -42.95
C ALA J 60 15.99 20.32 -42.08
N SER J 61 15.06 21.11 -41.57
CA SER J 61 15.46 22.28 -40.81
C SER J 61 14.53 22.64 -39.66
N THR J 62 13.39 21.97 -39.51
CA THR J 62 12.41 22.31 -38.48
C THR J 62 12.61 21.39 -37.27
N ARG J 63 12.94 21.98 -36.14
CA ARG J 63 13.12 21.22 -34.91
C ARG J 63 11.76 20.81 -34.35
N GLU J 64 11.65 19.54 -33.94
CA GLU J 64 10.39 19.05 -33.43
C GLU J 64 10.18 19.51 -31.99
N SER J 65 8.94 19.34 -31.52
CA SER J 65 8.54 19.82 -30.20
C SER J 65 9.49 19.36 -29.10
N GLY J 66 9.64 20.21 -28.09
CA GLY J 66 10.48 19.95 -26.93
C GLY J 66 11.93 19.53 -27.14
N VAL J 67 12.43 19.59 -28.37
CA VAL J 67 13.82 19.20 -28.64
C VAL J 67 14.69 20.37 -28.22
N PRO J 68 15.79 20.13 -27.51
CA PRO J 68 16.65 21.25 -27.08
C PRO J 68 17.13 22.08 -28.26
N SER J 69 17.34 23.37 -28.00
CA SER J 69 17.74 24.30 -29.04
C SER J 69 19.15 24.06 -29.56
N ARG J 70 19.94 23.23 -28.88
CA ARG J 70 21.29 22.93 -29.34
C ARG J 70 21.28 22.18 -30.67
N PHE J 71 20.20 21.46 -30.97
CA PHE J 71 20.08 20.72 -32.21
C PHE J 71 19.50 21.61 -33.30
N SER J 72 20.11 21.59 -34.47
CA SER J 72 19.63 22.37 -35.61
C SER J 72 19.97 21.62 -36.90
N GLY J 73 19.06 21.68 -37.86
CA GLY J 73 19.27 21.06 -39.16
C GLY J 73 19.30 22.11 -40.26
N SER J 74 20.18 21.90 -41.25
CA SER J 74 20.34 22.80 -42.37
C SER J 74 20.65 21.99 -43.63
N GLY J 75 20.67 22.69 -44.76
CA GLY J 75 20.93 22.08 -46.05
C GLY J 75 19.66 21.98 -46.88
N SER J 76 19.86 21.68 -48.16
CA SER J 76 18.75 21.59 -49.11
C SER J 76 19.23 20.90 -50.38
N GLY J 77 18.39 20.01 -50.90
CA GLY J 77 18.71 19.31 -52.13
C GLY J 77 19.37 17.97 -51.91
N THR J 78 20.70 17.96 -51.98
CA THR J 78 21.48 16.74 -51.82
C THR J 78 22.48 16.82 -50.67
N ASP J 79 22.60 17.97 -50.00
CA ASP J 79 23.58 18.14 -48.92
C ASP J 79 22.86 18.64 -47.68
N PHE J 80 23.03 17.93 -46.56
CA PHE J 80 22.36 18.28 -45.31
C PHE J 80 23.33 18.12 -44.15
N THR J 81 23.11 18.91 -43.10
CA THR J 81 23.98 18.91 -41.93
C THR J 81 23.15 19.01 -40.65
N LEU J 82 23.49 18.18 -39.67
CA LEU J 82 22.94 18.29 -38.33
C LEU J 82 23.99 18.90 -37.41
N THR J 83 23.61 19.93 -36.66
CA THR J 83 24.55 20.66 -35.81
C THR J 83 24.11 20.57 -34.36
N ILE J 84 25.05 20.24 -33.48
CA ILE J 84 24.84 20.25 -32.04
C ILE J 84 25.72 21.37 -31.48
N SER J 85 25.09 22.48 -31.10
CA SER J 85 25.85 23.70 -30.81
C SER J 85 26.73 23.54 -29.56
N SER J 86 26.24 22.84 -28.54
CA SER J 86 26.99 22.66 -27.30
C SER J 86 26.79 21.22 -26.83
N LEU J 87 27.80 20.38 -27.06
CA LEU J 87 27.69 18.97 -26.73
C LEU J 87 27.54 18.77 -25.23
N GLN J 88 26.50 18.03 -24.85
CA GLN J 88 26.17 17.65 -23.48
C GLN J 88 26.36 16.15 -23.30
N PRO J 89 26.61 15.68 -22.07
CA PRO J 89 26.83 14.24 -21.86
C PRO J 89 25.64 13.38 -22.29
N GLU J 90 24.42 13.92 -22.25
CA GLU J 90 23.25 13.16 -22.66
C GLU J 90 23.10 13.08 -24.18
N ASP J 91 23.99 13.68 -24.96
CA ASP J 91 23.90 13.64 -26.42
C ASP J 91 24.76 12.55 -27.04
N ILE J 92 25.46 11.76 -26.21
CA ILE J 92 26.17 10.58 -26.69
C ILE J 92 25.16 9.58 -27.21
N ALA J 93 25.14 9.41 -28.52
CA ALA J 93 24.17 8.52 -29.17
C ALA J 93 24.62 8.33 -30.62
N THR J 94 23.84 7.54 -31.35
CA THR J 94 24.00 7.37 -32.79
C THR J 94 22.85 8.10 -33.49
N TYR J 95 23.19 8.91 -34.49
CA TYR J 95 22.24 9.74 -35.21
C TYR J 95 22.09 9.22 -36.63
N TYR J 96 20.85 9.19 -37.10
CA TYR J 96 20.50 8.69 -38.42
C TYR J 96 19.79 9.77 -39.22
N CYS J 97 20.05 9.81 -40.51
CA CYS J 97 19.23 10.59 -41.43
C CYS J 97 18.29 9.66 -42.19
N HIS J 98 17.18 10.22 -42.64
CA HIS J 98 16.06 9.41 -43.11
C HIS J 98 15.29 10.20 -44.15
N GLN J 99 15.16 9.64 -45.34
CA GLN J 99 14.34 10.20 -46.42
C GLN J 99 13.02 9.45 -46.50
N TYR J 100 11.92 10.19 -46.63
CA TYR J 100 10.58 9.59 -46.60
C TYR J 100 9.67 10.19 -47.67
N LEU J 101 10.18 10.35 -48.90
CA LEU J 101 9.31 10.90 -49.95
C LEU J 101 8.18 9.92 -50.27
N SER J 102 8.53 8.78 -50.84
CA SER J 102 7.59 7.70 -51.09
C SER J 102 7.88 6.56 -50.12
N SER J 103 8.94 5.80 -50.35
CA SER J 103 9.43 4.79 -49.43
C SER J 103 10.35 5.44 -48.41
N TRP J 104 11.07 4.62 -47.65
CA TRP J 104 11.93 5.09 -46.57
C TRP J 104 13.33 4.56 -46.82
N THR J 105 14.32 5.45 -46.75
CA THR J 105 15.71 5.04 -46.73
C THR J 105 16.43 5.75 -45.60
N PHE J 106 17.50 5.13 -45.10
CA PHE J 106 18.22 5.64 -43.95
C PHE J 106 19.71 5.76 -44.26
N GLY J 107 20.35 6.71 -43.57
CA GLY J 107 21.80 6.79 -43.60
C GLY J 107 22.46 5.73 -42.75
N GLY J 108 23.76 5.54 -42.99
CA GLY J 108 24.52 4.55 -42.24
C GLY J 108 24.67 4.83 -40.76
N GLY J 109 24.37 6.04 -40.32
CA GLY J 109 24.46 6.37 -38.91
C GLY J 109 25.76 7.08 -38.57
N THR J 110 25.71 7.89 -37.52
CA THR J 110 26.88 8.63 -37.03
C THR J 110 27.01 8.42 -35.52
N LYS J 111 28.00 7.64 -35.12
CA LYS J 111 28.26 7.34 -33.71
C LYS J 111 29.02 8.48 -33.04
N LEU J 112 28.46 9.02 -31.96
CA LEU J 112 29.06 10.13 -31.23
C LEU J 112 29.66 9.62 -29.92
N GLU J 113 30.94 9.91 -29.69
CA GLU J 113 31.64 9.50 -28.47
C GLU J 113 32.42 10.69 -27.90
N ILE J 114 32.91 10.51 -26.67
CA ILE J 114 33.74 11.51 -26.00
C ILE J 114 35.20 11.26 -26.35
N LYS J 115 35.91 12.34 -26.70
CA LYS J 115 37.34 12.29 -27.02
C LYS J 115 38.20 12.50 -25.78
N ARG J 116 39.32 11.77 -25.72
CA ARG J 116 40.34 11.95 -24.70
C ARG J 116 41.68 11.55 -25.31
N THR J 117 42.75 11.72 -24.54
CA THR J 117 44.09 11.37 -25.00
C THR J 117 44.18 9.88 -25.36
N VAL J 118 44.91 9.61 -26.44
CA VAL J 118 45.11 8.24 -26.91
C VAL J 118 45.76 7.38 -25.82
N ALA J 119 45.18 6.21 -25.58
CA ALA J 119 45.68 5.24 -24.62
C ALA J 119 45.80 3.89 -25.30
N ALA J 120 47.00 3.32 -25.30
CA ALA J 120 47.23 2.00 -25.89
C ALA J 120 46.53 0.91 -25.09
N PRO J 121 46.15 -0.20 -25.73
CA PRO J 121 45.51 -1.30 -25.01
C PRO J 121 46.49 -2.18 -24.26
N SER J 122 46.07 -2.66 -23.10
CA SER J 122 46.75 -3.75 -22.42
C SER J 122 46.29 -5.06 -23.04
N VAL J 123 47.23 -5.84 -23.57
CA VAL J 123 46.91 -7.07 -24.27
C VAL J 123 47.21 -8.25 -23.35
N PHE J 124 46.21 -9.11 -23.15
CA PHE J 124 46.38 -10.35 -22.40
C PHE J 124 45.83 -11.51 -23.22
N ILE J 125 46.45 -12.68 -23.06
CA ILE J 125 45.99 -13.91 -23.70
C ILE J 125 45.84 -15.00 -22.65
N PHE J 126 44.77 -15.80 -22.78
CA PHE J 126 44.48 -16.90 -21.88
C PHE J 126 44.40 -18.21 -22.65
N PRO J 127 45.17 -19.23 -22.28
CA PRO J 127 45.01 -20.54 -22.90
C PRO J 127 43.76 -21.24 -22.37
N PRO J 128 43.24 -22.23 -23.07
CA PRO J 128 42.06 -22.95 -22.56
C PRO J 128 42.39 -23.69 -21.27
N SER J 129 41.35 -23.87 -20.46
CA SER J 129 41.49 -24.57 -19.19
C SER J 129 41.37 -26.07 -19.39
N ASP J 130 41.92 -26.83 -18.44
CA ASP J 130 41.80 -28.29 -18.49
C ASP J 130 40.34 -28.71 -18.34
N GLU J 131 39.57 -27.95 -17.55
CA GLU J 131 38.16 -28.25 -17.35
C GLU J 131 37.40 -28.25 -18.67
N GLN J 132 37.67 -27.26 -19.52
CA GLN J 132 37.00 -27.18 -20.81
C GLN J 132 37.51 -28.24 -21.77
N LEU J 133 38.80 -28.59 -21.66
CA LEU J 133 39.36 -29.59 -22.56
C LEU J 133 38.72 -30.95 -22.34
N LYS J 134 38.41 -31.30 -21.08
CA LYS J 134 37.69 -32.54 -20.84
C LYS J 134 36.33 -32.57 -21.54
N SER J 135 35.73 -31.41 -21.82
CA SER J 135 34.44 -31.35 -22.50
C SER J 135 34.54 -31.58 -24.00
N GLY J 136 35.72 -31.37 -24.60
CA GLY J 136 35.91 -31.58 -26.02
C GLY J 136 36.08 -30.31 -26.83
N THR J 137 36.26 -29.15 -26.21
CA THR J 137 36.41 -27.89 -26.91
C THR J 137 37.52 -27.08 -26.26
N ALA J 138 38.14 -26.20 -27.05
CA ALA J 138 39.21 -25.33 -26.57
C ALA J 138 38.92 -23.91 -27.01
N SER J 139 38.79 -23.00 -26.05
CA SER J 139 38.60 -21.58 -26.32
C SER J 139 39.78 -20.77 -25.79
N VAL J 140 40.38 -19.97 -26.67
CA VAL J 140 41.47 -19.07 -26.35
C VAL J 140 40.92 -17.65 -26.37
N VAL J 141 41.29 -16.86 -25.36
CA VAL J 141 40.72 -15.52 -25.16
C VAL J 141 41.85 -14.50 -25.21
N CYS J 142 41.71 -13.53 -26.11
CA CYS J 142 42.58 -12.37 -26.18
C CYS J 142 41.85 -11.16 -25.61
N LEU J 143 42.52 -10.42 -24.72
CA LEU J 143 41.89 -9.32 -24.00
C LEU J 143 42.62 -8.02 -24.29
N LEU J 144 41.86 -7.00 -24.70
CA LEU J 144 42.39 -5.66 -24.93
C LEU J 144 41.64 -4.70 -24.00
N ASN J 145 42.33 -4.20 -22.97
CA ASN J 145 41.70 -3.47 -21.89
C ASN J 145 42.14 -2.02 -21.86
N ASN J 146 41.17 -1.12 -21.71
CA ASN J 146 41.41 0.31 -21.51
C ASN J 146 42.29 0.91 -22.58
N PHE J 147 41.72 1.11 -23.77
CA PHE J 147 42.39 1.76 -24.88
C PHE J 147 41.46 2.79 -25.51
N TYR J 148 42.08 3.79 -26.12
CA TYR J 148 41.34 4.78 -26.87
C TYR J 148 42.26 5.21 -28.00
N PRO J 149 41.76 5.39 -29.23
CA PRO J 149 40.37 5.25 -29.69
C PRO J 149 39.90 3.80 -29.83
N ARG J 150 38.66 3.64 -30.28
CA ARG J 150 38.07 2.30 -30.33
C ARG J 150 38.66 1.43 -31.44
N GLU J 151 39.17 2.05 -32.51
CA GLU J 151 39.60 1.28 -33.66
C GLU J 151 40.83 0.44 -33.32
N ALA J 152 40.68 -0.89 -33.41
CA ALA J 152 41.77 -1.82 -33.19
C ALA J 152 41.52 -3.05 -34.05
N LYS J 153 42.58 -3.82 -34.28
CA LYS J 153 42.50 -5.04 -35.07
C LYS J 153 43.11 -6.20 -34.30
N VAL J 154 42.37 -7.32 -34.26
CA VAL J 154 42.84 -8.53 -33.58
C VAL J 154 42.97 -9.61 -34.65
N GLN J 155 44.18 -10.12 -34.82
CA GLN J 155 44.45 -11.20 -35.76
C GLN J 155 45.02 -12.38 -34.98
N TRP J 156 44.37 -13.53 -35.09
CA TRP J 156 44.85 -14.77 -34.49
C TRP J 156 45.83 -15.47 -35.42
N LYS J 157 46.87 -16.06 -34.83
CA LYS J 157 47.86 -16.82 -35.57
C LYS J 157 48.12 -18.12 -34.83
N VAL J 158 48.04 -19.23 -35.55
CA VAL J 158 48.23 -20.56 -35.00
C VAL J 158 49.35 -21.21 -35.80
N ASP J 159 50.52 -21.37 -35.17
CA ASP J 159 51.72 -21.82 -35.87
C ASP J 159 52.01 -20.90 -37.06
N ASN J 160 51.92 -19.59 -36.80
CA ASN J 160 52.14 -18.52 -37.76
C ASN J 160 51.11 -18.51 -38.89
N ALA J 161 50.04 -19.29 -38.76
CA ALA J 161 48.95 -19.31 -39.75
C ALA J 161 47.81 -18.44 -39.24
N LEU J 162 47.52 -17.37 -39.97
CA LEU J 162 46.43 -16.46 -39.59
C LEU J 162 45.08 -17.17 -39.66
N GLN J 163 44.23 -16.89 -38.67
CA GLN J 163 42.91 -17.50 -38.57
C GLN J 163 41.83 -16.58 -39.14
N SER J 164 40.77 -17.19 -39.66
CA SER J 164 39.64 -16.46 -40.21
C SER J 164 38.39 -17.31 -40.07
N GLY J 165 37.35 -16.74 -39.45
CA GLY J 165 36.07 -17.39 -39.33
C GLY J 165 35.90 -18.32 -38.16
N ASN J 166 36.84 -18.35 -37.21
CA ASN J 166 36.74 -19.23 -36.06
C ASN J 166 36.87 -18.47 -34.74
N SER J 167 36.65 -17.16 -34.75
CA SER J 167 36.75 -16.33 -33.57
C SER J 167 35.65 -15.28 -33.60
N GLN J 168 35.26 -14.82 -32.43
CA GLN J 168 34.28 -13.75 -32.29
C GLN J 168 34.72 -12.82 -31.16
N GLU J 169 34.45 -11.53 -31.35
CA GLU J 169 34.82 -10.51 -30.37
C GLU J 169 33.59 -9.72 -29.95
N SER J 170 33.72 -9.05 -28.80
CA SER J 170 32.69 -8.20 -28.24
C SER J 170 33.37 -7.02 -27.57
N VAL J 171 32.79 -5.84 -27.71
CA VAL J 171 33.39 -4.59 -27.26
C VAL J 171 32.46 -3.92 -26.27
N THR J 172 33.04 -3.38 -25.19
CA THR J 172 32.25 -2.73 -24.17
C THR J 172 31.83 -1.34 -24.62
N GLU J 173 30.85 -0.79 -23.91
CA GLU J 173 30.54 0.63 -24.07
C GLU J 173 31.73 1.47 -23.60
N GLN J 174 31.77 2.71 -24.06
CA GLN J 174 32.80 3.63 -23.61
C GLN J 174 32.70 3.80 -22.11
N ASP J 175 33.79 3.51 -21.40
CA ASP J 175 33.77 3.55 -19.94
C ASP J 175 33.42 4.95 -19.45
N SER J 176 32.61 5.01 -18.41
CA SER J 176 32.06 6.27 -17.93
C SER J 176 33.04 7.07 -17.06
N LYS J 177 34.21 6.52 -16.75
CA LYS J 177 35.16 7.23 -15.91
C LYS J 177 36.47 7.59 -16.61
N ASP J 178 36.98 6.71 -17.48
CA ASP J 178 38.18 6.99 -18.25
C ASP J 178 37.96 7.00 -19.75
N SER J 179 36.72 6.85 -20.21
CA SER J 179 36.35 7.03 -21.62
C SER J 179 37.12 6.09 -22.55
N THR J 180 37.37 4.87 -22.08
CA THR J 180 38.06 3.87 -22.87
C THR J 180 37.11 2.76 -23.29
N TYR J 181 37.59 1.89 -24.17
CA TYR J 181 36.88 0.69 -24.59
C TYR J 181 37.70 -0.54 -24.22
N SER J 182 37.00 -1.66 -24.09
CA SER J 182 37.63 -2.95 -23.87
C SER J 182 37.05 -3.96 -24.85
N LEU J 183 37.90 -4.87 -25.30
CA LEU J 183 37.53 -5.89 -26.28
C LEU J 183 37.99 -7.24 -25.78
N SER J 184 37.11 -8.24 -25.90
CA SER J 184 37.42 -9.62 -25.61
C SER J 184 37.13 -10.44 -26.86
N SER J 185 38.10 -11.28 -27.26
CA SER J 185 37.97 -12.11 -28.43
C SER J 185 38.19 -13.56 -28.03
N THR J 186 37.29 -14.43 -28.48
CA THR J 186 37.35 -15.84 -28.14
C THR J 186 37.52 -16.64 -29.42
N LEU J 187 38.63 -17.37 -29.51
CA LEU J 187 38.87 -18.30 -30.60
C LEU J 187 38.59 -19.72 -30.11
N THR J 188 37.77 -20.45 -30.85
CA THR J 188 37.29 -21.76 -30.43
C THR J 188 37.66 -22.81 -31.45
N LEU J 189 38.34 -23.86 -31.00
CA LEU J 189 38.72 -25.00 -31.81
C LEU J 189 38.30 -26.28 -31.10
N SER J 190 38.13 -27.33 -31.89
CA SER J 190 37.96 -28.66 -31.33
C SER J 190 39.25 -29.10 -30.64
N LYS J 191 39.12 -30.05 -29.71
CA LYS J 191 40.25 -30.45 -28.89
C LYS J 191 41.38 -31.05 -29.74
N ALA J 192 41.02 -31.84 -30.75
CA ALA J 192 42.04 -32.44 -31.61
C ALA J 192 42.78 -31.38 -32.40
N ASP J 193 42.04 -30.44 -33.00
CA ASP J 193 42.68 -29.35 -33.72
C ASP J 193 43.53 -28.49 -32.79
N TYR J 194 43.11 -28.35 -31.53
CA TYR J 194 43.91 -27.58 -30.58
C TYR J 194 45.22 -28.28 -30.28
N GLU J 195 45.18 -29.59 -30.07
CA GLU J 195 46.41 -30.34 -29.84
C GLU J 195 47.20 -30.59 -31.12
N LYS J 196 46.70 -30.13 -32.27
CA LYS J 196 47.43 -30.26 -33.53
C LYS J 196 48.43 -29.14 -33.76
N HIS J 197 48.48 -28.12 -32.90
CA HIS J 197 49.38 -26.99 -33.09
C HIS J 197 50.00 -26.62 -31.75
N LYS J 198 50.98 -25.71 -31.77
CA LYS J 198 51.74 -25.42 -30.56
C LYS J 198 51.62 -23.96 -30.13
N VAL J 199 51.94 -23.02 -31.01
CA VAL J 199 51.99 -21.60 -30.64
C VAL J 199 50.65 -20.95 -30.98
N TYR J 200 50.07 -20.29 -29.98
CA TYR J 200 48.81 -19.56 -30.09
C TYR J 200 49.03 -18.12 -29.69
N ALA J 201 48.68 -17.20 -30.60
CA ALA J 201 48.98 -15.79 -30.41
C ALA J 201 47.87 -14.96 -31.02
N CYS J 202 47.66 -13.77 -30.45
CA CYS J 202 46.81 -12.74 -31.04
C CYS J 202 47.67 -11.53 -31.30
N GLU J 203 47.62 -11.01 -32.52
CA GLU J 203 48.35 -9.81 -32.90
C GLU J 203 47.42 -8.62 -32.83
N VAL J 204 47.82 -7.58 -32.09
CA VAL J 204 46.97 -6.42 -31.85
C VAL J 204 47.61 -5.22 -32.53
N THR J 205 46.87 -4.60 -33.45
CA THR J 205 47.30 -3.35 -34.10
C THR J 205 46.39 -2.23 -33.64
N HIS J 206 47.00 -1.14 -33.16
CA HIS J 206 46.23 -0.03 -32.62
C HIS J 206 47.07 1.23 -32.73
N GLN J 207 46.37 2.37 -32.82
CA GLN J 207 47.04 3.65 -33.02
C GLN J 207 48.05 3.95 -31.91
N GLY J 208 47.76 3.54 -30.68
CA GLY J 208 48.66 3.78 -29.57
C GLY J 208 49.87 2.89 -29.52
N LEU J 209 49.96 1.90 -30.41
CA LEU J 209 51.08 0.98 -30.49
C LEU J 209 51.93 1.34 -31.69
N SER J 210 53.22 1.56 -31.47
CA SER J 210 54.13 1.86 -32.58
C SER J 210 54.17 0.72 -33.57
N SER J 211 54.14 -0.51 -33.09
CA SER J 211 54.11 -1.72 -33.90
C SER J 211 53.07 -2.67 -33.35
N PRO J 212 52.53 -3.56 -34.18
CA PRO J 212 51.60 -4.57 -33.66
C PRO J 212 52.25 -5.43 -32.59
N VAL J 213 51.51 -5.65 -31.50
CA VAL J 213 51.94 -6.46 -30.38
C VAL J 213 51.37 -7.87 -30.54
N THR J 214 52.14 -8.86 -30.12
CA THR J 214 51.75 -10.27 -30.15
C THR J 214 51.87 -10.85 -28.75
N LYS J 215 50.77 -11.37 -28.22
CA LYS J 215 50.72 -12.10 -26.95
C LYS J 215 50.53 -13.58 -27.26
N SER J 216 51.44 -14.42 -26.77
CA SER J 216 51.47 -15.82 -27.19
C SER J 216 51.65 -16.75 -25.98
N PHE J 217 51.41 -18.04 -26.22
CA PHE J 217 51.75 -19.11 -25.29
C PHE J 217 52.06 -20.35 -26.10
N ASN J 218 52.46 -21.43 -25.42
CA ASN J 218 53.06 -22.58 -26.10
C ASN J 218 52.46 -23.89 -25.60
N ARG J 219 51.15 -24.07 -25.75
CA ARG J 219 50.53 -25.35 -25.45
C ARG J 219 49.28 -25.58 -26.29
N ASP K 4 -12.89 69.65 -32.17
CA ASP K 4 -13.02 70.64 -33.22
C ASP K 4 -12.75 70.00 -34.57
N ILE K 5 -12.61 68.67 -34.57
CA ILE K 5 -12.37 67.88 -35.78
C ILE K 5 -13.70 67.69 -36.50
N GLN K 6 -13.90 68.47 -37.55
CA GLN K 6 -15.11 68.36 -38.38
C GLN K 6 -14.93 67.36 -39.52
N LEU K 7 -16.02 66.72 -39.91
CA LEU K 7 -16.08 65.85 -41.08
C LEU K 7 -17.10 66.42 -42.05
N THR K 8 -16.67 66.65 -43.29
CA THR K 8 -17.52 67.21 -44.33
C THR K 8 -17.88 66.13 -45.33
N GLN K 9 -19.16 65.81 -45.43
CA GLN K 9 -19.67 64.78 -46.32
C GLN K 9 -20.34 65.42 -47.52
N SER K 10 -20.16 64.82 -48.70
CA SER K 10 -20.74 65.39 -49.90
C SER K 10 -21.00 64.29 -50.91
N PRO K 11 -22.13 64.36 -51.65
CA PRO K 11 -23.08 65.47 -51.51
C PRO K 11 -24.02 65.30 -50.33
N SER K 12 -24.78 66.35 -50.02
CA SER K 12 -25.78 66.27 -48.97
C SER K 12 -26.90 65.32 -49.35
N SER K 13 -27.15 65.18 -50.65
CA SER K 13 -28.21 64.31 -51.16
C SER K 13 -27.76 63.75 -52.50
N LEU K 14 -28.00 62.47 -52.72
CA LEU K 14 -27.75 61.84 -54.00
C LEU K 14 -29.06 61.29 -54.56
N SER K 15 -29.28 61.51 -55.84
CA SER K 15 -30.39 60.89 -56.57
C SER K 15 -29.82 60.03 -57.69
N ALA K 16 -30.22 58.76 -57.72
CA ALA K 16 -29.68 57.82 -58.68
C ALA K 16 -30.70 56.70 -58.93
N SER K 17 -30.51 56.02 -60.04
CA SER K 17 -31.42 54.96 -60.45
C SER K 17 -31.15 53.68 -59.66
N VAL K 18 -32.15 52.81 -59.61
CA VAL K 18 -31.93 51.46 -59.15
C VAL K 18 -31.00 50.75 -60.12
N GLY K 19 -29.95 50.12 -59.58
CA GLY K 19 -28.92 49.51 -60.39
C GLY K 19 -27.73 50.39 -60.68
N ASP K 20 -27.80 51.68 -60.36
CA ASP K 20 -26.67 52.58 -60.56
C ASP K 20 -25.54 52.24 -59.58
N ARG K 21 -24.34 52.68 -59.95
CA ARG K 21 -23.20 52.65 -59.04
C ARG K 21 -23.09 54.00 -58.34
N VAL K 22 -23.09 53.97 -57.01
CA VAL K 22 -23.16 55.17 -56.20
C VAL K 22 -21.91 55.29 -55.35
N THR K 23 -21.35 56.50 -55.29
CA THR K 23 -20.24 56.83 -54.41
C THR K 23 -20.59 58.09 -53.63
N MET K 24 -20.03 58.21 -52.43
CA MET K 24 -20.19 59.38 -51.60
C MET K 24 -18.91 59.59 -50.79
N SER K 25 -18.52 60.84 -50.61
CA SER K 25 -17.22 61.19 -50.07
C SER K 25 -17.33 61.78 -48.67
N CYS K 26 -16.28 61.57 -47.88
CA CYS K 26 -16.15 62.12 -46.53
C CYS K 26 -14.73 62.63 -46.38
N LYS K 27 -14.58 63.93 -46.14
CA LYS K 27 -13.27 64.53 -45.96
C LYS K 27 -13.14 65.06 -44.53
N SER K 28 -12.06 64.71 -43.86
CA SER K 28 -11.80 65.15 -42.49
C SER K 28 -10.81 66.31 -42.49
N SER K 29 -11.04 67.26 -41.56
CA SER K 29 -10.13 68.40 -41.43
C SER K 29 -8.77 67.99 -40.87
N GLN K 30 -8.68 66.84 -40.20
CA GLN K 30 -7.42 66.31 -39.72
C GLN K 30 -7.37 64.82 -39.99
N SER K 31 -6.14 64.29 -39.97
CA SER K 31 -5.94 62.87 -40.26
C SER K 31 -6.57 61.99 -39.20
N VAL K 32 -7.13 60.87 -39.64
CA VAL K 32 -7.65 59.83 -38.76
C VAL K 32 -6.83 58.55 -38.86
N LEU K 33 -5.69 58.60 -39.54
CA LEU K 33 -4.79 57.46 -39.61
C LEU K 33 -4.04 57.32 -38.29
N TYR K 34 -4.17 56.16 -37.65
CA TYR K 34 -3.52 55.93 -36.38
C TYR K 34 -2.08 55.47 -36.59
N SER K 35 -1.16 56.04 -35.81
CA SER K 35 0.26 55.82 -36.04
C SER K 35 0.72 54.42 -35.64
N ALA K 36 0.00 53.75 -34.74
CA ALA K 36 0.48 52.47 -34.23
C ALA K 36 0.11 51.31 -35.15
N ASN K 37 -1.19 51.13 -35.41
CA ASN K 37 -1.66 50.01 -36.22
C ASN K 37 -1.93 50.42 -37.66
N HIS K 38 -1.39 51.55 -38.09
CA HIS K 38 -1.62 52.16 -39.40
C HIS K 38 -3.04 51.96 -39.90
N LYS K 39 -4.02 52.16 -39.01
CA LYS K 39 -5.43 52.03 -39.35
C LYS K 39 -6.12 53.38 -39.29
N ASN K 40 -7.06 53.59 -40.21
CA ASN K 40 -7.86 54.81 -40.26
C ASN K 40 -9.13 54.61 -39.44
N TYR K 41 -9.31 55.43 -38.40
CA TYR K 41 -10.45 55.28 -37.50
C TYR K 41 -11.66 56.03 -38.06
N LEU K 42 -12.16 55.52 -39.19
CA LEU K 42 -13.37 56.04 -39.81
C LEU K 42 -14.31 54.89 -40.13
N ALA K 43 -15.61 55.14 -39.96
CA ALA K 43 -16.64 54.12 -40.18
C ALA K 43 -17.78 54.72 -40.99
N TRP K 44 -18.54 53.84 -41.65
CA TRP K 44 -19.69 54.23 -42.46
C TRP K 44 -20.96 53.58 -41.92
N TYR K 45 -22.03 54.36 -41.86
CA TYR K 45 -23.31 53.91 -41.33
C TYR K 45 -24.42 54.06 -42.36
N GLN K 46 -25.41 53.19 -42.27
CA GLN K 46 -26.67 53.32 -43.00
C GLN K 46 -27.78 53.51 -41.98
N GLN K 47 -28.54 54.59 -42.12
CA GLN K 47 -29.65 54.86 -41.20
C GLN K 47 -30.94 55.01 -41.99
N LYS K 48 -31.96 54.21 -41.61
CA LYS K 48 -33.37 54.12 -41.94
C LYS K 48 -34.19 54.93 -40.92
N PRO K 49 -35.33 55.47 -41.33
CA PRO K 49 -36.10 56.33 -40.42
C PRO K 49 -36.54 55.58 -39.17
N GLY K 50 -36.48 56.28 -38.04
CA GLY K 50 -36.86 55.71 -36.76
C GLY K 50 -35.95 54.63 -36.23
N LYS K 51 -34.88 54.28 -36.93
CA LYS K 51 -33.98 53.21 -36.51
C LYS K 51 -32.59 53.76 -36.24
N ALA K 52 -31.83 52.98 -35.47
CA ALA K 52 -30.45 53.31 -35.20
C ALA K 52 -29.61 53.08 -36.46
N PRO K 53 -28.53 53.85 -36.65
CA PRO K 53 -27.66 53.62 -37.81
C PRO K 53 -27.01 52.24 -37.75
N LYS K 54 -26.89 51.63 -38.93
CA LYS K 54 -26.37 50.28 -39.07
C LYS K 54 -24.97 50.32 -39.68
N LEU K 55 -24.02 49.70 -39.00
CA LEU K 55 -22.62 49.79 -39.39
C LEU K 55 -22.34 49.00 -40.67
N LEU K 56 -21.62 49.64 -41.60
CA LEU K 56 -21.19 49.02 -42.85
C LEU K 56 -19.70 48.79 -42.92
N ILE K 57 -18.88 49.80 -42.60
CA ILE K 57 -17.44 49.71 -42.77
C ILE K 57 -16.76 50.17 -41.48
N TYR K 58 -15.72 49.46 -41.07
CA TYR K 58 -14.85 49.91 -39.99
C TYR K 58 -13.41 49.91 -40.49
N TRP K 59 -12.59 50.76 -39.86
CA TRP K 59 -11.23 51.00 -40.29
C TRP K 59 -11.17 51.38 -41.77
N ALA K 60 -12.24 52.03 -42.24
CA ALA K 60 -12.33 52.70 -43.53
C ALA K 60 -12.44 51.77 -44.74
N SER K 61 -12.16 50.47 -44.57
CA SER K 61 -12.20 49.61 -45.76
C SER K 61 -12.66 48.18 -45.49
N THR K 62 -12.84 47.79 -44.23
CA THR K 62 -13.23 46.43 -43.89
C THR K 62 -14.74 46.38 -43.66
N ARG K 63 -15.43 45.64 -44.52
CA ARG K 63 -16.87 45.48 -44.40
C ARG K 63 -17.19 44.50 -43.28
N GLU K 64 -18.15 44.85 -42.43
CA GLU K 64 -18.48 44.01 -41.30
C GLU K 64 -19.34 42.83 -41.71
N SER K 65 -19.47 41.88 -40.78
CA SER K 65 -20.15 40.62 -41.02
C SER K 65 -21.54 40.81 -41.62
N GLY K 66 -21.93 39.86 -42.46
CA GLY K 66 -23.22 39.83 -43.13
C GLY K 66 -23.64 41.03 -43.96
N VAL K 67 -22.76 42.01 -44.14
CA VAL K 67 -23.09 43.17 -44.95
C VAL K 67 -22.94 42.80 -46.43
N PRO K 68 -23.89 43.17 -47.28
CA PRO K 68 -23.78 42.82 -48.70
C PRO K 68 -22.51 43.36 -49.33
N SER K 69 -21.98 42.63 -50.31
CA SER K 69 -20.73 43.00 -50.95
C SER K 69 -20.82 44.24 -51.82
N ARG K 70 -22.03 44.73 -52.13
CA ARG K 70 -22.14 45.94 -52.93
C ARG K 70 -21.57 47.15 -52.20
N PHE K 71 -21.56 47.12 -50.87
CA PHE K 71 -21.01 48.21 -50.08
C PHE K 71 -19.52 48.01 -49.91
N SER K 72 -18.75 49.07 -50.15
CA SER K 72 -17.30 49.03 -50.01
C SER K 72 -16.80 50.39 -49.57
N GLY K 73 -15.77 50.38 -48.73
CA GLY K 73 -15.14 51.59 -48.26
C GLY K 73 -13.70 51.67 -48.74
N SER K 74 -13.28 52.88 -49.10
CA SER K 74 -11.94 53.13 -49.59
C SER K 74 -11.45 54.48 -49.09
N GLY K 75 -10.18 54.75 -49.32
CA GLY K 75 -9.56 55.97 -48.88
C GLY K 75 -8.65 55.74 -47.68
N SER K 76 -7.85 56.76 -47.39
CA SER K 76 -6.90 56.71 -46.29
C SER K 76 -6.42 58.12 -45.99
N GLY K 77 -6.30 58.44 -44.70
CA GLY K 77 -5.82 59.74 -44.28
C GLY K 77 -6.94 60.74 -44.01
N THR K 78 -7.23 61.56 -45.01
CA THR K 78 -8.26 62.60 -44.89
C THR K 78 -9.36 62.47 -45.93
N ASP K 79 -9.25 61.53 -46.87
CA ASP K 79 -10.23 61.39 -47.94
C ASP K 79 -10.73 59.96 -47.97
N PHE K 80 -12.06 59.80 -47.89
CA PHE K 80 -12.67 58.48 -47.83
C PHE K 80 -13.90 58.45 -48.72
N THR K 81 -14.23 57.26 -49.22
CA THR K 81 -15.34 57.08 -50.14
C THR K 81 -16.08 55.79 -49.80
N LEU K 82 -17.41 55.86 -49.76
CA LEU K 82 -18.26 54.68 -49.65
C LEU K 82 -18.87 54.40 -51.01
N THR K 83 -18.75 53.15 -51.49
CA THR K 83 -19.20 52.79 -52.82
C THR K 83 -20.28 51.73 -52.74
N ILE K 84 -21.38 51.95 -53.47
CA ILE K 84 -22.44 50.97 -53.64
C ILE K 84 -22.45 50.55 -55.10
N SER K 85 -21.97 49.34 -55.39
CA SER K 85 -21.68 48.96 -56.77
C SER K 85 -22.96 48.86 -57.61
N SER K 86 -24.04 48.36 -57.02
CA SER K 86 -25.32 48.20 -57.73
C SER K 86 -26.41 48.64 -56.77
N LEU K 87 -26.91 49.86 -56.95
CA LEU K 87 -27.89 50.41 -56.04
C LEU K 87 -29.17 49.59 -56.06
N GLN K 88 -29.60 49.18 -54.87
CA GLN K 88 -30.83 48.42 -54.72
C GLN K 88 -31.87 49.27 -54.01
N PRO K 89 -33.16 48.99 -54.21
CA PRO K 89 -34.20 49.83 -53.59
C PRO K 89 -34.14 49.87 -52.07
N GLU K 90 -33.62 48.83 -51.43
CA GLU K 90 -33.50 48.83 -49.97
C GLU K 90 -32.36 49.69 -49.47
N ASP K 91 -31.59 50.31 -50.35
CA ASP K 91 -30.46 51.14 -49.96
C ASP K 91 -30.80 52.62 -49.89
N ILE K 92 -32.07 52.97 -50.15
CA ILE K 92 -32.56 54.33 -49.95
C ILE K 92 -32.49 54.63 -48.45
N ALA K 93 -31.55 55.47 -48.06
CA ALA K 93 -31.31 55.78 -46.65
C ALA K 93 -30.39 56.99 -46.58
N THR K 94 -30.07 57.39 -45.36
CA THR K 94 -29.06 58.42 -45.09
C THR K 94 -27.81 57.74 -44.55
N TYR K 95 -26.66 58.08 -45.13
CA TYR K 95 -25.39 57.46 -44.80
C TYR K 95 -24.49 58.47 -44.11
N TYR K 96 -23.81 58.02 -43.06
CA TYR K 96 -22.95 58.86 -42.24
C TYR K 96 -21.55 58.27 -42.19
N CYS K 97 -20.56 59.16 -42.17
CA CYS K 97 -19.20 58.79 -41.82
C CYS K 97 -18.92 59.23 -40.39
N HIS K 98 -17.97 58.54 -39.75
CA HIS K 98 -17.77 58.67 -38.32
C HIS K 98 -16.32 58.39 -37.99
N GLN K 99 -15.66 59.34 -37.34
CA GLN K 99 -14.31 59.16 -36.84
C GLN K 99 -14.36 58.90 -35.34
N TYR K 100 -13.58 57.91 -34.89
CA TYR K 100 -13.56 57.49 -33.50
C TYR K 100 -12.14 57.29 -33.00
N LEU K 101 -11.25 58.24 -33.29
CA LEU K 101 -9.87 58.09 -32.83
C LEU K 101 -9.85 58.12 -31.31
N SER K 102 -10.16 59.28 -30.73
CA SER K 102 -10.36 59.41 -29.29
C SER K 102 -11.84 59.66 -29.00
N SER K 103 -12.33 60.86 -29.26
CA SER K 103 -13.74 61.19 -29.16
C SER K 103 -14.44 60.86 -30.48
N TRP K 104 -15.69 61.31 -30.62
CA TRP K 104 -16.54 60.97 -31.76
C TRP K 104 -17.07 62.24 -32.42
N THR K 105 -16.92 62.33 -33.73
CA THR K 105 -17.61 63.34 -34.54
C THR K 105 -18.18 62.65 -35.78
N PHE K 106 -19.22 63.26 -36.34
CA PHE K 106 -19.94 62.67 -37.48
C PHE K 106 -20.01 63.64 -38.64
N GLY K 107 -20.11 63.08 -39.85
CA GLY K 107 -20.42 63.88 -41.02
C GLY K 107 -21.88 64.26 -41.08
N GLY K 108 -22.17 65.25 -41.93
CA GLY K 108 -23.53 65.75 -42.06
C GLY K 108 -24.53 64.76 -42.63
N GLY K 109 -24.06 63.70 -43.26
CA GLY K 109 -24.98 62.71 -43.80
C GLY K 109 -25.22 62.91 -45.29
N THR K 110 -25.56 61.81 -45.97
CA THR K 110 -25.87 61.83 -47.40
C THR K 110 -27.20 61.12 -47.63
N LYS K 111 -28.23 61.90 -47.94
CA LYS K 111 -29.57 61.37 -48.20
C LYS K 111 -29.65 60.82 -49.62
N LEU K 112 -30.04 59.56 -49.75
CA LEU K 112 -30.11 58.90 -51.05
C LEU K 112 -31.57 58.78 -51.49
N GLU K 113 -31.85 59.24 -52.71
CA GLU K 113 -33.19 59.19 -53.28
C GLU K 113 -33.11 58.66 -54.72
N ILE K 114 -34.27 58.31 -55.27
CA ILE K 114 -34.37 57.85 -56.65
C ILE K 114 -34.57 59.06 -57.57
N LYS K 115 -33.81 59.11 -58.66
CA LYS K 115 -33.92 60.20 -59.63
C LYS K 115 -34.95 59.89 -60.71
N ARG K 116 -35.69 60.91 -61.13
CA ARG K 116 -36.65 60.80 -62.22
C ARG K 116 -36.81 62.14 -62.92
N THR K 117 -37.64 62.14 -63.95
CA THR K 117 -37.89 63.35 -64.74
C THR K 117 -38.43 64.48 -63.88
N VAL K 118 -37.91 65.69 -64.12
CA VAL K 118 -38.37 66.87 -63.41
C VAL K 118 -39.85 67.10 -63.68
N ALA K 119 -40.62 67.29 -62.62
CA ALA K 119 -42.05 67.56 -62.72
C ALA K 119 -42.35 68.81 -61.89
N ALA K 120 -42.90 69.83 -62.53
CA ALA K 120 -43.27 71.04 -61.81
C ALA K 120 -44.47 70.75 -60.90
N PRO K 121 -44.58 71.45 -59.77
CA PRO K 121 -45.72 71.24 -58.88
C PRO K 121 -46.97 71.96 -59.37
N SER K 122 -48.12 71.33 -59.16
CA SER K 122 -49.40 72.01 -59.28
C SER K 122 -49.65 72.79 -58.00
N VAL K 123 -49.82 74.10 -58.12
CA VAL K 123 -49.93 74.99 -56.98
C VAL K 123 -51.41 75.34 -56.76
N PHE K 124 -51.88 75.12 -55.54
CA PHE K 124 -53.22 75.49 -55.11
C PHE K 124 -53.10 76.28 -53.81
N ILE K 125 -54.00 77.24 -53.61
CA ILE K 125 -54.05 78.02 -52.39
C ILE K 125 -55.46 77.94 -51.81
N PHE K 126 -55.55 77.83 -50.49
CA PHE K 126 -56.82 77.74 -49.79
C PHE K 126 -56.97 78.86 -48.77
N PRO K 127 -58.01 79.67 -48.85
CA PRO K 127 -58.25 80.68 -47.81
C PRO K 127 -58.82 80.02 -46.56
N PRO K 128 -58.75 80.69 -45.41
CA PRO K 128 -59.34 80.10 -44.19
C PRO K 128 -60.85 79.95 -44.36
N SER K 129 -61.40 78.97 -43.65
CA SER K 129 -62.82 78.68 -43.74
C SER K 129 -63.62 79.58 -42.80
N ASP K 130 -64.91 79.74 -43.10
CA ASP K 130 -65.78 80.49 -42.21
C ASP K 130 -65.92 79.80 -40.86
N GLU K 131 -65.88 78.46 -40.87
CA GLU K 131 -65.94 77.69 -39.63
C GLU K 131 -64.76 78.03 -38.74
N GLN K 132 -63.58 78.16 -39.32
CA GLN K 132 -62.39 78.48 -38.55
C GLN K 132 -62.39 79.93 -38.09
N LEU K 133 -62.93 80.84 -38.90
CA LEU K 133 -62.99 82.25 -38.50
C LEU K 133 -63.90 82.45 -37.30
N LYS K 134 -65.03 81.73 -37.25
CA LYS K 134 -65.88 81.82 -36.06
C LYS K 134 -65.15 81.36 -34.80
N SER K 135 -64.14 80.50 -34.92
CA SER K 135 -63.39 80.04 -33.77
C SER K 135 -62.36 81.04 -33.27
N GLY K 136 -61.90 81.97 -34.12
CA GLY K 136 -60.95 82.97 -33.70
C GLY K 136 -59.53 82.84 -34.24
N THR K 137 -59.30 81.93 -35.18
CA THR K 137 -57.97 81.71 -35.75
C THR K 137 -58.11 81.58 -37.26
N ALA K 138 -57.04 81.92 -37.98
CA ALA K 138 -57.01 81.86 -39.43
C ALA K 138 -55.77 81.12 -39.91
N SER K 139 -55.97 80.01 -40.62
CA SER K 139 -54.88 79.27 -41.24
C SER K 139 -55.08 79.27 -42.75
N VAL K 140 -54.04 79.70 -43.47
CA VAL K 140 -54.02 79.69 -44.92
C VAL K 140 -53.05 78.59 -45.35
N VAL K 141 -53.47 77.79 -46.34
CA VAL K 141 -52.73 76.60 -46.76
C VAL K 141 -52.35 76.73 -48.22
N CYS K 142 -51.06 76.64 -48.51
CA CYS K 142 -50.53 76.56 -49.87
C CYS K 142 -50.12 75.12 -50.16
N LEU K 143 -50.52 74.62 -51.32
CA LEU K 143 -50.33 73.21 -51.67
C LEU K 143 -49.46 73.10 -52.91
N LEU K 144 -48.40 72.29 -52.82
CA LEU K 144 -47.50 72.02 -53.93
C LEU K 144 -47.58 70.53 -54.21
N ASN K 145 -48.12 70.16 -55.38
CA ASN K 145 -48.52 68.79 -55.61
C ASN K 145 -47.62 68.13 -56.64
N ASN K 146 -47.07 66.96 -56.28
CA ASN K 146 -46.37 66.09 -57.20
C ASN K 146 -45.27 66.79 -57.99
N PHE K 147 -44.14 67.06 -57.35
CA PHE K 147 -43.01 67.70 -58.01
C PHE K 147 -41.71 66.96 -57.73
N TYR K 148 -40.77 67.09 -58.67
CA TYR K 148 -39.42 66.58 -58.54
C TYR K 148 -38.51 67.55 -59.29
N PRO K 149 -37.35 67.90 -58.74
CA PRO K 149 -36.75 67.45 -57.47
C PRO K 149 -37.39 68.05 -56.22
N ARG K 150 -36.85 67.68 -55.05
CA ARG K 150 -37.45 68.07 -53.78
C ARG K 150 -37.28 69.56 -53.49
N GLU K 151 -36.21 70.17 -54.00
CA GLU K 151 -35.88 71.53 -53.63
C GLU K 151 -36.90 72.51 -54.18
N ALA K 152 -37.59 73.21 -53.28
CA ALA K 152 -38.53 74.27 -53.64
C ALA K 152 -38.55 75.28 -52.51
N LYS K 153 -39.02 76.48 -52.82
CA LYS K 153 -39.14 77.55 -51.82
C LYS K 153 -40.54 78.12 -51.89
N VAL K 154 -41.18 78.23 -50.72
CA VAL K 154 -42.54 78.74 -50.60
C VAL K 154 -42.47 80.03 -49.79
N GLN K 155 -42.92 81.13 -50.39
CA GLN K 155 -42.95 82.43 -49.73
C GLN K 155 -44.39 82.94 -49.69
N TRP K 156 -44.86 83.23 -48.48
CA TRP K 156 -46.17 83.84 -48.29
C TRP K 156 -46.05 85.35 -48.42
N LYS K 157 -47.06 85.97 -49.02
CA LYS K 157 -47.11 87.42 -49.18
C LYS K 157 -48.50 87.93 -48.81
N VAL K 158 -48.54 88.94 -47.95
CA VAL K 158 -49.78 89.55 -47.49
C VAL K 158 -49.71 91.03 -47.85
N ASP K 159 -50.51 91.44 -48.84
CA ASP K 159 -50.41 92.78 -49.43
C ASP K 159 -48.98 93.05 -49.91
N ASN K 160 -48.44 92.06 -50.63
CA ASN K 160 -47.08 92.09 -51.18
C ASN K 160 -46.00 92.12 -50.11
N ALA K 161 -46.36 91.86 -48.85
CA ALA K 161 -45.39 91.81 -47.76
C ALA K 161 -45.04 90.35 -47.48
N LEU K 162 -43.77 90.01 -47.70
CA LEU K 162 -43.30 88.65 -47.44
C LEU K 162 -43.41 88.32 -45.96
N GLN K 163 -43.80 87.08 -45.67
CA GLN K 163 -43.98 86.63 -44.30
C GLN K 163 -42.74 85.90 -43.82
N SER K 164 -42.49 86.01 -42.51
CA SER K 164 -41.35 85.35 -41.87
C SER K 164 -41.72 85.05 -40.44
N GLY K 165 -41.66 83.78 -40.06
CA GLY K 165 -41.89 83.38 -38.68
C GLY K 165 -43.33 83.09 -38.30
N ASN K 166 -44.24 83.04 -39.26
CA ASN K 166 -45.64 82.76 -38.98
C ASN K 166 -46.19 81.61 -39.82
N SER K 167 -45.31 80.77 -40.37
CA SER K 167 -45.73 79.66 -41.22
C SER K 167 -44.85 78.45 -40.93
N GLN K 168 -45.39 77.27 -41.22
CA GLN K 168 -44.65 76.02 -41.12
C GLN K 168 -45.01 75.15 -42.33
N GLU K 169 -44.03 74.40 -42.82
CA GLU K 169 -44.24 73.52 -43.95
C GLU K 169 -43.83 72.09 -43.60
N SER K 170 -44.36 71.15 -44.37
CA SER K 170 -44.08 69.74 -44.19
C SER K 170 -44.03 69.07 -45.56
N VAL K 171 -43.09 68.15 -45.73
CA VAL K 171 -42.84 67.50 -47.01
C VAL K 171 -43.02 66.00 -46.85
N THR K 172 -43.70 65.39 -47.81
CA THR K 172 -43.98 63.96 -47.76
C THR K 172 -42.75 63.17 -48.19
N GLU K 173 -42.77 61.87 -47.87
CA GLU K 173 -41.80 60.96 -48.46
C GLU K 173 -42.02 60.87 -49.97
N GLN K 174 -40.96 60.48 -50.67
CA GLN K 174 -41.06 60.32 -52.12
C GLN K 174 -42.10 59.25 -52.46
N ASP K 175 -43.10 59.62 -53.26
CA ASP K 175 -44.19 58.72 -53.59
C ASP K 175 -43.67 57.49 -54.32
N SER K 176 -44.24 56.33 -53.99
CA SER K 176 -43.71 55.05 -54.47
C SER K 176 -44.13 54.70 -55.89
N LYS K 177 -44.95 55.52 -56.55
CA LYS K 177 -45.40 55.20 -57.90
C LYS K 177 -44.92 56.19 -58.94
N ASP K 178 -44.84 57.48 -58.62
CA ASP K 178 -44.32 58.47 -59.54
C ASP K 178 -43.07 59.17 -59.03
N SER K 179 -42.53 58.76 -57.87
CA SER K 179 -41.24 59.23 -57.37
C SER K 179 -41.21 60.75 -57.21
N THR K 180 -42.33 61.33 -56.81
CA THR K 180 -42.45 62.77 -56.61
C THR K 180 -42.56 63.09 -55.13
N TYR K 181 -42.48 64.38 -54.82
CA TYR K 181 -42.69 64.92 -53.49
C TYR K 181 -43.88 65.88 -53.52
N SER K 182 -44.47 66.08 -52.34
CA SER K 182 -45.53 67.05 -52.14
C SER K 182 -45.22 67.87 -50.89
N LEU K 183 -45.59 69.14 -50.92
CA LEU K 183 -45.32 70.08 -49.84
C LEU K 183 -46.60 70.81 -49.46
N SER K 184 -46.84 70.92 -48.16
CA SER K 184 -47.94 71.70 -47.60
C SER K 184 -47.36 72.74 -46.64
N SER K 185 -47.80 73.97 -46.79
CA SER K 185 -47.34 75.08 -45.94
C SER K 185 -48.56 75.76 -45.34
N THR K 186 -48.52 76.00 -44.03
CA THR K 186 -49.64 76.60 -43.31
C THR K 186 -49.19 77.92 -42.70
N LEU K 187 -49.86 79.00 -43.10
CA LEU K 187 -49.66 80.32 -42.53
C LEU K 187 -50.79 80.63 -41.57
N THR K 188 -50.46 81.04 -40.35
CA THR K 188 -51.44 81.24 -39.29
C THR K 188 -51.36 82.67 -38.77
N LEU K 189 -52.49 83.38 -38.80
CA LEU K 189 -52.61 84.73 -38.27
C LEU K 189 -53.82 84.82 -37.35
N SER K 190 -53.76 85.79 -36.44
CA SER K 190 -54.94 86.17 -35.66
C SER K 190 -56.01 86.77 -36.56
N LYS K 191 -57.25 86.76 -36.07
CA LYS K 191 -58.38 87.19 -36.89
C LYS K 191 -58.27 88.66 -37.28
N ALA K 192 -57.83 89.52 -36.37
CA ALA K 192 -57.72 90.94 -36.68
C ALA K 192 -56.67 91.21 -37.74
N ASP K 193 -55.49 90.59 -37.61
CA ASP K 193 -54.47 90.75 -38.63
C ASP K 193 -54.92 90.22 -39.98
N TYR K 194 -55.73 89.15 -39.98
CA TYR K 194 -56.24 88.63 -41.24
C TYR K 194 -57.19 89.62 -41.89
N GLU K 195 -58.10 90.21 -41.11
CA GLU K 195 -59.02 91.19 -41.65
C GLU K 195 -58.39 92.56 -41.86
N LYS K 196 -57.12 92.75 -41.53
CA LYS K 196 -56.43 94.01 -41.78
C LYS K 196 -55.84 94.11 -43.18
N HIS K 197 -55.90 93.03 -43.98
CA HIS K 197 -55.29 93.02 -45.30
C HIS K 197 -56.25 92.34 -46.27
N LYS K 198 -55.92 92.38 -47.56
CA LYS K 198 -56.82 91.90 -48.58
C LYS K 198 -56.25 90.76 -49.41
N VAL K 199 -55.07 90.92 -50.00
CA VAL K 199 -54.54 89.92 -50.92
C VAL K 199 -53.62 88.98 -50.15
N TYR K 200 -53.89 87.68 -50.28
CA TYR K 200 -53.11 86.62 -49.66
C TYR K 200 -52.67 85.66 -50.75
N ALA K 201 -51.36 85.45 -50.87
CA ALA K 201 -50.79 84.69 -51.96
C ALA K 201 -49.54 83.96 -51.47
N CYS K 202 -49.25 82.83 -52.11
CA CYS K 202 -47.99 82.11 -51.96
C CYS K 202 -47.28 82.07 -53.31
N GLU K 203 -46.02 82.49 -53.32
CA GLU K 203 -45.19 82.44 -54.51
C GLU K 203 -44.31 81.20 -54.42
N VAL K 204 -44.33 80.38 -55.46
CA VAL K 204 -43.63 79.10 -55.46
C VAL K 204 -42.51 79.17 -56.49
N THR K 205 -41.28 78.95 -56.04
CA THR K 205 -40.12 78.88 -56.93
C THR K 205 -39.59 77.45 -56.95
N HIS K 206 -39.41 76.90 -58.15
CA HIS K 206 -38.99 75.52 -58.31
C HIS K 206 -38.28 75.37 -59.64
N GLN K 207 -37.38 74.38 -59.69
CA GLN K 207 -36.57 74.18 -60.90
C GLN K 207 -37.43 73.95 -62.14
N GLY K 208 -38.58 73.28 -61.99
CA GLY K 208 -39.43 73.01 -63.12
C GLY K 208 -40.26 74.17 -63.61
N LEU K 209 -40.20 75.30 -62.93
CA LEU K 209 -40.94 76.50 -63.31
C LEU K 209 -39.97 77.52 -63.90
N SER K 210 -40.26 77.95 -65.13
CA SER K 210 -39.42 78.97 -65.77
C SER K 210 -39.42 80.27 -64.96
N SER K 211 -40.57 80.62 -64.39
CA SER K 211 -40.72 81.78 -63.53
C SER K 211 -41.51 81.38 -62.30
N PRO K 212 -41.33 82.09 -61.19
CA PRO K 212 -42.12 81.78 -59.99
C PRO K 212 -43.61 81.92 -60.27
N VAL K 213 -44.37 80.93 -59.82
CA VAL K 213 -45.82 80.94 -59.94
C VAL K 213 -46.38 81.47 -58.63
N THR K 214 -47.43 82.29 -58.73
CA THR K 214 -48.10 82.88 -57.59
C THR K 214 -49.58 82.57 -57.70
N LYS K 215 -50.14 81.95 -56.67
CA LYS K 215 -51.58 81.75 -56.58
C LYS K 215 -52.14 82.70 -55.53
N SER K 216 -53.12 83.50 -55.92
CA SER K 216 -53.61 84.55 -55.06
C SER K 216 -55.12 84.51 -55.07
N ASP L 4 -0.28 -44.27 3.06
CA ASP L 4 -1.73 -44.37 3.15
C ASP L 4 -2.20 -43.83 4.51
N ILE L 5 -1.30 -43.11 5.17
CA ILE L 5 -1.56 -42.47 6.47
C ILE L 5 -2.34 -41.19 6.22
N GLN L 6 -3.65 -41.21 6.46
CA GLN L 6 -4.47 -40.03 6.30
C GLN L 6 -4.55 -39.21 7.60
N LEU L 7 -4.67 -37.90 7.44
CA LEU L 7 -4.88 -36.97 8.56
C LEU L 7 -6.20 -36.23 8.36
N THR L 8 -7.06 -36.28 9.38
CA THR L 8 -8.36 -35.64 9.36
C THR L 8 -8.34 -34.43 10.29
N GLN L 9 -8.53 -33.24 9.72
CA GLN L 9 -8.50 -31.99 10.45
C GLN L 9 -9.93 -31.47 10.61
N SER L 10 -10.23 -30.90 11.78
CA SER L 10 -11.58 -30.43 12.01
C SER L 10 -11.60 -29.25 12.97
N PRO L 11 -12.47 -28.25 12.76
CA PRO L 11 -13.38 -28.27 11.61
C PRO L 11 -12.70 -27.80 10.33
N SER L 12 -13.38 -27.95 9.20
CA SER L 12 -12.82 -27.48 7.94
C SER L 12 -12.70 -25.96 7.91
N SER L 13 -13.56 -25.26 8.64
CA SER L 13 -13.51 -23.81 8.69
C SER L 13 -13.98 -23.33 10.06
N LEU L 14 -13.26 -22.36 10.61
CA LEU L 14 -13.65 -21.69 11.85
C LEU L 14 -13.91 -20.22 11.60
N SER L 15 -14.98 -19.72 12.22
CA SER L 15 -15.27 -18.30 12.29
C SER L 15 -15.28 -17.90 13.76
N ALA L 16 -14.52 -16.86 14.11
CA ALA L 16 -14.36 -16.48 15.51
C ALA L 16 -14.07 -15.00 15.60
N SER L 17 -14.30 -14.45 16.78
CA SER L 17 -14.15 -13.03 17.03
C SER L 17 -12.68 -12.64 17.17
N VAL L 18 -12.41 -11.36 16.93
CA VAL L 18 -11.12 -10.80 17.33
C VAL L 18 -11.01 -10.84 18.85
N GLY L 19 -9.89 -11.38 19.34
CA GLY L 19 -9.72 -11.58 20.76
C GLY L 19 -10.17 -12.94 21.26
N ASP L 20 -10.89 -13.70 20.44
CA ASP L 20 -11.29 -15.04 20.84
C ASP L 20 -10.08 -15.96 20.90
N ARG L 21 -10.23 -17.03 21.67
CA ARG L 21 -9.26 -18.11 21.70
C ARG L 21 -9.74 -19.23 20.78
N VAL L 22 -8.89 -19.63 19.84
CA VAL L 22 -9.26 -20.55 18.77
C VAL L 22 -8.43 -21.81 18.89
N THR L 23 -9.08 -22.97 18.73
CA THR L 23 -8.41 -24.26 18.68
C THR L 23 -8.87 -25.00 17.43
N MET L 24 -7.99 -25.84 16.91
CA MET L 24 -8.29 -26.70 15.76
C MET L 24 -7.53 -28.00 15.94
N SER L 25 -8.17 -29.11 15.56
CA SER L 25 -7.66 -30.43 15.86
C SER L 25 -7.19 -31.13 14.59
N CYS L 26 -6.22 -32.01 14.76
CA CYS L 26 -5.69 -32.85 13.71
C CYS L 26 -5.56 -34.25 14.28
N LYS L 27 -6.29 -35.20 13.72
CA LYS L 27 -6.26 -36.58 14.16
C LYS L 27 -5.66 -37.44 13.06
N SER L 28 -4.68 -38.27 13.42
CA SER L 28 -4.04 -39.15 12.47
C SER L 28 -4.62 -40.54 12.60
N SER L 29 -4.78 -41.23 11.47
CA SER L 29 -5.28 -42.59 11.48
C SER L 29 -4.30 -43.58 12.09
N GLN L 30 -3.01 -43.23 12.14
CA GLN L 30 -2.00 -44.06 12.78
C GLN L 30 -1.09 -43.17 13.61
N SER L 31 -0.37 -43.79 14.55
CA SER L 31 0.51 -43.06 15.43
C SER L 31 1.67 -42.43 14.66
N VAL L 32 2.06 -41.22 15.06
CA VAL L 32 3.23 -40.55 14.54
C VAL L 32 4.31 -40.37 15.61
N LEU L 33 4.15 -40.99 16.77
CA LEU L 33 5.16 -40.95 17.82
C LEU L 33 6.32 -41.87 17.47
N TYR L 34 7.53 -41.30 17.40
CA TYR L 34 8.72 -42.06 17.06
C TYR L 34 9.30 -42.72 18.31
N SER L 35 9.70 -43.99 18.17
CA SER L 35 10.12 -44.77 19.32
C SER L 35 11.47 -44.35 19.89
N ALA L 36 12.32 -43.71 19.10
CA ALA L 36 13.68 -43.43 19.55
C ALA L 36 13.74 -42.18 20.43
N ASN L 37 13.34 -41.03 19.88
CA ASN L 37 13.42 -39.77 20.60
C ASN L 37 12.08 -39.37 21.22
N HIS L 38 11.15 -40.31 21.35
CA HIS L 38 9.79 -40.10 21.83
C HIS L 38 9.21 -38.76 21.37
N LYS L 39 9.39 -38.43 20.09
CA LYS L 39 8.89 -37.20 19.50
C LYS L 39 7.78 -37.54 18.53
N ASN L 40 6.76 -36.68 18.46
CA ASN L 40 5.67 -36.84 17.50
C ASN L 40 6.04 -36.07 16.24
N TYR L 41 6.12 -36.79 15.12
CA TYR L 41 6.52 -36.18 13.86
C TYR L 41 5.30 -35.58 13.16
N LEU L 42 4.76 -34.54 13.80
CA LEU L 42 3.65 -33.74 13.27
C LEU L 42 4.02 -32.27 13.36
N ALA L 43 3.61 -31.50 12.36
CA ALA L 43 3.93 -30.07 12.30
C ALA L 43 2.69 -29.29 11.90
N TRP L 44 2.68 -28.00 12.25
CA TRP L 44 1.57 -27.10 11.94
C TRP L 44 2.06 -25.95 11.06
N TYR L 45 1.30 -25.63 10.02
CA TYR L 45 1.67 -24.57 9.09
C TYR L 45 0.58 -23.50 9.03
N GLN L 46 0.99 -22.28 8.73
CA GLN L 46 0.07 -21.20 8.40
C GLN L 46 0.31 -20.81 6.94
N GLN L 47 -0.76 -20.84 6.14
CA GLN L 47 -0.65 -20.47 4.73
C GLN L 47 -1.62 -19.35 4.41
N LYS L 48 -1.10 -18.26 3.84
CA LYS L 48 -1.69 -17.08 3.22
C LYS L 48 -1.82 -17.31 1.71
N PRO L 49 -2.80 -16.70 1.06
CA PRO L 49 -3.03 -16.98 -0.36
C PRO L 49 -1.82 -16.62 -1.22
N GLY L 50 -1.56 -17.47 -2.22
CA GLY L 50 -0.45 -17.28 -3.14
C GLY L 50 0.93 -17.48 -2.56
N LYS L 51 1.05 -17.81 -1.27
CA LYS L 51 2.34 -17.95 -0.61
C LYS L 51 2.53 -19.38 -0.11
N ALA L 52 3.79 -19.73 0.13
CA ALA L 52 4.12 -21.03 0.68
C ALA L 52 3.70 -21.09 2.15
N PRO L 53 3.35 -22.27 2.64
CA PRO L 53 3.01 -22.41 4.07
C PRO L 53 4.21 -22.08 4.95
N LYS L 54 3.94 -21.40 6.06
CA LYS L 54 4.97 -20.97 6.99
C LYS L 54 4.89 -21.81 8.24
N LEU L 55 6.02 -22.41 8.61
CA LEU L 55 6.02 -23.38 9.71
C LEU L 55 5.78 -22.69 11.04
N LEU L 56 4.89 -23.25 11.84
CA LEU L 56 4.58 -22.74 13.18
C LEU L 56 5.07 -23.66 14.29
N ILE L 57 4.80 -24.95 14.18
CA ILE L 57 5.12 -25.92 15.22
C ILE L 57 5.85 -27.09 14.56
N TYR L 58 6.92 -27.57 15.19
CA TYR L 58 7.56 -28.79 14.76
C TYR L 58 7.66 -29.72 15.96
N TRP L 59 7.66 -31.03 15.68
CA TRP L 59 7.57 -32.04 16.74
C TRP L 59 6.39 -31.78 17.67
N ALA L 60 5.33 -31.18 17.11
CA ALA L 60 3.99 -31.11 17.71
C ALA L 60 3.85 -30.17 18.89
N SER L 61 4.96 -29.69 19.44
CA SER L 61 4.86 -28.87 20.63
C SER L 61 5.87 -27.74 20.69
N THR L 62 6.83 -27.71 19.79
CA THR L 62 7.88 -26.70 19.82
C THR L 62 7.56 -25.61 18.82
N ARG L 63 7.38 -24.37 19.31
CA ARG L 63 7.14 -23.24 18.43
C ARG L 63 8.45 -22.85 17.76
N GLU L 64 8.41 -22.62 16.45
CA GLU L 64 9.68 -22.29 15.81
C GLU L 64 10.04 -20.82 16.10
N SER L 65 11.27 -20.47 15.77
CA SER L 65 11.82 -19.16 16.08
C SER L 65 10.89 -18.04 15.60
N GLY L 66 10.91 -16.93 16.34
CA GLY L 66 10.12 -15.75 16.05
C GLY L 66 8.63 -15.87 15.85
N VAL L 67 8.05 -17.05 16.10
CA VAL L 67 6.62 -17.24 15.93
C VAL L 67 5.95 -16.65 17.17
N PRO L 68 4.86 -15.89 17.01
CA PRO L 68 4.21 -15.28 18.17
C PRO L 68 3.77 -16.32 19.19
N SER L 69 3.77 -15.90 20.46
CA SER L 69 3.44 -16.81 21.56
C SER L 69 1.98 -17.22 21.60
N ARG L 70 1.10 -16.54 20.85
CA ARG L 70 -0.31 -16.94 20.84
C ARG L 70 -0.50 -18.31 20.22
N PHE L 71 0.42 -18.72 19.33
CA PHE L 71 0.33 -20.02 18.70
C PHE L 71 1.02 -21.06 19.57
N SER L 72 0.34 -22.18 19.78
CA SER L 72 0.90 -23.28 20.58
C SER L 72 0.34 -24.59 20.04
N GLY L 73 1.18 -25.62 20.05
CA GLY L 73 0.78 -26.94 19.61
C GLY L 73 0.84 -27.91 20.78
N SER L 74 -0.13 -28.81 20.83
CA SER L 74 -0.22 -29.80 21.90
C SER L 74 -0.75 -31.11 21.33
N GLY L 75 -0.71 -32.14 22.16
CA GLY L 75 -1.13 -33.47 21.77
C GLY L 75 0.05 -34.39 21.56
N SER L 76 -0.28 -35.68 21.47
CA SER L 76 0.74 -36.72 21.30
C SER L 76 0.06 -38.00 20.85
N GLY L 77 0.67 -38.70 19.90
CA GLY L 77 0.15 -39.95 19.41
C GLY L 77 -0.71 -39.79 18.16
N THR L 78 -2.03 -39.72 18.35
CA THR L 78 -2.96 -39.60 17.25
C THR L 78 -3.84 -38.37 17.32
N ASP L 79 -3.77 -37.59 18.40
CA ASP L 79 -4.61 -36.41 18.58
C ASP L 79 -3.74 -35.20 18.87
N PHE L 80 -3.93 -34.15 18.08
CA PHE L 80 -3.15 -32.93 18.21
C PHE L 80 -4.07 -31.72 18.09
N THR L 81 -3.68 -30.62 18.73
CA THR L 81 -4.48 -29.42 18.74
C THR L 81 -3.55 -28.22 18.59
N LEU L 82 -3.91 -27.30 17.70
CA LEU L 82 -3.24 -26.02 17.57
C LEU L 82 -4.10 -24.96 18.23
N THR L 83 -3.50 -24.15 19.10
CA THR L 83 -4.25 -23.16 19.86
C THR L 83 -3.76 -21.76 19.53
N ILE L 84 -4.69 -20.86 19.26
CA ILE L 84 -4.41 -19.45 19.08
C ILE L 84 -5.07 -18.73 20.25
N SER L 85 -4.26 -18.29 21.21
CA SER L 85 -4.81 -17.84 22.49
C SER L 85 -5.65 -16.58 22.33
N SER L 86 -5.24 -15.67 21.45
CA SER L 86 -5.96 -14.41 21.25
C SER L 86 -5.96 -14.13 19.74
N LEU L 87 -7.09 -14.39 19.09
CA LEU L 87 -7.17 -14.23 17.64
C LEU L 87 -6.91 -12.80 17.24
N GLN L 88 -5.96 -12.62 16.32
CA GLN L 88 -5.59 -11.34 15.77
C GLN L 88 -6.00 -11.26 14.30
N PRO L 89 -6.25 -10.06 13.76
CA PRO L 89 -6.66 -9.96 12.36
C PRO L 89 -5.64 -10.52 11.38
N GLU L 90 -4.35 -10.49 11.74
CA GLU L 90 -3.30 -11.02 10.89
C GLU L 90 -3.21 -12.54 10.89
N ASP L 91 -4.05 -13.23 11.67
CA ASP L 91 -4.01 -14.68 11.77
C ASP L 91 -5.03 -15.36 10.86
N ILE L 92 -5.78 -14.58 10.10
CA ILE L 92 -6.68 -15.11 9.08
C ILE L 92 -5.88 -15.82 8.01
N ALA L 93 -6.00 -17.14 7.95
CA ALA L 93 -5.25 -17.97 7.02
C ALA L 93 -5.87 -19.36 7.04
N THR L 94 -5.29 -20.26 6.25
CA THR L 94 -5.62 -21.68 6.28
C THR L 94 -4.45 -22.41 6.93
N TYR L 95 -4.76 -23.26 7.90
CA TYR L 95 -3.76 -23.95 8.70
C TYR L 95 -3.77 -25.44 8.36
N TYR L 96 -2.58 -26.01 8.21
CA TYR L 96 -2.41 -27.40 7.83
C TYR L 96 -1.58 -28.13 8.87
N CYS L 97 -1.91 -29.39 9.11
CA CYS L 97 -1.05 -30.30 9.85
C CYS L 97 -0.34 -31.24 8.88
N HIS L 98 0.81 -31.75 9.32
CA HIS L 98 1.75 -32.42 8.42
C HIS L 98 2.56 -33.43 9.22
N GLN L 99 2.50 -34.70 8.82
CA GLN L 99 3.34 -35.75 9.39
C GLN L 99 4.49 -36.05 8.44
N TYR L 100 5.69 -36.19 9.00
CA TYR L 100 6.90 -36.35 8.22
C TYR L 100 7.80 -37.46 8.77
N LEU L 101 7.22 -38.60 9.11
CA LEU L 101 8.05 -39.70 9.58
C LEU L 101 8.91 -40.21 8.44
N SER L 102 8.28 -40.84 7.46
CA SER L 102 8.99 -41.25 6.26
C SER L 102 8.53 -40.41 5.09
N SER L 103 7.32 -40.69 4.61
CA SER L 103 6.74 -39.88 3.55
C SER L 103 6.02 -38.70 4.18
N TRP L 104 5.27 -37.96 3.38
CA TRP L 104 4.59 -36.75 3.84
C TRP L 104 3.11 -36.88 3.51
N THR L 105 2.27 -36.62 4.50
CA THR L 105 0.85 -36.42 4.26
C THR L 105 0.39 -35.19 5.02
N PHE L 106 -0.68 -34.57 4.52
CA PHE L 106 -1.17 -33.31 5.06
C PHE L 106 -2.64 -33.44 5.40
N GLY L 107 -3.08 -32.64 6.37
CA GLY L 107 -4.50 -32.54 6.65
C GLY L 107 -5.24 -31.74 5.60
N GLY L 108 -6.56 -31.87 5.62
CA GLY L 108 -7.39 -31.17 4.66
C GLY L 108 -7.36 -29.66 4.79
N GLY L 109 -6.86 -29.15 5.89
CA GLY L 109 -6.76 -27.72 6.08
C GLY L 109 -7.91 -27.18 6.91
N THR L 110 -7.66 -26.07 7.60
CA THR L 110 -8.66 -25.40 8.42
C THR L 110 -8.65 -23.92 8.04
N LYS L 111 -9.69 -23.49 7.33
CA LYS L 111 -9.80 -22.11 6.89
C LYS L 111 -10.34 -21.27 8.04
N LEU L 112 -9.60 -20.24 8.42
CA LEU L 112 -9.98 -19.38 9.54
C LEU L 112 -10.52 -18.06 9.00
N GLU L 113 -11.72 -17.69 9.43
CA GLU L 113 -12.34 -16.45 9.01
C GLU L 113 -12.87 -15.71 10.23
N ILE L 114 -13.26 -14.45 10.01
CA ILE L 114 -13.86 -13.63 11.05
C ILE L 114 -15.36 -13.89 11.08
N LYS L 115 -15.90 -14.09 12.28
CA LYS L 115 -17.34 -14.27 12.43
C LYS L 115 -18.00 -12.92 12.61
N ARG L 116 -19.18 -12.76 12.03
CA ARG L 116 -19.95 -11.54 12.14
C ARG L 116 -21.42 -11.89 12.03
N THR L 117 -22.28 -10.89 12.18
CA THR L 117 -23.72 -11.11 12.06
C THR L 117 -24.08 -11.66 10.68
N VAL L 118 -25.00 -12.63 10.67
CA VAL L 118 -25.47 -13.20 9.42
C VAL L 118 -26.08 -12.10 8.55
N ALA L 119 -25.63 -12.04 7.30
CA ALA L 119 -26.13 -11.06 6.34
C ALA L 119 -26.54 -11.80 5.08
N ALA L 120 -27.80 -11.66 4.69
CA ALA L 120 -28.27 -12.29 3.46
C ALA L 120 -27.63 -11.61 2.25
N PRO L 121 -27.45 -12.36 1.15
CA PRO L 121 -26.86 -11.76 -0.06
C PRO L 121 -27.86 -10.95 -0.85
N SER L 122 -27.39 -9.85 -1.43
CA SER L 122 -28.14 -9.14 -2.45
C SER L 122 -27.90 -9.85 -3.78
N VAL L 123 -28.97 -10.33 -4.41
CA VAL L 123 -28.89 -11.11 -5.63
C VAL L 123 -29.21 -10.22 -6.83
N PHE L 124 -28.30 -10.19 -7.80
CA PHE L 124 -28.51 -9.50 -9.05
C PHE L 124 -28.23 -10.44 -10.21
N ILE L 125 -28.94 -10.25 -11.31
CA ILE L 125 -28.72 -11.03 -12.52
C ILE L 125 -28.49 -10.05 -13.67
N PHE L 126 -27.55 -10.39 -14.55
CA PHE L 126 -27.23 -9.55 -15.69
C PHE L 126 -27.47 -10.35 -16.97
N PRO L 127 -28.32 -9.89 -17.88
CA PRO L 127 -28.47 -10.58 -19.16
C PRO L 127 -27.27 -10.31 -20.05
N PRO L 128 -27.04 -11.16 -21.06
CA PRO L 128 -25.92 -10.90 -21.97
C PRO L 128 -26.15 -9.61 -22.73
N SER L 129 -25.05 -8.98 -23.12
CA SER L 129 -25.14 -7.73 -23.85
C SER L 129 -25.31 -8.02 -25.34
N ASP L 130 -25.87 -7.05 -26.06
CA ASP L 130 -25.98 -7.19 -27.51
C ASP L 130 -24.58 -7.20 -28.13
N GLU L 131 -23.64 -6.47 -27.52
CA GLU L 131 -22.26 -6.47 -27.99
C GLU L 131 -21.68 -7.88 -27.92
N GLN L 132 -21.95 -8.59 -26.83
CA GLN L 132 -21.44 -9.95 -26.68
C GLN L 132 -22.17 -10.92 -27.59
N LEU L 133 -23.46 -10.69 -27.85
CA LEU L 133 -24.20 -11.56 -28.75
C LEU L 133 -23.65 -11.46 -30.16
N LYS L 134 -23.21 -10.27 -30.58
CA LYS L 134 -22.57 -10.14 -31.88
C LYS L 134 -21.33 -11.01 -32.01
N SER L 135 -20.68 -11.35 -30.90
CA SER L 135 -19.49 -12.21 -30.95
C SER L 135 -19.83 -13.68 -31.15
N GLY L 136 -21.03 -14.11 -30.83
CA GLY L 136 -21.44 -15.48 -31.00
C GLY L 136 -21.58 -16.28 -29.72
N THR L 137 -21.50 -15.65 -28.56
CA THR L 137 -21.59 -16.31 -27.27
C THR L 137 -22.49 -15.48 -26.36
N ALA L 138 -23.08 -16.15 -25.38
CA ALA L 138 -23.97 -15.51 -24.41
C ALA L 138 -23.54 -15.92 -23.02
N SER L 139 -23.16 -14.93 -22.21
CA SER L 139 -22.81 -15.16 -20.80
C SER L 139 -23.80 -14.41 -19.93
N VAL L 140 -24.43 -15.13 -19.00
CA VAL L 140 -25.33 -14.56 -18.02
C VAL L 140 -24.59 -14.56 -16.69
N VAL L 141 -24.68 -13.44 -15.98
CA VAL L 141 -23.89 -13.23 -14.76
C VAL L 141 -24.85 -13.07 -13.60
N CYS L 142 -24.68 -13.91 -12.59
CA CYS L 142 -25.38 -13.80 -11.33
C CYS L 142 -24.42 -13.24 -10.29
N LEU L 143 -24.89 -12.23 -9.57
CA LEU L 143 -24.05 -11.51 -8.62
C LEU L 143 -24.64 -11.67 -7.23
N LEU L 144 -23.81 -12.11 -6.29
CA LEU L 144 -24.21 -12.28 -4.90
C LEU L 144 -23.33 -11.36 -4.06
N ASN L 145 -23.91 -10.31 -3.50
CA ASN L 145 -23.13 -9.24 -2.89
C ASN L 145 -23.37 -9.18 -1.39
N ASN L 146 -22.25 -9.13 -0.65
CA ASN L 146 -22.23 -8.90 0.79
C ASN L 146 -23.12 -9.85 1.57
N PHE L 147 -22.65 -11.08 1.75
CA PHE L 147 -23.35 -12.09 2.53
C PHE L 147 -22.38 -12.77 3.48
N TYR L 148 -22.94 -13.26 4.59
CA TYR L 148 -22.27 -14.07 5.59
C TYR L 148 -23.28 -15.03 6.17
N PRO L 149 -22.92 -16.31 6.38
CA PRO L 149 -21.60 -16.91 6.14
C PRO L 149 -21.29 -17.18 4.67
N ARG L 150 -20.12 -17.77 4.42
CA ARG L 150 -19.66 -17.97 3.04
C ARG L 150 -20.48 -19.03 2.32
N GLU L 151 -21.07 -19.98 3.06
CA GLU L 151 -21.74 -21.10 2.43
C GLU L 151 -22.97 -20.62 1.68
N ALA L 152 -22.98 -20.80 0.36
CA ALA L 152 -24.12 -20.50 -0.47
C ALA L 152 -24.13 -21.43 -1.67
N LYS L 153 -25.30 -21.56 -2.29
CA LYS L 153 -25.46 -22.41 -3.46
C LYS L 153 -26.14 -21.62 -4.57
N VAL L 154 -25.57 -21.67 -5.76
CA VAL L 154 -26.09 -20.99 -6.93
C VAL L 154 -26.47 -22.07 -7.95
N GLN L 155 -27.75 -22.13 -8.31
CA GLN L 155 -28.23 -23.06 -9.32
C GLN L 155 -28.87 -22.26 -10.43
N TRP L 156 -28.37 -22.46 -11.65
CA TRP L 156 -28.96 -21.83 -12.84
C TRP L 156 -30.11 -22.67 -13.35
N LYS L 157 -31.17 -22.01 -13.81
CA LYS L 157 -32.33 -22.67 -14.40
C LYS L 157 -32.70 -21.98 -15.70
N VAL L 158 -32.87 -22.77 -16.75
CA VAL L 158 -33.24 -22.27 -18.07
C VAL L 158 -34.52 -22.97 -18.47
N ASP L 159 -35.63 -22.22 -18.46
CA ASP L 159 -36.96 -22.80 -18.66
C ASP L 159 -37.23 -23.92 -17.65
N ASN L 160 -36.91 -23.64 -16.39
CA ASN L 160 -37.07 -24.55 -15.26
C ASN L 160 -36.17 -25.78 -15.35
N ALA L 161 -35.21 -25.78 -16.26
CA ALA L 161 -34.26 -26.88 -16.40
C ALA L 161 -32.97 -26.49 -15.68
N LEU L 162 -32.64 -27.23 -14.63
CA LEU L 162 -31.41 -26.96 -13.87
C LEU L 162 -30.17 -27.20 -14.72
N GLN L 163 -29.19 -26.33 -14.56
CA GLN L 163 -27.94 -26.41 -15.32
C GLN L 163 -26.86 -27.12 -14.51
N SER L 164 -25.97 -27.79 -15.23
CA SER L 164 -24.84 -28.50 -14.64
C SER L 164 -23.70 -28.55 -15.65
N GLY L 165 -22.53 -28.07 -15.27
CA GLY L 165 -21.34 -28.16 -16.09
C GLY L 165 -21.15 -27.05 -17.10
N ASN L 166 -21.96 -25.99 -17.04
CA ASN L 166 -21.83 -24.88 -17.99
C ASN L 166 -21.67 -23.53 -17.29
N SER L 167 -21.26 -23.53 -16.03
CA SER L 167 -21.10 -22.31 -15.25
C SER L 167 -19.87 -22.42 -14.38
N GLN L 168 -19.32 -21.26 -14.03
CA GLN L 168 -18.18 -21.12 -13.14
C GLN L 168 -18.44 -19.99 -12.17
N GLU L 169 -18.00 -20.15 -10.94
CA GLU L 169 -18.14 -19.12 -9.92
C GLU L 169 -16.78 -18.80 -9.33
N SER L 170 -16.71 -17.62 -8.71
CA SER L 170 -15.52 -17.14 -8.03
C SER L 170 -15.96 -16.34 -6.83
N VAL L 171 -15.24 -16.49 -5.72
CA VAL L 171 -15.62 -15.91 -4.44
C VAL L 171 -14.48 -15.01 -3.98
N THR L 172 -14.84 -13.83 -3.48
CA THR L 172 -13.83 -12.90 -3.01
C THR L 172 -13.34 -13.32 -1.62
N GLU L 173 -12.20 -12.78 -1.23
CA GLU L 173 -11.75 -12.90 0.15
C GLU L 173 -12.72 -12.16 1.07
N GLN L 174 -12.70 -12.54 2.35
CA GLN L 174 -13.51 -11.85 3.34
C GLN L 174 -13.12 -10.38 3.38
N ASP L 175 -14.08 -9.50 3.13
CA ASP L 175 -13.80 -8.08 3.05
C ASP L 175 -13.25 -7.57 4.37
N SER L 176 -12.25 -6.69 4.30
CA SER L 176 -11.55 -6.22 5.49
C SER L 176 -12.32 -5.17 6.26
N LYS L 177 -13.47 -4.72 5.76
CA LYS L 177 -14.25 -3.69 6.43
C LYS L 177 -15.61 -4.17 6.93
N ASP L 178 -16.29 -5.03 6.17
CA ASP L 178 -17.55 -5.60 6.64
C ASP L 178 -17.53 -7.11 6.73
N SER L 179 -16.39 -7.76 6.49
CA SER L 179 -16.21 -9.20 6.73
C SER L 179 -17.23 -10.05 5.98
N THR L 180 -17.59 -9.62 4.78
CA THR L 180 -18.55 -10.32 3.93
C THR L 180 -17.84 -10.95 2.75
N TYR L 181 -18.59 -11.76 2.00
CA TYR L 181 -18.11 -12.35 0.76
C TYR L 181 -18.99 -11.91 -0.40
N SER L 182 -18.41 -11.96 -1.59
CA SER L 182 -19.15 -11.71 -2.82
C SER L 182 -18.85 -12.84 -3.80
N LEU L 183 -19.87 -13.20 -4.58
CA LEU L 183 -19.78 -14.30 -5.52
C LEU L 183 -20.29 -13.83 -6.88
N SER L 184 -19.56 -14.20 -7.93
CA SER L 184 -19.96 -13.98 -9.32
C SER L 184 -19.98 -15.33 -10.01
N SER L 185 -21.09 -15.61 -10.69
CA SER L 185 -21.29 -16.86 -11.42
C SER L 185 -21.64 -16.53 -12.85
N THR L 186 -20.95 -17.19 -13.79
CA THR L 186 -21.13 -16.93 -15.21
C THR L 186 -21.63 -18.20 -15.89
N LEU L 187 -22.80 -18.11 -16.50
CA LEU L 187 -23.34 -19.19 -17.32
C LEU L 187 -23.12 -18.86 -18.79
N THR L 188 -22.55 -19.79 -19.54
CA THR L 188 -22.15 -19.56 -20.91
C THR L 188 -22.83 -20.57 -21.82
N LEU L 189 -23.55 -20.07 -22.83
CA LEU L 189 -24.18 -20.90 -23.84
C LEU L 189 -23.83 -20.38 -25.23
N SER L 190 -23.91 -21.26 -26.21
CA SER L 190 -23.84 -20.85 -27.61
C SER L 190 -25.08 -20.00 -27.95
N LYS L 191 -24.95 -19.21 -29.02
CA LYS L 191 -26.01 -18.26 -29.36
C LYS L 191 -27.32 -18.97 -29.69
N ALA L 192 -27.24 -20.10 -30.40
CA ALA L 192 -28.47 -20.82 -30.76
C ALA L 192 -29.15 -21.37 -29.52
N ASP L 193 -28.38 -22.01 -28.64
CA ASP L 193 -28.93 -22.52 -27.39
C ASP L 193 -29.51 -21.40 -26.53
N TYR L 194 -28.90 -20.22 -26.58
CA TYR L 194 -29.43 -19.09 -25.81
C TYR L 194 -30.77 -18.64 -26.35
N GLU L 195 -30.89 -18.54 -27.68
CA GLU L 195 -32.14 -18.14 -28.30
C GLU L 195 -33.16 -19.28 -28.36
N LYS L 196 -32.82 -20.47 -27.86
CA LYS L 196 -33.76 -21.59 -27.82
C LYS L 196 -34.67 -21.56 -26.59
N HIS L 197 -34.45 -20.66 -25.64
CA HIS L 197 -35.23 -20.63 -24.41
C HIS L 197 -35.56 -19.18 -24.04
N LYS L 198 -36.38 -19.01 -23.00
CA LYS L 198 -36.90 -17.69 -22.66
C LYS L 198 -36.48 -17.22 -21.28
N VAL L 199 -36.72 -17.99 -20.23
CA VAL L 199 -36.46 -17.54 -18.87
C VAL L 199 -35.08 -18.02 -18.43
N TYR L 200 -34.26 -17.07 -17.97
CA TYR L 200 -32.92 -17.34 -17.47
C TYR L 200 -32.84 -16.79 -16.06
N ALA L 201 -32.49 -17.66 -15.11
CA ALA L 201 -32.54 -17.32 -13.70
C ALA L 201 -31.44 -18.04 -12.95
N CYS L 202 -31.00 -17.43 -11.86
CA CYS L 202 -30.13 -18.07 -10.88
C CYS L 202 -30.87 -18.14 -9.55
N GLU L 203 -30.92 -19.33 -8.98
CA GLU L 203 -31.56 -19.54 -7.68
C GLU L 203 -30.48 -19.57 -6.61
N VAL L 204 -30.65 -18.74 -5.58
CA VAL L 204 -29.64 -18.57 -4.54
C VAL L 204 -30.22 -19.10 -3.22
N THR L 205 -29.54 -20.07 -2.63
CA THR L 205 -29.90 -20.59 -1.31
C THR L 205 -28.82 -20.21 -0.30
N HIS L 206 -29.24 -19.62 0.81
CA HIS L 206 -28.29 -19.13 1.80
C HIS L 206 -28.95 -19.11 3.18
N GLN L 207 -28.12 -19.23 4.21
CA GLN L 207 -28.62 -19.32 5.58
C GLN L 207 -29.46 -18.10 5.95
N GLY L 208 -29.08 -16.93 5.45
CA GLY L 208 -29.81 -15.71 5.76
C GLY L 208 -31.12 -15.54 5.02
N LEU L 209 -31.45 -16.46 4.11
CA LEU L 209 -32.68 -16.41 3.34
C LEU L 209 -33.64 -17.46 3.88
N SER L 210 -34.84 -17.01 4.25
CA SER L 210 -35.85 -17.95 4.74
C SER L 210 -36.23 -18.96 3.68
N SER L 211 -36.30 -18.53 2.43
CA SER L 211 -36.58 -19.37 1.28
C SER L 211 -35.58 -19.05 0.18
N PRO L 212 -35.33 -20.00 -0.72
CA PRO L 212 -34.43 -19.70 -1.85
C PRO L 212 -34.96 -18.55 -2.68
N VAL L 213 -34.05 -17.62 -3.02
CA VAL L 213 -34.37 -16.47 -3.84
C VAL L 213 -33.99 -16.79 -5.27
N THR L 214 -34.83 -16.34 -6.21
CA THR L 214 -34.63 -16.54 -7.65
C THR L 214 -34.70 -15.18 -8.33
N LYS L 215 -33.66 -14.83 -9.06
CA LYS L 215 -33.68 -13.65 -9.91
C LYS L 215 -33.79 -14.07 -11.37
N SER L 216 -34.82 -13.57 -12.05
CA SER L 216 -35.14 -14.04 -13.39
C SER L 216 -35.39 -12.85 -14.31
#